data_5UQ9
#
_entry.id   5UQ9
#
_cell.length_a   87.311
_cell.length_b   164.930
_cell.length_c   133.199
_cell.angle_alpha   90.000
_cell.angle_beta   91.430
_cell.angle_gamma   90.000
#
_symmetry.space_group_name_H-M   'P 1 21 1'
#
loop_
_entity.id
_entity.type
_entity.pdbx_description
1 polymer '6-phosphogluconate dehydrogenase, decarboxylating'
2 non-polymer '[(4R,5R)-5-(hydroxycarbamoyl)-2,2-dimethyl-1,3-dioxolan-4-yl]methyl dihydrogen phosphate'
#
_entity_poly.entity_id   1
_entity_poly.type   'polypeptide(L)'
_entity_poly.pdbx_seq_one_letter_code
;GAMADIMAQADIALIGLAVMGQNLILNMNDHGFVVCAFNRTVSKVDDFLANEAKGTKVVGAQSLKEMVSKLKKPRRIILL
VKAGQAVDDFIEKLVPLLDTGDIIIDGGNSEYRDTTRRCRDLKAKGILFVGSGVSGGEEGARYGPSLMPGGNKEAWPHIK
TIFQGIAAKVGTGEPCCDWVGDEGAGHFVKMVHNGIEYGDMQLICEAYHLMKDVLGMAQDEMAQAFEDWNKTELDSFLIE
ITANILKFQDTDGKHLLPKIRDSAGQKGTGKWTAISALEYGVPVTLIGEAVFARCLSSLKDERIQASKKLKGPQKFQFDG
DKKSFLEDIRKALYASKIISYAQGFMLLRQAATEFGWTLNYGGIALMWRGGCIIRSVFLGKIKDAFDRNPELQNLLLDDF
FKSAVENCQDSWRRAVSTGVQAGIPMPCFTTALSFYDGYRHEMLPASLIQAQRDYFGAHTYELLAKPGQFIHTNWTGHGG
TVSSSSYNA
;
_entity_poly.pdbx_strand_id   A,B,C,D,E,F,G,H
#
# COMPACT_ATOMS: atom_id res chain seq x y z
N ALA A 8 -0.10 24.65 -19.80
CA ALA A 8 -0.93 24.52 -21.00
C ALA A 8 -0.58 23.26 -21.77
N GLN A 9 0.03 22.29 -21.08
CA GLN A 9 0.45 21.04 -21.68
C GLN A 9 -0.31 19.83 -21.16
N ALA A 10 -0.79 19.87 -19.92
CA ALA A 10 -1.50 18.76 -19.31
C ALA A 10 -2.98 19.09 -19.18
N ASP A 11 -3.83 18.07 -19.34
CA ASP A 11 -5.27 18.27 -19.23
C ASP A 11 -5.74 18.18 -17.79
N ILE A 12 -5.28 17.17 -17.06
CA ILE A 12 -5.75 16.87 -15.72
C ILE A 12 -4.55 16.63 -14.82
N ALA A 13 -4.73 16.90 -13.52
CA ALA A 13 -3.72 16.61 -12.51
C ALA A 13 -4.32 15.68 -11.47
N LEU A 14 -3.53 14.70 -11.01
CA LEU A 14 -3.97 13.74 -10.02
C LEU A 14 -2.91 13.64 -8.94
N ILE A 15 -3.29 13.95 -7.70
CA ILE A 15 -2.40 13.87 -6.55
C ILE A 15 -2.68 12.58 -5.80
N GLY A 16 -1.64 11.83 -5.49
CA GLY A 16 -1.78 10.55 -4.83
C GLY A 16 -1.35 9.40 -5.71
N LEU A 17 -0.05 9.07 -5.68
CA LEU A 17 0.51 8.07 -6.58
C LEU A 17 0.53 6.70 -5.89
N ALA A 18 -0.67 6.20 -5.63
CA ALA A 18 -0.88 4.83 -5.20
C ALA A 18 -1.38 4.00 -6.38
N VAL A 19 -1.48 2.69 -6.16
CA VAL A 19 -1.98 1.80 -7.21
C VAL A 19 -3.34 2.24 -7.70
N MET A 20 -4.15 2.84 -6.82
CA MET A 20 -5.43 3.40 -7.25
C MET A 20 -5.23 4.62 -8.15
N GLY A 21 -4.38 5.55 -7.71
CA GLY A 21 -4.15 6.75 -8.50
C GLY A 21 -3.33 6.49 -9.75
N GLN A 22 -2.33 5.62 -9.65
CA GLN A 22 -1.50 5.31 -10.80
C GLN A 22 -2.32 4.69 -11.93
N ASN A 23 -3.21 3.76 -11.58
CA ASN A 23 -4.04 3.12 -12.60
C ASN A 23 -5.00 4.10 -13.25
N LEU A 24 -5.47 5.11 -12.50
CA LEU A 24 -6.33 6.13 -13.09
C LEU A 24 -5.54 7.05 -14.02
N ILE A 25 -4.29 7.35 -13.67
CA ILE A 25 -3.46 8.19 -14.54
C ILE A 25 -3.20 7.47 -15.86
N LEU A 26 -2.78 6.21 -15.79
CA LEU A 26 -2.57 5.42 -16.99
C LEU A 26 -3.89 5.20 -17.74
N ASN A 27 -5.00 5.11 -17.00
CA ASN A 27 -6.32 5.02 -17.64
C ASN A 27 -6.57 6.25 -18.50
N MET A 28 -6.37 7.45 -17.93
CA MET A 28 -6.55 8.67 -18.70
C MET A 28 -5.47 8.84 -19.76
N ASN A 29 -4.28 8.29 -19.52
CA ASN A 29 -3.21 8.40 -20.51
C ASN A 29 -3.43 7.45 -21.67
N ASP A 30 -3.97 6.27 -21.40
CA ASP A 30 -4.32 5.34 -22.48
C ASP A 30 -5.56 5.77 -23.25
N HIS A 31 -6.03 7.00 -23.02
CA HIS A 31 -7.18 7.54 -23.73
C HIS A 31 -6.85 8.87 -24.42
N GLY A 32 -5.59 9.26 -24.46
CA GLY A 32 -5.17 10.46 -25.16
C GLY A 32 -5.10 11.71 -24.33
N PHE A 33 -5.13 11.61 -23.00
CA PHE A 33 -5.08 12.77 -22.13
C PHE A 33 -3.72 12.86 -21.46
N VAL A 34 -3.18 14.07 -21.42
CA VAL A 34 -1.90 14.34 -20.76
C VAL A 34 -2.19 14.60 -19.29
N VAL A 35 -1.78 13.68 -18.43
CA VAL A 35 -2.05 13.75 -17.00
C VAL A 35 -0.79 14.20 -16.27
N CYS A 36 -0.97 15.10 -15.31
CA CYS A 36 0.13 15.59 -14.48
C CYS A 36 0.12 14.84 -13.16
N ALA A 37 1.08 13.94 -12.98
CA ALA A 37 1.16 13.16 -11.76
C ALA A 37 1.93 13.92 -10.69
N PHE A 38 1.46 13.84 -9.45
CA PHE A 38 2.11 14.53 -8.35
C PHE A 38 1.83 13.78 -7.06
N ASN A 39 2.73 13.96 -6.09
CA ASN A 39 2.59 13.35 -4.78
C ASN A 39 3.30 14.21 -3.76
N ARG A 40 2.88 14.08 -2.49
CA ARG A 40 3.53 14.83 -1.42
C ARG A 40 4.98 14.40 -1.26
N THR A 41 5.23 13.09 -1.34
CA THR A 41 6.59 12.55 -1.39
C THR A 41 6.98 12.46 -2.85
N VAL A 42 7.67 13.49 -3.35
CA VAL A 42 7.98 13.58 -4.78
C VAL A 42 8.93 12.49 -5.25
N SER A 43 9.55 11.74 -4.33
CA SER A 43 10.42 10.63 -4.73
C SER A 43 9.64 9.61 -5.55
N LYS A 44 8.40 9.32 -5.15
CA LYS A 44 7.58 8.36 -5.89
C LYS A 44 7.09 8.90 -7.22
N VAL A 45 7.17 10.22 -7.43
CA VAL A 45 6.76 10.79 -8.70
C VAL A 45 7.72 10.38 -9.81
N ASP A 46 9.02 10.63 -9.59
CA ASP A 46 10.02 10.20 -10.57
C ASP A 46 10.07 8.70 -10.70
N ASP A 47 9.76 7.97 -9.62
CA ASP A 47 9.66 6.51 -9.71
C ASP A 47 8.51 6.09 -10.61
N PHE A 48 7.37 6.79 -10.51
CA PHE A 48 6.21 6.44 -11.34
C PHE A 48 6.47 6.74 -12.81
N LEU A 49 7.30 7.74 -13.11
CA LEU A 49 7.62 8.08 -14.49
C LEU A 49 8.67 7.16 -15.10
N ALA A 50 9.32 6.32 -14.29
CA ALA A 50 10.41 5.47 -14.77
C ALA A 50 10.06 3.99 -14.75
N ASN A 51 8.89 3.62 -14.24
CA ASN A 51 8.50 2.20 -14.19
C ASN A 51 7.08 2.02 -14.68
N GLU A 52 6.10 2.41 -13.86
CA GLU A 52 4.70 2.20 -14.22
C GLU A 52 4.29 3.00 -15.44
N ALA A 53 4.92 4.15 -15.67
CA ALA A 53 4.65 4.95 -16.86
C ALA A 53 5.89 5.04 -17.73
N LYS A 54 6.52 3.90 -18.00
CA LYS A 54 7.74 3.86 -18.80
C LYS A 54 7.39 3.93 -20.28
N GLY A 55 7.64 5.08 -20.89
CA GLY A 55 7.40 5.25 -22.32
C GLY A 55 5.97 5.63 -22.65
N THR A 56 5.58 6.85 -22.29
CA THR A 56 4.24 7.36 -22.57
C THR A 56 4.26 8.87 -22.39
N LYS A 57 3.10 9.49 -22.61
CA LYS A 57 2.96 10.93 -22.52
C LYS A 57 2.65 11.41 -21.11
N VAL A 58 2.80 10.54 -20.10
CA VAL A 58 2.59 10.96 -18.72
C VAL A 58 3.70 11.91 -18.31
N VAL A 59 3.31 13.07 -17.80
CA VAL A 59 4.25 14.09 -17.34
C VAL A 59 4.33 14.02 -15.82
N GLY A 60 5.02 14.97 -15.20
CA GLY A 60 5.11 15.00 -13.75
C GLY A 60 5.48 16.38 -13.27
N ALA A 61 5.32 16.57 -11.96
CA ALA A 61 5.64 17.85 -11.31
C ALA A 61 6.38 17.58 -10.01
N GLN A 62 7.29 18.48 -9.67
CA GLN A 62 8.08 18.38 -8.46
C GLN A 62 7.54 19.24 -7.32
N SER A 63 6.52 20.04 -7.58
CA SER A 63 5.94 20.92 -6.57
C SER A 63 4.52 21.26 -6.99
N LEU A 64 3.83 22.02 -6.14
CA LEU A 64 2.47 22.46 -6.47
C LEU A 64 2.49 23.57 -7.50
N LYS A 65 3.48 24.47 -7.42
CA LYS A 65 3.59 25.54 -8.40
C LYS A 65 3.82 24.99 -9.79
N GLU A 66 4.75 24.03 -9.92
CA GLU A 66 5.02 23.42 -11.21
C GLU A 66 3.81 22.63 -11.72
N MET A 67 3.02 22.05 -10.81
CA MET A 67 1.84 21.31 -11.23
C MET A 67 0.78 22.23 -11.81
N VAL A 68 0.40 23.28 -11.06
CA VAL A 68 -0.63 24.20 -11.51
C VAL A 68 -0.24 24.86 -12.83
N SER A 69 1.06 25.09 -13.05
CA SER A 69 1.51 25.74 -14.26
C SER A 69 1.33 24.90 -15.52
N LYS A 70 1.04 23.61 -15.38
CA LYS A 70 0.91 22.72 -16.54
C LYS A 70 -0.54 22.40 -16.90
N LEU A 71 -1.51 22.91 -16.15
CA LEU A 71 -2.91 22.56 -16.35
C LEU A 71 -3.57 23.54 -17.31
N LYS A 72 -4.20 23.02 -18.35
CA LYS A 72 -5.00 23.83 -19.25
C LYS A 72 -6.20 24.41 -18.50
N LYS A 73 -6.45 25.71 -18.71
CA LYS A 73 -7.55 26.34 -18.01
C LYS A 73 -8.89 25.95 -18.64
N PRO A 74 -9.90 25.63 -17.82
CA PRO A 74 -9.87 25.65 -16.36
C PRO A 74 -9.07 24.49 -15.76
N ARG A 75 -8.21 24.83 -14.79
CA ARG A 75 -7.35 23.83 -14.18
C ARG A 75 -8.17 22.82 -13.38
N ARG A 76 -7.83 21.55 -13.51
CA ARG A 76 -8.58 20.46 -12.90
C ARG A 76 -7.61 19.54 -12.15
N ILE A 77 -7.83 19.38 -10.86
CA ILE A 77 -6.96 18.60 -9.99
C ILE A 77 -7.78 17.50 -9.34
N ILE A 78 -7.34 16.25 -9.49
CA ILE A 78 -8.00 15.10 -8.89
C ILE A 78 -7.24 14.72 -7.62
N LEU A 79 -7.96 14.60 -6.51
CA LEU A 79 -7.37 14.28 -5.21
C LEU A 79 -7.71 12.84 -4.85
N LEU A 80 -6.67 12.03 -4.65
CA LEU A 80 -6.81 10.64 -4.20
C LEU A 80 -5.90 10.41 -2.99
N VAL A 81 -6.12 11.20 -1.95
CA VAL A 81 -5.32 11.10 -0.73
C VAL A 81 -6.12 10.39 0.36
N LYS A 82 -5.52 10.23 1.53
CA LYS A 82 -6.20 9.58 2.64
C LYS A 82 -7.39 10.41 3.09
N ALA A 83 -8.51 9.74 3.33
CA ALA A 83 -9.72 10.44 3.75
C ALA A 83 -9.53 11.09 5.11
N GLY A 84 -10.06 12.31 5.26
CA GLY A 84 -9.93 13.03 6.51
C GLY A 84 -9.23 14.36 6.36
N GLN A 85 -8.28 14.64 7.24
CA GLN A 85 -7.58 15.93 7.21
C GLN A 85 -6.63 16.05 6.03
N ALA A 86 -6.17 14.93 5.46
CA ALA A 86 -5.25 14.99 4.34
C ALA A 86 -5.88 15.68 3.13
N VAL A 87 -7.18 15.51 2.93
CA VAL A 87 -7.86 16.17 1.82
C VAL A 87 -7.98 17.67 2.10
N ASP A 88 -8.37 18.03 3.32
CA ASP A 88 -8.54 19.44 3.66
C ASP A 88 -7.20 20.17 3.67
N ASP A 89 -6.12 19.49 4.09
CA ASP A 89 -4.81 20.12 4.10
C ASP A 89 -4.37 20.50 2.69
N PHE A 90 -4.56 19.60 1.73
CA PHE A 90 -4.22 19.92 0.34
C PHE A 90 -5.13 20.99 -0.23
N ILE A 91 -6.38 21.06 0.23
CA ILE A 91 -7.29 22.09 -0.26
C ILE A 91 -6.78 23.47 0.15
N GLU A 92 -6.42 23.63 1.42
CA GLU A 92 -5.85 24.90 1.87
C GLU A 92 -4.53 25.20 1.19
N LYS A 93 -3.78 24.16 0.80
CA LYS A 93 -2.53 24.36 0.07
C LYS A 93 -2.75 24.66 -1.40
N LEU A 94 -3.96 24.43 -1.91
CA LEU A 94 -4.26 24.62 -3.32
C LEU A 94 -5.10 25.85 -3.63
N VAL A 95 -5.94 26.30 -2.70
CA VAL A 95 -6.83 27.43 -2.98
C VAL A 95 -6.08 28.71 -3.30
N PRO A 96 -4.94 29.05 -2.67
CA PRO A 96 -4.25 30.29 -3.07
C PRO A 96 -3.60 30.21 -4.44
N LEU A 97 -3.31 29.01 -4.94
CA LEU A 97 -2.65 28.85 -6.23
C LEU A 97 -3.63 28.74 -7.39
N LEU A 98 -4.93 28.76 -7.13
CA LEU A 98 -5.95 28.59 -8.16
C LEU A 98 -6.66 29.91 -8.44
N ASP A 99 -7.31 29.97 -9.59
CA ASP A 99 -8.13 31.10 -10.00
C ASP A 99 -9.61 30.72 -9.94
N THR A 100 -10.46 31.74 -9.94
CA THR A 100 -11.90 31.51 -9.90
C THR A 100 -12.36 30.75 -11.13
N GLY A 101 -12.95 29.58 -10.92
CA GLY A 101 -13.38 28.72 -12.00
C GLY A 101 -12.66 27.40 -12.10
N ASP A 102 -11.59 27.19 -11.32
CA ASP A 102 -10.87 25.93 -11.36
C ASP A 102 -11.61 24.84 -10.59
N ILE A 103 -11.22 23.60 -10.83
CA ILE A 103 -11.96 22.43 -10.35
C ILE A 103 -11.04 21.58 -9.48
N ILE A 104 -11.56 21.18 -8.32
CA ILE A 104 -10.87 20.24 -7.43
C ILE A 104 -11.78 19.04 -7.26
N ILE A 105 -11.26 17.86 -7.60
CA ILE A 105 -12.03 16.61 -7.56
C ILE A 105 -11.49 15.73 -6.45
N ASP A 106 -12.36 15.30 -5.55
CA ASP A 106 -12.02 14.40 -4.46
C ASP A 106 -12.55 13.01 -4.80
N GLY A 107 -11.63 12.12 -5.18
CA GLY A 107 -11.98 10.77 -5.58
C GLY A 107 -11.94 9.73 -4.47
N GLY A 108 -11.70 10.15 -3.23
CA GLY A 108 -11.63 9.20 -2.12
C GLY A 108 -12.98 8.95 -1.48
N ASN A 109 -12.99 7.99 -0.55
CA ASN A 109 -14.21 7.63 0.18
C ASN A 109 -14.41 8.58 1.36
N SER A 110 -14.67 9.84 1.02
CA SER A 110 -14.93 10.87 2.01
C SER A 110 -16.39 10.86 2.42
N GLU A 111 -16.64 11.19 3.68
CA GLU A 111 -18.00 11.27 4.18
C GLU A 111 -18.73 12.43 3.52
N TYR A 112 -20.01 12.22 3.22
CA TYR A 112 -20.74 13.20 2.40
C TYR A 112 -20.92 14.52 3.12
N ARG A 113 -21.04 14.51 4.45
CA ARG A 113 -21.16 15.77 5.18
C ARG A 113 -19.89 16.60 5.05
N ASP A 114 -18.73 15.95 5.04
CA ASP A 114 -17.49 16.67 4.77
C ASP A 114 -17.49 17.26 3.37
N THR A 115 -17.77 16.42 2.37
CA THR A 115 -17.77 16.89 0.98
C THR A 115 -18.75 18.04 0.79
N THR A 116 -19.89 18.00 1.49
CA THR A 116 -20.80 19.14 1.49
C THR A 116 -20.13 20.38 2.05
N ARG A 117 -19.36 20.22 3.13
CA ARG A 117 -18.66 21.35 3.74
C ARG A 117 -17.60 21.93 2.79
N ARG A 118 -16.84 21.06 2.13
CA ARG A 118 -15.83 21.55 1.18
C ARG A 118 -16.50 22.24 -0.01
N CYS A 119 -17.64 21.72 -0.45
CA CYS A 119 -18.32 22.31 -1.61
C CYS A 119 -18.80 23.72 -1.30
N ARG A 120 -19.40 23.92 -0.11
CA ARG A 120 -19.91 25.24 0.23
C ARG A 120 -18.79 26.23 0.52
N ASP A 121 -17.76 25.79 1.26
CA ASP A 121 -16.67 26.70 1.61
C ASP A 121 -15.89 27.12 0.38
N LEU A 122 -15.67 26.21 -0.57
CA LEU A 122 -15.00 26.55 -1.81
C LEU A 122 -15.92 27.27 -2.79
N LYS A 123 -17.25 27.10 -2.65
CA LYS A 123 -18.19 27.87 -3.45
C LYS A 123 -18.05 29.36 -3.17
N ALA A 124 -17.77 29.72 -1.92
CA ALA A 124 -17.60 31.12 -1.56
C ALA A 124 -16.27 31.68 -2.07
N LYS A 125 -15.26 30.82 -2.23
CA LYS A 125 -13.96 31.24 -2.71
C LYS A 125 -13.81 31.10 -4.22
N GLY A 126 -14.92 30.92 -4.94
CA GLY A 126 -14.86 30.82 -6.38
C GLY A 126 -14.21 29.56 -6.91
N ILE A 127 -14.16 28.49 -6.11
CA ILE A 127 -13.55 27.23 -6.50
C ILE A 127 -14.66 26.20 -6.67
N LEU A 128 -14.60 25.45 -7.77
CA LEU A 128 -15.60 24.43 -8.06
C LEU A 128 -15.12 23.10 -7.49
N PHE A 129 -15.80 22.61 -6.46
CA PHE A 129 -15.44 21.36 -5.82
C PHE A 129 -16.34 20.24 -6.31
N VAL A 130 -15.74 19.08 -6.60
CA VAL A 130 -16.44 17.92 -7.13
C VAL A 130 -16.09 16.72 -6.26
N GLY A 131 -17.04 16.23 -5.48
CA GLY A 131 -16.86 15.02 -4.72
C GLY A 131 -17.37 13.81 -5.48
N SER A 132 -16.47 13.02 -6.04
CA SER A 132 -16.83 11.91 -6.92
C SER A 132 -16.46 10.58 -6.28
N GLY A 133 -17.32 9.58 -6.47
CA GLY A 133 -17.04 8.24 -6.00
C GLY A 133 -16.39 7.42 -7.11
N VAL A 134 -15.40 6.61 -6.71
CA VAL A 134 -14.63 5.79 -7.63
C VAL A 134 -14.68 4.36 -7.12
N SER A 135 -15.44 3.50 -7.80
CA SER A 135 -15.55 2.10 -7.43
C SER A 135 -15.06 1.24 -8.59
N GLY A 136 -14.56 0.05 -8.24
CA GLY A 136 -14.05 -0.89 -9.23
C GLY A 136 -12.72 -1.50 -8.83
N GLY A 137 -12.28 -1.22 -7.60
CA GLY A 137 -11.00 -1.73 -7.16
C GLY A 137 -9.85 -1.11 -7.93
N GLU A 138 -8.80 -1.90 -8.12
CA GLU A 138 -7.62 -1.46 -8.84
C GLU A 138 -7.61 -1.92 -10.29
N GLU A 139 -8.06 -3.15 -10.56
CA GLU A 139 -8.15 -3.62 -11.94
C GLU A 139 -9.17 -2.81 -12.73
N GLY A 140 -10.27 -2.43 -12.10
CA GLY A 140 -11.24 -1.57 -12.75
C GLY A 140 -10.82 -0.12 -12.86
N ALA A 141 -9.89 0.32 -12.01
CA ALA A 141 -9.44 1.71 -12.04
C ALA A 141 -8.54 2.01 -13.24
N ARG A 142 -8.06 1.00 -13.96
CA ARG A 142 -7.19 1.21 -15.10
C ARG A 142 -7.86 0.98 -16.44
N TYR A 143 -9.00 0.31 -16.48
CA TYR A 143 -9.68 0.00 -17.74
C TYR A 143 -11.10 0.56 -17.83
N GLY A 144 -11.72 0.91 -16.71
CA GLY A 144 -13.07 1.44 -16.73
C GLY A 144 -13.75 1.34 -15.38
N PRO A 145 -13.54 2.35 -14.53
CA PRO A 145 -14.19 2.37 -13.22
C PRO A 145 -15.54 3.07 -13.29
N SER A 146 -16.26 3.02 -12.16
CA SER A 146 -17.52 3.71 -12.00
C SER A 146 -17.27 5.03 -11.28
N LEU A 147 -17.57 6.14 -11.95
CA LEU A 147 -17.35 7.47 -11.41
C LEU A 147 -18.68 8.13 -11.10
N MET A 148 -18.81 8.69 -9.90
CA MET A 148 -20.06 9.27 -9.40
C MET A 148 -19.82 10.73 -9.04
N PRO A 149 -19.70 11.61 -10.03
CA PRO A 149 -19.33 13.01 -9.76
C PRO A 149 -20.49 13.79 -9.16
N GLY A 150 -20.22 14.47 -8.04
CA GLY A 150 -21.22 15.31 -7.42
C GLY A 150 -20.56 16.53 -6.79
N GLY A 151 -21.38 17.52 -6.48
CA GLY A 151 -20.89 18.74 -5.87
C GLY A 151 -21.40 20.00 -6.52
N ASN A 152 -20.55 20.66 -7.31
CA ASN A 152 -20.91 21.88 -8.02
C ASN A 152 -21.04 21.55 -9.50
N LYS A 153 -22.26 21.70 -10.04
CA LYS A 153 -22.51 21.35 -11.43
C LYS A 153 -21.80 22.28 -12.40
N GLU A 154 -21.35 23.45 -11.94
CA GLU A 154 -20.61 24.36 -12.81
C GLU A 154 -19.31 23.73 -13.31
N ALA A 155 -18.79 22.73 -12.59
CA ALA A 155 -17.58 22.02 -13.01
C ALA A 155 -17.88 20.80 -13.85
N TRP A 156 -19.14 20.41 -14.01
CA TRP A 156 -19.48 19.24 -14.80
C TRP A 156 -19.12 19.39 -16.28
N PRO A 157 -19.45 20.49 -16.96
CA PRO A 157 -19.13 20.57 -18.41
C PRO A 157 -17.65 20.44 -18.70
N HIS A 158 -16.77 20.78 -17.76
CA HIS A 158 -15.34 20.70 -18.00
C HIS A 158 -14.76 19.33 -17.67
N ILE A 159 -15.36 18.61 -16.71
CA ILE A 159 -14.92 17.26 -16.36
C ILE A 159 -15.77 16.19 -17.01
N LYS A 160 -16.83 16.58 -17.74
CA LYS A 160 -17.72 15.60 -18.34
C LYS A 160 -17.01 14.73 -19.37
N THR A 161 -16.20 15.35 -20.23
CA THR A 161 -15.56 14.61 -21.31
C THR A 161 -14.52 13.64 -20.78
N ILE A 162 -13.78 14.03 -19.74
CA ILE A 162 -12.68 13.20 -19.26
C ILE A 162 -13.19 12.02 -18.46
N PHE A 163 -14.16 12.25 -17.56
CA PHE A 163 -14.64 11.18 -16.70
C PHE A 163 -15.32 10.08 -17.50
N GLN A 164 -16.25 10.45 -18.39
CA GLN A 164 -16.93 9.46 -19.21
C GLN A 164 -16.01 8.75 -20.18
N GLY A 165 -14.88 9.37 -20.53
CA GLY A 165 -13.95 8.72 -21.45
C GLY A 165 -13.29 7.50 -20.84
N ILE A 166 -12.86 7.60 -19.59
CA ILE A 166 -12.20 6.48 -18.93
C ILE A 166 -13.17 5.57 -18.19
N ALA A 167 -14.41 6.02 -17.96
CA ALA A 167 -15.37 5.21 -17.23
C ALA A 167 -15.76 3.98 -18.04
N ALA A 168 -16.25 2.96 -17.33
CA ALA A 168 -16.71 1.76 -17.99
C ALA A 168 -17.96 2.04 -18.84
N LYS A 169 -18.10 1.29 -19.92
CA LYS A 169 -19.24 1.41 -20.82
C LYS A 169 -19.97 0.08 -20.92
N VAL A 170 -21.29 0.15 -20.96
CA VAL A 170 -22.13 -1.05 -21.00
C VAL A 170 -22.43 -1.43 -22.44
N GLY A 171 -23.21 -2.49 -22.62
CA GLY A 171 -23.50 -3.03 -23.94
C GLY A 171 -24.29 -2.09 -24.84
N THR A 172 -24.87 -1.03 -24.29
CA THR A 172 -25.62 -0.05 -25.08
C THR A 172 -24.76 1.12 -25.52
N GLY A 173 -23.54 1.25 -25.00
CA GLY A 173 -22.65 2.33 -25.36
C GLY A 173 -22.67 3.51 -24.41
N GLU A 174 -23.65 3.59 -23.52
CA GLU A 174 -23.73 4.68 -22.56
C GLU A 174 -22.68 4.51 -21.47
N PRO A 175 -22.08 5.59 -21.00
CA PRO A 175 -21.03 5.48 -19.98
C PRO A 175 -21.61 5.31 -18.59
N CYS A 176 -20.85 4.61 -17.75
CA CYS A 176 -21.19 4.40 -16.34
C CYS A 176 -20.71 5.57 -15.48
N CYS A 177 -21.03 6.79 -15.92
CA CYS A 177 -20.60 7.99 -15.22
C CYS A 177 -21.45 9.16 -15.68
N ASP A 178 -22.20 9.76 -14.76
CA ASP A 178 -23.01 10.92 -15.06
C ASP A 178 -23.22 11.70 -13.76
N TRP A 179 -23.56 12.98 -13.91
CA TRP A 179 -23.75 13.84 -12.75
C TRP A 179 -24.92 13.33 -11.91
N VAL A 180 -24.70 13.21 -10.61
CA VAL A 180 -25.65 12.59 -9.71
C VAL A 180 -26.39 13.62 -8.85
N GLY A 181 -25.72 14.68 -8.43
CA GLY A 181 -26.38 15.65 -7.58
C GLY A 181 -25.41 16.67 -7.01
N ASP A 182 -25.93 17.44 -6.06
CA ASP A 182 -25.26 18.60 -5.50
C ASP A 182 -24.68 18.30 -4.11
N GLU A 183 -23.61 19.02 -3.77
CA GLU A 183 -23.03 19.02 -2.43
C GLU A 183 -22.67 17.60 -1.98
N GLY A 184 -21.76 16.98 -2.73
CA GLY A 184 -21.31 15.65 -2.38
C GLY A 184 -22.41 14.61 -2.40
N ALA A 185 -23.40 14.75 -3.27
CA ALA A 185 -24.42 13.73 -3.39
C ALA A 185 -23.84 12.43 -3.94
N GLY A 186 -22.76 12.53 -4.72
CA GLY A 186 -22.12 11.32 -5.23
C GLY A 186 -21.44 10.50 -4.15
N HIS A 187 -20.85 11.17 -3.16
CA HIS A 187 -20.24 10.45 -2.04
C HIS A 187 -21.29 9.74 -1.21
N PHE A 188 -22.49 10.31 -1.08
CA PHE A 188 -23.59 9.58 -0.46
C PHE A 188 -23.98 8.37 -1.31
N VAL A 189 -23.97 8.54 -2.64
CA VAL A 189 -24.24 7.41 -3.53
C VAL A 189 -23.16 6.35 -3.40
N LYS A 190 -21.89 6.77 -3.28
CA LYS A 190 -20.82 5.81 -3.07
C LYS A 190 -20.95 5.12 -1.72
N MET A 191 -21.38 5.85 -0.69
CA MET A 191 -21.58 5.24 0.62
C MET A 191 -22.67 4.18 0.57
N VAL A 192 -23.79 4.51 -0.07
CA VAL A 192 -24.87 3.52 -0.23
C VAL A 192 -24.41 2.37 -1.12
N HIS A 193 -23.60 2.67 -2.14
CA HIS A 193 -23.08 1.62 -3.01
C HIS A 193 -22.29 0.59 -2.21
N ASN A 194 -21.43 1.04 -1.30
CA ASN A 194 -20.66 0.11 -0.48
C ASN A 194 -21.56 -0.63 0.50
N GLY A 195 -22.57 0.05 1.05
CA GLY A 195 -23.51 -0.63 1.92
C GLY A 195 -24.22 -1.78 1.24
N ILE A 196 -24.65 -1.56 0.00
CA ILE A 196 -25.24 -2.64 -0.79
C ILE A 196 -24.22 -3.74 -1.04
N GLU A 197 -22.95 -3.34 -1.25
CA GLU A 197 -21.89 -4.33 -1.42
C GLU A 197 -21.75 -5.20 -0.18
N TYR A 198 -21.88 -4.61 1.02
CA TYR A 198 -21.91 -5.40 2.24
C TYR A 198 -23.02 -6.44 2.21
N GLY A 199 -24.19 -6.05 1.67
CA GLY A 199 -25.30 -6.97 1.62
C GLY A 199 -25.10 -8.11 0.65
N ASP A 200 -24.68 -7.78 -0.58
CA ASP A 200 -24.47 -8.82 -1.59
C ASP A 200 -23.42 -9.82 -1.15
N MET A 201 -22.37 -9.35 -0.47
CA MET A 201 -21.33 -10.26 0.00
C MET A 201 -21.84 -11.15 1.13
N GLN A 202 -22.60 -10.57 2.07
CA GLN A 202 -23.13 -11.37 3.17
C GLN A 202 -24.23 -12.32 2.69
N LEU A 203 -25.03 -11.90 1.70
CA LEU A 203 -26.04 -12.79 1.14
C LEU A 203 -25.41 -14.04 0.53
N ILE A 204 -24.28 -13.87 -0.16
CA ILE A 204 -23.58 -15.01 -0.75
C ILE A 204 -23.06 -15.94 0.34
N CYS A 205 -22.58 -15.36 1.45
CA CYS A 205 -22.04 -16.19 2.52
C CYS A 205 -23.13 -17.00 3.21
N GLU A 206 -24.33 -16.43 3.34
CA GLU A 206 -25.44 -17.20 3.90
C GLU A 206 -25.85 -18.34 2.99
N ALA A 207 -25.77 -18.11 1.67
CA ALA A 207 -26.03 -19.19 0.72
C ALA A 207 -24.89 -20.21 0.73
N TYR A 208 -23.65 -19.73 0.81
CA TYR A 208 -22.50 -20.63 0.90
C TYR A 208 -22.57 -21.49 2.15
N HIS A 209 -23.07 -20.92 3.25
CA HIS A 209 -23.16 -21.69 4.49
C HIS A 209 -24.25 -22.75 4.40
N LEU A 210 -25.35 -22.44 3.71
CA LEU A 210 -26.43 -23.42 3.57
C LEU A 210 -26.02 -24.59 2.70
N MET A 211 -25.24 -24.35 1.64
CA MET A 211 -24.74 -25.44 0.83
C MET A 211 -23.79 -26.33 1.62
N LYS A 212 -22.95 -25.71 2.46
CA LYS A 212 -21.87 -26.45 3.10
C LYS A 212 -22.35 -27.24 4.31
N ASP A 213 -23.31 -26.70 5.07
CA ASP A 213 -23.71 -27.31 6.34
C ASP A 213 -25.07 -27.98 6.31
N VAL A 214 -25.89 -27.72 5.30
CA VAL A 214 -27.20 -28.37 5.16
C VAL A 214 -27.15 -29.47 4.11
N LEU A 215 -26.59 -29.17 2.94
CA LEU A 215 -26.47 -30.16 1.87
C LEU A 215 -25.13 -30.87 1.87
N GLY A 216 -24.19 -30.45 2.71
CA GLY A 216 -22.88 -31.09 2.77
C GLY A 216 -22.12 -31.09 1.47
N MET A 217 -22.32 -30.08 0.64
CA MET A 217 -21.69 -30.04 -0.67
C MET A 217 -20.18 -29.83 -0.53
N ALA A 218 -19.47 -30.08 -1.63
CA ALA A 218 -18.03 -29.93 -1.66
C ALA A 218 -17.65 -28.54 -2.18
N GLN A 219 -16.37 -28.20 -1.99
CA GLN A 219 -15.88 -26.88 -2.40
C GLN A 219 -16.02 -26.70 -3.91
N ASP A 220 -15.51 -27.65 -4.69
CA ASP A 220 -15.63 -27.57 -6.15
C ASP A 220 -17.08 -27.73 -6.60
N GLU A 221 -17.91 -28.42 -5.81
CA GLU A 221 -19.31 -28.55 -6.15
C GLU A 221 -20.06 -27.23 -5.95
N MET A 222 -19.85 -26.58 -4.81
CA MET A 222 -20.44 -25.26 -4.58
C MET A 222 -19.88 -24.24 -5.56
N ALA A 223 -18.62 -24.38 -5.94
CA ALA A 223 -18.03 -23.45 -6.90
C ALA A 223 -18.75 -23.53 -8.24
N GLN A 224 -18.98 -24.75 -8.74
CA GLN A 224 -19.73 -24.91 -9.98
C GLN A 224 -21.17 -24.46 -9.82
N ALA A 225 -21.74 -24.62 -8.60
CA ALA A 225 -23.11 -24.19 -8.37
C ALA A 225 -23.24 -22.68 -8.50
N PHE A 226 -22.25 -21.92 -8.00
CA PHE A 226 -22.25 -20.48 -8.21
C PHE A 226 -21.98 -20.14 -9.67
N GLU A 227 -21.19 -20.95 -10.37
CA GLU A 227 -20.94 -20.71 -11.78
C GLU A 227 -22.20 -20.93 -12.61
N ASP A 228 -22.99 -21.95 -12.26
CA ASP A 228 -24.26 -22.18 -12.96
C ASP A 228 -25.29 -21.12 -12.56
N TRP A 229 -25.27 -20.69 -11.29
CA TRP A 229 -26.14 -19.59 -10.88
C TRP A 229 -25.80 -18.31 -11.62
N ASN A 230 -24.54 -18.13 -12.02
CA ASN A 230 -24.11 -16.93 -12.70
C ASN A 230 -24.62 -16.85 -14.13
N LYS A 231 -25.27 -17.89 -14.64
CA LYS A 231 -25.84 -17.89 -15.98
C LYS A 231 -27.34 -17.60 -15.97
N THR A 232 -27.92 -17.30 -14.81
CA THR A 232 -29.35 -17.06 -14.70
C THR A 232 -29.64 -15.61 -14.33
N GLU A 233 -30.65 -15.39 -13.49
CA GLU A 233 -31.02 -14.04 -13.07
C GLU A 233 -29.96 -13.42 -12.16
N LEU A 234 -29.11 -14.23 -11.54
CA LEU A 234 -28.10 -13.75 -10.60
C LEU A 234 -26.75 -13.52 -11.26
N ASP A 235 -26.73 -13.18 -12.55
CA ASP A 235 -25.49 -12.88 -13.25
C ASP A 235 -24.85 -11.63 -12.63
N SER A 236 -23.80 -11.83 -11.82
CA SER A 236 -23.15 -10.73 -11.13
C SER A 236 -21.65 -11.00 -11.06
N PHE A 237 -20.90 -9.95 -10.73
CA PHE A 237 -19.44 -10.08 -10.60
C PHE A 237 -19.05 -10.72 -9.28
N LEU A 238 -19.80 -10.43 -8.21
CA LEU A 238 -19.49 -11.04 -6.92
C LEU A 238 -19.72 -12.55 -6.95
N ILE A 239 -20.75 -13.00 -7.68
CA ILE A 239 -20.96 -14.43 -7.87
C ILE A 239 -19.82 -15.02 -8.70
N GLU A 240 -19.33 -14.27 -9.68
CA GLU A 240 -18.24 -14.75 -10.52
C GLU A 240 -16.97 -14.98 -9.69
N ILE A 241 -16.58 -14.00 -8.87
CA ILE A 241 -15.37 -14.15 -8.09
C ILE A 241 -15.57 -15.15 -6.97
N THR A 242 -16.80 -15.30 -6.47
CA THR A 242 -17.06 -16.29 -5.45
C THR A 242 -16.79 -17.70 -5.97
N ALA A 243 -17.18 -17.97 -7.21
CA ALA A 243 -16.89 -19.27 -7.82
C ALA A 243 -15.40 -19.46 -8.03
N ASN A 244 -14.69 -18.40 -8.44
CA ASN A 244 -13.26 -18.51 -8.67
C ASN A 244 -12.50 -18.71 -7.36
N ILE A 245 -12.96 -18.06 -6.29
CA ILE A 245 -12.30 -18.22 -4.99
C ILE A 245 -12.50 -19.63 -4.45
N LEU A 246 -13.70 -20.18 -4.60
CA LEU A 246 -13.96 -21.53 -4.13
C LEU A 246 -13.11 -22.55 -4.87
N LYS A 247 -12.85 -22.32 -6.16
CA LYS A 247 -12.00 -23.21 -6.94
C LYS A 247 -10.52 -23.03 -6.66
N PHE A 248 -10.13 -21.88 -6.10
CA PHE A 248 -8.71 -21.56 -5.96
C PHE A 248 -8.01 -22.56 -5.07
N GLN A 249 -6.93 -23.15 -5.59
CA GLN A 249 -6.10 -24.09 -4.85
C GLN A 249 -4.83 -23.41 -4.39
N ASP A 250 -4.35 -23.83 -3.22
CA ASP A 250 -3.11 -23.30 -2.68
C ASP A 250 -1.90 -24.04 -3.25
N THR A 251 -0.71 -23.51 -2.98
CA THR A 251 0.51 -24.14 -3.47
C THR A 251 0.75 -25.52 -2.86
N ASP A 252 0.11 -25.83 -1.73
CA ASP A 252 0.24 -27.14 -1.10
C ASP A 252 -0.76 -28.15 -1.64
N GLY A 253 -1.64 -27.75 -2.54
CA GLY A 253 -2.63 -28.63 -3.13
C GLY A 253 -4.02 -28.46 -2.56
N LYS A 254 -4.15 -28.06 -1.30
CA LYS A 254 -5.44 -27.89 -0.67
C LYS A 254 -6.08 -26.57 -1.12
N HIS A 255 -7.36 -26.42 -0.79
CA HIS A 255 -8.07 -25.17 -1.06
C HIS A 255 -7.64 -24.09 -0.08
N LEU A 256 -7.63 -22.86 -0.56
CA LEU A 256 -7.13 -21.73 0.25
C LEU A 256 -8.19 -21.20 1.21
N LEU A 257 -9.46 -21.23 0.82
CA LEU A 257 -10.51 -20.62 1.62
C LEU A 257 -10.61 -21.21 3.03
N PRO A 258 -10.67 -22.53 3.23
CA PRO A 258 -10.77 -23.05 4.60
C PRO A 258 -9.59 -22.70 5.49
N LYS A 259 -8.49 -22.20 4.93
CA LYS A 259 -7.35 -21.78 5.73
C LYS A 259 -7.48 -20.34 6.21
N ILE A 260 -8.34 -19.53 5.59
CA ILE A 260 -8.50 -18.13 5.96
C ILE A 260 -9.39 -18.03 7.20
N ARG A 261 -9.01 -17.15 8.12
CA ARG A 261 -9.79 -16.97 9.33
C ARG A 261 -11.05 -16.15 9.03
N ASP A 262 -12.07 -16.37 9.84
CA ASP A 262 -13.40 -15.80 9.60
C ASP A 262 -13.60 -14.55 10.46
N SER A 263 -12.85 -13.51 10.12
CA SER A 263 -12.95 -12.20 10.79
C SER A 263 -13.03 -11.15 9.69
N ALA A 264 -14.24 -10.63 9.46
CA ALA A 264 -14.49 -9.70 8.36
C ALA A 264 -14.17 -8.27 8.79
N GLY A 265 -13.17 -7.68 8.14
CA GLY A 265 -12.84 -6.29 8.40
C GLY A 265 -13.70 -5.33 7.62
N GLN A 266 -13.56 -4.05 7.95
CA GLN A 266 -14.36 -3.00 7.32
C GLN A 266 -13.67 -1.66 7.51
N LYS A 267 -13.76 -0.79 6.52
CA LYS A 267 -13.10 0.51 6.53
C LYS A 267 -14.04 1.67 6.82
N GLY A 268 -15.34 1.42 7.00
CA GLY A 268 -16.22 2.48 7.45
C GLY A 268 -17.50 2.69 6.68
N THR A 269 -17.45 2.62 5.35
CA THR A 269 -18.62 2.94 4.54
C THR A 269 -19.79 1.99 4.80
N GLY A 270 -19.54 0.84 5.40
CA GLY A 270 -20.62 -0.06 5.76
C GLY A 270 -21.45 0.47 6.90
N LYS A 271 -20.80 0.78 8.03
CA LYS A 271 -21.54 1.30 9.18
C LYS A 271 -22.11 2.69 8.89
N TRP A 272 -21.40 3.49 8.09
CA TRP A 272 -21.89 4.84 7.76
C TRP A 272 -23.24 4.77 7.06
N THR A 273 -23.44 3.75 6.23
CA THR A 273 -24.73 3.58 5.56
C THR A 273 -25.82 3.21 6.55
N ALA A 274 -25.53 2.28 7.46
CA ALA A 274 -26.52 1.89 8.46
C ALA A 274 -26.77 3.00 9.48
N ILE A 275 -25.74 3.79 9.80
CA ILE A 275 -25.92 4.94 10.68
C ILE A 275 -26.80 5.99 10.01
N SER A 276 -26.58 6.23 8.72
CA SER A 276 -27.40 7.19 7.99
C SER A 276 -28.86 6.75 7.93
N ALA A 277 -29.09 5.44 7.81
CA ALA A 277 -30.46 4.93 7.76
C ALA A 277 -31.17 5.15 9.08
N LEU A 278 -30.48 4.91 10.20
CA LEU A 278 -31.09 5.10 11.51
C LEU A 278 -31.38 6.57 11.78
N GLU A 279 -30.48 7.46 11.36
CA GLU A 279 -30.66 8.89 11.60
C GLU A 279 -31.93 9.40 10.91
N TYR A 280 -32.12 9.08 9.64
CA TYR A 280 -33.24 9.58 8.86
C TYR A 280 -34.43 8.63 8.86
N GLY A 281 -34.38 7.56 9.65
CA GLY A 281 -35.52 6.69 9.83
C GLY A 281 -35.93 5.91 8.59
N VAL A 282 -34.96 5.33 7.89
CA VAL A 282 -35.20 4.49 6.72
C VAL A 282 -34.92 3.05 7.11
N PRO A 283 -35.87 2.13 6.92
CA PRO A 283 -35.67 0.73 7.36
C PRO A 283 -34.73 -0.05 6.44
N VAL A 284 -33.46 0.37 6.42
CA VAL A 284 -32.43 -0.36 5.69
C VAL A 284 -31.91 -1.47 6.60
N THR A 285 -32.68 -2.56 6.68
CA THR A 285 -32.41 -3.59 7.67
C THR A 285 -31.30 -4.55 7.21
N LEU A 286 -31.33 -4.94 5.94
CA LEU A 286 -30.39 -5.95 5.46
C LEU A 286 -28.95 -5.44 5.55
N ILE A 287 -28.72 -4.19 5.15
CA ILE A 287 -27.37 -3.63 5.24
C ILE A 287 -26.93 -3.55 6.70
N GLY A 288 -27.85 -3.18 7.59
CA GLY A 288 -27.52 -3.16 9.00
C GLY A 288 -27.15 -4.53 9.54
N GLU A 289 -27.85 -5.57 9.08
CA GLU A 289 -27.51 -6.93 9.50
C GLU A 289 -26.18 -7.38 8.91
N ALA A 290 -25.86 -6.94 7.69
CA ALA A 290 -24.58 -7.29 7.10
C ALA A 290 -23.42 -6.65 7.86
N VAL A 291 -23.61 -5.42 8.35
CA VAL A 291 -22.56 -4.75 9.12
C VAL A 291 -22.40 -5.43 10.48
N PHE A 292 -23.53 -5.72 11.15
CA PHE A 292 -23.45 -6.44 12.42
C PHE A 292 -22.90 -7.84 12.24
N ALA A 293 -23.07 -8.43 11.06
CA ALA A 293 -22.52 -9.76 10.82
C ALA A 293 -21.00 -9.73 10.78
N ARG A 294 -20.41 -8.68 10.19
CA ARG A 294 -18.96 -8.55 10.20
C ARG A 294 -18.45 -8.31 11.61
N CYS A 295 -19.22 -7.57 12.43
CA CYS A 295 -18.82 -7.36 13.82
C CYS A 295 -18.88 -8.66 14.61
N LEU A 296 -19.90 -9.48 14.37
CA LEU A 296 -20.00 -10.75 15.07
C LEU A 296 -18.88 -11.71 14.67
N SER A 297 -18.40 -11.61 13.43
CA SER A 297 -17.30 -12.46 12.99
C SER A 297 -15.97 -12.00 13.55
N SER A 298 -15.83 -10.71 13.84
CA SER A 298 -14.60 -10.21 14.44
C SER A 298 -14.41 -10.73 15.87
N LEU A 299 -15.46 -11.27 16.48
CA LEU A 299 -15.37 -11.87 17.81
C LEU A 299 -15.03 -13.36 17.69
N LYS A 300 -13.91 -13.61 17.00
CA LYS A 300 -13.52 -14.99 16.73
C LYS A 300 -13.22 -15.76 18.01
N ASP A 301 -12.33 -15.22 18.85
CA ASP A 301 -11.97 -15.91 20.08
C ASP A 301 -13.17 -16.05 21.02
N GLU A 302 -14.07 -15.07 21.03
CA GLU A 302 -15.25 -15.18 21.87
C GLU A 302 -16.21 -16.25 21.36
N ARG A 303 -16.25 -16.47 20.04
CA ARG A 303 -17.11 -17.51 19.49
C ARG A 303 -16.51 -18.90 19.66
N ILE A 304 -15.18 -19.00 19.73
CA ILE A 304 -14.54 -20.30 19.97
C ILE A 304 -14.95 -20.83 21.34
N GLN A 305 -14.96 -19.97 22.35
CA GLN A 305 -15.41 -20.38 23.68
C GLN A 305 -16.91 -20.58 23.72
N ALA A 306 -17.67 -19.79 22.96
CA ALA A 306 -19.13 -19.94 22.95
C ALA A 306 -19.56 -21.24 22.30
N SER A 307 -18.82 -21.71 21.29
CA SER A 307 -19.14 -22.97 20.65
C SER A 307 -18.95 -24.15 21.59
N LYS A 308 -18.06 -24.02 22.56
CA LYS A 308 -17.78 -25.10 23.49
C LYS A 308 -18.85 -25.22 24.57
N LYS A 309 -19.55 -24.13 24.88
CA LYS A 309 -20.52 -24.11 25.97
C LYS A 309 -21.97 -24.05 25.50
N LEU A 310 -22.25 -23.45 24.35
CA LEU A 310 -23.61 -23.29 23.86
C LEU A 310 -23.98 -24.44 22.92
N LYS A 311 -25.17 -24.97 23.10
CA LYS A 311 -25.69 -26.04 22.25
C LYS A 311 -26.73 -25.48 21.28
N GLY A 312 -26.75 -26.04 20.07
CA GLY A 312 -27.74 -25.70 19.08
C GLY A 312 -28.66 -26.86 18.80
N PRO A 313 -29.28 -26.87 17.62
CA PRO A 313 -30.11 -28.01 17.23
C PRO A 313 -29.24 -29.17 16.74
N GLN A 314 -29.49 -30.35 17.28
CA GLN A 314 -28.76 -31.55 16.88
C GLN A 314 -29.64 -32.61 16.23
N LYS A 315 -30.94 -32.60 16.48
CA LYS A 315 -31.85 -33.60 15.91
C LYS A 315 -32.41 -33.05 14.59
N PHE A 316 -31.55 -33.06 13.58
CA PHE A 316 -31.92 -32.56 12.26
C PHE A 316 -31.05 -33.23 11.21
N GLN A 317 -31.69 -33.67 10.12
CA GLN A 317 -30.99 -34.12 8.93
C GLN A 317 -31.88 -33.83 7.72
N PHE A 318 -31.26 -33.43 6.61
CA PHE A 318 -31.98 -33.03 5.42
C PHE A 318 -32.48 -34.27 4.69
N ASP A 319 -33.79 -34.49 4.69
CA ASP A 319 -34.39 -35.61 3.98
C ASP A 319 -35.18 -35.13 2.77
N GLY A 320 -34.56 -34.28 1.94
CA GLY A 320 -35.20 -33.79 0.74
C GLY A 320 -34.41 -34.10 -0.50
N ASP A 321 -34.49 -33.21 -1.50
CA ASP A 321 -33.75 -33.35 -2.75
C ASP A 321 -32.63 -32.32 -2.75
N LYS A 322 -31.38 -32.79 -2.75
CA LYS A 322 -30.24 -31.89 -2.72
C LYS A 322 -30.17 -31.01 -3.97
N LYS A 323 -30.82 -31.43 -5.05
CA LYS A 323 -30.91 -30.62 -6.26
C LYS A 323 -32.06 -29.62 -6.20
N SER A 324 -33.20 -30.04 -5.66
CA SER A 324 -34.37 -29.15 -5.59
C SER A 324 -34.24 -28.13 -4.47
N PHE A 325 -33.47 -28.43 -3.43
CA PHE A 325 -33.24 -27.44 -2.37
C PHE A 325 -32.17 -26.45 -2.76
N LEU A 326 -31.18 -26.87 -3.55
CA LEU A 326 -30.18 -25.93 -4.04
C LEU A 326 -30.82 -24.83 -4.88
N GLU A 327 -31.89 -25.17 -5.61
CA GLU A 327 -32.61 -24.15 -6.36
C GLU A 327 -33.38 -23.22 -5.42
N ASP A 328 -33.83 -23.73 -4.27
CA ASP A 328 -34.52 -22.88 -3.31
C ASP A 328 -33.58 -21.86 -2.68
N ILE A 329 -32.32 -22.23 -2.48
CA ILE A 329 -31.33 -21.27 -1.99
C ILE A 329 -31.09 -20.18 -3.03
N ARG A 330 -31.18 -20.52 -4.31
CA ARG A 330 -30.98 -19.52 -5.37
C ARG A 330 -32.09 -18.47 -5.35
N LYS A 331 -33.35 -18.92 -5.28
CA LYS A 331 -34.46 -17.98 -5.25
C LYS A 331 -34.46 -17.14 -3.97
N ALA A 332 -34.02 -17.72 -2.86
CA ALA A 332 -33.91 -16.95 -1.62
C ALA A 332 -32.85 -15.85 -1.77
N LEU A 333 -31.75 -16.16 -2.45
CA LEU A 333 -30.71 -15.16 -2.69
C LEU A 333 -31.21 -14.07 -3.63
N TYR A 334 -31.92 -14.46 -4.69
CA TYR A 334 -32.41 -13.47 -5.65
C TYR A 334 -33.48 -12.59 -5.02
N ALA A 335 -34.37 -13.17 -4.22
CA ALA A 335 -35.42 -12.37 -3.59
C ALA A 335 -34.85 -11.46 -2.51
N SER A 336 -33.90 -11.96 -1.72
CA SER A 336 -33.27 -11.12 -0.71
C SER A 336 -32.46 -10.00 -1.34
N LYS A 337 -31.85 -10.26 -2.50
CA LYS A 337 -31.13 -9.21 -3.21
C LYS A 337 -32.09 -8.14 -3.72
N ILE A 338 -33.34 -8.50 -4.02
CA ILE A 338 -34.32 -7.52 -4.46
C ILE A 338 -34.72 -6.62 -3.29
N ILE A 339 -34.98 -7.21 -2.13
CA ILE A 339 -35.34 -6.43 -0.96
C ILE A 339 -34.18 -5.54 -0.53
N SER A 340 -32.94 -6.03 -0.69
CA SER A 340 -31.77 -5.25 -0.30
C SER A 340 -31.67 -3.98 -1.15
N TYR A 341 -31.75 -4.11 -2.47
CA TYR A 341 -31.69 -2.94 -3.35
C TYR A 341 -32.91 -2.05 -3.17
N ALA A 342 -34.05 -2.63 -2.78
CA ALA A 342 -35.22 -1.81 -2.50
C ALA A 342 -34.97 -0.92 -1.28
N GLN A 343 -34.33 -1.45 -0.25
CA GLN A 343 -34.00 -0.64 0.93
C GLN A 343 -32.98 0.43 0.60
N GLY A 344 -32.02 0.11 -0.28
CA GLY A 344 -30.99 1.08 -0.61
C GLY A 344 -31.55 2.33 -1.29
N PHE A 345 -32.45 2.13 -2.25
CA PHE A 345 -33.04 3.26 -2.96
C PHE A 345 -34.03 4.03 -2.09
N MET A 346 -34.61 3.37 -1.08
CA MET A 346 -35.39 4.12 -0.09
C MET A 346 -34.50 5.10 0.67
N LEU A 347 -33.28 4.69 0.99
CA LEU A 347 -32.33 5.58 1.64
C LEU A 347 -31.89 6.69 0.70
N LEU A 348 -31.75 6.38 -0.59
CA LEU A 348 -31.36 7.41 -1.56
C LEU A 348 -32.48 8.44 -1.73
N ARG A 349 -33.73 8.00 -1.75
CA ARG A 349 -34.84 8.93 -1.92
C ARG A 349 -35.06 9.79 -0.68
N GLN A 350 -34.72 9.25 0.51
CA GLN A 350 -34.86 10.04 1.72
C GLN A 350 -33.78 11.10 1.82
N ALA A 351 -32.57 10.78 1.37
CA ALA A 351 -31.49 11.77 1.34
C ALA A 351 -31.82 12.91 0.38
N ALA A 352 -32.37 12.57 -0.80
CA ALA A 352 -32.79 13.61 -1.73
C ALA A 352 -33.85 14.52 -1.13
N THR A 353 -34.70 13.97 -0.25
CA THR A 353 -35.69 14.79 0.44
C THR A 353 -35.06 15.59 1.57
N GLU A 354 -34.17 14.96 2.35
CA GLU A 354 -33.57 15.65 3.49
C GLU A 354 -32.69 16.81 3.05
N PHE A 355 -31.91 16.62 1.99
CA PHE A 355 -30.96 17.62 1.55
C PHE A 355 -31.44 18.44 0.36
N GLY A 356 -32.48 18.00 -0.34
CA GLY A 356 -32.96 18.74 -1.49
C GLY A 356 -32.23 18.44 -2.78
N TRP A 357 -31.66 17.25 -2.90
CA TRP A 357 -30.93 16.89 -4.10
C TRP A 357 -31.89 16.35 -5.17
N THR A 358 -31.41 16.33 -6.41
CA THR A 358 -32.16 15.80 -7.54
C THR A 358 -31.40 14.58 -8.06
N LEU A 359 -31.71 13.42 -7.47
CA LEU A 359 -31.05 12.17 -7.84
C LEU A 359 -31.87 11.45 -8.90
N ASN A 360 -31.18 10.94 -9.92
CA ASN A 360 -31.79 10.13 -10.97
C ASN A 360 -31.52 8.67 -10.62
N TYR A 361 -32.53 8.02 -10.02
CA TYR A 361 -32.34 6.65 -9.53
C TYR A 361 -32.08 5.68 -10.67
N GLY A 362 -32.68 5.89 -11.83
CA GLY A 362 -32.37 5.06 -12.98
C GLY A 362 -30.96 5.27 -13.47
N GLY A 363 -30.49 6.51 -13.45
CA GLY A 363 -29.11 6.78 -13.83
C GLY A 363 -28.11 6.18 -12.85
N ILE A 364 -28.41 6.26 -11.56
CA ILE A 364 -27.54 5.66 -10.56
C ILE A 364 -27.38 4.16 -10.79
N ALA A 365 -28.48 3.49 -11.13
CA ALA A 365 -28.40 2.07 -11.46
C ALA A 365 -27.55 1.84 -12.71
N LEU A 366 -27.58 2.76 -13.67
CA LEU A 366 -26.72 2.65 -14.84
C LEU A 366 -25.26 2.82 -14.47
N MET A 367 -24.94 3.79 -13.60
CA MET A 367 -23.58 3.98 -13.13
C MET A 367 -23.07 2.80 -12.33
N TRP A 368 -23.97 2.02 -11.72
CA TRP A 368 -23.61 0.79 -11.05
C TRP A 368 -23.69 -0.43 -11.96
N ARG A 369 -24.20 -0.28 -13.19
CA ARG A 369 -24.33 -1.39 -14.11
C ARG A 369 -23.04 -1.75 -14.81
N GLY A 370 -21.90 -1.21 -14.37
CA GLY A 370 -20.63 -1.52 -14.99
C GLY A 370 -19.46 -0.82 -14.34
N GLY A 371 -18.41 -1.58 -14.05
CA GLY A 371 -17.21 -1.01 -13.46
C GLY A 371 -17.11 -1.26 -11.97
N CYS A 372 -18.19 -1.04 -11.24
CA CYS A 372 -18.17 -1.18 -9.79
C CYS A 372 -18.14 -2.65 -9.40
N ILE A 373 -18.22 -2.89 -8.09
CA ILE A 373 -18.12 -4.26 -7.57
C ILE A 373 -19.48 -4.95 -7.62
N ILE A 374 -20.56 -4.21 -7.37
CA ILE A 374 -21.90 -4.80 -7.34
C ILE A 374 -22.48 -4.87 -8.74
N ARG A 375 -21.62 -4.75 -9.76
CA ARG A 375 -22.09 -4.78 -11.13
C ARG A 375 -22.73 -6.13 -11.45
N SER A 376 -23.86 -6.09 -12.15
CA SER A 376 -24.66 -7.28 -12.42
C SER A 376 -25.72 -6.93 -13.46
N VAL A 377 -26.15 -7.94 -14.21
CA VAL A 377 -27.27 -7.73 -15.12
C VAL A 377 -28.55 -7.45 -14.35
N PHE A 378 -28.59 -7.80 -13.06
CA PHE A 378 -29.74 -7.47 -12.23
C PHE A 378 -29.89 -5.96 -12.05
N LEU A 379 -28.77 -5.24 -12.03
CA LEU A 379 -28.84 -3.78 -11.97
C LEU A 379 -29.38 -3.17 -13.25
N GLY A 380 -29.29 -3.90 -14.38
CA GLY A 380 -29.90 -3.41 -15.60
C GLY A 380 -31.42 -3.42 -15.53
N LYS A 381 -31.98 -4.45 -14.91
CA LYS A 381 -33.43 -4.49 -14.74
C LYS A 381 -33.92 -3.37 -13.85
N ILE A 382 -33.09 -2.91 -12.91
CA ILE A 382 -33.46 -1.78 -12.06
C ILE A 382 -33.55 -0.50 -12.89
N LYS A 383 -32.66 -0.34 -13.87
CA LYS A 383 -32.73 0.82 -14.75
C LYS A 383 -34.06 0.85 -15.51
N ASP A 384 -34.50 -0.31 -16.01
CA ASP A 384 -35.80 -0.37 -16.66
C ASP A 384 -36.93 -0.03 -15.71
N ALA A 385 -36.79 -0.39 -14.43
CA ALA A 385 -37.83 -0.07 -13.45
C ALA A 385 -37.99 1.43 -13.31
N PHE A 386 -36.90 2.18 -13.32
CA PHE A 386 -36.97 3.63 -13.19
C PHE A 386 -37.08 4.33 -14.54
N ASP A 387 -36.76 3.66 -15.65
CA ASP A 387 -37.04 4.23 -16.95
C ASP A 387 -38.54 4.21 -17.24
N ARG A 388 -39.22 3.15 -16.79
CA ARG A 388 -40.67 3.09 -16.94
C ARG A 388 -41.36 4.07 -15.99
N ASN A 389 -40.75 4.37 -14.85
CA ASN A 389 -41.34 5.29 -13.87
C ASN A 389 -40.20 5.89 -13.06
N PRO A 390 -39.70 7.06 -13.46
CA PRO A 390 -38.61 7.69 -12.70
C PRO A 390 -39.03 8.16 -11.31
N GLU A 391 -40.31 8.34 -11.06
CA GLU A 391 -40.80 8.67 -9.72
C GLU A 391 -41.43 7.46 -9.04
N LEU A 392 -40.68 6.36 -9.03
CA LEU A 392 -41.15 5.11 -8.44
C LEU A 392 -40.94 5.16 -6.93
N GLN A 393 -42.03 5.02 -6.17
CA GLN A 393 -41.96 5.18 -4.72
C GLN A 393 -41.26 4.01 -4.04
N ASN A 394 -41.19 2.85 -4.68
CA ASN A 394 -40.53 1.70 -4.09
C ASN A 394 -40.20 0.70 -5.19
N LEU A 395 -39.07 0.01 -5.03
CA LEU A 395 -38.65 -0.97 -6.02
C LEU A 395 -39.57 -2.19 -6.04
N LEU A 396 -40.21 -2.49 -4.91
CA LEU A 396 -41.14 -3.61 -4.85
C LEU A 396 -42.43 -3.33 -5.62
N LEU A 397 -42.79 -2.06 -5.80
CA LEU A 397 -43.99 -1.68 -6.54
C LEU A 397 -43.85 -1.84 -8.04
N ASP A 398 -42.73 -2.37 -8.54
CA ASP A 398 -42.54 -2.59 -9.97
C ASP A 398 -42.96 -4.01 -10.35
N ASP A 399 -43.42 -4.16 -11.58
CA ASP A 399 -43.94 -5.45 -12.04
C ASP A 399 -42.83 -6.50 -12.10
N PHE A 400 -41.67 -6.14 -12.65
CA PHE A 400 -40.58 -7.11 -12.79
C PHE A 400 -40.14 -7.65 -11.43
N PHE A 401 -40.11 -6.80 -10.41
CA PHE A 401 -39.63 -7.20 -9.10
C PHE A 401 -40.72 -7.78 -8.22
N LYS A 402 -41.96 -7.30 -8.32
CA LYS A 402 -43.04 -7.92 -7.57
C LYS A 402 -43.35 -9.32 -8.11
N SER A 403 -43.12 -9.56 -9.40
CA SER A 403 -43.34 -10.88 -9.97
C SER A 403 -42.19 -11.81 -9.65
N ALA A 404 -40.96 -11.28 -9.63
CA ALA A 404 -39.80 -12.10 -9.26
C ALA A 404 -39.88 -12.52 -7.80
N VAL A 405 -40.35 -11.63 -6.93
CA VAL A 405 -40.53 -11.99 -5.53
C VAL A 405 -41.64 -13.02 -5.38
N GLU A 406 -42.70 -12.90 -6.19
CA GLU A 406 -43.78 -13.88 -6.14
C GLU A 406 -43.30 -15.26 -6.60
N ASN A 407 -42.45 -15.29 -7.63
CA ASN A 407 -41.93 -16.56 -8.13
C ASN A 407 -40.85 -17.15 -7.22
N CYS A 408 -40.25 -16.34 -6.34
CA CYS A 408 -39.23 -16.83 -5.43
C CYS A 408 -39.73 -16.99 -4.01
N GLN A 409 -40.97 -16.60 -3.72
CA GLN A 409 -41.43 -16.55 -2.33
C GLN A 409 -41.49 -17.92 -1.69
N ASP A 410 -42.00 -18.92 -2.41
CA ASP A 410 -42.14 -20.25 -1.84
C ASP A 410 -40.78 -20.87 -1.53
N SER A 411 -39.85 -20.80 -2.48
CA SER A 411 -38.51 -21.30 -2.24
C SER A 411 -37.77 -20.45 -1.22
N TRP A 412 -38.10 -19.16 -1.14
CA TRP A 412 -37.50 -18.28 -0.13
C TRP A 412 -37.84 -18.77 1.27
N ARG A 413 -39.13 -19.00 1.53
CA ARG A 413 -39.56 -19.44 2.85
C ARG A 413 -39.11 -20.88 3.15
N ARG A 414 -39.08 -21.74 2.13
CA ARG A 414 -38.68 -23.12 2.34
C ARG A 414 -37.21 -23.22 2.78
N ALA A 415 -36.36 -22.35 2.22
CA ALA A 415 -34.96 -22.36 2.60
C ALA A 415 -34.74 -21.70 3.96
N VAL A 416 -35.50 -20.63 4.25
CA VAL A 416 -35.39 -19.97 5.55
C VAL A 416 -35.87 -20.90 6.66
N SER A 417 -36.97 -21.62 6.43
CA SER A 417 -37.47 -22.54 7.44
C SER A 417 -36.50 -23.69 7.66
N THR A 418 -35.92 -24.23 6.59
CA THR A 418 -34.96 -25.33 6.74
C THR A 418 -33.71 -24.87 7.45
N GLY A 419 -33.20 -23.68 7.10
CA GLY A 419 -32.03 -23.15 7.78
C GLY A 419 -32.26 -22.87 9.25
N VAL A 420 -33.48 -22.44 9.61
CA VAL A 420 -33.82 -22.20 11.01
C VAL A 420 -33.80 -23.52 11.78
N GLN A 421 -34.37 -24.58 11.20
CA GLN A 421 -34.34 -25.88 11.85
C GLN A 421 -32.93 -26.44 11.92
N ALA A 422 -32.07 -26.07 10.97
CA ALA A 422 -30.70 -26.58 10.95
C ALA A 422 -29.78 -25.83 11.91
N GLY A 423 -30.16 -24.63 12.34
CA GLY A 423 -29.26 -23.81 13.13
C GLY A 423 -28.22 -23.09 12.31
N ILE A 424 -28.58 -22.64 11.12
CA ILE A 424 -27.66 -21.97 10.21
C ILE A 424 -27.88 -20.47 10.31
N PRO A 425 -26.85 -19.67 10.58
CA PRO A 425 -27.03 -18.22 10.68
C PRO A 425 -27.38 -17.60 9.34
N MET A 426 -28.60 -17.07 9.21
CA MET A 426 -29.04 -16.38 8.00
C MET A 426 -29.58 -15.01 8.37
N PRO A 427 -28.74 -14.11 8.89
CA PRO A 427 -29.26 -12.81 9.34
C PRO A 427 -29.81 -11.96 8.22
N CYS A 428 -29.26 -12.06 7.01
CA CYS A 428 -29.73 -11.21 5.92
C CYS A 428 -30.93 -11.83 5.21
N PHE A 429 -30.93 -13.15 5.02
CA PHE A 429 -32.09 -13.81 4.44
C PHE A 429 -33.33 -13.61 5.33
N THR A 430 -33.15 -13.70 6.65
CA THR A 430 -34.27 -13.60 7.55
C THR A 430 -34.76 -12.16 7.69
N THR A 431 -33.84 -11.19 7.67
CA THR A 431 -34.27 -9.80 7.78
C THR A 431 -34.88 -9.29 6.47
N ALA A 432 -34.48 -9.89 5.34
CA ALA A 432 -35.09 -9.52 4.07
C ALA A 432 -36.50 -10.07 3.95
N LEU A 433 -36.74 -11.25 4.51
CA LEU A 433 -38.08 -11.84 4.48
C LEU A 433 -39.00 -11.16 5.49
N SER A 434 -38.49 -10.86 6.69
CA SER A 434 -39.29 -10.17 7.69
C SER A 434 -39.65 -8.76 7.25
N PHE A 435 -38.79 -8.11 6.46
CA PHE A 435 -39.11 -6.78 5.96
C PHE A 435 -40.18 -6.85 4.88
N TYR A 436 -40.13 -7.86 4.01
CA TYR A 436 -41.13 -7.98 2.96
C TYR A 436 -42.50 -8.28 3.53
N ASP A 437 -42.59 -9.24 4.46
CA ASP A 437 -43.87 -9.56 5.07
C ASP A 437 -44.44 -8.36 5.84
N GLY A 438 -43.58 -7.48 6.33
CA GLY A 438 -44.03 -6.29 7.02
C GLY A 438 -44.45 -5.19 6.05
N TYR A 439 -43.66 -5.01 4.99
CA TYR A 439 -43.94 -3.95 4.04
C TYR A 439 -45.22 -4.21 3.25
N ARG A 440 -45.65 -5.48 3.14
CA ARG A 440 -46.85 -5.83 2.40
C ARG A 440 -48.10 -5.82 3.26
N HIS A 441 -47.97 -5.82 4.58
CA HIS A 441 -49.14 -5.84 5.46
C HIS A 441 -49.73 -4.45 5.61
N GLU A 442 -51.03 -4.33 5.40
CA GLU A 442 -51.71 -3.06 5.64
C GLU A 442 -51.77 -2.74 7.13
N MET A 443 -51.89 -3.76 7.98
CA MET A 443 -51.98 -3.59 9.42
C MET A 443 -50.81 -4.30 10.07
N LEU A 444 -50.05 -3.57 10.89
CA LEU A 444 -48.89 -4.07 11.61
C LEU A 444 -49.15 -4.02 13.11
N PRO A 445 -48.33 -4.67 13.94
CA PRO A 445 -48.55 -4.60 15.39
C PRO A 445 -48.10 -3.29 16.00
N ALA A 446 -47.71 -2.33 15.15
CA ALA A 446 -47.25 -1.04 15.67
C ALA A 446 -48.36 -0.25 16.35
N SER A 447 -49.62 -0.62 16.12
CA SER A 447 -50.71 -0.01 16.89
C SER A 447 -50.60 -0.35 18.36
N LEU A 448 -50.06 -1.52 18.69
CA LEU A 448 -49.82 -1.88 20.08
C LEU A 448 -48.61 -1.16 20.65
N ILE A 449 -47.53 -1.06 19.87
CA ILE A 449 -46.31 -0.43 20.36
C ILE A 449 -46.53 1.06 20.63
N GLN A 450 -47.52 1.67 19.99
CA GLN A 450 -47.86 3.06 20.27
C GLN A 450 -48.92 3.18 21.35
N ALA A 451 -49.83 2.21 21.45
CA ALA A 451 -50.78 2.20 22.55
C ALA A 451 -50.08 1.99 23.89
N GLN A 452 -48.93 1.34 23.89
CA GLN A 452 -48.16 1.17 25.11
C GLN A 452 -47.63 2.51 25.62
N ARG A 453 -47.06 3.32 24.70
CA ARG A 453 -46.50 4.61 25.10
C ARG A 453 -47.59 5.53 25.64
N ASP A 454 -48.77 5.52 25.03
CA ASP A 454 -49.90 6.25 25.57
C ASP A 454 -50.36 5.69 26.92
N TYR A 455 -50.09 4.41 27.18
CA TYR A 455 -50.47 3.81 28.46
C TYR A 455 -49.52 4.27 29.57
N PHE A 456 -48.22 3.97 29.45
CA PHE A 456 -47.29 4.28 30.53
C PHE A 456 -46.89 5.74 30.57
N GLY A 457 -47.12 6.49 29.49
CA GLY A 457 -46.75 7.89 29.43
C GLY A 457 -47.90 8.74 28.90
N ALA A 458 -47.67 10.05 28.93
CA ALA A 458 -48.63 11.01 28.40
C ALA A 458 -48.61 11.10 26.88
N HIS A 459 -47.95 10.14 26.21
CA HIS A 459 -47.87 10.16 24.76
C HIS A 459 -49.25 9.98 24.15
N THR A 460 -49.36 10.31 22.86
CA THR A 460 -50.63 10.33 22.17
C THR A 460 -50.59 9.43 20.94
N TYR A 461 -51.77 9.00 20.51
CA TYR A 461 -51.91 8.11 19.36
C TYR A 461 -52.96 8.66 18.41
N GLU A 462 -52.94 8.17 17.18
CA GLU A 462 -53.91 8.53 16.16
C GLU A 462 -54.92 7.41 15.98
N LEU A 463 -55.95 7.69 15.18
CA LEU A 463 -56.92 6.70 14.76
C LEU A 463 -56.97 6.64 13.24
N LEU A 464 -57.47 5.51 12.72
CA LEU A 464 -57.49 5.30 11.28
C LEU A 464 -58.37 6.34 10.58
N ALA A 465 -59.50 6.68 11.19
CA ALA A 465 -60.48 7.58 10.59
C ALA A 465 -60.21 9.05 10.90
N LYS A 466 -59.05 9.37 11.48
CA LYS A 466 -58.69 10.76 11.75
C LYS A 466 -57.18 10.92 11.81
N PRO A 467 -56.52 11.01 10.66
CA PRO A 467 -55.05 11.19 10.65
C PRO A 467 -54.68 12.64 10.91
N GLY A 468 -53.92 12.87 11.98
CA GLY A 468 -53.48 14.22 12.29
C GLY A 468 -53.82 14.69 13.70
N GLN A 469 -54.78 14.02 14.34
CA GLN A 469 -55.21 14.39 15.68
C GLN A 469 -54.68 13.36 16.68
N PHE A 470 -54.11 13.86 17.77
CA PHE A 470 -53.42 13.05 18.76
C PHE A 470 -54.26 12.94 20.02
N ILE A 471 -54.52 11.73 20.49
CA ILE A 471 -55.44 11.48 21.58
C ILE A 471 -54.72 10.80 22.74
N HIS A 472 -55.20 11.07 23.96
CA HIS A 472 -54.79 10.34 25.15
C HIS A 472 -56.03 9.73 25.79
N THR A 473 -55.87 8.49 26.26
CA THR A 473 -56.95 7.75 26.92
C THR A 473 -56.59 7.53 28.38
N ASN A 474 -57.59 7.66 29.26
CA ASN A 474 -57.40 7.39 30.68
C ASN A 474 -57.44 5.88 30.90
N TRP A 475 -56.35 5.23 30.48
CA TRP A 475 -56.26 3.76 30.58
C TRP A 475 -56.35 3.29 32.02
N THR A 476 -55.83 4.08 32.97
CA THR A 476 -55.79 3.69 34.38
C THR A 476 -57.19 3.50 34.95
N ALA B 8 -26.11 27.10 57.13
CA ALA B 8 -26.28 25.95 56.26
C ALA B 8 -27.28 24.97 56.84
N GLN B 9 -28.52 25.00 56.32
CA GLN B 9 -29.59 24.15 56.82
C GLN B 9 -30.20 23.24 55.76
N ALA B 10 -29.98 23.50 54.47
CA ALA B 10 -30.51 22.67 53.41
C ALA B 10 -29.49 21.60 53.04
N ASP B 11 -29.99 20.36 52.84
CA ASP B 11 -29.09 19.25 52.56
C ASP B 11 -28.66 19.23 51.10
N ILE B 12 -29.57 19.60 50.19
CA ILE B 12 -29.30 19.50 48.75
C ILE B 12 -30.11 20.58 48.04
N ALA B 13 -29.66 20.92 46.82
CA ALA B 13 -30.34 21.89 45.98
C ALA B 13 -30.60 21.27 44.62
N LEU B 14 -31.64 21.76 43.95
CA LEU B 14 -32.03 21.28 42.64
C LEU B 14 -32.36 22.46 41.75
N ILE B 15 -31.71 22.54 40.59
CA ILE B 15 -31.91 23.62 39.63
C ILE B 15 -32.77 23.09 38.49
N GLY B 16 -33.82 23.82 38.16
CA GLY B 16 -34.76 23.40 37.13
C GLY B 16 -36.10 22.98 37.69
N LEU B 17 -37.02 23.94 37.83
CA LEU B 17 -38.31 23.69 38.46
C LEU B 17 -39.36 23.31 37.39
N ALA B 18 -39.11 22.17 36.76
CA ALA B 18 -40.09 21.54 35.88
C ALA B 18 -40.73 20.36 36.60
N VAL B 19 -41.73 19.77 35.95
CA VAL B 19 -42.47 18.65 36.57
C VAL B 19 -41.52 17.54 36.99
N MET B 20 -40.45 17.32 36.22
CA MET B 20 -39.44 16.33 36.61
C MET B 20 -38.65 16.82 37.83
N GLY B 21 -38.15 18.06 37.77
CA GLY B 21 -37.38 18.58 38.88
C GLY B 21 -38.21 18.81 40.13
N GLN B 22 -39.47 19.23 39.96
CA GLN B 22 -40.34 19.44 41.11
C GLN B 22 -40.62 18.13 41.84
N ASN B 23 -40.89 17.06 41.09
CA ASN B 23 -41.22 15.79 41.72
C ASN B 23 -40.03 15.23 42.49
N LEU B 24 -38.82 15.40 41.97
CA LEU B 24 -37.63 14.95 42.70
C LEU B 24 -37.44 15.75 43.98
N ILE B 25 -37.77 17.04 43.95
CA ILE B 25 -37.68 17.86 45.16
C ILE B 25 -38.72 17.42 46.18
N LEU B 26 -39.96 17.23 45.73
CA LEU B 26 -41.00 16.75 46.63
C LEU B 26 -40.70 15.35 47.14
N ASN B 27 -40.05 14.52 46.32
CA ASN B 27 -39.66 13.19 46.75
C ASN B 27 -38.63 13.27 47.88
N MET B 28 -37.62 14.13 47.72
CA MET B 28 -36.63 14.31 48.78
C MET B 28 -37.23 14.96 50.01
N ASN B 29 -38.27 15.78 49.83
CA ASN B 29 -38.93 16.38 50.99
C ASN B 29 -39.72 15.34 51.77
N ASP B 30 -40.41 14.44 51.06
CA ASP B 30 -41.16 13.38 51.73
C ASP B 30 -40.25 12.42 52.48
N HIS B 31 -38.95 12.41 52.17
CA HIS B 31 -37.98 11.63 52.91
C HIS B 31 -37.21 12.46 53.93
N GLY B 32 -37.67 13.68 54.21
CA GLY B 32 -37.14 14.47 55.30
C GLY B 32 -35.93 15.32 54.97
N PHE B 33 -35.66 15.58 53.69
CA PHE B 33 -34.51 16.37 53.29
C PHE B 33 -34.95 17.79 52.94
N VAL B 34 -34.24 18.77 53.48
CA VAL B 34 -34.50 20.17 53.17
C VAL B 34 -33.84 20.48 51.83
N VAL B 35 -34.66 20.78 50.82
CA VAL B 35 -34.19 21.00 49.46
C VAL B 35 -34.30 22.48 49.13
N CYS B 36 -33.25 23.03 48.53
CA CYS B 36 -33.22 24.42 48.09
C CYS B 36 -33.55 24.47 46.61
N ALA B 37 -34.74 24.95 46.28
CA ALA B 37 -35.19 25.02 44.90
C ALA B 37 -34.64 26.28 44.22
N PHE B 38 -34.37 26.16 42.93
CA PHE B 38 -33.83 27.28 42.15
C PHE B 38 -34.16 27.05 40.69
N ASN B 39 -34.19 28.15 39.93
CA ASN B 39 -34.47 28.10 38.50
C ASN B 39 -33.78 29.28 37.84
N ARG B 40 -33.45 29.12 36.55
CA ARG B 40 -32.84 30.21 35.80
C ARG B 40 -33.73 31.45 35.82
N THR B 41 -35.02 31.26 35.63
CA THR B 41 -36.01 32.31 35.89
C THR B 41 -36.46 32.16 37.34
N VAL B 42 -36.03 33.08 38.20
CA VAL B 42 -36.31 33.01 39.62
C VAL B 42 -37.80 33.12 39.93
N SER B 43 -38.62 33.45 38.93
CA SER B 43 -40.06 33.59 39.16
C SER B 43 -40.71 32.26 39.51
N LYS B 44 -40.19 31.15 38.97
CA LYS B 44 -40.75 29.85 39.28
C LYS B 44 -40.45 29.41 40.71
N VAL B 45 -39.47 30.04 41.37
CA VAL B 45 -39.14 29.67 42.74
C VAL B 45 -40.30 29.98 43.68
N ASP B 46 -40.63 31.26 43.81
CA ASP B 46 -41.74 31.67 44.68
C ASP B 46 -43.06 31.07 44.20
N ASP B 47 -43.20 30.82 42.90
CA ASP B 47 -44.40 30.17 42.39
C ASP B 47 -44.48 28.73 42.86
N PHE B 48 -43.36 28.00 42.81
CA PHE B 48 -43.34 26.60 43.24
C PHE B 48 -43.41 26.47 44.75
N LEU B 49 -42.93 27.48 45.49
CA LEU B 49 -42.93 27.42 46.94
C LEU B 49 -44.29 27.67 47.56
N ALA B 50 -45.23 28.25 46.81
CA ALA B 50 -46.55 28.59 47.34
C ALA B 50 -47.66 27.74 46.74
N ASN B 51 -47.31 26.56 46.21
CA ASN B 51 -48.32 25.68 45.63
C ASN B 51 -48.06 24.23 46.02
N GLU B 52 -47.38 23.48 45.15
CA GLU B 52 -47.06 22.08 45.46
C GLU B 52 -46.02 21.95 46.58
N ALA B 53 -45.40 23.05 47.00
CA ALA B 53 -44.47 23.03 48.11
C ALA B 53 -44.95 23.89 49.28
N LYS B 54 -46.25 24.21 49.32
CA LYS B 54 -46.82 25.00 50.39
C LYS B 54 -46.99 24.11 51.62
N GLY B 55 -46.22 24.39 52.66
CA GLY B 55 -46.25 23.59 53.87
C GLY B 55 -45.20 22.51 53.97
N THR B 56 -44.10 22.63 53.24
CA THR B 56 -43.04 21.64 53.25
C THR B 56 -41.75 22.28 53.77
N LYS B 57 -40.72 21.45 53.93
CA LYS B 57 -39.41 21.91 54.35
C LYS B 57 -38.61 22.52 53.20
N VAL B 58 -39.22 22.69 52.03
CA VAL B 58 -38.51 23.19 50.86
C VAL B 58 -38.25 24.68 51.01
N VAL B 59 -37.00 25.07 50.77
CA VAL B 59 -36.63 26.48 50.76
C VAL B 59 -36.28 26.87 49.33
N GLY B 60 -36.21 28.19 49.08
CA GLY B 60 -35.92 28.70 47.76
C GLY B 60 -34.80 29.73 47.81
N ALA B 61 -34.29 30.05 46.62
CA ALA B 61 -33.24 31.05 46.47
C ALA B 61 -33.45 31.81 45.17
N GLN B 62 -33.10 33.09 45.18
CA GLN B 62 -33.24 33.95 44.02
C GLN B 62 -31.90 34.24 43.34
N SER B 63 -30.84 33.54 43.72
CA SER B 63 -29.54 33.71 43.10
C SER B 63 -28.69 32.47 43.37
N LEU B 64 -27.72 32.23 42.51
CA LEU B 64 -26.83 31.08 42.69
C LEU B 64 -25.98 31.24 43.93
N LYS B 65 -25.54 32.46 44.23
CA LYS B 65 -24.74 32.69 45.44
C LYS B 65 -25.56 32.41 46.69
N GLU B 66 -26.83 32.83 46.71
CA GLU B 66 -27.70 32.52 47.83
C GLU B 66 -27.92 31.02 47.97
N MET B 67 -28.15 30.34 46.83
CA MET B 67 -28.36 28.89 46.86
C MET B 67 -27.14 28.17 47.41
N VAL B 68 -25.95 28.54 46.93
CA VAL B 68 -24.72 27.92 47.40
C VAL B 68 -24.51 28.18 48.89
N SER B 69 -24.93 29.36 49.37
CA SER B 69 -24.72 29.73 50.76
C SER B 69 -25.68 29.08 51.73
N LYS B 70 -26.68 28.33 51.24
CA LYS B 70 -27.69 27.72 52.10
C LYS B 70 -27.56 26.21 52.20
N LEU B 71 -26.48 25.64 51.66
CA LEU B 71 -26.30 24.20 51.60
C LEU B 71 -25.20 23.75 52.56
N LYS B 72 -25.46 22.66 53.28
CA LYS B 72 -24.47 22.11 54.19
C LYS B 72 -23.39 21.38 53.40
N LYS B 73 -22.13 21.65 53.73
CA LYS B 73 -21.01 21.10 52.99
C LYS B 73 -20.78 19.63 53.33
N PRO B 74 -20.33 18.82 52.35
CA PRO B 74 -20.08 19.18 50.95
C PRO B 74 -21.35 19.49 50.17
N ARG B 75 -21.36 20.63 49.49
CA ARG B 75 -22.55 21.08 48.79
C ARG B 75 -22.88 20.16 47.63
N ARG B 76 -24.17 19.90 47.45
CA ARG B 76 -24.66 18.96 46.43
C ARG B 76 -25.71 19.66 45.58
N ILE B 77 -25.40 19.83 44.30
CA ILE B 77 -26.28 20.49 43.34
C ILE B 77 -26.77 19.45 42.34
N ILE B 78 -28.08 19.43 42.11
CA ILE B 78 -28.69 18.59 41.09
C ILE B 78 -29.15 19.48 39.95
N LEU B 79 -28.70 19.17 38.73
CA LEU B 79 -29.04 19.93 37.54
C LEU B 79 -30.10 19.18 36.75
N LEU B 80 -31.27 19.79 36.59
CA LEU B 80 -32.34 19.20 35.78
C LEU B 80 -32.77 20.17 34.70
N VAL B 81 -31.80 20.76 34.00
CA VAL B 81 -32.08 21.68 32.92
C VAL B 81 -31.98 20.93 31.60
N LYS B 82 -32.34 21.60 30.51
CA LYS B 82 -32.30 20.96 29.20
C LYS B 82 -30.88 20.57 28.82
N ALA B 83 -30.74 19.35 28.30
CA ALA B 83 -29.43 18.86 27.88
C ALA B 83 -28.87 19.73 26.76
N GLY B 84 -27.58 20.05 26.88
CA GLY B 84 -26.92 20.88 25.89
C GLY B 84 -26.11 22.01 26.50
N GLN B 85 -26.18 23.19 25.88
CA GLN B 85 -25.42 24.34 26.37
C GLN B 85 -25.92 24.82 27.72
N ALA B 86 -27.19 24.55 28.07
CA ALA B 86 -27.73 25.01 29.34
C ALA B 86 -26.98 24.41 30.52
N VAL B 87 -26.60 23.12 30.42
CA VAL B 87 -25.88 22.49 31.50
C VAL B 87 -24.50 23.11 31.67
N ASP B 88 -23.79 23.34 30.56
CA ASP B 88 -22.47 23.95 30.65
C ASP B 88 -22.52 25.38 31.18
N ASP B 89 -23.62 26.10 30.90
CA ASP B 89 -23.75 27.46 31.40
C ASP B 89 -23.85 27.49 32.92
N PHE B 90 -24.69 26.61 33.48
CA PHE B 90 -24.82 26.55 34.94
C PHE B 90 -23.54 26.07 35.60
N ILE B 91 -22.79 25.18 34.95
CA ILE B 91 -21.53 24.72 35.52
C ILE B 91 -20.52 25.87 35.57
N GLU B 92 -20.42 26.63 34.48
CA GLU B 92 -19.51 27.77 34.45
C GLU B 92 -19.91 28.82 35.49
N LYS B 93 -21.21 28.97 35.76
CA LYS B 93 -21.68 29.92 36.75
C LYS B 93 -21.61 29.39 38.17
N LEU B 94 -21.39 28.09 38.35
CA LEU B 94 -21.31 27.49 39.68
C LEU B 94 -19.88 27.27 40.17
N VAL B 95 -18.93 27.05 39.26
CA VAL B 95 -17.57 26.72 39.66
C VAL B 95 -16.93 27.81 40.54
N PRO B 96 -16.99 29.09 40.17
CA PRO B 96 -16.39 30.11 41.05
C PRO B 96 -17.09 30.25 42.39
N LEU B 97 -18.34 29.80 42.52
CA LEU B 97 -19.08 29.90 43.76
C LEU B 97 -18.89 28.70 44.67
N LEU B 98 -18.36 27.59 44.16
CA LEU B 98 -18.21 26.36 44.92
C LEU B 98 -16.79 26.23 45.45
N ASP B 99 -16.66 25.51 46.57
CA ASP B 99 -15.39 25.20 47.18
C ASP B 99 -14.91 23.83 46.72
N THR B 100 -13.61 23.58 46.87
CA THR B 100 -13.03 22.31 46.47
C THR B 100 -13.64 21.17 47.26
N GLY B 101 -14.26 20.22 46.55
CA GLY B 101 -14.97 19.12 47.16
C GLY B 101 -16.47 19.16 46.97
N ASP B 102 -17.01 20.23 46.38
CA ASP B 102 -18.44 20.31 46.15
C ASP B 102 -18.84 19.39 45.01
N ILE B 103 -20.15 19.14 44.91
CA ILE B 103 -20.70 18.14 44.02
C ILE B 103 -21.72 18.77 43.10
N ILE B 104 -21.57 18.54 41.79
CA ILE B 104 -22.54 18.95 40.78
C ILE B 104 -23.09 17.67 40.14
N ILE B 105 -24.41 17.53 40.14
CA ILE B 105 -25.07 16.33 39.64
C ILE B 105 -25.96 16.73 38.47
N ASP B 106 -25.68 16.16 37.30
CA ASP B 106 -26.51 16.37 36.11
C ASP B 106 -27.47 15.19 35.99
N GLY B 107 -28.75 15.46 36.17
CA GLY B 107 -29.78 14.44 36.09
C GLY B 107 -30.56 14.41 34.79
N GLY B 108 -30.19 15.23 33.81
CA GLY B 108 -30.88 15.26 32.55
C GLY B 108 -30.38 14.19 31.59
N ASN B 109 -31.04 14.12 30.43
CA ASN B 109 -30.69 13.16 29.39
C ASN B 109 -29.52 13.68 28.54
N SER B 110 -28.40 13.91 29.22
CA SER B 110 -27.22 14.46 28.57
C SER B 110 -26.45 13.39 27.82
N GLU B 111 -25.84 13.78 26.71
CA GLU B 111 -25.01 12.86 25.94
C GLU B 111 -23.79 12.47 26.76
N TYR B 112 -23.48 11.17 26.77
CA TYR B 112 -22.44 10.66 27.67
C TYR B 112 -21.07 11.24 27.34
N ARG B 113 -20.81 11.55 26.06
CA ARG B 113 -19.54 12.18 25.70
C ARG B 113 -19.39 13.54 26.35
N ASP B 114 -20.49 14.28 26.49
CA ASP B 114 -20.43 15.55 27.20
C ASP B 114 -20.21 15.34 28.69
N THR B 115 -20.91 14.36 29.28
CA THR B 115 -20.75 14.09 30.70
C THR B 115 -19.32 13.68 31.03
N THR B 116 -18.69 12.91 30.14
CA THR B 116 -17.29 12.55 30.33
C THR B 116 -16.39 13.78 30.28
N ARG B 117 -16.62 14.66 29.30
CA ARG B 117 -15.82 15.87 29.18
C ARG B 117 -15.99 16.77 30.40
N ARG B 118 -17.22 16.95 30.86
CA ARG B 118 -17.45 17.77 32.06
C ARG B 118 -16.85 17.12 33.30
N CYS B 119 -16.84 15.79 33.36
CA CYS B 119 -16.32 15.10 34.53
C CYS B 119 -14.81 15.32 34.67
N ARG B 120 -14.07 15.24 33.57
CA ARG B 120 -12.62 15.45 33.65
C ARG B 120 -12.29 16.91 33.90
N ASP B 121 -12.99 17.83 33.23
CA ASP B 121 -12.70 19.25 33.39
C ASP B 121 -13.00 19.73 34.81
N LEU B 122 -14.02 19.17 35.46
CA LEU B 122 -14.34 19.57 36.82
C LEU B 122 -13.47 18.85 37.85
N LYS B 123 -13.01 17.63 37.53
CA LYS B 123 -12.09 16.94 38.43
C LYS B 123 -10.77 17.69 38.56
N ALA B 124 -10.31 18.32 37.48
CA ALA B 124 -9.09 19.10 37.53
C ALA B 124 -9.26 20.37 38.37
N LYS B 125 -10.48 20.90 38.44
CA LYS B 125 -10.76 22.09 39.22
C LYS B 125 -11.21 21.77 40.65
N GLY B 126 -11.09 20.51 41.07
CA GLY B 126 -11.44 20.13 42.42
C GLY B 126 -12.92 19.96 42.68
N ILE B 127 -13.75 19.95 41.65
CA ILE B 127 -15.20 19.80 41.78
C ILE B 127 -15.58 18.37 41.41
N LEU B 128 -16.46 17.77 42.22
CA LEU B 128 -16.93 16.42 41.99
C LEU B 128 -18.16 16.47 41.09
N PHE B 129 -18.03 15.98 39.87
CA PHE B 129 -19.15 15.97 38.92
C PHE B 129 -19.74 14.57 38.83
N VAL B 130 -21.07 14.51 38.75
CA VAL B 130 -21.80 13.25 38.66
C VAL B 130 -22.82 13.36 37.55
N GLY B 131 -22.76 12.44 36.58
CA GLY B 131 -23.78 12.35 35.56
C GLY B 131 -24.70 11.17 35.84
N SER B 132 -25.96 11.45 36.14
CA SER B 132 -26.90 10.43 36.59
C SER B 132 -28.06 10.32 35.61
N GLY B 133 -28.48 9.08 35.36
CA GLY B 133 -29.67 8.83 34.55
C GLY B 133 -30.89 8.67 35.42
N VAL B 134 -31.99 9.30 35.00
CA VAL B 134 -33.24 9.29 35.74
C VAL B 134 -34.35 8.84 34.79
N SER B 135 -34.95 7.69 35.07
CA SER B 135 -36.04 7.14 34.27
C SER B 135 -37.24 6.86 35.15
N GLY B 136 -38.43 7.13 34.63
CA GLY B 136 -39.66 6.91 35.37
C GLY B 136 -40.70 7.97 35.12
N GLY B 137 -40.37 8.95 34.29
CA GLY B 137 -41.32 10.01 34.01
C GLY B 137 -41.55 10.90 35.21
N GLU B 138 -42.77 11.45 35.29
CA GLU B 138 -43.13 12.34 36.38
C GLU B 138 -43.56 11.56 37.62
N GLU B 139 -44.40 10.54 37.44
CA GLU B 139 -44.87 9.75 38.57
C GLU B 139 -43.71 9.00 39.22
N GLY B 140 -42.74 8.54 38.41
CA GLY B 140 -41.57 7.90 38.97
C GLY B 140 -40.72 8.85 39.79
N ALA B 141 -40.48 10.05 39.25
CA ALA B 141 -39.68 11.05 39.97
C ALA B 141 -40.36 11.54 41.24
N ARG B 142 -41.63 11.20 41.46
CA ARG B 142 -42.35 11.69 42.62
C ARG B 142 -42.24 10.74 43.82
N TYR B 143 -42.32 9.43 43.59
CA TYR B 143 -42.32 8.47 44.69
C TYR B 143 -41.18 7.46 44.64
N GLY B 144 -40.46 7.36 43.53
CA GLY B 144 -39.36 6.43 43.43
C GLY B 144 -38.88 6.24 42.01
N PRO B 145 -37.92 7.06 41.59
CA PRO B 145 -37.36 6.94 40.25
C PRO B 145 -36.17 5.99 40.21
N SER B 146 -35.82 5.58 38.99
CA SER B 146 -34.64 4.76 38.76
C SER B 146 -33.45 5.67 38.49
N LEU B 147 -32.47 5.62 39.38
CA LEU B 147 -31.31 6.51 39.34
C LEU B 147 -30.07 5.72 38.95
N MET B 148 -29.35 6.22 37.93
CA MET B 148 -28.16 5.57 37.39
C MET B 148 -27.00 6.57 37.46
N PRO B 149 -26.44 6.79 38.65
CA PRO B 149 -25.38 7.78 38.80
C PRO B 149 -24.02 7.26 38.36
N GLY B 150 -23.23 8.17 37.82
CA GLY B 150 -21.87 7.84 37.39
C GLY B 150 -21.05 9.09 37.21
N GLY B 151 -19.73 8.90 37.19
CA GLY B 151 -18.82 10.02 37.02
C GLY B 151 -17.60 9.95 37.93
N ASN B 152 -17.68 10.62 39.07
CA ASN B 152 -16.58 10.66 40.05
C ASN B 152 -17.05 9.94 41.31
N LYS B 153 -16.48 8.76 41.58
CA LYS B 153 -16.91 7.97 42.72
C LYS B 153 -16.62 8.67 44.04
N GLU B 154 -15.77 9.70 44.04
CA GLU B 154 -15.50 10.43 45.27
C GLU B 154 -16.74 11.12 45.81
N ALA B 155 -17.69 11.44 44.92
CA ALA B 155 -18.96 12.05 45.33
C ALA B 155 -20.01 11.01 45.71
N TRP B 156 -19.75 9.73 45.47
CA TRP B 156 -20.72 8.70 45.83
C TRP B 156 -20.99 8.60 47.33
N PRO B 157 -20.00 8.66 48.23
CA PRO B 157 -20.33 8.55 49.66
C PRO B 157 -21.25 9.64 50.19
N HIS B 158 -21.35 10.77 49.50
CA HIS B 158 -22.21 11.86 49.95
C HIS B 158 -23.61 11.80 49.36
N ILE B 159 -23.72 11.46 48.07
CA ILE B 159 -25.03 11.38 47.42
C ILE B 159 -25.67 10.02 47.58
N LYS B 160 -24.95 9.02 48.10
CA LYS B 160 -25.52 7.70 48.30
C LYS B 160 -26.71 7.74 49.26
N THR B 161 -26.64 8.62 50.27
CA THR B 161 -27.70 8.67 51.27
C THR B 161 -29.00 9.21 50.69
N ILE B 162 -28.92 10.28 49.91
CA ILE B 162 -30.14 10.91 49.39
C ILE B 162 -30.66 10.17 48.17
N PHE B 163 -29.76 9.73 47.28
CA PHE B 163 -30.19 9.06 46.06
C PHE B 163 -30.88 7.73 46.37
N GLN B 164 -30.23 6.88 47.18
CA GLN B 164 -30.81 5.59 47.52
C GLN B 164 -32.09 5.74 48.34
N GLY B 165 -32.20 6.80 49.13
CA GLY B 165 -33.41 7.00 49.92
C GLY B 165 -34.62 7.29 49.07
N ILE B 166 -34.47 8.15 48.05
CA ILE B 166 -35.59 8.52 47.21
C ILE B 166 -35.77 7.59 46.02
N ALA B 167 -34.79 6.74 45.72
CA ALA B 167 -34.89 5.86 44.56
C ALA B 167 -36.01 4.84 44.76
N ALA B 168 -36.43 4.23 43.65
CA ALA B 168 -37.47 3.22 43.70
C ALA B 168 -36.99 2.00 44.49
N LYS B 169 -37.91 1.38 45.23
CA LYS B 169 -37.61 0.19 46.00
C LYS B 169 -37.92 -1.05 45.17
N VAL B 170 -36.98 -1.99 45.15
CA VAL B 170 -37.08 -3.12 44.24
C VAL B 170 -37.95 -4.23 44.82
N GLY B 171 -37.98 -4.38 46.14
CA GLY B 171 -38.77 -5.42 46.76
C GLY B 171 -38.02 -6.22 47.80
N THR B 172 -36.72 -6.39 47.61
CA THR B 172 -35.86 -7.06 48.59
C THR B 172 -35.20 -6.09 49.55
N GLY B 173 -35.63 -4.82 49.55
CA GLY B 173 -35.08 -3.80 50.41
C GLY B 173 -34.01 -2.95 49.77
N GLU B 174 -33.31 -3.48 48.77
CA GLU B 174 -32.27 -2.71 48.11
C GLU B 174 -32.87 -1.57 47.31
N PRO B 175 -32.15 -0.44 47.21
CA PRO B 175 -32.59 0.64 46.35
C PRO B 175 -32.12 0.47 44.91
N CYS B 176 -32.93 0.96 43.98
CA CYS B 176 -32.60 0.91 42.55
C CYS B 176 -31.68 2.07 42.18
N CYS B 177 -30.55 2.13 42.87
CA CYS B 177 -29.58 3.21 42.67
C CYS B 177 -28.25 2.79 43.29
N ASP B 178 -27.27 2.50 42.44
CA ASP B 178 -25.93 2.18 42.88
C ASP B 178 -24.95 2.88 41.95
N TRP B 179 -23.67 2.79 42.28
CA TRP B 179 -22.65 3.41 41.43
C TRP B 179 -22.51 2.63 40.13
N VAL B 180 -22.62 3.33 39.00
CA VAL B 180 -22.54 2.71 37.69
C VAL B 180 -21.08 2.60 37.26
N GLY B 181 -20.43 3.75 37.10
CA GLY B 181 -19.05 3.76 36.65
C GLY B 181 -18.51 5.17 36.63
N ASP B 182 -17.36 5.32 35.98
CA ASP B 182 -16.65 6.59 35.95
C ASP B 182 -16.94 7.35 34.66
N GLU B 183 -16.86 8.68 34.75
CA GLU B 183 -16.95 9.58 33.60
C GLU B 183 -18.28 9.42 32.86
N GLY B 184 -19.37 9.47 33.62
CA GLY B 184 -20.69 9.45 33.02
C GLY B 184 -21.08 8.15 32.35
N ALA B 185 -20.71 7.01 32.94
CA ALA B 185 -21.16 5.73 32.43
C ALA B 185 -22.66 5.54 32.65
N GLY B 186 -23.26 6.27 33.59
CA GLY B 186 -24.68 6.13 33.83
C GLY B 186 -25.52 6.69 32.70
N HIS B 187 -25.10 7.82 32.13
CA HIS B 187 -25.79 8.35 30.96
C HIS B 187 -25.69 7.39 29.78
N PHE B 188 -24.54 6.74 29.63
CA PHE B 188 -24.41 5.69 28.62
C PHE B 188 -25.34 4.51 28.96
N VAL B 189 -25.45 4.17 30.25
CA VAL B 189 -26.38 3.13 30.66
C VAL B 189 -27.82 3.57 30.40
N LYS B 190 -28.11 4.85 30.62
CA LYS B 190 -29.44 5.37 30.31
C LYS B 190 -29.75 5.25 28.82
N MET B 191 -28.74 5.41 27.97
CA MET B 191 -28.96 5.26 26.52
C MET B 191 -29.25 3.81 26.17
N VAL B 192 -28.39 2.88 26.61
CA VAL B 192 -28.62 1.45 26.35
C VAL B 192 -29.96 1.02 26.93
N HIS B 193 -30.36 1.61 28.06
CA HIS B 193 -31.68 1.33 28.63
C HIS B 193 -32.78 1.71 27.65
N ASN B 194 -32.61 2.81 26.91
CA ASN B 194 -33.64 3.23 25.97
C ASN B 194 -33.74 2.28 24.79
N GLY B 195 -32.61 1.75 24.32
CA GLY B 195 -32.65 0.82 23.21
C GLY B 195 -33.25 -0.51 23.58
N ILE B 196 -32.95 -1.00 24.79
CA ILE B 196 -33.52 -2.27 25.25
C ILE B 196 -35.04 -2.15 25.37
N GLU B 197 -35.53 -0.95 25.67
CA GLU B 197 -36.99 -0.74 25.73
C GLU B 197 -37.63 -0.99 24.37
N TYR B 198 -36.98 -0.54 23.30
CA TYR B 198 -37.52 -0.76 21.96
C TYR B 198 -37.59 -2.25 21.63
N GLY B 199 -36.64 -3.04 22.13
CA GLY B 199 -36.67 -4.47 21.84
C GLY B 199 -37.83 -5.17 22.51
N ASP B 200 -38.01 -4.95 23.81
CA ASP B 200 -39.08 -5.62 24.56
C ASP B 200 -40.44 -5.28 23.98
N MET B 201 -40.68 -4.01 23.64
CA MET B 201 -41.97 -3.61 23.10
C MET B 201 -42.22 -4.23 21.73
N GLN B 202 -41.20 -4.22 20.86
CA GLN B 202 -41.36 -4.83 19.55
C GLN B 202 -41.46 -6.34 19.64
N LEU B 203 -40.72 -6.95 20.57
CA LEU B 203 -40.82 -8.40 20.78
C LEU B 203 -42.24 -8.80 21.17
N ILE B 204 -42.88 -8.01 22.03
CA ILE B 204 -44.25 -8.30 22.43
C ILE B 204 -45.20 -8.12 21.25
N CYS B 205 -44.94 -7.11 20.41
CA CYS B 205 -45.79 -6.87 19.24
C CYS B 205 -45.72 -8.03 18.26
N GLU B 206 -44.54 -8.64 18.11
CA GLU B 206 -44.42 -9.79 17.22
C GLU B 206 -45.19 -10.98 17.76
N ALA B 207 -45.17 -11.18 19.08
CA ALA B 207 -45.95 -12.26 19.67
C ALA B 207 -47.45 -12.00 19.53
N TYR B 208 -47.87 -10.75 19.74
CA TYR B 208 -49.27 -10.39 19.52
C TYR B 208 -49.68 -10.58 18.06
N HIS B 209 -48.73 -10.40 17.13
CA HIS B 209 -49.03 -10.60 15.72
C HIS B 209 -49.27 -12.07 15.40
N LEU B 210 -48.50 -12.96 16.03
CA LEU B 210 -48.68 -14.38 15.78
C LEU B 210 -50.02 -14.87 16.30
N MET B 211 -50.43 -14.42 17.49
CA MET B 211 -51.71 -14.84 18.04
C MET B 211 -52.90 -14.29 17.26
N LYS B 212 -52.71 -13.18 16.53
CA LYS B 212 -53.81 -12.55 15.83
C LYS B 212 -54.00 -13.08 14.42
N ASP B 213 -52.93 -13.55 13.77
CA ASP B 213 -52.99 -13.96 12.37
C ASP B 213 -52.75 -15.45 12.14
N VAL B 214 -52.08 -16.13 13.07
CA VAL B 214 -51.88 -17.57 12.97
C VAL B 214 -52.91 -18.35 13.76
N LEU B 215 -53.19 -17.92 14.99
CA LEU B 215 -54.17 -18.58 15.84
C LEU B 215 -55.56 -17.97 15.73
N GLY B 216 -55.69 -16.83 15.05
CA GLY B 216 -56.97 -16.18 14.85
C GLY B 216 -57.77 -15.92 16.11
N MET B 217 -57.09 -15.54 17.19
CA MET B 217 -57.76 -15.35 18.47
C MET B 217 -58.45 -13.99 18.54
N ALA B 218 -59.33 -13.85 19.53
CA ALA B 218 -60.03 -12.59 19.76
C ALA B 218 -59.23 -11.70 20.70
N GLN B 219 -59.71 -10.46 20.86
CA GLN B 219 -58.98 -9.47 21.65
C GLN B 219 -58.86 -9.90 23.11
N ASP B 220 -59.99 -10.11 23.78
CA ASP B 220 -59.96 -10.47 25.20
C ASP B 220 -59.34 -11.85 25.41
N GLU B 221 -59.42 -12.72 24.42
CA GLU B 221 -58.72 -14.00 24.51
C GLU B 221 -57.21 -13.80 24.46
N MET B 222 -56.75 -12.83 23.67
CA MET B 222 -55.32 -12.51 23.64
C MET B 222 -54.89 -11.82 24.93
N ALA B 223 -55.76 -10.99 25.51
CA ALA B 223 -55.43 -10.35 26.77
C ALA B 223 -55.30 -11.36 27.90
N GLN B 224 -56.12 -12.40 27.89
CA GLN B 224 -56.02 -13.43 28.92
C GLN B 224 -54.75 -14.25 28.76
N ALA B 225 -54.28 -14.44 27.52
CA ALA B 225 -53.04 -15.15 27.30
C ALA B 225 -51.85 -14.36 27.86
N PHE B 226 -51.86 -13.04 27.69
CA PHE B 226 -50.79 -12.23 28.25
C PHE B 226 -50.84 -12.19 29.77
N GLU B 227 -52.05 -12.16 30.34
CA GLU B 227 -52.17 -12.17 31.79
C GLU B 227 -51.65 -13.47 32.38
N ASP B 228 -51.88 -14.59 31.69
CA ASP B 228 -51.26 -15.85 32.09
C ASP B 228 -49.78 -15.87 31.74
N TRP B 229 -49.38 -15.18 30.67
CA TRP B 229 -47.97 -15.03 30.35
C TRP B 229 -47.24 -14.15 31.35
N ASN B 230 -47.97 -13.31 32.09
CA ASN B 230 -47.36 -12.45 33.08
C ASN B 230 -47.24 -13.12 34.44
N LYS B 231 -47.50 -14.42 34.52
CA LYS B 231 -47.34 -15.19 35.74
C LYS B 231 -46.19 -16.19 35.66
N THR B 232 -45.47 -16.23 34.54
CA THR B 232 -44.34 -17.14 34.37
C THR B 232 -43.04 -16.35 34.34
N GLU B 233 -42.09 -16.75 33.49
CA GLU B 233 -40.82 -16.04 33.40
C GLU B 233 -40.94 -14.66 32.80
N LEU B 234 -42.08 -14.32 32.18
CA LEU B 234 -42.24 -13.07 31.46
C LEU B 234 -42.93 -11.99 32.30
N ASP B 235 -42.77 -12.03 33.62
CA ASP B 235 -43.32 -11.01 34.50
C ASP B 235 -42.71 -9.65 34.19
N SER B 236 -43.48 -8.75 33.59
CA SER B 236 -42.99 -7.42 33.28
C SER B 236 -44.15 -6.44 33.20
N PHE B 237 -43.82 -5.16 33.35
CA PHE B 237 -44.84 -4.11 33.27
C PHE B 237 -45.35 -3.95 31.85
N LEU B 238 -44.49 -4.17 30.84
CA LEU B 238 -44.91 -4.05 29.46
C LEU B 238 -45.94 -5.11 29.09
N ILE B 239 -45.87 -6.28 29.72
CA ILE B 239 -46.87 -7.32 29.44
C ILE B 239 -48.14 -7.07 30.23
N GLU B 240 -48.03 -6.51 31.44
CA GLU B 240 -49.22 -6.13 32.19
C GLU B 240 -50.05 -5.11 31.43
N ILE B 241 -49.40 -4.07 30.90
CA ILE B 241 -50.13 -3.05 30.15
C ILE B 241 -50.61 -3.60 28.82
N THR B 242 -49.88 -4.55 28.24
CA THR B 242 -50.30 -5.15 26.97
C THR B 242 -51.62 -5.87 27.13
N ALA B 243 -51.76 -6.67 28.20
CA ALA B 243 -53.02 -7.36 28.46
C ALA B 243 -54.15 -6.37 28.75
N ASN B 244 -53.84 -5.33 29.52
CA ASN B 244 -54.86 -4.33 29.83
C ASN B 244 -55.25 -3.52 28.60
N ILE B 245 -54.32 -3.33 27.66
CA ILE B 245 -54.64 -2.61 26.43
C ILE B 245 -55.54 -3.47 25.53
N LEU B 246 -55.27 -4.77 25.45
CA LEU B 246 -56.07 -5.64 24.59
C LEU B 246 -57.50 -5.78 25.11
N LYS B 247 -57.68 -5.83 26.43
CA LYS B 247 -58.99 -5.99 27.02
C LYS B 247 -59.76 -4.67 27.11
N PHE B 248 -59.10 -3.54 26.90
CA PHE B 248 -59.77 -2.25 27.01
C PHE B 248 -60.89 -2.13 26.00
N GLN B 249 -62.08 -1.75 26.47
CA GLN B 249 -63.25 -1.56 25.63
C GLN B 249 -63.61 -0.08 25.62
N ASP B 250 -63.87 0.47 24.44
CA ASP B 250 -64.11 1.89 24.26
C ASP B 250 -65.49 2.31 24.75
N THR B 251 -66.03 3.39 24.18
CA THR B 251 -67.37 3.83 24.52
C THR B 251 -68.39 2.73 24.23
N ASP B 252 -68.42 2.26 22.99
CA ASP B 252 -69.23 1.10 22.63
C ASP B 252 -68.40 -0.17 22.81
N GLY B 253 -69.10 -1.27 23.10
CA GLY B 253 -68.49 -2.54 23.47
C GLY B 253 -67.31 -2.99 22.63
N LYS B 254 -67.20 -2.47 21.41
CA LYS B 254 -66.08 -2.82 20.54
C LYS B 254 -64.77 -2.32 21.15
N HIS B 255 -63.67 -2.99 20.81
CA HIS B 255 -62.38 -2.64 21.36
C HIS B 255 -61.79 -1.44 20.63
N LEU B 256 -60.79 -0.82 21.26
CA LEU B 256 -60.21 0.42 20.77
C LEU B 256 -58.89 0.23 20.01
N LEU B 257 -58.16 -0.86 20.27
CA LEU B 257 -56.87 -1.03 19.61
C LEU B 257 -56.97 -1.19 18.10
N PRO B 258 -57.90 -1.96 17.53
CA PRO B 258 -58.02 -1.99 16.06
C PRO B 258 -58.33 -0.63 15.44
N LYS B 259 -58.76 0.34 16.24
CA LYS B 259 -59.05 1.68 15.76
C LYS B 259 -57.82 2.60 15.78
N ILE B 260 -56.74 2.19 16.46
CA ILE B 260 -55.55 3.01 16.58
C ILE B 260 -54.72 2.90 15.31
N ARG B 261 -54.20 4.05 14.84
CA ARG B 261 -53.40 4.07 13.63
C ARG B 261 -52.17 3.18 13.79
N ASP B 262 -51.70 2.65 12.66
CA ASP B 262 -50.59 1.69 12.63
C ASP B 262 -49.27 2.38 12.32
N SER B 263 -48.95 3.44 13.04
CA SER B 263 -47.71 4.19 12.83
C SER B 263 -47.09 4.51 14.18
N ALA B 264 -45.82 4.14 14.35
CA ALA B 264 -45.09 4.39 15.58
C ALA B 264 -44.15 5.59 15.38
N GLY B 265 -43.28 5.82 16.35
CA GLY B 265 -42.37 6.94 16.26
C GLY B 265 -41.31 6.74 15.19
N GLN B 266 -40.80 7.86 14.68
CA GLN B 266 -39.76 7.85 13.67
C GLN B 266 -38.45 8.48 14.12
N LYS B 267 -38.51 9.48 15.00
CA LYS B 267 -37.32 10.10 15.57
C LYS B 267 -37.16 9.72 17.05
N GLY B 268 -37.56 8.50 17.41
CA GLY B 268 -37.44 8.07 18.78
C GLY B 268 -35.99 7.97 19.22
N THR B 269 -35.77 8.18 20.52
CA THR B 269 -34.42 8.20 21.07
C THR B 269 -33.75 6.83 21.06
N GLY B 270 -34.49 5.75 20.81
CA GLY B 270 -33.91 4.42 20.85
C GLY B 270 -32.92 4.12 19.76
N LYS B 271 -32.92 4.91 18.67
CA LYS B 271 -32.01 4.66 17.56
C LYS B 271 -30.56 4.90 17.96
N TRP B 272 -30.32 5.83 18.88
CA TRP B 272 -28.94 6.14 19.28
C TRP B 272 -28.27 4.95 19.96
N THR B 273 -29.05 4.03 20.52
CA THR B 273 -28.47 2.80 21.05
C THR B 273 -27.92 1.93 19.92
N ALA B 274 -28.65 1.85 18.80
CA ALA B 274 -28.16 1.10 17.66
C ALA B 274 -27.01 1.82 16.95
N ILE B 275 -27.03 3.15 16.96
CA ILE B 275 -25.93 3.90 16.35
C ILE B 275 -24.66 3.74 17.17
N SER B 276 -24.79 3.73 18.50
CA SER B 276 -23.62 3.46 19.34
C SER B 276 -23.10 2.04 19.13
N ALA B 277 -23.98 1.11 18.76
CA ALA B 277 -23.54 -0.25 18.46
C ALA B 277 -22.74 -0.28 17.16
N LEU B 278 -23.18 0.47 16.15
CA LEU B 278 -22.44 0.54 14.89
C LEU B 278 -21.13 1.31 15.05
N GLU B 279 -21.14 2.37 15.86
CA GLU B 279 -19.92 3.14 16.08
C GLU B 279 -18.85 2.30 16.75
N TYR B 280 -19.25 1.45 17.70
CA TYR B 280 -18.32 0.63 18.45
C TYR B 280 -18.19 -0.79 17.90
N GLY B 281 -18.90 -1.11 16.81
CA GLY B 281 -18.78 -2.42 16.20
C GLY B 281 -19.26 -3.57 17.07
N VAL B 282 -20.41 -3.40 17.71
CA VAL B 282 -20.99 -4.41 18.59
C VAL B 282 -22.26 -4.93 17.93
N PRO B 283 -22.42 -6.25 17.77
CA PRO B 283 -23.60 -6.77 17.09
C PRO B 283 -24.88 -6.67 17.91
N VAL B 284 -25.36 -5.46 18.14
CA VAL B 284 -26.64 -5.25 18.85
C VAL B 284 -27.71 -5.26 17.76
N THR B 285 -28.04 -6.45 17.30
CA THR B 285 -28.90 -6.59 16.12
C THR B 285 -30.37 -6.41 16.45
N LEU B 286 -30.80 -6.90 17.61
CA LEU B 286 -32.23 -6.87 17.94
C LEU B 286 -32.72 -5.43 18.15
N ILE B 287 -31.90 -4.60 18.79
CA ILE B 287 -32.29 -3.20 19.01
C ILE B 287 -32.41 -2.48 17.68
N GLY B 288 -31.47 -2.74 16.75
CA GLY B 288 -31.56 -2.11 15.45
C GLY B 288 -32.80 -2.53 14.67
N GLU B 289 -33.20 -3.80 14.82
CA GLU B 289 -34.42 -4.26 14.15
C GLU B 289 -35.66 -3.60 14.74
N ALA B 290 -35.68 -3.41 16.07
CA ALA B 290 -36.80 -2.72 16.69
C ALA B 290 -36.89 -1.27 16.22
N VAL B 291 -35.75 -0.62 16.02
CA VAL B 291 -35.74 0.75 15.51
C VAL B 291 -36.22 0.77 14.06
N PHE B 292 -35.67 -0.11 13.23
CA PHE B 292 -36.09 -0.19 11.83
C PHE B 292 -37.56 -0.57 11.71
N ALA B 293 -38.08 -1.36 12.66
CA ALA B 293 -39.48 -1.75 12.60
C ALA B 293 -40.40 -0.56 12.78
N ARG B 294 -40.08 0.33 13.72
CA ARG B 294 -40.89 1.54 13.90
C ARG B 294 -40.84 2.42 12.66
N CYS B 295 -39.66 2.53 12.03
CA CYS B 295 -39.54 3.33 10.82
C CYS B 295 -40.33 2.73 9.67
N LEU B 296 -40.42 1.39 9.60
CA LEU B 296 -41.27 0.75 8.61
C LEU B 296 -42.74 1.04 8.88
N SER B 297 -43.11 1.20 10.15
CA SER B 297 -44.50 1.48 10.50
C SER B 297 -44.94 2.86 10.03
N SER B 298 -44.02 3.83 10.02
CA SER B 298 -44.37 5.19 9.61
C SER B 298 -44.77 5.27 8.14
N LEU B 299 -44.43 4.26 7.35
CA LEU B 299 -44.80 4.23 5.93
C LEU B 299 -46.19 3.58 5.76
N LYS B 300 -47.17 4.18 6.42
CA LYS B 300 -48.53 3.65 6.39
C LYS B 300 -49.11 3.70 4.98
N ASP B 301 -48.96 4.85 4.30
CA ASP B 301 -49.51 4.99 2.96
C ASP B 301 -48.84 4.05 1.97
N GLU B 302 -47.54 3.79 2.13
CA GLU B 302 -46.87 2.86 1.23
C GLU B 302 -47.31 1.43 1.49
N ARG B 303 -47.58 1.09 2.75
CA ARG B 303 -48.02 -0.27 3.08
C ARG B 303 -49.47 -0.51 2.67
N ILE B 304 -50.30 0.53 2.65
CA ILE B 304 -51.66 0.38 2.15
C ILE B 304 -51.66 0.08 0.66
N GLN B 305 -50.83 0.80 -0.10
CA GLN B 305 -50.74 0.56 -1.54
C GLN B 305 -50.02 -0.76 -1.82
N ALA B 306 -49.09 -1.17 -0.95
CA ALA B 306 -48.37 -2.42 -1.17
C ALA B 306 -49.26 -3.62 -0.92
N SER B 307 -50.17 -3.52 0.06
CA SER B 307 -51.06 -4.65 0.34
C SER B 307 -51.97 -4.96 -0.83
N LYS B 308 -52.26 -3.95 -1.66
CA LYS B 308 -53.09 -4.17 -2.84
C LYS B 308 -52.30 -4.75 -4.01
N LYS B 309 -50.98 -4.59 -4.01
CA LYS B 309 -50.13 -5.05 -5.11
C LYS B 309 -49.23 -6.22 -4.74
N LEU B 310 -48.67 -6.23 -3.52
CA LEU B 310 -47.80 -7.29 -3.07
C LEU B 310 -48.59 -8.37 -2.35
N LYS B 311 -48.30 -9.63 -2.67
CA LYS B 311 -49.02 -10.75 -2.10
C LYS B 311 -48.12 -11.52 -1.13
N GLY B 312 -48.76 -12.27 -0.23
CA GLY B 312 -48.06 -13.02 0.76
C GLY B 312 -47.92 -14.49 0.41
N PRO B 313 -47.73 -15.34 1.42
CA PRO B 313 -47.55 -16.77 1.15
C PRO B 313 -48.86 -17.41 0.73
N GLN B 314 -48.80 -18.19 -0.35
CA GLN B 314 -49.96 -18.90 -0.84
C GLN B 314 -50.13 -20.21 -0.09
N LYS B 315 -51.34 -20.78 -0.22
CA LYS B 315 -51.72 -22.08 0.34
C LYS B 315 -51.07 -22.41 1.67
N PHE B 316 -51.41 -21.65 2.72
CA PHE B 316 -50.93 -21.92 4.06
C PHE B 316 -52.09 -22.33 4.96
N GLN B 317 -51.81 -23.24 5.88
CA GLN B 317 -52.80 -23.68 6.87
C GLN B 317 -52.07 -24.20 8.09
N PHE B 318 -52.60 -23.87 9.27
CA PHE B 318 -51.95 -24.22 10.53
C PHE B 318 -52.47 -25.56 11.02
N ASP B 319 -51.63 -26.58 10.95
CA ASP B 319 -51.93 -27.91 11.48
C ASP B 319 -51.04 -28.16 12.69
N GLY B 320 -51.66 -28.36 13.85
CA GLY B 320 -50.93 -28.61 15.07
C GLY B 320 -51.82 -28.54 16.28
N ASP B 321 -51.76 -27.42 17.01
CA ASP B 321 -52.60 -27.21 18.19
C ASP B 321 -52.53 -25.76 18.63
N LYS B 322 -53.68 -25.10 18.69
CA LYS B 322 -53.72 -23.68 19.07
C LYS B 322 -53.15 -23.47 20.47
N LYS B 323 -53.43 -24.40 21.38
CA LYS B 323 -52.93 -24.27 22.75
C LYS B 323 -51.47 -24.67 22.89
N SER B 324 -50.93 -25.42 21.93
CA SER B 324 -49.50 -25.73 21.94
C SER B 324 -48.70 -24.59 21.32
N PHE B 325 -49.23 -23.98 20.27
CA PHE B 325 -48.54 -22.85 19.65
C PHE B 325 -48.51 -21.64 20.57
N LEU B 326 -49.48 -21.53 21.48
CA LEU B 326 -49.48 -20.46 22.46
C LEU B 326 -48.39 -20.62 23.52
N GLU B 327 -47.79 -21.80 23.62
CA GLU B 327 -46.64 -22.01 24.49
C GLU B 327 -45.31 -21.91 23.76
N ASP B 328 -45.31 -22.11 22.44
CA ASP B 328 -44.09 -21.91 21.65
C ASP B 328 -43.82 -20.43 21.43
N ILE B 329 -44.87 -19.64 21.22
CA ILE B 329 -44.71 -18.19 21.08
C ILE B 329 -44.13 -17.60 22.36
N ARG B 330 -44.57 -18.11 23.52
CA ARG B 330 -44.08 -17.60 24.79
C ARG B 330 -42.60 -17.87 24.96
N LYS B 331 -42.17 -19.11 24.70
CA LYS B 331 -40.76 -19.46 24.86
C LYS B 331 -39.89 -18.74 23.84
N ALA B 332 -40.42 -18.49 22.64
CA ALA B 332 -39.67 -17.73 21.64
C ALA B 332 -39.56 -16.27 22.06
N LEU B 333 -40.62 -15.72 22.65
CA LEU B 333 -40.56 -14.36 23.18
C LEU B 333 -39.59 -14.26 24.34
N TYR B 334 -39.47 -15.32 25.14
CA TYR B 334 -38.55 -15.31 26.28
C TYR B 334 -37.11 -15.52 25.85
N ALA B 335 -36.88 -16.41 24.88
CA ALA B 335 -35.52 -16.66 24.42
C ALA B 335 -34.95 -15.48 23.66
N SER B 336 -35.79 -14.80 22.87
CA SER B 336 -35.33 -13.63 22.14
C SER B 336 -34.98 -12.48 23.08
N LYS B 337 -35.76 -12.33 24.16
CA LYS B 337 -35.46 -11.29 25.13
C LYS B 337 -34.12 -11.52 25.81
N ILE B 338 -33.74 -12.78 26.01
CA ILE B 338 -32.43 -13.09 26.57
C ILE B 338 -31.32 -12.67 25.61
N ILE B 339 -31.53 -12.88 24.31
CA ILE B 339 -30.54 -12.47 23.31
C ILE B 339 -30.40 -10.96 23.28
N SER B 340 -31.50 -10.24 23.48
CA SER B 340 -31.46 -8.78 23.46
C SER B 340 -30.59 -8.24 24.60
N TYR B 341 -30.87 -8.69 25.84
CA TYR B 341 -30.08 -8.21 26.97
C TYR B 341 -28.64 -8.70 26.90
N ALA B 342 -28.39 -9.84 26.26
CA ALA B 342 -27.03 -10.29 26.06
C ALA B 342 -26.25 -9.33 25.17
N GLN B 343 -26.91 -8.83 24.11
CA GLN B 343 -26.28 -7.84 23.25
C GLN B 343 -26.11 -6.50 23.95
N GLY B 344 -27.06 -6.14 24.82
CA GLY B 344 -26.97 -4.85 25.50
C GLY B 344 -25.74 -4.75 26.39
N PHE B 345 -25.48 -5.81 27.17
CA PHE B 345 -24.30 -5.82 28.02
C PHE B 345 -23.01 -5.96 27.22
N MET B 346 -23.09 -6.50 25.99
CA MET B 346 -21.92 -6.47 25.11
C MET B 346 -21.58 -5.04 24.72
N LEU B 347 -22.59 -4.22 24.46
CA LEU B 347 -22.34 -2.81 24.16
C LEU B 347 -21.80 -2.08 25.38
N LEU B 348 -22.35 -2.39 26.56
CA LEU B 348 -21.82 -1.81 27.80
C LEU B 348 -20.39 -2.25 28.04
N ARG B 349 -20.08 -3.52 27.73
CA ARG B 349 -18.72 -4.01 27.93
C ARG B 349 -17.73 -3.33 26.99
N GLN B 350 -18.10 -3.14 25.73
CA GLN B 350 -17.19 -2.54 24.77
C GLN B 350 -16.93 -1.07 25.09
N ALA B 351 -17.96 -0.37 25.57
CA ALA B 351 -17.76 1.02 25.99
C ALA B 351 -16.83 1.12 27.18
N ALA B 352 -16.98 0.20 28.14
CA ALA B 352 -16.08 0.18 29.30
C ALA B 352 -14.64 -0.09 28.87
N THR B 353 -14.45 -0.90 27.82
CA THR B 353 -13.10 -1.16 27.33
C THR B 353 -12.54 0.02 26.56
N GLU B 354 -13.39 0.71 25.80
CA GLU B 354 -12.91 1.81 24.97
C GLU B 354 -12.43 2.99 25.82
N PHE B 355 -13.14 3.28 26.91
CA PHE B 355 -12.80 4.41 27.76
C PHE B 355 -12.03 4.04 29.01
N GLY B 356 -12.03 2.75 29.39
CA GLY B 356 -11.37 2.33 30.62
C GLY B 356 -12.24 2.40 31.84
N TRP B 357 -13.54 2.14 31.70
CA TRP B 357 -14.47 2.22 32.82
C TRP B 357 -14.59 0.86 33.52
N THR B 358 -15.05 0.91 34.76
CA THR B 358 -15.33 -0.29 35.56
C THR B 358 -16.81 -0.25 35.92
N LEU B 359 -17.62 -0.98 35.16
CA LEU B 359 -19.07 -0.89 35.29
C LEU B 359 -19.60 -1.90 36.30
N ASN B 360 -20.69 -1.52 36.96
CA ASN B 360 -21.38 -2.39 37.91
C ASN B 360 -22.54 -3.05 37.17
N TYR B 361 -22.21 -4.05 36.36
CA TYR B 361 -23.21 -4.71 35.52
C TYR B 361 -24.35 -5.28 36.36
N GLY B 362 -24.03 -5.81 37.55
CA GLY B 362 -25.08 -6.33 38.41
C GLY B 362 -26.01 -5.23 38.91
N GLY B 363 -25.44 -4.12 39.36
CA GLY B 363 -26.26 -3.00 39.80
C GLY B 363 -27.01 -2.34 38.66
N ILE B 364 -26.42 -2.32 37.46
CA ILE B 364 -27.08 -1.72 36.30
C ILE B 364 -28.40 -2.44 36.04
N ALA B 365 -28.41 -3.77 36.12
CA ALA B 365 -29.65 -4.51 35.96
C ALA B 365 -30.64 -4.20 37.07
N LEU B 366 -30.14 -3.91 38.27
CA LEU B 366 -31.03 -3.56 39.38
C LEU B 366 -31.69 -2.21 39.15
N MET B 367 -30.93 -1.24 38.61
CA MET B 367 -31.48 0.09 38.38
C MET B 367 -32.55 0.08 37.29
N TRP B 368 -32.45 -0.86 36.34
CA TRP B 368 -33.50 -1.03 35.35
C TRP B 368 -34.69 -1.82 35.88
N ARG B 369 -34.51 -2.55 36.99
CA ARG B 369 -35.54 -3.43 37.51
C ARG B 369 -36.60 -2.69 38.32
N GLY B 370 -36.39 -1.42 38.64
CA GLY B 370 -37.36 -0.68 39.42
C GLY B 370 -37.50 0.76 38.99
N GLY B 371 -38.74 1.18 38.68
CA GLY B 371 -39.01 2.53 38.24
C GLY B 371 -39.00 2.70 36.74
N CYS B 372 -38.24 1.89 36.01
CA CYS B 372 -38.21 1.96 34.56
C CYS B 372 -39.44 1.30 33.97
N ILE B 373 -39.56 1.40 32.64
CA ILE B 373 -40.65 0.71 31.95
C ILE B 373 -40.28 -0.74 31.66
N ILE B 374 -38.99 -1.02 31.52
CA ILE B 374 -38.51 -2.36 31.16
C ILE B 374 -38.32 -3.21 32.40
N ARG B 375 -38.84 -2.74 33.54
CA ARG B 375 -38.66 -3.46 34.79
C ARG B 375 -39.31 -4.85 34.73
N SER B 376 -38.62 -5.84 35.30
CA SER B 376 -39.06 -7.22 35.25
C SER B 376 -38.19 -8.04 36.20
N VAL B 377 -38.77 -9.11 36.74
CA VAL B 377 -38.00 -10.04 37.56
C VAL B 377 -36.90 -10.70 36.74
N PHE B 378 -37.10 -10.79 35.43
CA PHE B 378 -36.05 -11.29 34.54
C PHE B 378 -34.79 -10.47 34.65
N LEU B 379 -34.92 -9.15 34.89
CA LEU B 379 -33.74 -8.33 35.15
C LEU B 379 -33.05 -8.72 36.45
N GLY B 380 -33.82 -9.20 37.44
CA GLY B 380 -33.20 -9.68 38.66
C GLY B 380 -32.35 -10.91 38.43
N LYS B 381 -32.74 -11.75 37.47
CA LYS B 381 -31.91 -12.91 37.12
C LYS B 381 -30.60 -12.47 36.47
N ILE B 382 -30.63 -11.35 35.72
CA ILE B 382 -29.38 -10.78 35.22
C ILE B 382 -28.53 -10.28 36.37
N LYS B 383 -29.17 -9.73 37.41
CA LYS B 383 -28.43 -9.32 38.59
C LYS B 383 -27.79 -10.50 39.30
N ASP B 384 -28.51 -11.62 39.40
CA ASP B 384 -27.94 -12.81 40.01
C ASP B 384 -26.78 -13.35 39.19
N ALA B 385 -26.93 -13.39 37.87
CA ALA B 385 -25.85 -13.87 37.01
C ALA B 385 -24.59 -13.03 37.18
N PHE B 386 -24.75 -11.72 37.37
CA PHE B 386 -23.63 -10.83 37.62
C PHE B 386 -23.31 -10.72 39.10
N ASP B 387 -23.91 -11.56 39.95
CA ASP B 387 -23.49 -11.70 41.34
C ASP B 387 -22.58 -12.91 41.55
N ARG B 388 -22.52 -13.81 40.58
CA ARG B 388 -21.73 -15.03 40.71
C ARG B 388 -20.31 -14.87 40.17
N ASN B 389 -20.14 -14.16 39.05
CA ASN B 389 -18.83 -14.04 38.43
C ASN B 389 -18.29 -12.62 38.34
N PRO B 390 -19.11 -11.55 38.60
CA PRO B 390 -18.83 -10.20 38.03
C PRO B 390 -17.72 -10.08 36.99
N GLU B 391 -17.57 -11.08 36.13
CA GLU B 391 -16.63 -11.06 35.03
C GLU B 391 -17.21 -11.75 33.81
N LEU B 392 -18.52 -12.02 33.80
CA LEU B 392 -19.19 -12.71 32.72
C LEU B 392 -19.12 -11.92 31.43
N GLN B 393 -18.37 -12.45 30.45
CA GLN B 393 -18.22 -11.74 29.18
C GLN B 393 -19.46 -11.84 28.30
N ASN B 394 -20.46 -12.64 28.68
CA ASN B 394 -21.68 -12.76 27.91
C ASN B 394 -22.77 -13.46 28.71
N LEU B 395 -23.97 -12.90 28.74
CA LEU B 395 -25.07 -13.54 29.45
C LEU B 395 -25.38 -14.92 28.90
N LEU B 396 -24.99 -15.21 27.65
CA LEU B 396 -25.22 -16.50 27.04
C LEU B 396 -24.16 -17.48 27.50
N LEU B 397 -23.50 -17.18 28.61
CA LEU B 397 -22.42 -18.02 29.13
C LEU B 397 -22.59 -18.31 30.61
N ASP B 398 -23.80 -18.14 31.15
CA ASP B 398 -24.07 -18.42 32.56
C ASP B 398 -25.20 -19.45 32.65
N ASP B 399 -25.35 -20.00 33.86
CA ASP B 399 -26.19 -21.19 34.04
C ASP B 399 -27.66 -20.92 33.73
N PHE B 400 -28.22 -19.85 34.29
CA PHE B 400 -29.66 -19.62 34.15
C PHE B 400 -30.05 -19.35 32.70
N PHE B 401 -29.28 -18.49 32.02
CA PHE B 401 -29.64 -18.12 30.65
C PHE B 401 -29.31 -19.23 29.66
N LYS B 402 -28.17 -19.91 29.85
CA LYS B 402 -27.82 -21.00 28.95
C LYS B 402 -28.86 -22.11 29.00
N SER B 403 -29.38 -22.41 30.19
CA SER B 403 -30.39 -23.46 30.32
C SER B 403 -31.74 -22.99 29.78
N ALA B 404 -32.06 -21.71 29.96
CA ALA B 404 -33.36 -21.20 29.52
C ALA B 404 -33.52 -21.30 28.01
N VAL B 405 -32.44 -21.04 27.27
CA VAL B 405 -32.49 -21.18 25.82
C VAL B 405 -32.64 -22.65 25.43
N GLU B 406 -31.93 -23.54 26.13
CA GLU B 406 -31.95 -24.96 25.77
C GLU B 406 -33.36 -25.54 25.78
N ASN B 407 -34.23 -25.05 26.65
CA ASN B 407 -35.61 -25.48 26.64
C ASN B 407 -36.47 -24.69 25.67
N CYS B 408 -36.17 -23.40 25.49
CA CYS B 408 -36.99 -22.55 24.63
C CYS B 408 -36.60 -22.66 23.17
N GLN B 409 -35.34 -23.00 22.87
CA GLN B 409 -34.85 -22.90 21.49
C GLN B 409 -35.57 -23.86 20.56
N ASP B 410 -36.07 -24.98 21.07
CA ASP B 410 -36.80 -25.92 20.21
C ASP B 410 -38.15 -25.35 19.80
N SER B 411 -38.90 -24.80 20.76
CA SER B 411 -40.11 -24.07 20.43
C SER B 411 -39.82 -22.73 19.78
N TRP B 412 -38.63 -22.17 20.03
CA TRP B 412 -38.21 -20.93 19.38
C TRP B 412 -38.16 -21.11 17.87
N ARG B 413 -37.50 -22.18 17.40
CA ARG B 413 -37.40 -22.43 15.97
C ARG B 413 -38.74 -22.84 15.37
N ARG B 414 -39.62 -23.43 16.18
CA ARG B 414 -40.94 -23.80 15.67
C ARG B 414 -41.79 -22.56 15.42
N ALA B 415 -41.70 -21.57 16.31
CA ALA B 415 -42.45 -20.33 16.10
C ALA B 415 -41.86 -19.52 14.94
N VAL B 416 -40.53 -19.55 14.79
CA VAL B 416 -39.90 -18.83 13.69
C VAL B 416 -40.25 -19.49 12.36
N SER B 417 -40.14 -20.82 12.29
CA SER B 417 -40.45 -21.52 11.05
C SER B 417 -41.92 -21.39 10.68
N THR B 418 -42.81 -21.44 11.69
CA THR B 418 -44.23 -21.31 11.41
C THR B 418 -44.57 -19.90 10.94
N GLY B 419 -44.04 -18.89 11.62
CA GLY B 419 -44.31 -17.52 11.21
C GLY B 419 -43.73 -17.17 9.85
N VAL B 420 -42.61 -17.79 9.49
CA VAL B 420 -42.03 -17.57 8.16
C VAL B 420 -42.95 -18.12 7.09
N GLN B 421 -43.41 -19.37 7.25
CA GLN B 421 -44.32 -19.96 6.27
C GLN B 421 -45.69 -19.33 6.28
N ALA B 422 -46.08 -18.69 7.40
CA ALA B 422 -47.36 -17.99 7.49
C ALA B 422 -47.30 -16.58 6.93
N GLY B 423 -46.12 -16.03 6.70
CA GLY B 423 -46.00 -14.67 6.22
C GLY B 423 -46.17 -13.62 7.30
N ILE B 424 -45.78 -13.94 8.53
CA ILE B 424 -45.93 -13.02 9.66
C ILE B 424 -44.59 -12.35 9.91
N PRO B 425 -44.53 -11.01 9.95
CA PRO B 425 -43.24 -10.33 10.17
C PRO B 425 -42.79 -10.48 11.62
N MET B 426 -41.63 -11.10 11.80
CA MET B 426 -41.01 -11.24 13.12
C MET B 426 -39.54 -10.84 13.01
N PRO B 427 -39.26 -9.54 12.81
CA PRO B 427 -37.86 -9.13 12.64
C PRO B 427 -36.99 -9.41 13.85
N CYS B 428 -37.52 -9.19 15.06
CA CYS B 428 -36.71 -9.38 16.27
C CYS B 428 -36.62 -10.85 16.67
N PHE B 429 -37.67 -11.63 16.44
CA PHE B 429 -37.59 -13.06 16.71
C PHE B 429 -36.52 -13.73 15.85
N THR B 430 -36.46 -13.35 14.57
CA THR B 430 -35.53 -13.99 13.65
C THR B 430 -34.10 -13.50 13.84
N THR B 431 -33.91 -12.20 14.09
CA THR B 431 -32.56 -11.69 14.29
C THR B 431 -31.96 -12.16 15.60
N ALA B 432 -32.80 -12.43 16.61
CA ALA B 432 -32.29 -13.01 17.85
C ALA B 432 -31.87 -14.46 17.63
N LEU B 433 -32.64 -15.19 16.82
CA LEU B 433 -32.27 -16.56 16.50
C LEU B 433 -31.07 -16.61 15.57
N SER B 434 -30.98 -15.66 14.65
CA SER B 434 -29.82 -15.60 13.75
C SER B 434 -28.55 -15.25 14.50
N PHE B 435 -28.63 -14.33 15.45
CA PHE B 435 -27.45 -13.98 16.24
C PHE B 435 -27.02 -15.13 17.12
N TYR B 436 -27.97 -15.90 17.65
CA TYR B 436 -27.62 -17.03 18.51
C TYR B 436 -26.89 -18.11 17.72
N ASP B 437 -27.36 -18.42 16.52
CA ASP B 437 -26.68 -19.42 15.69
C ASP B 437 -25.32 -18.92 15.22
N GLY B 438 -25.18 -17.62 15.00
CA GLY B 438 -23.91 -17.07 14.57
C GLY B 438 -22.89 -16.98 15.69
N TYR B 439 -23.36 -16.63 16.89
CA TYR B 439 -22.46 -16.48 18.02
C TYR B 439 -21.94 -17.84 18.51
N ARG B 440 -22.71 -18.90 18.31
CA ARG B 440 -22.33 -20.23 18.79
C ARG B 440 -21.48 -21.00 17.79
N HIS B 441 -21.28 -20.49 16.58
CA HIS B 441 -20.45 -21.16 15.57
C HIS B 441 -19.00 -20.75 15.75
N GLU B 442 -18.13 -21.75 15.89
CA GLU B 442 -16.70 -21.47 15.91
C GLU B 442 -16.21 -21.00 14.54
N MET B 443 -16.80 -21.54 13.47
CA MET B 443 -16.45 -21.16 12.10
C MET B 443 -17.65 -20.52 11.44
N LEU B 444 -17.43 -19.34 10.86
CA LEU B 444 -18.46 -18.57 10.16
C LEU B 444 -18.03 -18.33 8.73
N PRO B 445 -18.99 -18.05 7.82
CA PRO B 445 -18.64 -17.86 6.41
C PRO B 445 -17.91 -16.54 6.13
N ALA B 446 -17.58 -15.79 7.17
CA ALA B 446 -16.94 -14.50 6.99
C ALA B 446 -15.55 -14.62 6.37
N SER B 447 -14.94 -15.81 6.43
CA SER B 447 -13.68 -16.02 5.72
C SER B 447 -13.85 -15.81 4.22
N LEU B 448 -15.02 -16.14 3.68
CA LEU B 448 -15.30 -15.88 2.28
C LEU B 448 -15.39 -14.38 2.00
N ILE B 449 -15.90 -13.60 2.95
CA ILE B 449 -15.92 -12.15 2.80
C ILE B 449 -14.51 -11.60 2.69
N GLN B 450 -13.60 -12.09 3.54
CA GLN B 450 -12.21 -11.65 3.47
C GLN B 450 -11.57 -12.04 2.16
N ALA B 451 -11.87 -13.23 1.64
CA ALA B 451 -11.34 -13.65 0.36
C ALA B 451 -11.84 -12.76 -0.77
N GLN B 452 -13.10 -12.32 -0.68
CA GLN B 452 -13.65 -11.42 -1.69
C GLN B 452 -12.97 -10.06 -1.63
N ARG B 453 -12.90 -9.45 -0.44
CA ARG B 453 -12.29 -8.14 -0.31
C ARG B 453 -10.84 -8.14 -0.78
N ASP B 454 -10.13 -9.25 -0.56
CA ASP B 454 -8.77 -9.36 -1.08
C ASP B 454 -8.76 -9.62 -2.57
N TYR B 455 -9.82 -10.24 -3.10
CA TYR B 455 -9.88 -10.55 -4.52
C TYR B 455 -9.98 -9.28 -5.36
N PHE B 456 -11.03 -8.48 -5.13
CA PHE B 456 -11.26 -7.31 -5.95
C PHE B 456 -10.63 -6.03 -5.40
N GLY B 457 -10.27 -6.01 -4.12
CA GLY B 457 -9.76 -4.78 -3.52
C GLY B 457 -8.37 -4.90 -2.92
N ALA B 458 -7.83 -6.12 -2.90
CA ALA B 458 -6.51 -6.39 -2.32
C ALA B 458 -6.43 -5.93 -0.87
N HIS B 459 -7.54 -6.03 -0.14
CA HIS B 459 -7.61 -5.63 1.27
C HIS B 459 -6.91 -6.61 2.21
N THR B 460 -6.14 -7.55 1.65
CA THR B 460 -5.36 -8.53 2.41
C THR B 460 -6.24 -9.44 3.26
N TYR B 461 -5.64 -10.46 3.86
CA TYR B 461 -6.35 -11.38 4.72
C TYR B 461 -5.34 -12.10 5.60
N GLU B 462 -5.85 -12.78 6.62
CA GLU B 462 -5.03 -13.53 7.56
C GLU B 462 -5.25 -15.03 7.36
N LEU B 463 -4.35 -15.81 7.95
CA LEU B 463 -4.50 -17.26 8.01
C LEU B 463 -5.05 -17.66 9.37
N LEU B 464 -5.86 -18.72 9.37
CA LEU B 464 -6.53 -19.14 10.60
C LEU B 464 -5.52 -19.56 11.67
N ALA B 465 -4.36 -20.05 11.27
CA ALA B 465 -3.33 -20.48 12.21
C ALA B 465 -2.25 -19.43 12.46
N LYS B 466 -2.22 -18.35 11.66
CA LYS B 466 -1.21 -17.30 11.79
C LYS B 466 -1.92 -15.95 11.83
N PRO B 467 -2.49 -15.58 12.97
CA PRO B 467 -3.18 -14.28 13.07
C PRO B 467 -2.17 -13.13 13.12
N GLY B 468 -2.70 -11.92 12.95
CA GLY B 468 -1.90 -10.72 12.97
C GLY B 468 -1.02 -10.51 11.76
N GLN B 469 -0.90 -11.49 10.87
CA GLN B 469 -0.06 -11.38 9.67
C GLN B 469 -0.99 -11.36 8.45
N PHE B 470 -1.01 -10.23 7.76
CA PHE B 470 -1.86 -10.04 6.59
C PHE B 470 -1.08 -10.28 5.32
N ILE B 471 -1.59 -11.17 4.46
CA ILE B 471 -0.95 -11.49 3.20
C ILE B 471 -1.93 -11.20 2.06
N HIS B 472 -1.40 -11.21 0.84
CA HIS B 472 -2.18 -10.94 -0.36
C HIS B 472 -1.98 -12.06 -1.36
N THR B 473 -3.07 -12.57 -1.92
CA THR B 473 -3.05 -13.65 -2.89
C THR B 473 -3.28 -13.09 -4.29
N ASN B 474 -2.66 -13.74 -5.28
CA ASN B 474 -2.77 -13.28 -6.66
C ASN B 474 -4.19 -13.45 -7.18
N TRP B 475 -4.80 -14.61 -6.93
CA TRP B 475 -6.15 -14.95 -7.38
C TRP B 475 -6.27 -15.03 -8.90
N THR B 476 -5.72 -14.03 -9.61
CA THR B 476 -5.77 -14.01 -11.06
C THR B 476 -4.69 -14.89 -11.67
N GLY B 477 -3.50 -14.33 -11.87
CA GLY B 477 -2.39 -15.07 -12.45
C GLY B 477 -1.06 -14.37 -12.32
N ALA C 8 2.76 45.96 -2.39
CA ALA C 8 4.12 46.45 -2.21
C ALA C 8 4.16 47.65 -1.28
N GLN C 9 3.23 47.69 -0.32
CA GLN C 9 3.17 48.77 0.65
C GLN C 9 3.37 48.32 2.09
N ALA C 10 3.27 47.03 2.38
CA ALA C 10 3.48 46.50 3.72
C ALA C 10 4.91 46.01 3.86
N ASP C 11 5.56 46.39 4.96
CA ASP C 11 6.95 46.00 5.18
C ASP C 11 7.06 44.52 5.55
N ILE C 12 6.17 44.05 6.44
CA ILE C 12 6.25 42.70 6.98
C ILE C 12 4.83 42.21 7.25
N ALA C 13 4.67 40.89 7.30
CA ALA C 13 3.40 40.27 7.62
C ALA C 13 3.54 39.42 8.87
N LEU C 14 2.45 39.32 9.63
CA LEU C 14 2.42 38.51 10.84
C LEU C 14 1.15 37.68 10.82
N ILE C 15 1.29 36.36 10.96
CA ILE C 15 0.18 35.42 10.96
C ILE C 15 0.00 34.91 12.39
N GLY C 16 -1.23 35.00 12.89
CA GLY C 16 -1.52 34.58 14.25
C GLY C 16 -1.95 35.76 15.12
N LEU C 17 -3.26 35.95 15.23
CA LEU C 17 -3.80 37.13 15.92
C LEU C 17 -4.18 36.77 17.36
N ALA C 18 -3.15 36.59 18.17
CA ALA C 18 -3.29 36.41 19.60
C ALA C 18 -2.75 37.65 20.30
N VAL C 19 -2.77 37.63 21.64
CA VAL C 19 -2.24 38.76 22.41
C VAL C 19 -0.77 38.98 22.09
N MET C 20 -0.05 37.92 21.72
CA MET C 20 1.35 38.06 21.31
C MET C 20 1.45 38.67 19.92
N GLY C 21 0.65 38.17 18.98
CA GLY C 21 0.72 38.67 17.62
C GLY C 21 0.19 40.08 17.47
N GLN C 22 -0.93 40.38 18.15
CA GLN C 22 -1.49 41.73 18.09
C GLN C 22 -0.49 42.75 18.63
N ASN C 23 0.12 42.45 19.78
CA ASN C 23 1.05 43.40 20.39
C ASN C 23 2.29 43.60 19.54
N LEU C 24 2.81 42.52 18.94
CA LEU C 24 3.99 42.64 18.09
C LEU C 24 3.66 43.37 16.79
N ILE C 25 2.42 43.26 16.31
CA ILE C 25 2.04 43.97 15.09
C ILE C 25 2.01 45.47 15.32
N LEU C 26 1.28 45.91 16.35
CA LEU C 26 1.20 47.34 16.63
C LEU C 26 2.52 47.89 17.16
N ASN C 27 3.37 47.05 17.76
CA ASN C 27 4.66 47.52 18.23
C ASN C 27 5.56 47.93 17.07
N MET C 28 5.36 47.33 15.89
CA MET C 28 6.20 47.66 14.74
C MET C 28 5.77 48.98 14.09
N ASN C 29 4.47 49.23 13.97
CA ASN C 29 4.04 50.49 13.35
C ASN C 29 4.36 51.68 14.22
N ASP C 30 4.41 51.49 15.54
CA ASP C 30 4.85 52.55 16.44
C ASP C 30 6.28 52.97 16.14
N HIS C 31 7.06 52.11 15.48
CA HIS C 31 8.38 52.46 14.97
C HIS C 31 8.34 52.80 13.49
N GLY C 32 7.16 52.83 12.87
CA GLY C 32 7.04 53.29 11.51
C GLY C 32 7.04 52.21 10.45
N PHE C 33 6.51 51.02 10.75
CA PHE C 33 6.49 49.91 9.82
C PHE C 33 5.06 49.55 9.48
N VAL C 34 4.78 49.37 8.20
CA VAL C 34 3.47 48.93 7.74
C VAL C 34 3.44 47.40 7.78
N VAL C 35 2.58 46.86 8.64
CA VAL C 35 2.50 45.43 8.88
C VAL C 35 1.13 44.93 8.45
N CYS C 36 1.11 43.82 7.71
CA CYS C 36 -0.12 43.21 7.23
C CYS C 36 -0.52 42.08 8.18
N ALA C 37 -1.74 42.14 8.69
CA ALA C 37 -2.24 41.14 9.62
C ALA C 37 -3.02 40.05 8.89
N PHE C 38 -2.90 38.82 9.37
CA PHE C 38 -3.59 37.68 8.79
C PHE C 38 -3.74 36.60 9.84
N ASN C 39 -4.79 35.79 9.70
CA ASN C 39 -5.09 34.78 10.70
C ASN C 39 -5.72 33.57 10.02
N ARG C 40 -5.65 32.43 10.71
CA ARG C 40 -6.29 31.21 10.24
C ARG C 40 -7.80 31.39 10.12
N THR C 41 -8.44 31.80 11.21
CA THR C 41 -9.86 32.13 11.19
C THR C 41 -9.98 33.59 10.76
N VAL C 42 -10.40 33.81 9.51
CA VAL C 42 -10.46 35.15 8.94
C VAL C 42 -11.47 36.05 9.64
N SER C 43 -12.31 35.49 10.52
CA SER C 43 -13.23 36.32 11.29
C SER C 43 -12.50 37.23 12.26
N LYS C 44 -11.24 36.95 12.58
CA LYS C 44 -10.52 37.70 13.58
C LYS C 44 -9.67 38.83 13.01
N VAL C 45 -9.41 38.84 11.71
CA VAL C 45 -8.53 39.88 11.15
C VAL C 45 -9.28 41.21 11.06
N ASP C 46 -10.48 41.20 10.48
CA ASP C 46 -11.27 42.43 10.45
C ASP C 46 -11.71 42.86 11.84
N ASP C 47 -11.76 41.93 12.80
CA ASP C 47 -12.00 42.31 14.19
C ASP C 47 -10.80 43.08 14.75
N PHE C 48 -9.58 42.62 14.44
CA PHE C 48 -8.40 43.29 14.97
C PHE C 48 -8.25 44.69 14.39
N LEU C 49 -8.49 44.85 13.08
CA LEU C 49 -8.37 46.15 12.45
C LEU C 49 -9.48 47.11 12.87
N ALA C 50 -10.55 46.60 13.47
CA ALA C 50 -11.71 47.44 13.77
C ALA C 50 -11.67 48.04 15.18
N ASN C 51 -11.25 47.27 16.17
CA ASN C 51 -11.33 47.71 17.56
C ASN C 51 -9.98 47.74 18.26
N GLU C 52 -9.17 46.69 18.14
CA GLU C 52 -7.91 46.63 18.88
C GLU C 52 -6.94 47.70 18.39
N ALA C 53 -6.62 47.69 17.10
CA ALA C 53 -5.70 48.65 16.50
C ALA C 53 -6.52 49.62 15.66
N LYS C 54 -6.75 50.82 16.18
CA LYS C 54 -7.55 51.85 15.52
C LYS C 54 -6.69 53.08 15.29
N GLY C 55 -6.66 53.55 14.04
CA GLY C 55 -5.90 54.73 13.71
C GLY C 55 -4.42 54.50 13.50
N THR C 56 -4.04 53.32 13.01
CA THR C 56 -2.65 52.97 12.78
C THR C 56 -2.45 52.61 11.32
N LYS C 57 -1.18 52.38 10.96
CA LYS C 57 -0.79 52.08 9.59
C LYS C 57 -0.89 50.60 9.27
N VAL C 58 -1.49 49.79 10.15
CA VAL C 58 -1.64 48.37 9.90
C VAL C 58 -2.64 48.15 8.77
N VAL C 59 -2.31 47.24 7.85
CA VAL C 59 -3.22 46.83 6.80
C VAL C 59 -3.65 45.39 7.08
N GLY C 60 -4.80 45.02 6.52
CA GLY C 60 -5.32 43.68 6.71
C GLY C 60 -5.53 42.93 5.41
N ALA C 61 -5.61 41.61 5.49
CA ALA C 61 -5.82 40.77 4.32
C ALA C 61 -6.84 39.69 4.64
N GLN C 62 -7.72 39.41 3.68
CA GLN C 62 -8.75 38.40 3.82
C GLN C 62 -8.39 37.10 3.12
N SER C 63 -7.14 36.94 2.71
CA SER C 63 -6.69 35.74 2.01
C SER C 63 -5.20 35.55 2.22
N LEU C 64 -4.74 34.32 2.01
CA LEU C 64 -3.31 34.03 2.12
C LEU C 64 -2.56 34.53 0.91
N LYS C 65 -3.14 34.39 -0.29
CA LYS C 65 -2.54 34.96 -1.48
C LYS C 65 -2.58 36.49 -1.45
N GLU C 66 -3.60 37.06 -0.81
CA GLU C 66 -3.69 38.51 -0.72
C GLU C 66 -2.70 39.08 0.30
N MET C 67 -2.42 38.34 1.37
CA MET C 67 -1.45 38.81 2.36
C MET C 67 -0.06 38.94 1.75
N VAL C 68 0.36 37.92 1.00
CA VAL C 68 1.66 37.96 0.33
C VAL C 68 1.68 38.97 -0.81
N SER C 69 0.52 39.26 -1.42
CA SER C 69 0.40 40.27 -2.46
C SER C 69 0.43 41.70 -1.91
N LYS C 70 1.02 41.91 -0.72
CA LYS C 70 1.15 43.24 -0.14
C LYS C 70 2.52 43.50 0.45
N LEU C 71 3.43 42.53 0.46
CA LEU C 71 4.72 42.66 1.09
C LEU C 71 5.78 43.07 0.06
N LYS C 72 6.68 43.95 0.48
CA LYS C 72 7.79 44.35 -0.36
C LYS C 72 8.87 43.29 -0.37
N LYS C 73 9.46 43.07 -1.55
CA LYS C 73 10.43 42.00 -1.71
C LYS C 73 11.80 42.45 -1.19
N PRO C 74 12.54 41.55 -0.51
CA PRO C 74 12.15 40.17 -0.21
C PRO C 74 11.06 40.07 0.86
N ARG C 75 10.01 39.32 0.56
CA ARG C 75 8.85 39.25 1.44
C ARG C 75 9.20 38.46 2.70
N ARG C 76 8.86 39.03 3.86
CA ARG C 76 9.15 38.44 5.14
C ARG C 76 7.86 38.32 5.95
N ILE C 77 7.61 37.13 6.48
CA ILE C 77 6.36 36.83 7.19
C ILE C 77 6.71 36.25 8.55
N ILE C 78 6.02 36.72 9.59
CA ILE C 78 6.21 36.26 10.95
C ILE C 78 5.10 35.27 11.30
N LEU C 79 5.49 34.16 11.92
CA LEU C 79 4.54 33.14 12.36
C LEU C 79 4.45 33.17 13.88
N LEU C 80 3.23 33.28 14.40
CA LEU C 80 2.95 33.27 15.84
C LEU C 80 1.69 32.43 16.08
N VAL C 81 1.80 31.14 15.80
CA VAL C 81 0.67 30.22 15.96
C VAL C 81 1.01 29.19 17.03
N LYS C 82 0.25 28.11 17.07
CA LYS C 82 0.48 27.06 18.05
C LYS C 82 1.74 26.26 17.68
N ALA C 83 2.54 25.95 18.70
CA ALA C 83 3.77 25.21 18.48
C ALA C 83 3.45 23.77 18.09
N GLY C 84 4.09 23.29 17.03
CA GLY C 84 3.88 21.93 16.58
C GLY C 84 3.54 21.81 15.11
N GLN C 85 2.46 21.08 14.81
CA GLN C 85 2.06 20.91 13.41
C GLN C 85 1.51 22.19 12.81
N ALA C 86 0.99 23.10 13.64
CA ALA C 86 0.40 24.33 13.12
C ALA C 86 1.43 25.17 12.39
N VAL C 87 2.68 25.17 12.87
CA VAL C 87 3.74 25.89 12.18
C VAL C 87 4.01 25.25 10.82
N ASP C 88 4.16 23.92 10.79
CA ASP C 88 4.41 23.23 9.54
C ASP C 88 3.23 23.35 8.58
N ASP C 89 2.01 23.44 9.11
CA ASP C 89 0.84 23.60 8.25
C ASP C 89 0.91 24.88 7.44
N PHE C 90 1.14 26.01 8.12
CA PHE C 90 1.21 27.29 7.42
C PHE C 90 2.40 27.33 6.46
N ILE C 91 3.53 26.73 6.84
CA ILE C 91 4.71 26.76 6.00
C ILE C 91 4.47 26.02 4.70
N GLU C 92 3.82 24.86 4.77
CA GLU C 92 3.59 24.06 3.56
C GLU C 92 2.66 24.77 2.59
N LYS C 93 1.64 25.46 3.11
CA LYS C 93 0.69 26.18 2.26
C LYS C 93 1.19 27.56 1.85
N LEU C 94 2.32 28.01 2.40
CA LEU C 94 2.83 29.35 2.13
C LEU C 94 4.06 29.36 1.24
N VAL C 95 4.81 28.26 1.16
CA VAL C 95 6.04 28.18 0.37
C VAL C 95 5.74 28.31 -1.13
N PRO C 96 4.78 27.56 -1.70
CA PRO C 96 4.63 27.61 -3.16
C PRO C 96 4.32 29.00 -3.72
N LEU C 97 3.62 29.85 -2.98
CA LEU C 97 3.31 31.19 -3.47
C LEU C 97 4.41 32.19 -3.19
N LEU C 98 5.50 31.78 -2.57
CA LEU C 98 6.65 32.64 -2.33
C LEU C 98 7.72 32.41 -3.39
N ASP C 99 8.65 33.35 -3.48
CA ASP C 99 9.75 33.30 -4.42
C ASP C 99 11.07 33.06 -3.70
N THR C 100 12.09 32.70 -4.48
CA THR C 100 13.42 32.48 -3.91
C THR C 100 13.96 33.78 -3.33
N GLY C 101 14.30 33.75 -2.05
CA GLY C 101 14.76 34.93 -1.33
C GLY C 101 13.81 35.43 -0.29
N ASP C 102 12.54 34.99 -0.30
CA ASP C 102 11.60 35.40 0.72
C ASP C 102 11.97 34.79 2.07
N ILE C 103 11.40 35.36 3.13
CA ILE C 103 11.78 35.02 4.50
C ILE C 103 10.53 34.62 5.27
N ILE C 104 10.66 33.57 6.08
CA ILE C 104 9.60 33.13 6.98
C ILE C 104 10.17 33.17 8.40
N ILE C 105 9.50 33.89 9.28
CA ILE C 105 9.93 34.05 10.67
C ILE C 105 9.01 33.23 11.56
N ASP C 106 9.61 32.47 12.48
CA ASP C 106 8.88 31.71 13.48
C ASP C 106 9.15 32.35 14.84
N GLY C 107 8.12 32.93 15.45
CA GLY C 107 8.23 33.56 16.74
C GLY C 107 7.70 32.77 17.91
N GLY C 108 7.22 31.55 17.68
CA GLY C 108 6.66 30.73 18.74
C GLY C 108 7.73 29.97 19.51
N ASN C 109 7.27 29.28 20.56
CA ASN C 109 8.14 28.48 21.41
C ASN C 109 8.34 27.10 20.79
N SER C 110 8.98 27.09 19.63
CA SER C 110 9.26 25.86 18.92
C SER C 110 10.48 25.16 19.50
N GLU C 111 10.44 23.82 19.48
CA GLU C 111 11.60 23.05 19.89
C GLU C 111 12.70 23.18 18.84
N TYR C 112 13.94 23.32 19.29
CA TYR C 112 15.03 23.67 18.39
C TYR C 112 15.24 22.61 17.31
N ARG C 113 14.94 21.35 17.61
CA ARG C 113 15.08 20.30 16.59
C ARG C 113 14.08 20.51 15.46
N ASP C 114 12.88 20.99 15.77
CA ASP C 114 11.92 21.33 14.73
C ASP C 114 12.43 22.49 13.87
N THR C 115 13.02 23.50 14.51
CA THR C 115 13.52 24.65 13.76
C THR C 115 14.70 24.27 12.87
N THR C 116 15.57 23.38 13.36
CA THR C 116 16.69 22.91 12.54
C THR C 116 16.18 22.16 11.31
N ARG C 117 15.11 21.39 11.47
CA ARG C 117 14.52 20.70 10.32
C ARG C 117 13.95 21.71 9.33
N ARG C 118 13.12 22.64 9.81
CA ARG C 118 12.50 23.62 8.92
C ARG C 118 13.56 24.46 8.22
N CYS C 119 14.65 24.77 8.91
CA CYS C 119 15.69 25.60 8.31
C CYS C 119 16.37 24.89 7.14
N ARG C 120 16.76 23.63 7.33
CA ARG C 120 17.43 22.90 6.26
C ARG C 120 16.49 22.63 5.09
N ASP C 121 15.27 22.15 5.39
CA ASP C 121 14.35 21.76 4.33
C ASP C 121 13.80 22.94 3.55
N LEU C 122 13.77 24.14 4.15
CA LEU C 122 13.36 25.33 3.41
C LEU C 122 14.52 26.00 2.70
N LYS C 123 15.74 25.90 3.22
CA LYS C 123 16.91 26.44 2.53
C LYS C 123 17.12 25.74 1.20
N ALA C 124 16.81 24.45 1.11
CA ALA C 124 16.94 23.73 -0.14
C ALA C 124 15.90 24.18 -1.16
N LYS C 125 14.76 24.68 -0.69
CA LYS C 125 13.68 25.12 -1.57
C LYS C 125 13.74 26.62 -1.86
N GLY C 126 14.81 27.31 -1.45
CA GLY C 126 14.99 28.71 -1.74
C GLY C 126 14.34 29.67 -0.78
N ILE C 127 13.88 29.20 0.37
CA ILE C 127 13.22 30.04 1.36
C ILE C 127 14.14 30.23 2.55
N LEU C 128 14.25 31.46 3.03
CA LEU C 128 15.09 31.79 4.18
C LEU C 128 14.24 31.69 5.44
N PHE C 129 14.52 30.69 6.27
CA PHE C 129 13.77 30.46 7.49
C PHE C 129 14.56 31.01 8.68
N VAL C 130 13.84 31.61 9.62
CA VAL C 130 14.45 32.19 10.82
C VAL C 130 13.65 31.73 12.03
N GLY C 131 14.32 31.02 12.94
CA GLY C 131 13.71 30.65 14.21
C GLY C 131 14.14 31.57 15.32
N SER C 132 13.25 32.47 15.75
CA SER C 132 13.58 33.52 16.70
C SER C 132 12.81 33.29 18.00
N GLY C 133 13.51 33.40 19.12
CA GLY C 133 12.88 33.35 20.42
C GLY C 133 12.42 34.74 20.85
N VAL C 134 11.23 34.79 21.44
CA VAL C 134 10.63 36.03 21.90
C VAL C 134 10.37 35.87 23.39
N SER C 135 11.25 36.44 24.21
CA SER C 135 11.16 36.30 25.65
C SER C 135 10.48 37.52 26.27
N GLY C 136 9.79 37.28 27.38
CA GLY C 136 9.03 38.30 28.07
C GLY C 136 7.53 38.05 27.92
N GLY C 137 6.78 38.52 28.91
CA GLY C 137 5.34 38.37 28.88
C GLY C 137 4.69 39.26 27.85
N GLU C 138 4.12 40.38 28.30
CA GLU C 138 3.56 41.39 27.41
C GLU C 138 4.17 42.77 27.59
N GLU C 139 4.85 43.03 28.70
CA GLU C 139 5.48 44.33 28.90
C GLU C 139 6.54 44.59 27.83
N GLY C 140 7.30 43.56 27.47
CA GLY C 140 8.25 43.67 26.39
C GLY C 140 7.61 43.37 25.05
N ALA C 141 6.71 42.38 25.03
CA ALA C 141 6.11 41.93 23.77
C ALA C 141 5.44 43.07 23.02
N ARG C 142 4.90 44.06 23.73
CA ARG C 142 4.22 45.17 23.06
C ARG C 142 5.08 46.42 22.96
N TYR C 143 6.14 46.55 23.76
CA TYR C 143 6.90 47.78 23.82
C TYR C 143 8.42 47.59 23.71
N GLY C 144 8.92 46.35 23.67
CA GLY C 144 10.33 46.12 23.55
C GLY C 144 10.73 44.73 24.00
N PRO C 145 10.58 43.75 23.12
CA PRO C 145 10.85 42.36 23.50
C PRO C 145 12.28 41.94 23.21
N SER C 146 12.70 40.86 23.88
CA SER C 146 13.98 40.24 23.63
C SER C 146 13.83 39.27 22.47
N LEU C 147 14.56 39.53 21.38
CA LEU C 147 14.50 38.72 20.17
C LEU C 147 15.81 37.97 19.99
N MET C 148 15.73 36.66 19.76
CA MET C 148 16.89 35.79 19.63
C MET C 148 16.81 35.07 18.29
N PRO C 149 17.09 35.77 17.19
CA PRO C 149 16.90 35.17 15.87
C PRO C 149 18.02 34.20 15.49
N GLY C 150 17.61 33.06 14.94
CA GLY C 150 18.54 32.07 14.45
C GLY C 150 17.95 31.34 13.27
N GLY C 151 18.81 30.63 12.55
CA GLY C 151 18.36 29.88 11.38
C GLY C 151 19.19 30.14 10.15
N ASN C 152 18.72 31.04 9.29
CA ASN C 152 19.39 31.37 8.04
C ASN C 152 19.97 32.77 8.14
N LYS C 153 21.30 32.86 8.21
CA LYS C 153 21.96 34.15 8.31
C LYS C 153 21.78 35.00 7.06
N GLU C 154 21.40 34.39 5.94
CA GLU C 154 21.17 35.14 4.72
C GLU C 154 19.95 36.05 4.82
N ALA C 155 19.08 35.82 5.80
CA ALA C 155 17.89 36.64 6.02
C ALA C 155 18.08 37.71 7.08
N TRP C 156 19.22 37.72 7.77
CA TRP C 156 19.47 38.69 8.83
C TRP C 156 19.60 40.12 8.31
N PRO C 157 20.29 40.39 7.20
CA PRO C 157 20.37 41.78 6.72
C PRO C 157 19.03 42.41 6.38
N HIS C 158 17.99 41.62 6.14
CA HIS C 158 16.70 42.16 5.73
C HIS C 158 15.76 42.41 6.90
N ILE C 159 15.86 41.61 7.97
CA ILE C 159 14.99 41.76 9.14
C ILE C 159 15.67 42.47 10.29
N LYS C 160 16.94 42.83 10.15
CA LYS C 160 17.67 43.44 11.25
C LYS C 160 17.09 44.80 11.63
N THR C 161 16.69 45.60 10.63
CA THR C 161 16.17 46.92 10.91
C THR C 161 14.88 46.85 11.73
N ILE C 162 13.98 45.94 11.35
CA ILE C 162 12.70 45.83 12.05
C ILE C 162 12.89 45.19 13.42
N PHE C 163 13.67 44.11 13.48
CA PHE C 163 13.84 43.39 14.74
C PHE C 163 14.58 44.24 15.77
N GLN C 164 15.77 44.74 15.42
CA GLN C 164 16.52 45.57 16.35
C GLN C 164 15.80 46.88 16.64
N GLY C 165 15.06 47.41 15.68
CA GLY C 165 14.33 48.66 15.91
C GLY C 165 13.28 48.52 16.98
N ILE C 166 12.56 47.39 16.99
CA ILE C 166 11.50 47.17 17.97
C ILE C 166 12.00 46.47 19.23
N ALA C 167 13.23 45.95 19.21
CA ALA C 167 13.75 45.23 20.36
C ALA C 167 13.96 46.17 21.54
N ALA C 168 14.02 45.59 22.73
CA ALA C 168 14.29 46.37 23.93
C ALA C 168 15.70 46.97 23.87
N LYS C 169 15.81 48.23 24.25
CA LYS C 169 17.08 48.93 24.30
C LYS C 169 17.59 48.96 25.73
N VAL C 170 18.87 48.63 25.92
CA VAL C 170 19.47 48.68 27.24
C VAL C 170 19.71 50.15 27.61
N GLY C 171 20.14 50.38 28.85
CA GLY C 171 20.40 51.74 29.29
C GLY C 171 21.52 52.41 28.52
N THR C 172 22.51 51.63 28.08
CA THR C 172 23.63 52.19 27.32
C THR C 172 23.24 52.52 25.88
N GLY C 173 22.36 51.72 25.27
CA GLY C 173 21.88 52.04 23.94
C GLY C 173 21.92 50.90 22.95
N GLU C 174 22.44 49.76 23.37
CA GLU C 174 22.52 48.60 22.50
C GLU C 174 21.17 47.89 22.40
N PRO C 175 20.87 47.31 21.25
CA PRO C 175 19.61 46.56 21.12
C PRO C 175 19.73 45.14 21.65
N CYS C 176 18.65 44.67 22.28
CA CYS C 176 18.56 43.31 22.81
C CYS C 176 18.13 42.32 21.74
N CYS C 177 18.78 42.39 20.57
CA CYS C 177 18.46 41.48 19.48
C CYS C 177 19.64 41.45 18.52
N ASP C 178 20.32 40.32 18.45
CA ASP C 178 21.43 40.14 17.51
C ASP C 178 21.39 38.69 17.03
N TRP C 179 22.02 38.45 15.87
CA TRP C 179 22.05 37.12 15.31
C TRP C 179 22.79 36.17 16.25
N VAL C 180 22.16 35.04 16.55
CA VAL C 180 22.70 34.15 17.58
C VAL C 180 23.45 32.98 16.96
N GLY C 181 23.01 32.50 15.80
CA GLY C 181 23.67 31.36 15.20
C GLY C 181 22.80 30.73 14.11
N ASP C 182 23.17 29.50 13.75
CA ASP C 182 22.67 28.82 12.57
C ASP C 182 21.66 27.73 12.96
N GLU C 183 20.77 27.42 12.01
CA GLU C 183 19.85 26.29 12.09
C GLU C 183 18.99 26.34 13.36
N GLY C 184 18.40 27.50 13.61
CA GLY C 184 17.53 27.66 14.76
C GLY C 184 18.21 27.54 16.09
N ALA C 185 19.43 28.09 16.20
CA ALA C 185 20.10 28.15 17.49
C ALA C 185 19.42 29.09 18.46
N GLY C 186 18.57 29.99 17.96
CA GLY C 186 17.86 30.92 18.85
C GLY C 186 16.86 30.21 19.73
N HIS C 187 16.11 29.27 19.17
CA HIS C 187 15.15 28.52 19.97
C HIS C 187 15.85 27.66 21.01
N PHE C 188 17.05 27.16 20.71
CA PHE C 188 17.84 26.47 21.73
C PHE C 188 18.27 27.44 22.82
N VAL C 189 18.72 28.64 22.43
CA VAL C 189 19.12 29.64 23.42
C VAL C 189 17.92 30.08 24.25
N LYS C 190 16.75 30.22 23.60
CA LYS C 190 15.54 30.54 24.35
C LYS C 190 15.20 29.45 25.35
N MET C 191 15.45 28.19 24.99
CA MET C 191 15.23 27.09 25.91
C MET C 191 16.15 27.19 27.12
N VAL C 192 17.43 27.49 26.89
CA VAL C 192 18.37 27.66 27.99
C VAL C 192 17.99 28.87 28.84
N HIS C 193 17.40 29.89 28.23
CA HIS C 193 16.93 31.05 28.98
C HIS C 193 15.90 30.64 30.04
N ASN C 194 14.92 29.84 29.63
CA ASN C 194 13.90 29.38 30.57
C ASN C 194 14.50 28.46 31.63
N GLY C 195 15.54 27.70 31.28
CA GLY C 195 16.22 26.90 32.28
C GLY C 195 16.93 27.75 33.32
N ILE C 196 17.68 28.76 32.86
CA ILE C 196 18.29 29.72 33.77
C ILE C 196 17.21 30.43 34.59
N GLU C 197 16.04 30.66 33.99
CA GLU C 197 14.95 31.31 34.72
C GLU C 197 14.49 30.46 35.89
N TYR C 198 14.41 29.14 35.70
CA TYR C 198 14.04 28.25 36.80
C TYR C 198 15.04 28.33 37.94
N GLY C 199 16.32 28.48 37.62
CA GLY C 199 17.34 28.51 38.66
C GLY C 199 17.29 29.77 39.50
N ASP C 200 17.20 30.92 38.84
CA ASP C 200 17.17 32.19 39.57
C ASP C 200 15.93 32.29 40.46
N MET C 201 14.79 31.82 39.97
CA MET C 201 13.57 31.89 40.76
C MET C 201 13.64 30.95 41.96
N GLN C 202 14.18 29.74 41.78
CA GLN C 202 14.33 28.82 42.90
C GLN C 202 15.39 29.32 43.89
N LEU C 203 16.43 29.97 43.40
CA LEU C 203 17.45 30.53 44.28
C LEU C 203 16.87 31.63 45.18
N ILE C 204 16.00 32.47 44.63
CA ILE C 204 15.35 33.50 45.43
C ILE C 204 14.47 32.87 46.50
N CYS C 205 13.78 31.79 46.16
CA CYS C 205 12.92 31.12 47.13
C CYS C 205 13.71 30.49 48.26
N GLU C 206 14.88 29.93 47.94
CA GLU C 206 15.72 29.34 48.98
C GLU C 206 16.27 30.39 49.93
N ALA C 207 16.58 31.59 49.41
CA ALA C 207 16.96 32.68 50.29
C ALA C 207 15.78 33.18 51.10
N TYR C 208 14.60 33.23 50.48
CA TYR C 208 13.38 33.64 51.19
C TYR C 208 13.07 32.67 52.33
N HIS C 209 13.33 31.38 52.13
CA HIS C 209 13.01 30.39 53.16
C HIS C 209 13.91 30.56 54.37
N LEU C 210 15.18 30.92 54.16
CA LEU C 210 16.08 31.14 55.29
C LEU C 210 15.70 32.38 56.06
N MET C 211 15.29 33.45 55.36
CA MET C 211 14.91 34.68 56.05
C MET C 211 13.65 34.49 56.89
N LYS C 212 12.78 33.55 56.51
CA LYS C 212 11.54 33.33 57.24
C LYS C 212 11.68 32.32 58.36
N ASP C 213 12.43 31.23 58.15
CA ASP C 213 12.47 30.14 59.11
C ASP C 213 13.74 30.09 59.94
N VAL C 214 14.82 30.74 59.51
CA VAL C 214 16.06 30.79 60.27
C VAL C 214 16.18 32.09 61.06
N LEU C 215 15.95 33.23 60.40
CA LEU C 215 15.99 34.51 61.06
C LEU C 215 14.64 34.95 61.60
N GLY C 216 13.55 34.25 61.25
CA GLY C 216 12.24 34.60 61.74
C GLY C 216 11.75 35.97 61.31
N MET C 217 12.26 36.49 60.20
CA MET C 217 11.87 37.81 59.73
C MET C 217 10.43 37.82 59.24
N ALA C 218 9.88 39.02 59.15
CA ALA C 218 8.50 39.22 58.72
C ALA C 218 8.45 39.56 57.23
N GLN C 219 7.23 39.54 56.69
CA GLN C 219 7.04 39.75 55.25
C GLN C 219 7.55 41.11 54.82
N ASP C 220 7.17 42.17 55.55
CA ASP C 220 7.58 43.52 55.18
C ASP C 220 9.09 43.70 55.34
N GLU C 221 9.67 43.13 56.39
CA GLU C 221 11.12 43.21 56.56
C GLU C 221 11.85 42.43 55.48
N MET C 222 11.29 41.28 55.07
CA MET C 222 11.89 40.51 53.99
C MET C 222 11.82 41.26 52.67
N ALA C 223 10.75 42.03 52.44
CA ALA C 223 10.66 42.83 51.23
C ALA C 223 11.71 43.93 51.22
N GLN C 224 12.02 44.50 52.39
CA GLN C 224 13.06 45.53 52.46
C GLN C 224 14.43 44.94 52.19
N ALA C 225 14.67 43.70 52.63
CA ALA C 225 15.97 43.07 52.44
C ALA C 225 16.28 42.86 50.96
N PHE C 226 15.28 42.43 50.18
CA PHE C 226 15.49 42.26 48.75
C PHE C 226 15.68 43.60 48.05
N GLU C 227 14.94 44.63 48.47
CA GLU C 227 15.14 45.96 47.91
C GLU C 227 16.55 46.47 48.20
N ASP C 228 17.07 46.16 49.39
CA ASP C 228 18.46 46.50 49.70
C ASP C 228 19.43 45.75 48.79
N TRP C 229 19.18 44.46 48.56
CA TRP C 229 20.05 43.66 47.70
C TRP C 229 20.02 44.17 46.27
N ASN C 230 18.90 44.72 45.82
CA ASN C 230 18.72 45.17 44.44
C ASN C 230 19.54 46.40 44.09
N LYS C 231 20.41 46.88 44.98
CA LYS C 231 21.28 48.01 44.71
C LYS C 231 22.75 47.64 44.65
N THR C 232 23.07 46.35 44.77
CA THR C 232 24.45 45.89 44.72
C THR C 232 24.67 45.04 43.46
N GLU C 233 25.47 43.99 43.59
CA GLU C 233 25.74 43.09 42.46
C GLU C 233 24.51 42.29 42.05
N LEU C 234 23.46 42.26 42.87
CA LEU C 234 22.25 41.50 42.57
C LEU C 234 21.16 42.35 41.94
N ASP C 235 21.52 43.46 41.29
CA ASP C 235 20.53 44.31 40.63
C ASP C 235 19.83 43.54 39.53
N SER C 236 18.59 43.11 39.77
CA SER C 236 17.87 42.26 38.83
C SER C 236 16.39 42.61 38.86
N PHE C 237 15.68 42.18 37.82
CA PHE C 237 14.24 42.39 37.75
C PHE C 237 13.51 41.48 38.73
N LEU C 238 13.95 40.22 38.84
CA LEU C 238 13.26 39.25 39.69
C LEU C 238 13.30 39.67 41.15
N ILE C 239 14.41 40.27 41.60
CA ILE C 239 14.50 40.71 42.98
C ILE C 239 13.57 41.89 43.23
N GLU C 240 13.46 42.80 42.26
CA GLU C 240 12.46 43.86 42.35
C GLU C 240 11.05 43.29 42.37
N ILE C 241 10.79 42.31 41.51
CA ILE C 241 9.49 41.66 41.48
C ILE C 241 9.19 41.00 42.82
N THR C 242 10.16 40.23 43.34
CA THR C 242 9.96 39.51 44.59
C THR C 242 9.68 40.48 45.74
N ALA C 243 10.36 41.63 45.75
CA ALA C 243 10.16 42.60 46.83
C ALA C 243 8.75 43.16 46.80
N ASN C 244 8.24 43.53 45.62
CA ASN C 244 6.89 44.04 45.51
C ASN C 244 5.86 42.98 45.89
N ILE C 245 6.14 41.71 45.55
CA ILE C 245 5.23 40.63 45.88
C ILE C 245 5.20 40.37 47.39
N LEU C 246 6.34 40.54 48.05
CA LEU C 246 6.41 40.22 49.48
C LEU C 246 5.57 41.19 50.31
N LYS C 247 5.72 42.49 50.08
CA LYS C 247 4.97 43.48 50.83
C LYS C 247 3.63 43.83 50.19
N PHE C 248 3.16 43.01 49.25
CA PHE C 248 1.88 43.26 48.62
C PHE C 248 0.74 42.94 49.59
N GLN C 249 -0.23 43.84 49.67
CA GLN C 249 -1.35 43.69 50.59
C GLN C 249 -2.58 43.17 49.84
N ASP C 250 -3.39 42.39 50.54
CA ASP C 250 -4.63 41.86 50.01
C ASP C 250 -5.81 42.72 50.46
N THR C 251 -7.00 42.40 49.93
CA THR C 251 -8.20 43.14 50.29
C THR C 251 -8.58 42.95 51.75
N ASP C 252 -8.10 41.89 52.39
CA ASP C 252 -8.40 41.63 53.80
C ASP C 252 -7.35 42.19 54.74
N GLY C 253 -6.45 43.03 54.26
CA GLY C 253 -5.45 43.64 55.13
C GLY C 253 -4.20 42.81 55.29
N LYS C 254 -4.36 41.49 55.25
CA LYS C 254 -3.23 40.58 55.40
C LYS C 254 -2.51 40.39 54.07
N HIS C 255 -1.32 39.82 54.15
CA HIS C 255 -0.50 39.63 52.95
C HIS C 255 -1.09 38.53 52.07
N LEU C 256 -0.82 38.64 50.76
CA LEU C 256 -1.44 37.74 49.80
C LEU C 256 -0.62 36.46 49.64
N LEU C 257 0.70 36.57 49.71
CA LEU C 257 1.55 35.41 49.44
C LEU C 257 1.30 34.22 50.35
N PRO C 258 1.08 34.38 51.67
CA PRO C 258 0.77 33.20 52.50
C PRO C 258 -0.53 32.51 52.14
N LYS C 259 -1.36 33.10 51.28
CA LYS C 259 -2.60 32.47 50.86
C LYS C 259 -2.46 31.68 49.56
N ILE C 260 -1.31 31.74 48.91
CA ILE C 260 -1.08 31.07 47.64
C ILE C 260 -0.60 29.64 47.90
N ARG C 261 -1.12 28.71 47.11
CA ARG C 261 -0.75 27.31 47.27
C ARG C 261 0.68 27.08 46.80
N ASP C 262 1.46 26.36 47.62
CA ASP C 262 2.88 26.12 47.33
C ASP C 262 3.03 24.90 46.41
N SER C 263 2.54 25.07 45.19
CA SER C 263 2.63 24.04 44.17
C SER C 263 3.00 24.68 42.85
N ALA C 264 4.19 24.34 42.33
CA ALA C 264 4.68 24.92 41.09
C ALA C 264 4.16 24.11 39.91
N GLY C 265 3.75 24.82 38.86
CA GLY C 265 3.20 24.18 37.68
C GLY C 265 3.93 24.54 36.40
N GLN C 266 3.30 24.25 35.26
CA GLN C 266 3.88 24.49 33.94
C GLN C 266 5.24 23.82 33.81
N LYS C 267 5.24 22.50 33.61
CA LYS C 267 6.48 21.77 33.42
C LYS C 267 7.28 22.37 32.26
N GLY C 268 6.63 22.48 31.10
CA GLY C 268 7.12 23.24 29.95
C GLY C 268 8.61 23.20 29.66
N THR C 269 9.19 24.39 29.50
CA THR C 269 10.58 24.53 29.06
C THR C 269 11.59 24.23 30.16
N GLY C 270 11.15 24.09 31.42
CA GLY C 270 12.10 23.83 32.49
C GLY C 270 12.76 22.47 32.38
N LYS C 271 11.96 21.43 32.13
CA LYS C 271 12.51 20.08 32.07
C LYS C 271 13.43 19.90 30.89
N TRP C 272 13.10 20.52 29.74
CA TRP C 272 13.87 20.28 28.52
C TRP C 272 15.28 20.85 28.60
N THR C 273 15.51 21.86 29.45
CA THR C 273 16.86 22.37 29.62
C THR C 273 17.73 21.36 30.38
N ALA C 274 17.17 20.72 31.39
CA ALA C 274 17.91 19.70 32.14
C ALA C 274 18.02 18.40 31.35
N ILE C 275 16.98 18.04 30.60
CA ILE C 275 17.04 16.85 29.75
C ILE C 275 18.12 17.02 28.69
N SER C 276 18.22 18.22 28.11
CA SER C 276 19.27 18.48 27.14
C SER C 276 20.65 18.34 27.78
N ALA C 277 20.82 18.87 28.98
CA ALA C 277 22.11 18.75 29.68
C ALA C 277 22.49 17.29 29.88
N LEU C 278 21.52 16.45 30.24
CA LEU C 278 21.80 15.03 30.43
C LEU C 278 22.16 14.34 29.10
N GLU C 279 21.55 14.78 28.00
CA GLU C 279 21.85 14.19 26.70
C GLU C 279 23.29 14.48 26.29
N TYR C 280 23.72 15.74 26.43
CA TYR C 280 25.08 16.12 26.08
C TYR C 280 26.08 15.88 27.21
N GLY C 281 25.61 15.47 28.38
CA GLY C 281 26.51 15.17 29.49
C GLY C 281 27.18 16.37 30.10
N VAL C 282 26.47 17.48 30.23
CA VAL C 282 26.99 18.71 30.80
C VAL C 282 26.43 18.85 32.21
N PRO C 283 27.27 19.09 33.22
CA PRO C 283 26.77 19.16 34.61
C PRO C 283 26.01 20.44 34.90
N VAL C 284 24.81 20.57 34.35
CA VAL C 284 23.93 21.69 34.70
C VAL C 284 23.12 21.25 35.91
N THR C 285 23.76 21.19 37.07
CA THR C 285 23.15 20.60 38.25
C THR C 285 22.12 21.53 38.89
N LEU C 286 22.37 22.84 38.85
CA LEU C 286 21.49 23.78 39.54
C LEU C 286 20.12 23.83 38.89
N ILE C 287 20.08 23.97 37.56
CA ILE C 287 18.80 24.02 36.85
C ILE C 287 18.05 22.70 37.00
N GLY C 288 18.77 21.58 36.91
CA GLY C 288 18.13 20.29 37.08
C GLY C 288 17.51 20.13 38.46
N GLU C 289 18.16 20.69 39.49
CA GLU C 289 17.58 20.65 40.83
C GLU C 289 16.39 21.58 40.96
N ALA C 290 16.42 22.71 40.24
CA ALA C 290 15.28 23.63 40.26
C ALA C 290 14.05 23.00 39.63
N VAL C 291 14.24 22.17 38.61
CA VAL C 291 13.11 21.46 38.01
C VAL C 291 12.61 20.38 38.96
N PHE C 292 13.52 19.63 39.56
CA PHE C 292 13.13 18.63 40.57
C PHE C 292 12.47 19.29 41.77
N ALA C 293 12.84 20.53 42.08
CA ALA C 293 12.22 21.23 43.21
C ALA C 293 10.77 21.55 42.92
N ARG C 294 10.46 21.96 41.69
CA ARG C 294 9.06 22.21 41.32
C ARG C 294 8.25 20.93 41.36
N CYS C 295 8.84 19.81 40.92
CA CYS C 295 8.13 18.53 40.96
C CYS C 295 7.84 18.12 42.40
N LEU C 296 8.79 18.33 43.30
CA LEU C 296 8.54 18.03 44.71
C LEU C 296 7.47 18.94 45.29
N SER C 297 7.40 20.18 44.81
CA SER C 297 6.39 21.12 45.32
C SER C 297 4.98 20.71 44.89
N SER C 298 4.84 20.16 43.69
CA SER C 298 3.53 19.71 43.22
C SER C 298 2.98 18.57 44.06
N LEU C 299 3.84 17.89 44.82
CA LEU C 299 3.40 16.83 45.73
C LEU C 299 2.92 17.42 47.04
N LYS C 300 2.02 18.40 46.95
CA LYS C 300 1.53 19.09 48.15
C LYS C 300 0.84 18.13 49.09
N ASP C 301 -0.14 17.37 48.59
CA ASP C 301 -0.86 16.43 49.43
C ASP C 301 0.07 15.39 50.04
N GLU C 302 1.02 14.89 49.25
CA GLU C 302 1.95 13.89 49.77
C GLU C 302 2.90 14.49 50.81
N ARG C 303 3.21 15.79 50.70
CA ARG C 303 4.07 16.43 51.68
C ARG C 303 3.33 16.74 52.97
N ILE C 304 2.01 16.96 52.91
CA ILE C 304 1.24 17.20 54.13
C ILE C 304 1.24 15.95 55.00
N GLN C 305 1.04 14.78 54.40
CA GLN C 305 1.06 13.54 55.17
C GLN C 305 2.45 13.25 55.71
N ALA C 306 3.49 13.61 54.96
CA ALA C 306 4.85 13.41 55.45
C ALA C 306 5.21 14.40 56.54
N SER C 307 4.60 15.59 56.52
CA SER C 307 4.88 16.58 57.56
C SER C 307 4.40 16.11 58.93
N LYS C 308 3.41 15.22 58.97
CA LYS C 308 2.92 14.69 60.24
C LYS C 308 3.82 13.59 60.78
N LYS C 309 4.44 12.81 59.90
CA LYS C 309 5.19 11.62 60.31
C LYS C 309 6.70 11.85 60.35
N LEU C 310 7.24 12.72 59.50
CA LEU C 310 8.68 12.97 59.45
C LEU C 310 9.01 14.23 60.25
N LYS C 311 10.07 14.15 61.05
CA LYS C 311 10.49 15.26 61.89
C LYS C 311 11.80 15.84 61.35
N GLY C 312 12.05 17.10 61.73
CA GLY C 312 13.26 17.78 61.35
C GLY C 312 14.30 17.75 62.44
N PRO C 313 15.27 18.67 62.38
CA PRO C 313 16.29 18.73 63.43
C PRO C 313 15.67 18.99 64.79
N GLN C 314 16.08 18.20 65.78
CA GLN C 314 15.45 18.24 67.09
C GLN C 314 15.61 19.61 67.75
N LYS C 315 16.86 20.01 68.03
CA LYS C 315 17.14 21.25 68.74
C LYS C 315 18.03 22.13 67.88
N PHE C 316 17.52 23.30 67.53
CA PHE C 316 18.30 24.30 66.80
C PHE C 316 17.86 25.69 67.23
N GLN C 317 18.80 26.48 67.75
CA GLN C 317 18.57 27.87 68.11
C GLN C 317 19.67 28.71 67.47
N PHE C 318 19.27 29.79 66.81
CA PHE C 318 20.23 30.63 66.09
C PHE C 318 21.14 31.33 67.08
N ASP C 319 22.42 30.96 67.08
CA ASP C 319 23.38 31.54 68.03
C ASP C 319 23.79 32.95 67.63
N GLY C 320 24.10 33.15 66.35
CA GLY C 320 24.52 34.45 65.87
C GLY C 320 23.37 35.45 65.86
N ASP C 321 23.61 36.57 65.18
CA ASP C 321 22.63 37.63 65.07
C ASP C 321 22.19 37.79 63.63
N LYS C 322 21.04 38.45 63.45
CA LYS C 322 20.43 38.59 62.13
C LYS C 322 21.26 39.48 61.20
N LYS C 323 22.03 40.41 61.77
CA LYS C 323 22.64 41.47 60.96
C LYS C 323 23.60 40.90 59.92
N SER C 324 24.57 40.09 60.37
CA SER C 324 25.59 39.58 59.46
C SER C 324 25.16 38.34 58.68
N PHE C 325 24.17 37.60 59.19
CA PHE C 325 23.78 36.36 58.53
C PHE C 325 23.01 36.62 57.25
N LEU C 326 22.17 37.67 57.24
CA LEU C 326 21.45 38.01 56.01
C LEU C 326 22.41 38.41 54.90
N GLU C 327 23.54 39.03 55.26
CA GLU C 327 24.57 39.32 54.27
C GLU C 327 25.24 38.05 53.76
N ASP C 328 25.30 37.01 54.61
CA ASP C 328 25.80 35.72 54.15
C ASP C 328 24.81 35.06 53.19
N ILE C 329 23.51 35.28 53.39
CA ILE C 329 22.52 34.80 52.44
C ILE C 329 22.65 35.55 51.11
N ARG C 330 23.01 36.84 51.16
CA ARG C 330 23.20 37.60 49.93
C ARG C 330 24.40 37.09 49.14
N LYS C 331 25.53 36.87 49.82
CA LYS C 331 26.70 36.33 49.16
C LYS C 331 26.42 34.95 48.59
N ALA C 332 25.66 34.12 49.31
CA ALA C 332 25.32 32.79 48.82
C ALA C 332 24.43 32.87 47.59
N LEU C 333 23.44 33.77 47.61
CA LEU C 333 22.57 33.93 46.45
C LEU C 333 23.34 34.44 45.23
N TYR C 334 24.32 35.32 45.45
CA TYR C 334 25.10 35.85 44.34
C TYR C 334 26.06 34.79 43.80
N ALA C 335 26.71 34.03 44.68
CA ALA C 335 27.65 33.02 44.23
C ALA C 335 26.95 31.87 43.51
N SER C 336 25.82 31.42 44.04
CA SER C 336 25.08 30.34 43.38
C SER C 336 24.54 30.77 42.03
N LYS C 337 24.17 32.05 41.89
CA LYS C 337 23.73 32.54 40.59
C LYS C 337 24.85 32.54 39.57
N ILE C 338 26.09 32.81 40.02
CA ILE C 338 27.24 32.70 39.13
C ILE C 338 27.42 31.27 38.67
N ILE C 339 27.30 30.31 39.60
CA ILE C 339 27.45 28.89 39.25
C ILE C 339 26.37 28.48 38.25
N SER C 340 25.15 29.00 38.41
CA SER C 340 24.06 28.65 37.51
C SER C 340 24.36 29.10 36.07
N TYR C 341 24.72 30.37 35.91
CA TYR C 341 25.00 30.89 34.57
C TYR C 341 26.24 30.23 33.97
N ALA C 342 27.22 29.87 34.80
CA ALA C 342 28.38 29.14 34.29
C ALA C 342 27.96 27.80 33.70
N GLN C 343 27.11 27.07 34.41
CA GLN C 343 26.61 25.80 33.89
C GLN C 343 25.76 26.02 32.65
N GLY C 344 24.98 27.11 32.62
CA GLY C 344 24.11 27.37 31.48
C GLY C 344 24.89 27.60 30.20
N PHE C 345 25.95 28.40 30.27
CA PHE C 345 26.75 28.65 29.08
C PHE C 345 27.62 27.45 28.70
N MET C 346 27.91 26.56 29.64
CA MET C 346 28.56 25.31 29.29
C MET C 346 27.67 24.48 28.37
N LEU C 347 26.35 24.50 28.63
CA LEU C 347 25.40 23.79 27.77
C LEU C 347 25.35 24.43 26.39
N LEU C 348 25.38 25.77 26.33
CA LEU C 348 25.36 26.45 25.03
C LEU C 348 26.60 26.11 24.22
N ARG C 349 27.78 26.12 24.85
CA ARG C 349 29.01 25.82 24.13
C ARG C 349 29.04 24.37 23.66
N GLN C 350 28.53 23.44 24.47
CA GLN C 350 28.58 22.04 24.10
C GLN C 350 27.66 21.75 22.91
N ALA C 351 26.46 22.34 22.91
CA ALA C 351 25.54 22.12 21.80
C ALA C 351 26.00 22.85 20.54
N ALA C 352 26.64 24.01 20.69
CA ALA C 352 27.20 24.70 19.54
C ALA C 352 28.30 23.88 18.89
N THR C 353 29.11 23.19 19.71
CA THR C 353 30.15 22.33 19.16
C THR C 353 29.56 21.07 18.53
N GLU C 354 28.50 20.54 19.13
CA GLU C 354 27.89 19.32 18.60
C GLU C 354 27.26 19.56 17.23
N PHE C 355 26.29 20.47 17.17
CA PHE C 355 25.63 20.76 15.89
C PHE C 355 26.53 21.50 14.92
N GLY C 356 27.55 22.19 15.39
CA GLY C 356 28.40 22.98 14.53
C GLY C 356 28.02 24.44 14.41
N TRP C 357 27.23 24.96 15.36
CA TRP C 357 26.83 26.36 15.32
C TRP C 357 27.95 27.26 15.85
N THR C 358 27.84 28.54 15.55
CA THR C 358 28.78 29.56 16.02
C THR C 358 27.96 30.58 16.82
N LEU C 359 27.85 30.34 18.11
CA LEU C 359 27.07 31.21 19.00
C LEU C 359 27.94 32.35 19.51
N ASN C 360 27.35 33.55 19.56
CA ASN C 360 28.01 34.71 20.17
C ASN C 360 27.56 34.78 21.62
N TYR C 361 28.35 34.15 22.50
CA TYR C 361 27.97 34.05 23.91
C TYR C 361 27.83 35.43 24.54
N GLY C 362 28.68 36.38 24.14
CA GLY C 362 28.51 37.75 24.61
C GLY C 362 27.23 38.37 24.12
N GLY C 363 26.84 38.08 22.88
CA GLY C 363 25.59 38.59 22.36
C GLY C 363 24.38 37.96 23.04
N ILE C 364 24.50 36.67 23.39
CA ILE C 364 23.42 35.99 24.10
C ILE C 364 23.16 36.66 25.44
N ALA C 365 24.23 37.09 26.12
CA ALA C 365 24.06 37.78 27.40
C ALA C 365 23.36 39.12 27.22
N LEU C 366 23.66 39.84 26.14
CA LEU C 366 23.00 41.12 25.89
C LEU C 366 21.51 40.92 25.63
N MET C 367 21.16 39.93 24.80
CA MET C 367 19.76 39.65 24.53
C MET C 367 19.03 39.16 25.78
N TRP C 368 19.76 38.71 26.79
CA TRP C 368 19.15 38.29 28.05
C TRP C 368 19.15 39.40 29.10
N ARG C 369 20.00 40.41 28.98
CA ARG C 369 20.10 41.42 30.01
C ARG C 369 19.04 42.51 29.88
N GLY C 370 18.15 42.42 28.89
CA GLY C 370 17.10 43.40 28.74
C GLY C 370 15.89 42.88 27.98
N GLY C 371 14.71 43.02 28.57
CA GLY C 371 13.48 42.63 27.91
C GLY C 371 12.87 41.34 28.43
N CYS C 372 13.71 40.39 28.81
CA CYS C 372 13.24 39.10 29.29
C CYS C 372 13.03 39.18 30.80
N ILE C 373 12.93 38.03 31.47
CA ILE C 373 12.63 38.02 32.90
C ILE C 373 13.90 37.94 33.75
N ILE C 374 14.95 37.28 33.25
CA ILE C 374 16.18 37.09 34.03
C ILE C 374 17.13 38.25 33.82
N ARG C 375 16.61 39.37 33.30
CA ARG C 375 17.47 40.52 33.01
C ARG C 375 18.02 41.12 34.30
N SER C 376 19.29 41.48 34.26
CA SER C 376 20.01 41.99 35.42
C SER C 376 21.31 42.62 34.95
N VAL C 377 21.80 43.59 35.73
CA VAL C 377 23.10 44.18 35.44
C VAL C 377 24.22 43.15 35.61
N PHE C 378 23.95 42.09 36.37
CA PHE C 378 24.89 40.97 36.43
C PHE C 378 25.11 40.35 35.07
N LEU C 379 24.08 40.31 34.23
CA LEU C 379 24.23 39.81 32.87
C LEU C 379 25.10 40.73 32.02
N GLY C 380 25.09 42.04 32.31
CA GLY C 380 26.00 42.93 31.65
C GLY C 380 27.45 42.59 31.93
N LYS C 381 27.75 42.10 33.13
CA LYS C 381 29.09 41.64 33.45
C LYS C 381 29.40 40.30 32.83
N ILE C 382 28.38 39.57 32.37
CA ILE C 382 28.63 38.34 31.62
C ILE C 382 29.16 38.68 30.23
N LYS C 383 28.63 39.73 29.61
CA LYS C 383 28.99 40.06 28.23
C LYS C 383 30.45 40.50 28.13
N ASP C 384 30.84 41.50 28.91
CA ASP C 384 32.22 41.99 28.86
C ASP C 384 33.22 40.93 29.33
N ALA C 385 32.76 39.93 30.08
CA ALA C 385 33.63 38.80 30.40
C ALA C 385 33.98 38.00 29.15
N PHE C 386 33.01 37.80 28.27
CA PHE C 386 33.26 37.10 27.01
C PHE C 386 34.01 37.95 26.00
N ASP C 387 33.93 39.28 26.12
CA ASP C 387 34.64 40.14 25.17
C ASP C 387 36.15 40.04 25.36
N ARG C 388 36.60 39.92 26.61
CA ARG C 388 38.04 39.78 26.87
C ARG C 388 38.57 38.44 26.36
N ASN C 389 37.72 37.43 26.29
CA ASN C 389 38.12 36.12 25.81
C ASN C 389 36.91 35.42 25.21
N PRO C 390 36.71 35.55 23.89
CA PRO C 390 35.54 34.91 23.26
C PRO C 390 35.52 33.40 23.41
N GLU C 391 36.68 32.76 23.55
CA GLU C 391 36.75 31.32 23.77
C GLU C 391 36.89 30.97 25.24
N LEU C 392 36.20 31.70 26.11
CA LEU C 392 36.26 31.43 27.54
C LEU C 392 35.70 30.06 27.84
N GLN C 393 36.53 29.20 28.46
CA GLN C 393 36.11 27.83 28.71
C GLN C 393 35.03 27.74 29.76
N ASN C 394 35.01 28.67 30.71
CA ASN C 394 34.04 28.65 31.80
C ASN C 394 34.02 30.01 32.48
N LEU C 395 32.84 30.38 32.99
CA LEU C 395 32.71 31.66 33.67
C LEU C 395 33.54 31.72 34.96
N LEU C 396 33.78 30.56 35.59
CA LEU C 396 34.64 30.53 36.77
C LEU C 396 36.09 30.85 36.46
N LEU C 397 36.46 31.03 35.19
CA LEU C 397 37.82 31.35 34.80
C LEU C 397 38.01 32.83 34.46
N ASP C 398 36.96 33.64 34.60
CA ASP C 398 37.07 35.08 34.36
C ASP C 398 37.53 35.77 35.64
N ASP C 399 38.19 36.92 35.46
CA ASP C 399 38.78 37.61 36.60
C ASP C 399 37.71 38.10 37.57
N PHE C 400 36.58 38.60 37.05
CA PHE C 400 35.55 39.15 37.91
C PHE C 400 34.83 38.05 38.68
N PHE C 401 34.44 36.97 37.99
CA PHE C 401 33.66 35.93 38.66
C PHE C 401 34.52 35.09 39.60
N LYS C 402 35.82 34.96 39.30
CA LYS C 402 36.72 34.31 40.26
C LYS C 402 36.82 35.13 41.54
N SER C 403 37.05 36.44 41.41
CA SER C 403 37.13 37.30 42.58
C SER C 403 35.79 37.39 43.31
N ALA C 404 34.68 37.33 42.56
CA ALA C 404 33.36 37.43 43.18
C ALA C 404 33.07 36.20 44.04
N VAL C 405 33.35 35.00 43.51
CA VAL C 405 33.11 33.78 44.28
C VAL C 405 34.05 33.72 45.48
N GLU C 406 35.30 34.15 45.30
CA GLU C 406 36.24 34.19 46.43
C GLU C 406 35.76 35.16 47.50
N ASN C 407 35.16 36.28 47.09
CA ASN C 407 34.63 37.24 48.05
C ASN C 407 33.38 36.72 48.75
N CYS C 408 32.70 35.73 48.18
CA CYS C 408 31.46 35.22 48.73
C CYS C 408 31.59 33.87 49.41
N GLN C 409 32.73 33.20 49.29
CA GLN C 409 32.81 31.79 49.66
C GLN C 409 32.60 31.58 51.16
N ASP C 410 33.25 32.39 51.99
CA ASP C 410 33.14 32.20 53.44
C ASP C 410 31.69 32.38 53.91
N SER C 411 31.03 33.44 53.44
CA SER C 411 29.63 33.64 53.76
C SER C 411 28.75 32.59 53.09
N TRP C 412 29.17 32.09 51.94
CA TRP C 412 28.41 31.05 51.25
C TRP C 412 28.31 29.79 52.08
N ARG C 413 29.45 29.29 52.56
CA ARG C 413 29.45 28.07 53.37
C ARG C 413 28.80 28.28 54.73
N ARG C 414 28.89 29.49 55.28
CA ARG C 414 28.26 29.76 56.57
C ARG C 414 26.75 29.73 56.45
N ALA C 415 26.21 30.18 55.32
CA ALA C 415 24.76 30.13 55.12
C ALA C 415 24.31 28.70 54.84
N VAL C 416 25.12 27.93 54.12
CA VAL C 416 24.76 26.54 53.85
C VAL C 416 24.80 25.71 55.12
N SER C 417 25.84 25.90 55.93
CA SER C 417 25.97 25.12 57.16
C SER C 417 24.84 25.43 58.13
N THR C 418 24.43 26.70 58.22
CA THR C 418 23.35 27.06 59.12
C THR C 418 22.02 26.49 58.65
N GLY C 419 21.74 26.58 57.35
CA GLY C 419 20.50 26.03 56.82
C GLY C 419 20.41 24.53 56.94
N VAL C 420 21.56 23.85 56.90
CA VAL C 420 21.57 22.39 57.08
C VAL C 420 21.19 22.04 58.51
N GLN C 421 21.74 22.75 59.49
CA GLN C 421 21.39 22.49 60.88
C GLN C 421 19.97 22.95 61.21
N ALA C 422 19.46 23.95 60.48
CA ALA C 422 18.11 24.42 60.70
C ALA C 422 17.06 23.53 60.04
N GLY C 423 17.46 22.67 59.12
CA GLY C 423 16.51 21.82 58.43
C GLY C 423 15.74 22.52 57.34
N ILE C 424 16.37 23.44 56.62
CA ILE C 424 15.73 24.20 55.56
C ILE C 424 16.17 23.63 54.22
N PRO C 425 15.26 23.28 53.32
CA PRO C 425 15.67 22.73 52.03
C PRO C 425 16.36 23.78 51.18
N MET C 426 17.62 23.50 50.82
CA MET C 426 18.42 24.39 49.98
C MET C 426 18.99 23.56 48.83
N PRO C 427 18.12 23.09 47.92
CA PRO C 427 18.62 22.21 46.85
C PRO C 427 19.53 22.91 45.86
N CYS C 428 19.33 24.20 45.61
CA CYS C 428 20.15 24.91 44.64
C CYS C 428 21.39 25.56 45.28
N PHE C 429 21.29 25.99 46.53
CA PHE C 429 22.49 26.48 47.22
C PHE C 429 23.49 25.37 47.43
N THR C 430 23.02 24.18 47.78
CA THR C 430 23.93 23.07 48.05
C THR C 430 24.53 22.51 46.77
N THR C 431 23.75 22.48 45.68
CA THR C 431 24.28 21.92 44.44
C THR C 431 25.24 22.88 43.76
N ALA C 432 25.11 24.19 44.01
CA ALA C 432 26.06 25.15 43.46
C ALA C 432 27.37 25.11 44.22
N LEU C 433 27.32 24.90 45.54
CA LEU C 433 28.54 24.78 46.33
C LEU C 433 29.23 23.45 46.08
N SER C 434 28.45 22.37 45.93
CA SER C 434 29.04 21.07 45.62
C SER C 434 29.67 21.06 44.24
N PHE C 435 29.05 21.74 43.28
CA PHE C 435 29.64 21.84 41.95
C PHE C 435 30.93 22.66 41.97
N TYR C 436 30.93 23.76 42.73
CA TYR C 436 32.13 24.60 42.80
C TYR C 436 33.30 23.84 43.41
N ASP C 437 33.05 23.14 44.53
CA ASP C 437 34.13 22.38 45.16
C ASP C 437 34.55 21.19 44.31
N GLY C 438 33.66 20.68 43.46
CA GLY C 438 34.00 19.58 42.59
C GLY C 438 34.73 20.02 41.34
N TYR C 439 34.33 21.18 40.78
CA TYR C 439 34.98 21.71 39.60
C TYR C 439 36.36 22.27 39.89
N ARG C 440 36.62 22.66 41.14
CA ARG C 440 37.91 23.23 41.52
C ARG C 440 38.91 22.19 42.01
N HIS C 441 38.46 20.95 42.28
CA HIS C 441 39.36 19.91 42.76
C HIS C 441 40.05 19.24 41.59
N GLU C 442 41.38 19.21 41.61
CA GLU C 442 42.12 18.49 40.58
C GLU C 442 41.90 16.99 40.70
N MET C 443 41.77 16.48 41.93
CA MET C 443 41.56 15.06 42.18
C MET C 443 40.18 14.87 42.82
N LEU C 444 39.34 14.09 42.17
CA LEU C 444 38.01 13.76 42.65
C LEU C 444 37.90 12.26 42.91
N PRO C 445 36.98 11.84 43.79
CA PRO C 445 36.89 10.41 44.13
C PRO C 445 36.30 9.56 43.01
N ALA C 446 36.14 10.14 41.82
CA ALA C 446 35.61 9.37 40.70
C ALA C 446 36.55 8.28 40.24
N SER C 447 37.83 8.35 40.60
CA SER C 447 38.75 7.25 40.31
C SER C 447 38.29 5.96 40.98
N LEU C 448 37.61 6.07 42.11
CA LEU C 448 37.07 4.88 42.76
C LEU C 448 35.95 4.25 41.94
N ILE C 449 35.15 5.07 41.26
CA ILE C 449 34.09 4.55 40.40
C ILE C 449 34.69 3.74 39.26
N GLN C 450 35.74 4.26 38.62
CA GLN C 450 36.39 3.52 37.55
C GLN C 450 37.04 2.25 38.07
N ALA C 451 37.63 2.32 39.27
CA ALA C 451 38.19 1.12 39.89
C ALA C 451 37.10 0.12 40.23
N GLN C 452 35.92 0.60 40.63
CA GLN C 452 34.81 -0.29 40.94
C GLN C 452 34.32 -1.00 39.68
N ARG C 453 34.12 -0.24 38.59
CA ARG C 453 33.60 -0.85 37.37
C ARG C 453 34.59 -1.84 36.76
N ASP C 454 35.89 -1.53 36.85
CA ASP C 454 36.89 -2.50 36.42
C ASP C 454 36.95 -3.71 37.33
N TYR C 455 36.53 -3.57 38.59
CA TYR C 455 36.52 -4.70 39.51
C TYR C 455 35.52 -5.77 39.06
N PHE C 456 34.26 -5.39 38.87
CA PHE C 456 33.23 -6.39 38.60
C PHE C 456 33.02 -6.66 37.11
N GLY C 457 33.70 -5.93 36.23
CA GLY C 457 33.77 -6.28 34.82
C GLY C 457 33.21 -5.27 33.84
N ALA C 458 32.64 -4.15 34.29
CA ALA C 458 32.00 -3.21 33.37
C ALA C 458 32.99 -2.56 32.42
N HIS C 459 33.82 -1.64 32.93
CA HIS C 459 34.68 -0.83 32.07
C HIS C 459 36.16 -1.07 32.35
N THR C 460 36.99 -0.12 31.96
CA THR C 460 38.40 -0.06 32.32
C THR C 460 38.66 1.28 33.00
N TYR C 461 39.85 1.45 33.56
CA TYR C 461 40.09 2.56 34.48
C TYR C 461 41.15 3.56 34.04
N GLU C 462 42.13 3.15 33.23
CA GLU C 462 43.23 4.02 32.79
C GLU C 462 44.09 4.48 33.96
N LEU C 463 45.26 5.03 33.67
CA LEU C 463 46.14 5.57 34.68
C LEU C 463 46.29 7.08 34.52
N LEU C 464 46.63 7.74 35.63
CA LEU C 464 46.74 9.20 35.62
C LEU C 464 47.81 9.68 34.65
N ALA C 465 48.96 9.01 34.63
CA ALA C 465 50.09 9.42 33.81
C ALA C 465 50.04 8.85 32.40
N LYS C 466 48.91 8.30 31.98
CA LYS C 466 48.79 7.75 30.63
C LYS C 466 47.33 7.68 30.20
N PRO C 467 46.70 8.82 29.91
CA PRO C 467 45.31 8.78 29.44
C PRO C 467 45.20 8.13 28.08
N GLY C 468 44.05 7.49 27.83
CA GLY C 468 43.79 6.83 26.58
C GLY C 468 44.15 5.35 26.55
N GLN C 469 45.01 4.90 27.45
CA GLN C 469 45.41 3.50 27.52
C GLN C 469 44.52 2.79 28.53
N PHE C 470 43.68 1.89 28.06
CA PHE C 470 42.73 1.17 28.91
C PHE C 470 43.40 -0.07 29.50
N ILE C 471 43.34 -0.20 30.82
CA ILE C 471 43.98 -1.31 31.52
C ILE C 471 42.91 -2.10 32.27
N HIS C 472 43.18 -3.39 32.46
CA HIS C 472 42.32 -4.27 33.23
C HIS C 472 43.14 -4.95 34.31
N THR C 473 42.76 -4.73 35.57
CA THR C 473 43.40 -5.38 36.71
C THR C 473 42.43 -6.37 37.32
N ASN C 474 42.94 -7.56 37.65
CA ASN C 474 42.14 -8.59 38.31
C ASN C 474 42.36 -8.45 39.82
N TRP C 475 41.51 -7.64 40.45
CA TRP C 475 41.62 -7.36 41.88
C TRP C 475 41.34 -8.58 42.75
N THR C 476 40.96 -9.70 42.17
CA THR C 476 40.70 -10.93 42.93
C THR C 476 41.65 -12.05 42.51
N ALA D 8 11.12 -30.82 19.70
CA ALA D 8 11.81 -32.10 19.60
C ALA D 8 12.45 -32.49 20.92
N GLN D 9 13.70 -32.07 21.12
CA GLN D 9 14.46 -32.44 22.30
C GLN D 9 14.95 -31.25 23.13
N ALA D 10 15.00 -30.05 22.56
CA ALA D 10 15.46 -28.87 23.27
C ALA D 10 14.31 -28.18 23.98
N ASP D 11 14.55 -27.77 25.22
CA ASP D 11 13.52 -27.08 26.00
C ASP D 11 13.51 -25.58 25.77
N ILE D 12 14.67 -24.97 25.50
CA ILE D 12 14.76 -23.54 25.31
C ILE D 12 15.90 -23.27 24.34
N ALA D 13 15.83 -22.13 23.66
CA ALA D 13 16.85 -21.71 22.71
C ALA D 13 17.30 -20.29 23.02
N LEU D 14 18.59 -20.03 22.80
CA LEU D 14 19.18 -18.72 23.00
C LEU D 14 19.92 -18.32 21.74
N ILE D 15 19.68 -17.11 21.26
CA ILE D 15 20.31 -16.57 20.06
C ILE D 15 21.31 -15.51 20.50
N GLY D 16 22.55 -15.62 19.99
CA GLY D 16 23.59 -14.69 20.38
C GLY D 16 24.66 -15.37 21.22
N LEU D 17 25.72 -15.87 20.57
CA LEU D 17 26.75 -16.63 21.26
C LEU D 17 27.91 -15.71 21.64
N ALA D 18 27.63 -14.83 22.59
CA ALA D 18 28.64 -14.00 23.23
C ALA D 18 28.90 -14.54 24.63
N VAL D 19 29.84 -13.91 25.34
CA VAL D 19 30.19 -14.35 26.68
C VAL D 19 28.97 -14.30 27.59
N MET D 20 28.05 -13.38 27.33
CA MET D 20 26.77 -13.36 28.05
C MET D 20 25.89 -14.52 27.62
N GLY D 21 25.68 -14.68 26.32
CA GLY D 21 24.80 -15.74 25.84
C GLY D 21 25.34 -17.13 26.12
N GLN D 22 26.65 -17.31 26.02
CA GLN D 22 27.26 -18.62 26.27
C GLN D 22 27.05 -19.02 27.73
N ASN D 23 27.34 -18.11 28.66
CA ASN D 23 27.24 -18.44 30.08
C ASN D 23 25.80 -18.74 30.50
N LEU D 24 24.82 -18.07 29.89
CA LEU D 24 23.43 -18.38 30.19
C LEU D 24 23.06 -19.77 29.66
N ILE D 25 23.61 -20.15 28.51
CA ILE D 25 23.35 -21.48 27.98
C ILE D 25 23.98 -22.54 28.87
N LEU D 26 25.22 -22.33 29.29
CA LEU D 26 25.88 -23.26 30.20
C LEU D 26 25.22 -23.27 31.57
N ASN D 27 24.70 -22.13 32.02
CA ASN D 27 23.97 -22.09 33.28
C ASN D 27 22.71 -22.94 33.19
N MET D 28 21.97 -22.83 32.08
CA MET D 28 20.79 -23.66 31.91
C MET D 28 21.15 -25.13 31.70
N ASN D 29 22.32 -25.40 31.11
CA ASN D 29 22.74 -26.79 30.93
C ASN D 29 23.08 -27.44 32.27
N ASP D 30 23.79 -26.71 33.15
CA ASP D 30 24.12 -27.22 34.47
C ASP D 30 22.89 -27.43 35.34
N HIS D 31 21.74 -26.88 34.95
CA HIS D 31 20.49 -27.10 35.66
C HIS D 31 19.60 -28.15 34.98
N GLY D 32 20.16 -28.92 34.06
CA GLY D 32 19.43 -30.01 33.45
C GLY D 32 18.46 -29.63 32.35
N PHE D 33 18.80 -28.63 31.55
CA PHE D 33 17.96 -28.19 30.44
C PHE D 33 18.73 -28.34 29.13
N VAL D 34 18.06 -28.89 28.12
CA VAL D 34 18.64 -29.00 26.79
C VAL D 34 18.44 -27.68 26.07
N VAL D 35 19.54 -26.98 25.78
CA VAL D 35 19.50 -25.65 25.18
C VAL D 35 20.00 -25.75 23.75
N CYS D 36 19.33 -25.06 22.84
CA CYS D 36 19.72 -24.99 21.44
C CYS D 36 20.45 -23.67 21.21
N ALA D 37 21.74 -23.75 20.92
CA ALA D 37 22.53 -22.56 20.65
C ALA D 37 22.36 -22.12 19.20
N PHE D 38 22.40 -20.81 18.99
CA PHE D 38 22.25 -20.26 17.64
C PHE D 38 22.86 -18.87 17.60
N ASN D 39 23.20 -18.43 16.38
CA ASN D 39 23.78 -17.12 16.16
C ASN D 39 23.56 -16.75 14.70
N ARG D 40 23.57 -15.44 14.43
CA ARG D 40 23.46 -14.97 13.05
C ARG D 40 24.54 -15.58 12.17
N THR D 41 25.80 -15.43 12.58
CA THR D 41 26.91 -16.12 11.91
C THR D 41 27.00 -17.52 12.49
N VAL D 42 26.41 -18.49 11.78
CA VAL D 42 26.32 -19.85 12.29
C VAL D 42 27.66 -20.56 12.38
N SER D 43 28.74 -19.95 11.87
CA SER D 43 30.06 -20.54 12.03
C SER D 43 30.49 -20.54 13.49
N LYS D 44 30.03 -19.56 14.27
CA LYS D 44 30.35 -19.50 15.69
C LYS D 44 29.54 -20.50 16.52
N VAL D 45 28.58 -21.20 15.91
CA VAL D 45 27.88 -22.26 16.62
C VAL D 45 28.75 -23.51 16.69
N ASP D 46 29.43 -23.86 15.60
CA ASP D 46 30.34 -24.99 15.61
C ASP D 46 31.48 -24.77 16.60
N ASP D 47 31.91 -23.51 16.79
CA ASP D 47 32.95 -23.22 17.77
C ASP D 47 32.46 -23.47 19.18
N PHE D 48 31.26 -22.99 19.50
CA PHE D 48 30.74 -23.11 20.86
C PHE D 48 30.45 -24.55 21.24
N LEU D 49 30.03 -25.37 20.27
CA LEU D 49 29.71 -26.77 20.55
C LEU D 49 30.95 -27.63 20.74
N ALA D 50 32.11 -27.20 20.24
CA ALA D 50 33.33 -27.97 20.34
C ALA D 50 34.35 -27.34 21.27
N ASN D 51 33.97 -26.33 22.04
CA ASN D 51 34.90 -25.66 22.95
C ASN D 51 34.27 -25.46 24.32
N GLU D 52 33.50 -24.37 24.48
CA GLU D 52 32.92 -24.06 25.78
C GLU D 52 31.81 -25.02 26.16
N ALA D 53 31.25 -25.75 25.20
CA ALA D 53 30.19 -26.73 25.46
C ALA D 53 30.63 -28.13 25.07
N LYS D 54 31.92 -28.43 25.27
CA LYS D 54 32.45 -29.75 24.97
C LYS D 54 32.02 -30.72 26.07
N GLY D 55 31.08 -31.60 25.75
CA GLY D 55 30.57 -32.57 26.68
C GLY D 55 29.33 -32.16 27.44
N THR D 56 28.43 -31.39 26.82
CA THR D 56 27.20 -30.93 27.46
C THR D 56 26.00 -31.34 26.63
N LYS D 57 24.81 -31.17 27.21
CA LYS D 57 23.56 -31.45 26.52
C LYS D 57 23.21 -30.38 25.49
N VAL D 58 24.08 -29.39 25.27
CA VAL D 58 23.78 -28.30 24.35
C VAL D 58 23.75 -28.82 22.92
N VAL D 59 22.69 -28.47 22.19
CA VAL D 59 22.58 -28.78 20.78
C VAL D 59 22.70 -27.49 19.98
N GLY D 60 23.01 -27.64 18.69
CA GLY D 60 23.21 -26.50 17.82
C GLY D 60 22.17 -26.47 16.69
N ALA D 61 22.20 -25.37 15.94
CA ALA D 61 21.30 -25.16 14.82
C ALA D 61 21.97 -24.24 13.81
N GLN D 62 21.83 -24.58 12.53
CA GLN D 62 22.43 -23.81 11.46
C GLN D 62 21.46 -22.84 10.81
N SER D 63 20.20 -22.84 11.21
CA SER D 63 19.21 -21.91 10.68
C SER D 63 18.15 -21.66 11.74
N LEU D 64 17.31 -20.65 11.48
CA LEU D 64 16.23 -20.34 12.40
C LEU D 64 15.17 -21.43 12.41
N LYS D 65 14.77 -21.91 11.23
CA LYS D 65 13.75 -22.96 11.15
C LYS D 65 14.25 -24.25 11.78
N GLU D 66 15.53 -24.56 11.59
CA GLU D 66 16.12 -25.73 12.26
C GLU D 66 16.06 -25.58 13.77
N MET D 67 16.37 -24.39 14.28
CA MET D 67 16.29 -24.16 15.72
C MET D 67 14.85 -24.26 16.21
N VAL D 68 13.90 -23.69 15.46
CA VAL D 68 12.49 -23.76 15.83
C VAL D 68 12.01 -25.21 15.86
N SER D 69 12.57 -26.05 14.99
CA SER D 69 12.15 -27.45 14.94
C SER D 69 12.64 -28.26 16.13
N LYS D 70 13.65 -27.77 16.85
CA LYS D 70 14.21 -28.50 17.99
C LYS D 70 13.49 -28.21 19.30
N LEU D 71 12.65 -27.19 19.35
CA LEU D 71 12.09 -26.72 20.61
C LEU D 71 10.76 -27.42 20.91
N LYS D 72 10.59 -27.85 22.15
CA LYS D 72 9.32 -28.42 22.58
C LYS D 72 8.30 -27.30 22.78
N LYS D 73 7.06 -27.56 22.38
CA LYS D 73 6.04 -26.52 22.46
C LYS D 73 5.45 -26.45 23.86
N PRO D 74 5.18 -25.23 24.38
CA PRO D 74 5.39 -23.95 23.72
C PRO D 74 6.86 -23.56 23.59
N ARG D 75 7.26 -23.14 22.39
CA ARG D 75 8.65 -22.84 22.12
C ARG D 75 9.11 -21.62 22.90
N ARG D 76 10.36 -21.65 23.35
CA ARG D 76 10.95 -20.58 24.16
C ARG D 76 12.25 -20.16 23.50
N ILE D 77 12.30 -18.92 23.03
CA ILE D 77 13.47 -18.38 22.33
C ILE D 77 13.94 -17.15 23.10
N ILE D 78 15.19 -17.18 23.55
CA ILE D 78 15.81 -16.06 24.26
C ILE D 78 16.67 -15.28 23.28
N LEU D 79 16.48 -13.96 23.25
CA LEU D 79 17.27 -13.07 22.39
C LEU D 79 18.30 -12.36 23.24
N LEU D 80 19.58 -12.65 22.98
CA LEU D 80 20.67 -11.93 23.62
C LEU D 80 21.57 -11.28 22.59
N VAL D 81 21.00 -10.40 21.77
CA VAL D 81 21.74 -9.70 20.74
C VAL D 81 21.89 -8.24 21.14
N LYS D 82 22.60 -7.46 20.32
CA LYS D 82 22.77 -6.05 20.59
C LYS D 82 21.42 -5.34 20.54
N ALA D 83 21.16 -4.52 21.56
CA ALA D 83 19.88 -3.82 21.63
C ALA D 83 19.72 -2.87 20.46
N GLY D 84 18.48 -2.71 20.01
CA GLY D 84 18.20 -1.88 18.86
C GLY D 84 17.44 -2.61 17.76
N GLN D 85 17.81 -2.36 16.50
CA GLN D 85 17.10 -3.00 15.40
C GLN D 85 17.37 -4.49 15.30
N ALA D 86 18.45 -4.97 15.92
CA ALA D 86 18.78 -6.39 15.86
C ALA D 86 17.69 -7.23 16.51
N VAL D 87 17.08 -6.71 17.59
CA VAL D 87 15.96 -7.40 18.20
C VAL D 87 14.77 -7.46 17.25
N ASP D 88 14.46 -6.34 16.59
CA ASP D 88 13.36 -6.32 15.63
C ASP D 88 13.66 -7.19 14.41
N ASP D 89 14.93 -7.27 14.00
CA ASP D 89 15.28 -8.12 12.87
C ASP D 89 14.99 -9.58 13.16
N PHE D 90 15.36 -10.05 14.36
CA PHE D 90 15.12 -11.44 14.70
C PHE D 90 13.64 -11.72 14.90
N ILE D 91 12.89 -10.76 15.47
CA ILE D 91 11.46 -10.95 15.67
C ILE D 91 10.75 -11.07 14.32
N GLU D 92 11.07 -10.16 13.39
CA GLU D 92 10.46 -10.22 12.07
C GLU D 92 10.83 -11.51 11.34
N LYS D 93 11.99 -12.09 11.66
CA LYS D 93 12.37 -13.37 11.08
C LYS D 93 11.74 -14.55 11.81
N LEU D 94 11.44 -14.39 13.10
CA LEU D 94 10.94 -15.50 13.90
C LEU D 94 9.43 -15.67 13.82
N VAL D 95 8.68 -14.60 13.58
CA VAL D 95 7.22 -14.69 13.59
C VAL D 95 6.69 -15.71 12.58
N PRO D 96 7.14 -15.72 11.31
CA PRO D 96 6.61 -16.71 10.37
C PRO D 96 6.93 -18.15 10.73
N LEU D 97 7.95 -18.39 11.55
CA LEU D 97 8.36 -19.74 11.91
C LEU D 97 7.72 -20.25 13.19
N LEU D 98 7.10 -19.39 13.99
CA LEU D 98 6.53 -19.79 15.26
C LEU D 98 5.05 -20.12 15.12
N ASP D 99 4.54 -20.88 16.08
CA ASP D 99 3.13 -21.21 16.16
C ASP D 99 2.46 -20.40 17.27
N THR D 100 1.13 -20.39 17.25
CA THR D 100 0.37 -19.64 18.25
C THR D 100 0.64 -20.20 19.64
N GLY D 101 1.15 -19.34 20.52
CA GLY D 101 1.52 -19.73 21.86
C GLY D 101 3.00 -19.72 22.14
N ASP D 102 3.84 -19.56 21.12
CA ASP D 102 5.28 -19.54 21.31
C ASP D 102 5.70 -18.26 22.03
N ILE D 103 6.91 -18.29 22.59
CA ILE D 103 7.40 -17.26 23.48
C ILE D 103 8.75 -16.77 22.99
N ILE D 104 8.92 -15.44 22.93
CA ILE D 104 10.18 -14.80 22.61
C ILE D 104 10.59 -13.93 23.79
N ILE D 105 11.79 -14.16 24.30
CA ILE D 105 12.31 -13.45 25.47
C ILE D 105 13.48 -12.59 25.03
N ASP D 106 13.36 -11.28 25.22
CA ASP D 106 14.43 -10.33 24.90
C ASP D 106 15.19 -10.03 26.18
N GLY D 107 16.40 -10.58 26.28
CA GLY D 107 17.26 -10.36 27.43
C GLY D 107 18.24 -9.22 27.30
N GLY D 108 18.23 -8.51 26.17
CA GLY D 108 19.15 -7.41 25.96
C GLY D 108 18.76 -6.16 26.75
N ASN D 109 19.63 -5.16 26.66
CA ASN D 109 19.41 -3.88 27.34
C ASN D 109 18.62 -2.94 26.43
N SER D 110 17.36 -3.30 26.21
CA SER D 110 16.47 -2.56 25.34
C SER D 110 15.76 -1.46 26.12
N GLU D 111 15.37 -0.41 25.40
CA GLU D 111 14.58 0.65 26.02
C GLU D 111 13.15 0.16 26.23
N TYR D 112 12.56 0.54 27.36
CA TYR D 112 11.26 -0.01 27.74
C TYR D 112 10.16 0.35 26.74
N ARG D 113 10.30 1.49 26.06
CA ARG D 113 9.28 1.86 25.08
C ARG D 113 9.29 0.93 23.88
N ASP D 114 10.46 0.43 23.49
CA ASP D 114 10.52 -0.53 22.40
C ASP D 114 9.94 -1.88 22.83
N THR D 115 10.21 -2.30 24.07
CA THR D 115 9.65 -3.56 24.55
C THR D 115 8.13 -3.50 24.60
N THR D 116 7.56 -2.33 24.92
CA THR D 116 6.12 -2.18 24.91
C THR D 116 5.56 -2.30 23.50
N ARG D 117 6.22 -1.67 22.53
CA ARG D 117 5.77 -1.75 21.14
C ARG D 117 5.82 -3.19 20.62
N ARG D 118 6.89 -3.91 20.95
CA ARG D 118 6.99 -5.31 20.51
C ARG D 118 6.00 -6.19 21.26
N CYS D 119 5.71 -5.90 22.52
CA CYS D 119 4.78 -6.72 23.29
C CYS D 119 3.36 -6.60 22.75
N ARG D 120 2.95 -5.38 22.37
CA ARG D 120 1.61 -5.20 21.82
C ARG D 120 1.52 -5.74 20.40
N ASP D 121 2.56 -5.54 19.59
CA ASP D 121 2.55 -6.03 18.22
C ASP D 121 2.50 -7.55 18.16
N LEU D 122 3.31 -8.21 18.99
CA LEU D 122 3.38 -9.67 18.96
C LEU D 122 2.16 -10.31 19.62
N LYS D 123 1.60 -9.68 20.65
CA LYS D 123 0.37 -10.20 21.24
C LYS D 123 -0.77 -10.23 20.23
N ALA D 124 -0.81 -9.25 19.33
CA ALA D 124 -1.81 -9.27 18.27
C ALA D 124 -1.54 -10.38 17.26
N LYS D 125 -0.27 -10.74 17.06
CA LYS D 125 0.10 -11.83 16.15
C LYS D 125 0.01 -13.19 16.80
N GLY D 126 -0.51 -13.28 18.03
CA GLY D 126 -0.64 -14.55 18.71
C GLY D 126 0.62 -15.08 19.35
N ILE D 127 1.68 -14.27 19.44
CA ILE D 127 2.94 -14.68 20.03
C ILE D 127 3.13 -13.96 21.35
N LEU D 128 3.60 -14.68 22.36
CA LEU D 128 3.79 -14.13 23.70
C LEU D 128 5.22 -13.58 23.80
N PHE D 129 5.33 -12.25 23.91
CA PHE D 129 6.63 -11.60 24.01
C PHE D 129 6.94 -11.26 25.46
N VAL D 130 8.20 -11.43 25.85
CA VAL D 130 8.66 -11.15 27.19
C VAL D 130 9.91 -10.28 27.12
N GLY D 131 9.88 -9.16 27.83
CA GLY D 131 11.05 -8.31 27.96
C GLY D 131 11.68 -8.43 29.34
N SER D 132 12.80 -9.13 29.42
CA SER D 132 13.43 -9.43 30.69
C SER D 132 14.77 -8.71 30.82
N GLY D 133 15.06 -8.24 32.02
CA GLY D 133 16.35 -7.64 32.33
C GLY D 133 17.29 -8.66 32.95
N VAL D 134 18.55 -8.59 32.55
CA VAL D 134 19.57 -9.54 33.00
C VAL D 134 20.71 -8.73 33.61
N SER D 135 20.90 -8.87 34.92
CA SER D 135 21.98 -8.20 35.64
C SER D 135 22.88 -9.22 36.30
N GLY D 136 24.17 -8.90 36.36
CA GLY D 136 25.15 -9.79 36.93
C GLY D 136 26.43 -9.86 36.13
N GLY D 137 26.45 -9.17 34.99
CA GLY D 137 27.62 -9.19 34.15
C GLY D 137 27.87 -10.57 33.56
N GLU D 138 29.13 -10.83 33.22
CA GLU D 138 29.50 -12.10 32.60
C GLU D 138 29.62 -13.21 33.64
N GLU D 139 30.23 -12.91 34.78
CA GLU D 139 30.38 -13.93 35.82
C GLU D 139 29.03 -14.35 36.38
N GLY D 140 28.10 -13.40 36.52
CA GLY D 140 26.79 -13.72 37.07
C GLY D 140 25.94 -14.58 36.15
N ALA D 141 26.03 -14.36 34.83
CA ALA D 141 25.23 -15.13 33.89
C ALA D 141 25.62 -16.60 33.83
N ARG D 142 26.72 -16.99 34.47
CA ARG D 142 27.19 -18.37 34.45
C ARG D 142 26.73 -19.18 35.66
N TYR D 143 26.55 -18.54 36.80
CA TYR D 143 26.21 -19.26 38.03
C TYR D 143 24.97 -18.74 38.75
N GLY D 144 24.47 -17.56 38.41
CA GLY D 144 23.30 -17.02 39.06
C GLY D 144 23.08 -15.54 38.79
N PRO D 145 22.39 -15.24 37.70
CA PRO D 145 22.03 -13.85 37.40
C PRO D 145 20.64 -13.51 37.94
N SER D 146 20.42 -12.21 38.10
CA SER D 146 19.12 -11.69 38.50
C SER D 146 18.30 -11.38 37.25
N LEU D 147 17.09 -11.93 37.18
CA LEU D 147 16.25 -11.81 36.00
C LEU D 147 15.02 -10.97 36.32
N MET D 148 14.64 -10.11 35.37
CA MET D 148 13.55 -9.16 35.55
C MET D 148 12.55 -9.31 34.41
N PRO D 149 11.79 -10.41 34.39
CA PRO D 149 10.90 -10.66 33.25
C PRO D 149 9.63 -9.82 33.33
N GLY D 150 9.15 -9.40 32.16
CA GLY D 150 7.92 -8.64 32.06
C GLY D 150 7.41 -8.68 30.64
N GLY D 151 6.17 -8.20 30.47
CA GLY D 151 5.55 -8.15 29.17
C GLY D 151 4.21 -8.85 29.10
N ASN D 152 4.18 -10.03 28.51
CA ASN D 152 2.96 -10.82 28.38
C ASN D 152 2.97 -11.90 29.45
N LYS D 153 2.12 -11.73 30.47
CA LYS D 153 2.11 -12.65 31.61
C LYS D 153 1.65 -14.04 31.21
N GLU D 154 0.97 -14.18 30.08
CA GLU D 154 0.56 -15.50 29.59
C GLU D 154 1.76 -16.43 29.39
N ALA D 155 2.95 -15.87 29.21
CA ALA D 155 4.16 -16.66 29.02
C ALA D 155 4.93 -16.90 30.32
N TRP D 156 4.51 -16.30 31.43
CA TRP D 156 5.25 -16.47 32.68
C TRP D 156 5.22 -17.90 33.20
N PRO D 157 4.09 -18.61 33.27
CA PRO D 157 4.12 -19.98 33.82
C PRO D 157 4.95 -20.96 33.00
N HIS D 158 5.34 -20.61 31.77
CA HIS D 158 6.16 -21.50 30.96
C HIS D 158 7.64 -21.24 31.14
N ILE D 159 8.05 -19.98 31.30
CA ILE D 159 9.44 -19.65 31.57
C ILE D 159 9.74 -19.55 33.06
N LYS D 160 8.74 -19.78 33.91
CA LYS D 160 8.93 -19.62 35.35
C LYS D 160 9.96 -20.60 35.90
N THR D 161 9.91 -21.85 35.45
CA THR D 161 10.81 -22.87 35.99
C THR D 161 12.26 -22.59 35.59
N ILE D 162 12.50 -22.38 34.29
CA ILE D 162 13.86 -22.20 33.80
C ILE D 162 14.48 -20.92 34.38
N PHE D 163 13.72 -19.82 34.35
CA PHE D 163 14.24 -18.55 34.82
C PHE D 163 14.59 -18.61 36.31
N GLN D 164 13.61 -18.99 37.14
CA GLN D 164 13.86 -19.08 38.58
C GLN D 164 14.86 -20.16 38.93
N GLY D 165 15.03 -21.17 38.07
CA GLY D 165 16.01 -22.22 38.36
C GLY D 165 17.43 -21.74 38.19
N ILE D 166 17.71 -21.05 37.08
CA ILE D 166 19.06 -20.55 36.82
C ILE D 166 19.34 -19.23 37.50
N ALA D 167 18.31 -18.55 38.01
CA ALA D 167 18.51 -17.25 38.62
C ALA D 167 19.31 -17.38 39.93
N ALA D 168 19.87 -16.25 40.36
CA ALA D 168 20.60 -16.22 41.61
C ALA D 168 19.66 -16.44 42.79
N LYS D 169 20.13 -17.22 43.76
CA LYS D 169 19.37 -17.47 44.98
C LYS D 169 19.91 -16.59 46.09
N VAL D 170 18.99 -16.03 46.88
CA VAL D 170 19.36 -15.18 48.01
C VAL D 170 19.77 -16.08 49.17
N GLY D 171 20.27 -15.48 50.26
CA GLY D 171 20.74 -16.26 51.38
C GLY D 171 19.67 -17.17 51.97
N THR D 172 18.43 -16.71 51.96
CA THR D 172 17.33 -17.53 52.47
C THR D 172 16.97 -18.67 51.52
N GLY D 173 17.35 -18.57 50.25
CA GLY D 173 17.01 -19.56 49.25
C GLY D 173 15.95 -19.13 48.26
N GLU D 174 15.47 -17.90 48.35
CA GLU D 174 14.42 -17.41 47.46
C GLU D 174 15.03 -16.95 46.14
N PRO D 175 14.41 -17.29 45.01
CA PRO D 175 14.98 -16.90 43.72
C PRO D 175 14.85 -15.40 43.46
N CYS D 176 15.91 -14.82 42.93
CA CYS D 176 15.90 -13.40 42.56
C CYS D 176 15.31 -13.22 41.17
N CYS D 177 14.12 -13.77 40.96
CA CYS D 177 13.47 -13.70 39.65
C CYS D 177 11.98 -13.93 39.84
N ASP D 178 11.20 -12.85 39.73
CA ASP D 178 9.75 -12.93 39.79
C ASP D 178 9.18 -12.02 38.72
N TRP D 179 7.91 -12.22 38.41
CA TRP D 179 7.27 -11.43 37.36
C TRP D 179 7.19 -9.97 37.79
N VAL D 180 7.61 -9.07 36.90
CA VAL D 180 7.68 -7.64 37.19
C VAL D 180 6.33 -7.00 36.88
N GLY D 181 5.95 -7.02 35.61
CA GLY D 181 4.72 -6.37 35.21
C GLY D 181 4.43 -6.64 33.75
N ASP D 182 3.66 -5.74 33.15
CA ASP D 182 3.19 -5.91 31.78
C ASP D 182 3.87 -4.91 30.85
N GLU D 183 3.90 -5.28 29.56
CA GLU D 183 4.37 -4.41 28.48
C GLU D 183 5.77 -3.86 28.75
N GLY D 184 6.70 -4.77 29.04
CA GLY D 184 8.08 -4.36 29.23
C GLY D 184 8.34 -3.53 30.46
N ALA D 185 7.70 -3.87 31.58
CA ALA D 185 8.03 -3.21 32.84
C ALA D 185 9.37 -3.67 33.38
N GLY D 186 9.85 -4.84 32.98
CA GLY D 186 11.15 -5.32 33.44
C GLY D 186 12.30 -4.52 32.86
N HIS D 187 12.19 -4.12 31.59
CA HIS D 187 13.22 -3.28 30.99
C HIS D 187 13.22 -1.89 31.61
N PHE D 188 12.06 -1.39 32.03
CA PHE D 188 12.01 -0.14 32.78
C PHE D 188 12.70 -0.29 34.13
N VAL D 189 12.48 -1.42 34.81
CA VAL D 189 13.12 -1.67 36.09
C VAL D 189 14.64 -1.72 35.93
N LYS D 190 15.11 -2.37 34.86
CA LYS D 190 16.54 -2.41 34.60
C LYS D 190 17.11 -1.01 34.37
N MET D 191 16.33 -0.13 33.72
CA MET D 191 16.78 1.23 33.51
C MET D 191 16.90 1.99 34.82
N VAL D 192 15.91 1.85 35.71
CA VAL D 192 16.01 2.45 37.02
C VAL D 192 17.09 1.76 37.85
N HIS D 193 17.28 0.45 37.64
CA HIS D 193 18.34 -0.28 38.34
C HIS D 193 19.71 0.29 38.03
N ASN D 194 19.92 0.76 36.80
CA ASN D 194 21.20 1.36 36.44
C ASN D 194 21.37 2.73 37.09
N GLY D 195 20.29 3.49 37.19
CA GLY D 195 20.38 4.79 37.84
C GLY D 195 20.70 4.68 39.32
N ILE D 196 20.04 3.75 40.01
CA ILE D 196 20.34 3.50 41.42
C ILE D 196 21.78 3.05 41.60
N GLU D 197 22.31 2.29 40.63
CA GLU D 197 23.70 1.87 40.70
C GLU D 197 24.64 3.08 40.69
N TYR D 198 24.33 4.10 39.89
CA TYR D 198 25.13 5.31 39.87
C TYR D 198 25.13 5.99 41.23
N GLY D 199 23.97 6.03 41.89
CA GLY D 199 23.88 6.71 43.17
C GLY D 199 24.67 6.02 44.26
N ASP D 200 24.56 4.68 44.34
CA ASP D 200 25.28 3.95 45.38
C ASP D 200 26.78 4.08 45.22
N MET D 201 27.28 4.07 43.98
CA MET D 201 28.71 4.20 43.76
C MET D 201 29.20 5.60 44.12
N GLN D 202 28.47 6.63 43.70
CA GLN D 202 28.85 7.99 44.03
C GLN D 202 28.78 8.25 45.53
N LEU D 203 27.77 7.66 46.19
CA LEU D 203 27.64 7.82 47.64
C LEU D 203 28.86 7.25 48.36
N ILE D 204 29.39 6.12 47.87
CA ILE D 204 30.60 5.55 48.46
C ILE D 204 31.80 6.45 48.20
N CYS D 205 31.84 7.09 47.04
CA CYS D 205 32.95 7.98 46.72
C CYS D 205 32.97 9.19 47.65
N GLU D 206 31.80 9.78 47.92
CA GLU D 206 31.74 10.92 48.82
C GLU D 206 32.13 10.54 50.24
N ALA D 207 31.73 9.35 50.68
CA ALA D 207 32.15 8.87 52.00
C ALA D 207 33.65 8.61 52.04
N TYR D 208 34.19 8.03 50.97
CA TYR D 208 35.64 7.85 50.87
C TYR D 208 36.35 9.19 50.85
N HIS D 209 35.74 10.19 50.19
CA HIS D 209 36.38 11.51 50.11
C HIS D 209 36.40 12.22 51.44
N LEU D 210 35.36 12.02 52.26
CA LEU D 210 35.34 12.64 53.58
C LEU D 210 36.41 12.05 54.49
N MET D 211 36.60 10.72 54.43
CA MET D 211 37.60 10.08 55.28
C MET D 211 39.01 10.46 54.86
N LYS D 212 39.22 10.75 53.58
CA LYS D 212 40.55 11.02 53.05
C LYS D 212 41.01 12.46 53.25
N ASP D 213 40.10 13.43 53.19
CA ASP D 213 40.47 14.84 53.21
C ASP D 213 40.06 15.58 54.47
N VAL D 214 39.15 15.01 55.27
CA VAL D 214 38.75 15.62 56.54
C VAL D 214 39.42 14.94 57.72
N LEU D 215 39.50 13.61 57.71
CA LEU D 215 40.14 12.86 58.77
C LEU D 215 41.58 12.49 58.44
N GLY D 216 42.02 12.69 57.20
CA GLY D 216 43.38 12.37 56.82
C GLY D 216 43.76 10.92 56.99
N MET D 217 42.81 10.00 56.80
CA MET D 217 43.05 8.59 57.02
C MET D 217 43.87 7.99 55.88
N ALA D 218 44.60 6.93 56.21
CA ALA D 218 45.42 6.25 55.23
C ALA D 218 44.57 5.30 54.38
N GLN D 219 45.18 4.76 53.33
CA GLN D 219 44.45 3.90 52.40
C GLN D 219 44.00 2.62 53.10
N ASP D 220 44.93 1.91 53.74
CA ASP D 220 44.56 0.68 54.44
C ASP D 220 43.62 0.96 55.61
N GLU D 221 43.79 2.10 56.28
CA GLU D 221 42.89 2.45 57.37
C GLU D 221 41.48 2.70 56.87
N MET D 222 41.36 3.36 55.71
CA MET D 222 40.04 3.55 55.11
C MET D 222 39.45 2.23 54.62
N ALA D 223 40.30 1.31 54.15
CA ALA D 223 39.81 0.01 53.73
C ALA D 223 39.21 -0.75 54.92
N GLN D 224 39.82 -0.63 56.10
CA GLN D 224 39.28 -1.27 57.28
C GLN D 224 37.99 -0.60 57.73
N ALA D 225 37.84 0.69 57.46
CA ALA D 225 36.60 1.39 57.80
C ALA D 225 35.43 0.88 56.97
N PHE D 226 35.65 0.65 55.67
CA PHE D 226 34.59 0.10 54.83
C PHE D 226 34.31 -1.36 55.17
N GLU D 227 35.37 -2.14 55.45
CA GLU D 227 35.16 -3.54 55.81
C GLU D 227 34.43 -3.66 57.14
N ASP D 228 34.65 -2.72 58.06
CA ASP D 228 33.85 -2.68 59.28
C ASP D 228 32.44 -2.14 59.02
N TRP D 229 32.30 -1.20 58.09
CA TRP D 229 30.98 -0.75 57.68
C TRP D 229 30.16 -1.85 57.02
N ASN D 230 30.83 -2.88 56.49
CA ASN D 230 30.14 -4.01 55.88
C ASN D 230 29.48 -4.93 56.90
N LYS D 231 29.66 -4.66 58.20
CA LYS D 231 29.06 -5.48 59.24
C LYS D 231 27.78 -4.90 59.81
N THR D 232 27.50 -3.62 59.56
CA THR D 232 26.32 -2.95 60.09
C THR D 232 25.19 -3.00 59.05
N GLU D 233 24.21 -2.10 59.19
CA GLU D 233 23.02 -2.12 58.37
C GLU D 233 23.27 -1.75 56.91
N LEU D 234 24.53 -1.47 56.53
CA LEU D 234 24.86 -1.27 55.13
C LEU D 234 24.96 -2.63 54.42
N ASP D 235 26.10 -3.30 54.60
CA ASP D 235 26.34 -4.65 54.09
C ASP D 235 25.96 -4.78 52.63
N SER D 236 26.83 -4.32 51.73
CA SER D 236 26.57 -4.36 50.30
C SER D 236 27.80 -4.90 49.58
N PHE D 237 27.58 -5.36 48.35
CA PHE D 237 28.69 -5.82 47.53
C PHE D 237 29.62 -4.68 47.13
N LEU D 238 29.07 -3.47 46.94
CA LEU D 238 29.91 -2.34 46.57
C LEU D 238 30.84 -1.95 47.71
N ILE D 239 30.36 -2.01 48.95
CA ILE D 239 31.22 -1.68 50.09
C ILE D 239 32.27 -2.77 50.29
N GLU D 240 31.93 -4.02 50.00
CA GLU D 240 32.92 -5.10 50.08
C GLU D 240 34.07 -4.86 49.09
N ILE D 241 33.73 -4.60 47.83
CA ILE D 241 34.77 -4.40 46.83
C ILE D 241 35.47 -3.06 47.03
N THR D 242 34.77 -2.09 47.64
CA THR D 242 35.43 -0.82 47.97
C THR D 242 36.56 -1.04 48.96
N ALA D 243 36.35 -1.90 49.96
CA ALA D 243 37.40 -2.18 50.92
C ALA D 243 38.56 -2.93 50.27
N ASN D 244 38.25 -3.84 49.33
CA ASN D 244 39.32 -4.59 48.66
C ASN D 244 40.12 -3.70 47.73
N ILE D 245 39.47 -2.73 47.08
CA ILE D 245 40.18 -1.86 46.15
C ILE D 245 41.12 -0.92 46.91
N LEU D 246 40.69 -0.43 48.07
CA LEU D 246 41.52 0.51 48.82
C LEU D 246 42.82 -0.14 49.29
N LYS D 247 42.74 -1.37 49.81
CA LYS D 247 43.91 -2.08 50.30
C LYS D 247 44.62 -2.87 49.21
N PHE D 248 44.23 -2.72 47.95
CA PHE D 248 44.83 -3.49 46.88
C PHE D 248 46.22 -2.96 46.56
N GLN D 249 47.18 -3.87 46.46
CA GLN D 249 48.56 -3.54 46.14
C GLN D 249 48.82 -3.71 44.65
N ASP D 250 49.88 -3.07 44.18
CA ASP D 250 50.29 -3.14 42.78
C ASP D 250 51.56 -3.96 42.66
N THR D 251 51.92 -4.27 41.42
CA THR D 251 53.09 -5.11 41.16
C THR D 251 54.38 -4.45 41.66
N ASP D 252 54.41 -3.11 41.71
CA ASP D 252 55.59 -2.43 42.23
C ASP D 252 55.61 -2.46 43.76
N GLY D 253 54.64 -1.80 44.40
CA GLY D 253 54.58 -1.79 45.85
C GLY D 253 53.50 -0.89 46.42
N LYS D 254 53.28 0.26 45.78
CA LYS D 254 52.31 1.22 46.28
C LYS D 254 50.90 0.83 45.86
N HIS D 255 49.91 1.50 46.45
CA HIS D 255 48.52 1.22 46.14
C HIS D 255 48.18 1.63 44.72
N LEU D 256 47.23 0.90 44.11
CA LEU D 256 46.89 1.13 42.72
C LEU D 256 45.87 2.26 42.55
N LEU D 257 44.94 2.41 43.50
CA LEU D 257 43.88 3.40 43.35
C LEU D 257 44.38 4.83 43.19
N PRO D 258 45.38 5.31 43.95
CA PRO D 258 45.85 6.69 43.73
C PRO D 258 46.43 6.92 42.35
N LYS D 259 46.79 5.87 41.62
CA LYS D 259 47.36 6.01 40.28
C LYS D 259 46.32 5.95 39.18
N ILE D 260 45.05 5.77 39.53
CA ILE D 260 43.97 5.66 38.54
C ILE D 260 43.46 7.05 38.19
N ARG D 261 43.17 7.26 36.91
CA ARG D 261 42.64 8.53 36.44
C ARG D 261 41.29 8.81 37.09
N ASP D 262 41.15 10.02 37.64
CA ASP D 262 39.98 10.39 38.43
C ASP D 262 38.81 10.88 37.57
N SER D 263 38.77 10.51 36.29
CA SER D 263 37.68 10.88 35.41
C SER D 263 36.79 9.66 35.18
N ALA D 264 35.53 9.77 35.56
CA ALA D 264 34.59 8.68 35.40
C ALA D 264 34.03 8.68 33.98
N GLY D 265 32.98 7.90 33.74
CA GLY D 265 32.41 7.78 32.42
C GLY D 265 31.32 8.77 32.12
N GLN D 266 31.61 9.77 31.28
CA GLN D 266 30.59 10.69 30.81
C GLN D 266 29.72 10.06 29.72
N LYS D 267 30.17 8.95 29.13
CA LYS D 267 29.38 8.21 28.16
C LYS D 267 27.93 8.11 28.60
N GLY D 268 27.72 7.49 29.77
CA GLY D 268 26.44 7.54 30.44
C GLY D 268 25.37 6.63 29.88
N THR D 269 24.88 5.73 30.72
CA THR D 269 23.63 5.02 30.45
C THR D 269 22.63 5.13 31.59
N GLY D 270 23.07 5.56 32.78
CA GLY D 270 22.17 5.86 33.88
C GLY D 270 21.51 7.21 33.78
N LYS D 271 21.82 7.98 32.74
CA LYS D 271 21.13 9.26 32.53
C LYS D 271 19.69 9.05 32.16
N TRP D 272 19.38 7.96 31.43
CA TRP D 272 18.00 7.69 31.05
C TRP D 272 17.12 7.45 32.27
N THR D 273 17.72 7.15 33.43
CA THR D 273 16.95 7.14 34.66
C THR D 273 16.61 8.56 35.11
N ALA D 274 17.59 9.46 35.01
CA ALA D 274 17.34 10.85 35.38
C ALA D 274 16.48 11.55 34.33
N ILE D 275 16.69 11.24 33.06
CA ILE D 275 15.84 11.81 32.01
C ILE D 275 14.41 11.33 32.16
N SER D 276 14.22 10.06 32.52
CA SER D 276 12.88 9.53 32.73
C SER D 276 12.19 10.25 33.89
N ALA D 277 12.95 10.61 34.93
CA ALA D 277 12.38 11.36 36.04
C ALA D 277 11.89 12.73 35.57
N LEU D 278 12.71 13.43 34.79
CA LEU D 278 12.32 14.75 34.29
C LEU D 278 11.14 14.64 33.33
N GLU D 279 11.11 13.60 32.51
CA GLU D 279 10.00 13.41 31.57
C GLU D 279 8.70 13.15 32.31
N TYR D 280 8.76 12.42 33.43
CA TYR D 280 7.58 12.05 34.19
C TYR D 280 7.37 12.93 35.42
N GLY D 281 8.26 13.89 35.66
CA GLY D 281 8.09 14.82 36.77
C GLY D 281 8.25 14.23 38.14
N VAL D 282 9.25 13.38 38.33
CA VAL D 282 9.52 12.73 39.61
C VAL D 282 10.81 13.30 40.18
N PRO D 283 10.83 13.73 41.44
CA PRO D 283 12.05 14.32 42.02
C PRO D 283 13.11 13.27 42.36
N VAL D 284 13.74 12.73 41.33
CA VAL D 284 14.84 11.78 41.51
C VAL D 284 16.11 12.62 41.47
N THR D 285 16.41 13.26 42.60
CA THR D 285 17.48 14.25 42.64
C THR D 285 18.85 13.59 42.80
N LEU D 286 18.95 12.56 43.63
CA LEU D 286 20.25 11.95 43.92
C LEU D 286 20.84 11.28 42.67
N ILE D 287 20.01 10.56 41.92
CA ILE D 287 20.49 9.91 40.69
C ILE D 287 20.90 10.97 39.68
N GLY D 288 20.15 12.06 39.60
CA GLY D 288 20.55 13.15 38.72
C GLY D 288 21.89 13.76 39.11
N GLU D 289 22.14 13.86 40.41
CA GLU D 289 23.43 14.37 40.88
C GLU D 289 24.54 13.37 40.61
N ALA D 290 24.25 12.07 40.74
CA ALA D 290 25.26 11.06 40.50
C ALA D 290 25.67 11.03 39.02
N VAL D 291 24.70 11.17 38.12
CA VAL D 291 25.01 11.23 36.70
C VAL D 291 25.79 12.50 36.38
N PHE D 292 25.37 13.64 36.93
CA PHE D 292 26.12 14.87 36.76
C PHE D 292 27.49 14.79 37.41
N ALA D 293 27.63 13.98 38.46
CA ALA D 293 28.93 13.82 39.11
C ALA D 293 29.93 13.15 38.17
N ARG D 294 29.50 12.13 37.44
CA ARG D 294 30.38 11.50 36.46
C ARG D 294 30.72 12.46 35.34
N CYS D 295 29.77 13.32 34.95
CA CYS D 295 30.04 14.30 33.91
C CYS D 295 31.06 15.34 34.38
N LEU D 296 30.94 15.79 35.63
CA LEU D 296 31.88 16.76 36.15
C LEU D 296 33.29 16.18 36.23
N SER D 297 33.39 14.91 36.62
CA SER D 297 34.71 14.27 36.70
C SER D 297 35.34 14.10 35.33
N SER D 298 34.53 14.02 34.28
CA SER D 298 35.04 13.86 32.92
C SER D 298 35.64 15.14 32.37
N LEU D 299 35.47 16.27 33.08
CA LEU D 299 36.16 17.51 32.72
C LEU D 299 37.51 17.59 33.43
N LYS D 300 38.27 16.50 33.35
CA LYS D 300 39.57 16.44 34.00
C LYS D 300 40.50 17.55 33.51
N ASP D 301 40.47 17.82 32.20
CA ASP D 301 41.28 18.91 31.66
C ASP D 301 40.84 20.26 32.21
N GLU D 302 39.53 20.48 32.32
CA GLU D 302 39.04 21.75 32.85
C GLU D 302 39.22 21.84 34.36
N ARG D 303 39.20 20.70 35.07
CA ARG D 303 39.37 20.73 36.52
C ARG D 303 40.82 20.99 36.91
N ILE D 304 41.77 20.57 36.09
CA ILE D 304 43.18 20.87 36.37
C ILE D 304 43.44 22.37 36.24
N GLN D 305 42.99 22.96 35.14
CA GLN D 305 43.21 24.39 34.91
C GLN D 305 42.43 25.23 35.90
N ALA D 306 41.27 24.75 36.36
CA ALA D 306 40.48 25.49 37.34
C ALA D 306 41.08 25.39 38.74
N SER D 307 41.74 24.27 39.05
CA SER D 307 42.36 24.11 40.36
C SER D 307 43.46 25.13 40.61
N LYS D 308 44.05 25.68 39.55
CA LYS D 308 45.09 26.68 39.70
C LYS D 308 44.53 28.06 40.07
N LYS D 309 43.35 28.39 39.55
CA LYS D 309 42.71 29.68 39.80
C LYS D 309 41.74 29.66 40.97
N LEU D 310 40.82 28.70 41.00
CA LEU D 310 39.79 28.68 42.04
C LEU D 310 40.35 28.23 43.38
N LYS D 311 39.95 28.92 44.43
CA LYS D 311 40.42 28.65 45.78
C LYS D 311 39.26 28.17 46.65
N GLY D 312 39.60 27.36 47.66
CA GLY D 312 38.61 26.84 48.57
C GLY D 312 38.67 27.51 49.93
N PRO D 313 38.20 26.82 50.97
CA PRO D 313 38.27 27.39 52.32
C PRO D 313 39.71 27.50 52.79
N GLN D 314 40.00 28.58 53.50
CA GLN D 314 41.37 28.88 53.90
C GLN D 314 41.82 28.01 55.06
N LYS D 315 41.63 28.47 56.29
CA LYS D 315 42.08 27.76 57.48
C LYS D 315 40.93 26.93 58.03
N PHE D 316 40.89 25.66 57.64
CA PHE D 316 39.94 24.69 58.18
C PHE D 316 40.72 23.55 58.81
N GLN D 317 40.44 23.29 60.09
CA GLN D 317 41.00 22.15 60.79
C GLN D 317 39.88 21.43 61.53
N PHE D 318 39.95 20.11 61.56
CA PHE D 318 38.92 19.31 62.21
C PHE D 318 39.20 19.24 63.70
N ASP D 319 38.37 19.93 64.49
CA ASP D 319 38.51 19.92 65.94
C ASP D 319 37.41 19.08 66.59
N GLY D 320 37.42 17.78 66.33
CA GLY D 320 36.44 16.89 66.91
C GLY D 320 36.97 15.50 67.18
N ASP D 321 36.09 14.53 67.31
CA ASP D 321 36.46 13.15 67.52
C ASP D 321 36.47 12.43 66.17
N LYS D 322 37.64 11.94 65.77
CA LYS D 322 37.76 11.29 64.47
C LYS D 322 36.93 10.02 64.38
N LYS D 323 36.63 9.38 65.51
CA LYS D 323 35.83 8.16 65.47
C LYS D 323 34.33 8.47 65.38
N SER D 324 33.87 9.48 66.12
CA SER D 324 32.45 9.83 66.07
C SER D 324 32.08 10.44 64.73
N PHE D 325 33.01 11.16 64.08
CA PHE D 325 32.73 11.76 62.79
C PHE D 325 32.67 10.69 61.70
N LEU D 326 33.59 9.72 61.74
CA LEU D 326 33.53 8.61 60.81
C LEU D 326 32.22 7.84 60.96
N GLU D 327 31.71 7.74 62.18
CA GLU D 327 30.39 7.14 62.39
C GLU D 327 29.29 8.03 61.84
N ASP D 328 29.46 9.35 61.92
CA ASP D 328 28.50 10.27 61.30
C ASP D 328 28.51 10.15 59.79
N ILE D 329 29.68 9.88 59.20
CA ILE D 329 29.75 9.65 57.76
C ILE D 329 28.99 8.38 57.39
N ARG D 330 29.07 7.36 58.25
CA ARG D 330 28.33 6.12 57.99
C ARG D 330 26.83 6.36 58.06
N LYS D 331 26.38 7.10 59.08
CA LYS D 331 24.96 7.39 59.20
C LYS D 331 24.47 8.30 58.08
N ALA D 332 25.34 9.17 57.58
CA ALA D 332 24.97 10.00 56.43
C ALA D 332 24.92 9.18 55.15
N LEU D 333 25.84 8.22 55.01
CA LEU D 333 25.83 7.34 53.84
C LEU D 333 24.57 6.47 53.83
N TYR D 334 24.16 5.97 54.99
CA TYR D 334 22.97 5.12 55.06
C TYR D 334 21.70 5.93 54.85
N ALA D 335 21.61 7.12 55.44
CA ALA D 335 20.42 7.95 55.29
C ALA D 335 20.27 8.44 53.86
N SER D 336 21.37 8.80 53.22
CA SER D 336 21.30 9.23 51.82
C SER D 336 20.94 8.07 50.90
N LYS D 337 21.39 6.85 51.24
CA LYS D 337 21.02 5.68 50.46
C LYS D 337 19.53 5.40 50.54
N ILE D 338 18.91 5.69 51.69
CA ILE D 338 17.47 5.53 51.81
C ILE D 338 16.74 6.53 50.91
N ILE D 339 17.21 7.77 50.89
CA ILE D 339 16.59 8.80 50.04
C ILE D 339 16.69 8.41 48.57
N SER D 340 17.80 7.81 48.17
CA SER D 340 17.98 7.41 46.78
C SER D 340 16.95 6.35 46.39
N TYR D 341 16.86 5.27 47.17
CA TYR D 341 15.91 4.21 46.85
C TYR D 341 14.48 4.68 47.00
N ALA D 342 14.21 5.60 47.94
CA ALA D 342 12.86 6.15 48.06
C ALA D 342 12.47 6.88 46.78
N GLN D 343 13.40 7.63 46.18
CA GLN D 343 13.11 8.30 44.92
C GLN D 343 13.02 7.31 43.77
N GLY D 344 13.75 6.20 43.85
CA GLY D 344 13.73 5.22 42.77
C GLY D 344 12.37 4.56 42.61
N PHE D 345 11.73 4.19 43.72
CA PHE D 345 10.41 3.58 43.66
C PHE D 345 9.32 4.61 43.40
N MET D 346 9.57 5.89 43.70
CA MET D 346 8.65 6.94 43.27
C MET D 346 8.60 7.02 41.74
N LEU D 347 9.72 6.75 41.08
CA LEU D 347 9.72 6.73 39.62
C LEU D 347 9.06 5.46 39.09
N LEU D 348 9.30 4.33 39.74
CA LEU D 348 8.65 3.08 39.33
C LEU D 348 7.14 3.17 39.49
N ARG D 349 6.68 3.71 40.61
CA ARG D 349 5.26 3.86 40.85
C ARG D 349 4.63 4.86 39.88
N GLN D 350 5.38 5.89 39.49
CA GLN D 350 4.84 6.86 38.54
C GLN D 350 4.67 6.25 37.16
N ALA D 351 5.61 5.40 36.74
CA ALA D 351 5.50 4.76 35.44
C ALA D 351 4.31 3.81 35.41
N ALA D 352 4.06 3.11 36.52
CA ALA D 352 2.91 2.20 36.58
C ALA D 352 1.60 2.96 36.46
N THR D 353 1.56 4.22 36.91
CA THR D 353 0.35 5.02 36.79
C THR D 353 0.15 5.52 35.36
N GLU D 354 1.22 5.99 34.71
CA GLU D 354 1.12 6.50 33.35
C GLU D 354 0.76 5.38 32.38
N PHE D 355 1.33 4.19 32.57
CA PHE D 355 1.13 3.09 31.64
C PHE D 355 0.05 2.11 32.07
N GLY D 356 -0.35 2.12 33.34
CA GLY D 356 -1.36 1.20 33.82
C GLY D 356 -0.85 -0.14 34.28
N TRP D 357 0.39 -0.22 34.74
CA TRP D 357 0.98 -1.46 35.19
C TRP D 357 0.73 -1.67 36.69
N THR D 358 0.89 -2.91 37.13
CA THR D 358 0.81 -3.29 38.54
C THR D 358 2.14 -3.93 38.89
N LEU D 359 3.08 -3.12 39.36
CA LEU D 359 4.43 -3.60 39.63
C LEU D 359 4.51 -4.28 40.99
N ASN D 360 5.31 -5.34 41.06
CA ASN D 360 5.59 -6.04 42.32
C ASN D 360 6.85 -5.44 42.93
N TYR D 361 6.66 -4.29 43.59
CA TYR D 361 7.79 -3.52 44.10
C TYR D 361 8.62 -4.34 45.09
N GLY D 362 7.95 -5.14 45.93
CA GLY D 362 8.68 -6.01 46.82
C GLY D 362 9.53 -7.03 46.08
N GLY D 363 8.97 -7.63 45.03
CA GLY D 363 9.76 -8.54 44.22
C GLY D 363 10.86 -7.85 43.44
N ILE D 364 10.62 -6.61 43.01
CA ILE D 364 11.66 -5.84 42.33
C ILE D 364 12.87 -5.67 43.24
N ALA D 365 12.64 -5.36 44.52
CA ALA D 365 13.73 -5.24 45.47
C ALA D 365 14.43 -6.57 45.68
N LEU D 366 13.67 -7.66 45.76
CA LEU D 366 14.27 -8.99 45.89
C LEU D 366 15.08 -9.36 44.66
N MET D 367 14.58 -9.00 43.47
CA MET D 367 15.29 -9.31 42.24
C MET D 367 16.60 -8.54 42.12
N TRP D 368 16.73 -7.39 42.79
CA TRP D 368 18.00 -6.69 42.82
C TRP D 368 18.94 -7.22 43.90
N ARG D 369 18.47 -8.18 44.71
CA ARG D 369 19.18 -8.61 45.91
C ARG D 369 20.08 -9.83 45.67
N GLY D 370 20.36 -10.17 44.42
CA GLY D 370 21.20 -11.31 44.14
C GLY D 370 21.69 -11.37 42.70
N GLY D 371 22.99 -11.18 42.49
CA GLY D 371 23.57 -11.10 41.19
C GLY D 371 23.82 -9.68 40.71
N CYS D 372 22.94 -8.74 41.08
CA CYS D 372 23.13 -7.34 40.72
C CYS D 372 24.32 -6.76 41.49
N ILE D 373 24.78 -5.59 41.03
CA ILE D 373 25.86 -4.91 41.72
C ILE D 373 25.34 -4.20 42.97
N ILE D 374 24.06 -3.79 42.97
CA ILE D 374 23.48 -3.03 44.07
C ILE D 374 22.94 -3.96 45.13
N ARG D 375 23.25 -5.26 45.02
CA ARG D 375 22.73 -6.22 45.98
C ARG D 375 23.24 -5.91 47.38
N SER D 376 22.35 -6.06 48.36
CA SER D 376 22.66 -5.72 49.75
C SER D 376 21.52 -6.22 50.63
N VAL D 377 21.81 -6.30 51.94
CA VAL D 377 20.77 -6.62 52.89
C VAL D 377 19.78 -5.47 53.04
N PHE D 378 20.17 -4.27 52.60
CA PHE D 378 19.27 -3.13 52.64
C PHE D 378 18.08 -3.33 51.71
N LEU D 379 18.28 -3.98 50.57
CA LEU D 379 17.17 -4.31 49.69
C LEU D 379 16.18 -5.25 50.35
N GLY D 380 16.65 -6.08 51.28
CA GLY D 380 15.74 -6.94 52.01
C GLY D 380 14.78 -6.16 52.89
N LYS D 381 15.28 -5.13 53.57
CA LYS D 381 14.40 -4.28 54.37
C LYS D 381 13.39 -3.54 53.51
N ILE D 382 13.76 -3.23 52.26
CA ILE D 382 12.80 -2.64 51.33
C ILE D 382 11.75 -3.67 50.95
N LYS D 383 12.16 -4.93 50.79
CA LYS D 383 11.20 -5.99 50.47
C LYS D 383 10.17 -6.13 51.58
N ASP D 384 10.62 -6.10 52.84
CA ASP D 384 9.68 -6.17 53.95
C ASP D 384 8.77 -4.95 54.00
N ALA D 385 9.27 -3.79 53.58
CA ALA D 385 8.46 -2.57 53.62
C ALA D 385 7.28 -2.66 52.68
N PHE D 386 7.42 -3.37 51.56
CA PHE D 386 6.30 -3.56 50.64
C PHE D 386 5.44 -4.76 51.00
N ASP D 387 5.97 -5.72 51.76
CA ASP D 387 5.14 -6.81 52.23
C ASP D 387 4.10 -6.33 53.23
N ARG D 388 4.47 -5.42 54.12
CA ARG D 388 3.50 -4.88 55.07
C ARG D 388 2.45 -4.04 54.38
N ASN D 389 2.79 -3.41 53.24
CA ASN D 389 1.87 -2.51 52.55
C ASN D 389 2.29 -2.46 51.09
N PRO D 390 1.72 -3.31 50.24
CA PRO D 390 1.99 -3.22 48.81
C PRO D 390 1.57 -1.90 48.19
N GLU D 391 0.64 -1.18 48.80
CA GLU D 391 0.22 0.14 48.32
C GLU D 391 0.92 1.25 49.08
N LEU D 392 2.23 1.11 49.29
CA LEU D 392 3.01 2.13 49.99
C LEU D 392 3.36 3.25 49.03
N GLN D 393 2.95 4.47 49.37
CA GLN D 393 3.15 5.61 48.48
C GLN D 393 4.57 6.17 48.53
N ASN D 394 5.33 5.87 49.57
CA ASN D 394 6.71 6.32 49.64
C ASN D 394 7.46 5.47 50.64
N LEU D 395 8.72 5.16 50.32
CA LEU D 395 9.56 4.36 51.21
C LEU D 395 9.87 5.09 52.51
N LEU D 396 9.84 6.43 52.50
CA LEU D 396 10.10 7.20 53.71
C LEU D 396 8.95 7.12 54.70
N LEU D 397 7.77 6.68 54.27
CA LEU D 397 6.60 6.57 55.14
C LEU D 397 6.52 5.22 55.84
N ASP D 398 7.53 4.37 55.68
CA ASP D 398 7.60 3.10 56.40
C ASP D 398 8.25 3.31 57.76
N ASP D 399 7.80 2.52 58.74
CA ASP D 399 8.25 2.74 60.12
C ASP D 399 9.75 2.51 60.27
N PHE D 400 10.25 1.39 59.73
CA PHE D 400 11.68 1.08 59.88
C PHE D 400 12.55 2.14 59.24
N PHE D 401 12.19 2.61 58.05
CA PHE D 401 12.98 3.63 57.36
C PHE D 401 12.77 5.01 57.97
N LYS D 402 11.59 5.28 58.52
CA LYS D 402 11.38 6.54 59.22
C LYS D 402 12.25 6.63 60.47
N SER D 403 12.34 5.55 61.23
CA SER D 403 13.20 5.54 62.40
C SER D 403 14.67 5.47 62.04
N ALA D 404 14.99 4.90 60.88
CA ALA D 404 16.39 4.84 60.44
C ALA D 404 16.90 6.23 60.08
N VAL D 405 16.12 6.98 59.30
CA VAL D 405 16.49 8.36 59.00
C VAL D 405 16.49 9.20 60.26
N GLU D 406 15.58 8.92 61.18
CA GLU D 406 15.51 9.65 62.44
C GLU D 406 16.78 9.45 63.27
N ASN D 407 17.23 8.20 63.39
CA ASN D 407 18.40 7.88 64.20
C ASN D 407 19.72 8.24 63.52
N CYS D 408 19.68 8.73 62.28
CA CYS D 408 20.87 9.16 61.58
C CYS D 408 20.90 10.64 61.26
N GLN D 409 19.92 11.41 61.74
CA GLN D 409 19.68 12.75 61.20
C GLN D 409 20.77 13.73 61.62
N ASP D 410 21.00 13.88 62.93
CA ASP D 410 21.98 14.86 63.38
C ASP D 410 23.38 14.48 62.92
N SER D 411 23.68 13.18 62.84
CA SER D 411 24.95 12.75 62.25
C SER D 411 24.99 13.05 60.76
N TRP D 412 23.84 12.96 60.09
CA TRP D 412 23.76 13.30 58.68
C TRP D 412 24.08 14.77 58.45
N ARG D 413 23.44 15.65 59.22
CA ARG D 413 23.68 17.08 59.07
C ARG D 413 25.06 17.48 59.57
N ARG D 414 25.59 16.76 60.56
CA ARG D 414 26.93 17.05 61.06
C ARG D 414 27.98 16.78 59.99
N ALA D 415 27.85 15.66 59.27
CA ALA D 415 28.81 15.34 58.22
C ALA D 415 28.64 16.28 57.03
N VAL D 416 27.42 16.73 56.74
CA VAL D 416 27.21 17.65 55.63
C VAL D 416 27.82 19.01 55.95
N SER D 417 27.52 19.54 57.14
CA SER D 417 28.02 20.87 57.51
C SER D 417 29.54 20.90 57.59
N THR D 418 30.14 19.81 58.08
CA THR D 418 31.60 19.75 58.15
C THR D 418 32.21 19.73 56.76
N GLY D 419 31.67 18.90 55.85
CA GLY D 419 32.17 18.86 54.50
C GLY D 419 31.96 20.15 53.74
N VAL D 420 30.91 20.90 54.09
CA VAL D 420 30.70 22.21 53.48
C VAL D 420 31.81 23.16 53.88
N GLN D 421 32.12 23.23 55.17
CA GLN D 421 33.21 24.08 55.64
C GLN D 421 34.58 23.54 55.25
N ALA D 422 34.67 22.24 54.94
CA ALA D 422 35.93 21.65 54.53
C ALA D 422 36.21 21.84 53.04
N GLY D 423 35.21 22.21 52.25
CA GLY D 423 35.38 22.32 50.82
C GLY D 423 35.35 21.00 50.10
N ILE D 424 34.68 20.00 50.67
CA ILE D 424 34.60 18.67 50.08
C ILE D 424 33.32 18.59 49.26
N PRO D 425 33.38 18.30 47.97
CA PRO D 425 32.16 18.21 47.15
C PRO D 425 31.34 16.98 47.54
N MET D 426 30.13 17.22 48.03
CA MET D 426 29.20 16.15 48.41
C MET D 426 27.88 16.38 47.68
N PRO D 427 27.83 16.10 46.37
CA PRO D 427 26.59 16.34 45.62
C PRO D 427 25.42 15.48 46.09
N CYS D 428 25.65 14.20 46.33
CA CYS D 428 24.56 13.30 46.68
C CYS D 428 24.15 13.45 48.14
N PHE D 429 25.10 13.67 49.05
CA PHE D 429 24.75 13.90 50.44
C PHE D 429 23.89 15.15 50.59
N THR D 430 24.25 16.23 49.90
CA THR D 430 23.52 17.48 50.04
C THR D 430 22.17 17.42 49.35
N THR D 431 22.09 16.76 48.19
CA THR D 431 20.81 16.70 47.48
C THR D 431 19.83 15.76 48.16
N ALA D 432 20.32 14.75 48.87
CA ALA D 432 19.43 13.87 49.62
C ALA D 432 18.93 14.54 50.89
N LEU D 433 19.79 15.31 51.56
CA LEU D 433 19.37 16.05 52.74
C LEU D 433 18.43 17.19 52.36
N SER D 434 18.67 17.83 51.22
CA SER D 434 17.76 18.86 50.75
C SER D 434 16.41 18.28 50.35
N PHE D 435 16.40 17.05 49.80
CA PHE D 435 15.14 16.42 49.43
C PHE D 435 14.35 16.01 50.68
N TYR D 436 15.05 15.53 51.71
CA TYR D 436 14.35 15.13 52.93
C TYR D 436 13.71 16.33 53.61
N ASP D 437 14.45 17.45 53.70
CA ASP D 437 13.88 18.65 54.29
C ASP D 437 12.81 19.28 53.41
N GLY D 438 12.74 18.91 52.14
CA GLY D 438 11.73 19.45 51.24
C GLY D 438 10.47 18.60 51.22
N TYR D 439 10.62 17.29 51.36
CA TYR D 439 9.50 16.37 51.35
C TYR D 439 8.70 16.40 52.65
N ARG D 440 9.31 16.79 53.77
CA ARG D 440 8.64 16.80 55.07
C ARG D 440 8.06 18.15 55.44
N HIS D 441 8.32 19.21 54.66
CA HIS D 441 7.80 20.53 54.95
C HIS D 441 6.43 20.71 54.32
N GLU D 442 5.46 21.12 55.13
CA GLU D 442 4.11 21.34 54.62
C GLU D 442 4.06 22.57 53.71
N MET D 443 4.76 23.63 54.09
CA MET D 443 4.78 24.87 53.32
C MET D 443 6.19 25.09 52.77
N LEU D 444 6.29 25.19 51.45
CA LEU D 444 7.52 25.45 50.75
C LEU D 444 7.44 26.78 50.03
N PRO D 445 8.58 27.42 49.73
CA PRO D 445 8.55 28.73 49.07
C PRO D 445 8.11 28.67 47.61
N ALA D 446 7.59 27.53 47.17
CA ALA D 446 7.12 27.40 45.81
C ALA D 446 5.96 28.34 45.50
N SER D 447 5.22 28.77 46.53
CA SER D 447 4.16 29.76 46.30
C SER D 447 4.73 31.08 45.79
N LEU D 448 5.98 31.39 46.16
CA LEU D 448 6.61 32.60 45.63
C LEU D 448 6.88 32.46 44.14
N ILE D 449 7.23 31.25 43.68
CA ILE D 449 7.42 31.02 42.25
C ILE D 449 6.12 31.28 41.49
N GLN D 450 5.00 30.75 42.01
CA GLN D 450 3.72 31.00 41.36
C GLN D 450 3.34 32.47 41.44
N ALA D 451 3.64 33.13 42.56
CA ALA D 451 3.39 34.57 42.65
C ALA D 451 4.30 35.34 41.70
N GLN D 452 5.54 34.89 41.53
CA GLN D 452 6.46 35.55 40.60
C GLN D 452 5.98 35.41 39.16
N ARG D 453 5.70 34.18 38.73
CA ARG D 453 5.30 33.97 37.34
C ARG D 453 3.98 34.67 37.03
N ASP D 454 3.11 34.83 38.02
CA ASP D 454 1.88 35.58 37.83
C ASP D 454 2.13 37.08 37.77
N TYR D 455 3.26 37.55 38.30
CA TYR D 455 3.59 38.97 38.24
C TYR D 455 3.95 39.39 36.81
N PHE D 456 5.00 38.79 36.25
CA PHE D 456 5.48 39.15 34.92
C PHE D 456 4.76 38.40 33.81
N GLY D 457 3.69 37.66 34.12
CA GLY D 457 2.93 36.93 33.12
C GLY D 457 1.58 36.49 33.64
N ALA D 458 0.59 36.36 32.76
CA ALA D 458 -0.75 35.97 33.22
C ALA D 458 -0.84 34.47 33.41
N HIS D 459 0.11 33.89 34.16
CA HIS D 459 0.14 32.45 34.38
C HIS D 459 -0.76 31.99 35.52
N THR D 460 -1.35 32.93 36.28
CA THR D 460 -2.31 32.65 37.35
C THR D 460 -1.70 31.81 38.47
N TYR D 461 -2.51 31.52 39.49
CA TYR D 461 -2.05 30.79 40.67
C TYR D 461 -3.26 30.29 41.44
N GLU D 462 -3.00 29.50 42.48
CA GLU D 462 -4.04 28.87 43.29
C GLU D 462 -4.04 29.43 44.70
N LEU D 463 -5.11 29.14 45.43
CA LEU D 463 -5.22 29.44 46.85
C LEU D 463 -5.17 28.15 47.65
N LEU D 464 -4.72 28.26 48.90
CA LEU D 464 -4.62 27.09 49.76
C LEU D 464 -5.98 26.47 50.02
N ALA D 465 -7.01 27.29 50.20
CA ALA D 465 -8.36 26.82 50.47
C ALA D 465 -9.17 26.59 49.21
N LYS D 466 -8.57 26.74 48.03
CA LYS D 466 -9.25 26.51 46.74
C LYS D 466 -8.33 25.73 45.81
N PRO D 467 -8.07 24.45 46.12
CA PRO D 467 -7.31 23.62 45.18
C PRO D 467 -8.09 23.39 43.90
N GLY D 468 -7.53 23.87 42.79
CA GLY D 468 -8.14 23.72 41.48
C GLY D 468 -8.63 25.00 40.86
N GLN D 469 -8.67 26.10 41.59
CA GLN D 469 -9.13 27.39 41.08
C GLN D 469 -7.93 28.28 40.84
N PHE D 470 -7.64 28.55 39.57
CA PHE D 470 -6.52 29.39 39.17
C PHE D 470 -7.03 30.81 38.93
N ILE D 471 -6.59 31.75 39.75
CA ILE D 471 -7.05 33.13 39.72
C ILE D 471 -5.88 34.03 39.34
N HIS D 472 -6.20 35.30 39.08
CA HIS D 472 -5.20 36.32 38.77
C HIS D 472 -5.56 37.61 39.46
N THR D 473 -4.60 38.16 40.21
CA THR D 473 -4.69 39.51 40.76
C THR D 473 -3.40 40.24 40.42
N ASN D 474 -3.54 41.35 39.69
CA ASN D 474 -2.36 42.09 39.27
C ASN D 474 -1.69 42.75 40.47
N TRP D 475 -0.42 42.42 40.70
CA TRP D 475 0.34 43.07 41.76
C TRP D 475 0.68 44.52 41.44
N THR D 476 0.27 45.01 40.27
CA THR D 476 0.50 46.40 39.89
C THR D 476 -0.74 47.24 40.18
N ALA E 8 64.55 -24.00 28.68
CA ALA E 8 63.29 -23.73 27.99
C ALA E 8 62.31 -22.99 28.91
N GLN E 9 62.54 -21.69 29.09
CA GLN E 9 61.71 -20.87 29.97
C GLN E 9 61.18 -19.62 29.27
N ALA E 10 61.27 -19.53 27.96
CA ALA E 10 60.76 -18.38 27.21
C ALA E 10 59.42 -18.74 26.58
N ASP E 11 58.45 -17.86 26.74
CA ASP E 11 57.12 -18.10 26.20
C ASP E 11 57.08 -17.91 24.68
N ILE E 12 57.80 -16.91 24.16
CA ILE E 12 57.78 -16.60 22.74
C ILE E 12 59.08 -15.88 22.40
N ALA E 13 59.44 -15.90 21.12
CA ALA E 13 60.64 -15.22 20.64
C ALA E 13 60.27 -14.28 19.51
N LEU E 14 60.98 -13.16 19.43
CA LEU E 14 60.76 -12.16 18.39
C LEU E 14 62.09 -11.86 17.72
N ILE E 15 62.13 -12.06 16.40
CA ILE E 15 63.31 -11.79 15.59
C ILE E 15 63.14 -10.43 14.91
N GLY E 16 64.16 -9.58 15.03
CA GLY E 16 64.09 -8.25 14.46
C GLY E 16 64.05 -7.18 15.53
N LEU E 17 65.22 -6.70 15.95
CA LEU E 17 65.31 -5.76 17.07
C LEU E 17 65.37 -4.33 16.54
N ALA E 18 64.25 -3.89 15.96
CA ALA E 18 64.03 -2.51 15.63
C ALA E 18 63.22 -1.84 16.73
N VAL E 19 63.02 -0.52 16.59
CA VAL E 19 62.28 0.22 17.60
C VAL E 19 60.87 -0.35 17.78
N MET E 20 60.30 -0.94 16.72
CA MET E 20 59.00 -1.58 16.85
C MET E 20 59.13 -2.96 17.49
N GLY E 21 60.16 -3.73 17.10
CA GLY E 21 60.37 -5.03 17.71
C GLY E 21 60.74 -4.92 19.17
N GLN E 22 61.55 -3.92 19.52
CA GLN E 22 61.91 -3.71 20.92
C GLN E 22 60.68 -3.38 21.76
N ASN E 23 59.79 -2.53 21.24
CA ASN E 23 58.62 -2.13 22.00
C ASN E 23 57.65 -3.30 22.18
N LEU E 24 57.54 -4.18 21.18
CA LEU E 24 56.68 -5.34 21.32
C LEU E 24 57.22 -6.31 22.36
N ILE E 25 58.55 -6.44 22.44
CA ILE E 25 59.15 -7.31 23.45
C ILE E 25 58.92 -6.75 24.85
N LEU E 26 59.10 -5.43 25.01
CA LEU E 26 58.88 -4.82 26.32
C LEU E 26 57.41 -4.89 26.71
N ASN E 27 56.50 -4.76 25.73
CA ASN E 27 55.08 -4.87 26.03
C ASN E 27 54.73 -6.28 26.50
N MET E 28 55.26 -7.30 25.83
CA MET E 28 55.04 -8.67 26.28
C MET E 28 55.70 -8.94 27.62
N ASN E 29 56.77 -8.23 27.93
CA ASN E 29 57.44 -8.42 29.22
C ASN E 29 56.61 -7.81 30.36
N ASP E 30 56.00 -6.64 30.11
CA ASP E 30 55.18 -5.99 31.13
C ASP E 30 53.92 -6.78 31.46
N HIS E 31 53.55 -7.77 30.66
CA HIS E 31 52.37 -8.60 30.91
C HIS E 31 52.73 -9.98 31.45
N GLY E 32 53.95 -10.13 31.99
CA GLY E 32 54.32 -11.38 32.62
C GLY E 32 54.79 -12.47 31.69
N PHE E 33 55.26 -12.12 30.50
CA PHE E 33 55.80 -13.09 29.54
C PHE E 33 57.30 -12.86 29.38
N VAL E 34 58.06 -13.94 29.45
CA VAL E 34 59.50 -13.88 29.21
C VAL E 34 59.73 -14.17 27.73
N VAL E 35 60.41 -13.24 27.05
CA VAL E 35 60.59 -13.27 25.61
C VAL E 35 62.06 -13.41 25.29
N CYS E 36 62.37 -14.22 24.28
CA CYS E 36 63.73 -14.42 23.80
C CYS E 36 63.97 -13.51 22.60
N ALA E 37 64.88 -12.55 22.75
CA ALA E 37 65.16 -11.59 21.70
C ALA E 37 66.30 -12.07 20.81
N PHE E 38 66.17 -11.82 19.51
CA PHE E 38 67.20 -12.17 18.55
C PHE E 38 67.10 -11.24 17.36
N ASN E 39 68.22 -11.09 16.65
CA ASN E 39 68.28 -10.23 15.48
C ASN E 39 69.34 -10.76 14.53
N ARG E 40 69.18 -10.45 13.23
CA ARG E 40 70.15 -10.87 12.24
C ARG E 40 71.53 -10.29 12.54
N THR E 41 71.58 -9.02 12.92
CA THR E 41 72.81 -8.41 13.45
C THR E 41 72.80 -8.64 14.96
N VAL E 42 73.49 -9.69 15.38
CA VAL E 42 73.45 -10.12 16.78
C VAL E 42 74.02 -9.09 17.74
N SER E 43 74.71 -8.07 17.24
CA SER E 43 75.25 -7.03 18.12
C SER E 43 74.13 -6.24 18.79
N LYS E 44 73.03 -5.99 18.07
CA LYS E 44 71.92 -5.25 18.63
C LYS E 44 71.12 -6.07 19.65
N VAL E 45 71.42 -7.36 19.80
CA VAL E 45 70.81 -8.13 20.87
C VAL E 45 71.35 -7.67 22.22
N ASP E 46 72.68 -7.70 22.37
CA ASP E 46 73.30 -7.19 23.60
C ASP E 46 72.97 -5.72 23.82
N ASP E 47 72.87 -4.94 22.75
CA ASP E 47 72.48 -3.54 22.88
C ASP E 47 71.10 -3.41 23.52
N PHE E 48 70.12 -4.15 23.00
CA PHE E 48 68.78 -4.10 23.58
C PHE E 48 68.71 -4.86 24.90
N LEU E 49 69.51 -5.91 25.06
CA LEU E 49 69.47 -6.71 26.28
C LEU E 49 70.09 -5.98 27.46
N ALA E 50 71.11 -5.16 27.21
CA ALA E 50 71.85 -4.49 28.28
C ALA E 50 71.59 -2.99 28.34
N ASN E 51 70.50 -2.52 27.73
CA ASN E 51 70.17 -1.10 27.78
C ASN E 51 68.67 -0.89 27.95
N GLU E 52 67.92 -0.94 26.84
CA GLU E 52 66.48 -0.70 26.89
C GLU E 52 65.74 -1.75 27.71
N ALA E 53 66.28 -2.98 27.82
CA ALA E 53 65.70 -4.03 28.65
C ALA E 53 66.54 -4.27 29.90
N LYS E 54 67.02 -3.20 30.51
CA LYS E 54 67.90 -3.28 31.68
C LYS E 54 67.07 -3.65 32.90
N GLY E 55 67.07 -4.92 33.26
CA GLY E 55 66.36 -5.39 34.43
C GLY E 55 65.00 -6.00 34.17
N THR E 56 64.80 -6.68 33.06
CA THR E 56 63.53 -7.31 32.70
C THR E 56 63.72 -8.82 32.59
N LYS E 57 62.62 -9.51 32.31
CA LYS E 57 62.65 -10.95 32.09
C LYS E 57 62.97 -11.31 30.64
N VAL E 58 63.48 -10.36 29.86
CA VAL E 58 63.79 -10.63 28.46
C VAL E 58 65.06 -11.48 28.37
N VAL E 59 65.04 -12.46 27.48
CA VAL E 59 66.17 -13.36 27.26
C VAL E 59 66.77 -13.05 25.89
N GLY E 60 68.09 -13.18 25.80
CA GLY E 60 68.78 -12.97 24.54
C GLY E 60 69.35 -14.25 23.97
N ALA E 61 69.65 -14.24 22.67
CA ALA E 61 70.23 -15.40 22.00
C ALA E 61 71.26 -14.92 20.98
N GLN E 62 72.39 -15.61 20.93
CA GLN E 62 73.46 -15.27 19.99
C GLN E 62 73.34 -16.01 18.66
N SER E 63 72.34 -16.88 18.51
CA SER E 63 72.15 -17.64 17.29
C SER E 63 70.70 -18.11 17.24
N LEU E 64 70.31 -18.61 16.06
CA LEU E 64 68.97 -19.17 15.92
C LEU E 64 68.83 -20.47 16.71
N LYS E 65 69.89 -21.28 16.75
CA LYS E 65 69.83 -22.54 17.47
C LYS E 65 69.66 -22.30 18.98
N GLU E 66 70.29 -21.25 19.49
CA GLU E 66 70.12 -20.91 20.90
C GLU E 66 68.72 -20.39 21.18
N MET E 67 68.19 -19.55 20.29
CA MET E 67 66.84 -19.01 20.47
C MET E 67 65.81 -20.13 20.51
N VAL E 68 65.88 -21.06 19.55
CA VAL E 68 64.95 -22.17 19.50
C VAL E 68 65.09 -23.06 20.73
N SER E 69 66.31 -23.20 21.25
CA SER E 69 66.55 -24.10 22.37
C SER E 69 65.94 -23.60 23.67
N LYS E 70 65.59 -22.31 23.76
CA LYS E 70 65.06 -21.74 24.99
C LYS E 70 63.56 -21.49 24.93
N LEU E 71 62.87 -21.99 23.91
CA LEU E 71 61.46 -21.74 23.72
C LEU E 71 60.64 -22.89 24.28
N LYS E 72 59.60 -22.55 25.05
CA LYS E 72 58.70 -23.56 25.59
C LYS E 72 57.80 -24.10 24.48
N LYS E 73 57.67 -25.42 24.41
CA LYS E 73 56.89 -26.04 23.35
C LYS E 73 55.40 -25.92 23.65
N PRO E 74 54.56 -25.65 22.63
CA PRO E 74 54.93 -25.43 21.23
C PRO E 74 55.69 -24.13 21.01
N ARG E 75 56.80 -24.20 20.28
CA ARG E 75 57.65 -23.03 20.09
C ARG E 75 56.98 -22.00 19.20
N ARG E 76 57.01 -20.74 19.63
CA ARG E 76 56.37 -19.64 18.93
C ARG E 76 57.39 -18.56 18.65
N ILE E 77 57.51 -18.16 17.40
CA ILE E 77 58.50 -17.17 16.96
C ILE E 77 57.79 -16.09 16.15
N ILE E 78 58.05 -14.83 16.51
CA ILE E 78 57.50 -13.69 15.79
C ILE E 78 58.61 -13.10 14.92
N LEU E 79 58.30 -12.85 13.65
CA LEU E 79 59.25 -12.30 12.69
C LEU E 79 58.89 -10.85 12.41
N LEU E 80 59.83 -9.94 12.62
CA LEU E 80 59.67 -8.51 12.30
C LEU E 80 60.83 -8.05 11.44
N VAL E 81 60.95 -8.65 10.25
CA VAL E 81 61.97 -8.29 9.29
C VAL E 81 61.28 -7.63 8.09
N LYS E 82 62.10 -7.06 7.21
CA LYS E 82 61.57 -6.38 6.03
C LYS E 82 60.85 -7.38 5.13
N ALA E 83 59.65 -6.99 4.68
CA ALA E 83 58.86 -7.86 3.83
C ALA E 83 59.57 -8.15 2.52
N GLY E 84 59.40 -9.37 2.02
CA GLY E 84 60.04 -9.78 0.78
C GLY E 84 60.81 -11.07 0.92
N GLN E 85 62.02 -11.12 0.35
CA GLN E 85 62.86 -12.30 0.44
C GLN E 85 63.39 -12.54 1.85
N ALA E 86 63.51 -11.49 2.66
CA ALA E 86 64.07 -11.64 4.01
C ALA E 86 63.19 -12.54 4.88
N VAL E 87 61.88 -12.51 4.68
CA VAL E 87 60.99 -13.34 5.48
C VAL E 87 61.16 -14.81 5.13
N ASP E 88 61.17 -15.13 3.83
CA ASP E 88 61.32 -16.52 3.41
C ASP E 88 62.69 -17.07 3.77
N ASP E 89 63.71 -16.22 3.84
CA ASP E 89 65.02 -16.68 4.27
C ASP E 89 64.98 -17.18 5.71
N PHE E 90 64.34 -16.42 6.60
CA PHE E 90 64.24 -16.83 8.00
C PHE E 90 63.35 -18.06 8.16
N ILE E 91 62.40 -18.27 7.24
CA ILE E 91 61.57 -19.47 7.29
C ILE E 91 62.41 -20.70 7.00
N GLU E 92 63.21 -20.65 5.92
CA GLU E 92 64.08 -21.76 5.59
C GLU E 92 65.18 -21.98 6.63
N LYS E 93 65.54 -20.94 7.39
CA LYS E 93 66.52 -21.10 8.46
C LYS E 93 65.91 -21.61 9.75
N LEU E 94 64.60 -21.46 9.93
CA LEU E 94 63.91 -21.88 11.15
C LEU E 94 63.28 -23.26 11.04
N VAL E 95 62.75 -23.62 9.87
CA VAL E 95 62.05 -24.90 9.72
C VAL E 95 62.88 -26.10 10.18
N PRO E 96 64.15 -26.25 9.76
CA PRO E 96 64.92 -27.40 10.24
C PRO E 96 65.28 -27.32 11.72
N LEU E 97 65.00 -26.21 12.39
CA LEU E 97 65.18 -26.09 13.84
C LEU E 97 63.90 -26.32 14.62
N LEU E 98 62.76 -26.40 13.95
CA LEU E 98 61.47 -26.53 14.61
C LEU E 98 60.94 -27.97 14.49
N ASP E 99 60.02 -28.30 15.39
CA ASP E 99 59.33 -29.59 15.39
C ASP E 99 57.89 -29.40 14.91
N THR E 100 57.23 -30.52 14.66
CA THR E 100 55.85 -30.50 14.20
C THR E 100 54.94 -29.91 15.27
N GLY E 101 54.21 -28.85 14.90
CA GLY E 101 53.32 -28.17 15.82
C GLY E 101 53.79 -26.81 16.28
N ASP E 102 54.99 -26.39 15.89
CA ASP E 102 55.51 -25.09 16.29
C ASP E 102 54.85 -23.98 15.47
N ILE E 103 54.98 -22.75 15.96
CA ILE E 103 54.28 -21.60 15.41
C ILE E 103 55.29 -20.58 14.91
N ILE E 104 55.00 -19.98 13.75
CA ILE E 104 55.77 -18.87 13.22
C ILE E 104 54.80 -17.75 12.89
N ILE E 105 55.08 -16.55 13.40
CA ILE E 105 54.20 -15.41 13.23
C ILE E 105 54.97 -14.32 12.48
N ASP E 106 54.42 -13.89 11.34
CA ASP E 106 54.99 -12.80 10.56
C ASP E 106 54.20 -11.53 10.87
N GLY E 107 54.85 -10.58 11.55
CA GLY E 107 54.23 -9.32 11.93
C GLY E 107 54.51 -8.16 11.00
N GLY E 108 55.12 -8.40 9.83
CA GLY E 108 55.41 -7.33 8.91
C GLY E 108 54.33 -7.16 7.85
N ASN E 109 54.47 -6.08 7.07
CA ASN E 109 53.52 -5.76 6.01
C ASN E 109 53.80 -6.63 4.76
N SER E 110 53.63 -7.93 4.95
CA SER E 110 53.77 -8.87 3.84
C SER E 110 52.50 -8.91 3.01
N GLU E 111 52.67 -9.12 1.71
CA GLU E 111 51.52 -9.26 0.83
C GLU E 111 50.78 -10.56 1.13
N TYR E 112 49.44 -10.51 1.06
CA TYR E 112 48.64 -11.64 1.49
C TYR E 112 48.89 -12.86 0.61
N ARG E 113 49.30 -12.67 -0.64
CA ARG E 113 49.61 -13.81 -1.50
C ARG E 113 50.82 -14.58 -0.96
N ASP E 114 51.82 -13.86 -0.44
CA ASP E 114 52.98 -14.53 0.13
C ASP E 114 52.61 -15.24 1.43
N THR E 115 51.83 -14.59 2.29
CA THR E 115 51.43 -15.21 3.55
C THR E 115 50.59 -16.45 3.30
N THR E 116 49.72 -16.40 2.27
CA THR E 116 48.95 -17.60 1.90
C THR E 116 49.87 -18.69 1.40
N ARG E 117 50.85 -18.34 0.55
CA ARG E 117 51.80 -19.34 0.05
C ARG E 117 52.63 -19.93 1.18
N ARG E 118 53.08 -19.09 2.11
CA ARG E 118 53.85 -19.60 3.24
C ARG E 118 52.98 -20.43 4.18
N CYS E 119 51.70 -20.09 4.30
CA CYS E 119 50.81 -20.85 5.18
C CYS E 119 50.55 -22.26 4.62
N ARG E 120 50.34 -22.37 3.31
CA ARG E 120 50.09 -23.67 2.70
C ARG E 120 51.35 -24.53 2.71
N ASP E 121 52.48 -23.97 2.29
CA ASP E 121 53.71 -24.76 2.18
C ASP E 121 54.22 -25.19 3.54
N LEU E 122 54.02 -24.39 4.57
CA LEU E 122 54.47 -24.78 5.91
C LEU E 122 53.49 -25.74 6.58
N LYS E 123 52.19 -25.58 6.33
CA LYS E 123 51.22 -26.53 6.87
C LYS E 123 51.45 -27.94 6.34
N ALA E 124 51.89 -28.06 5.09
CA ALA E 124 52.22 -29.37 4.53
C ALA E 124 53.50 -29.92 5.13
N LYS E 125 54.39 -29.07 5.65
CA LYS E 125 55.62 -29.51 6.28
C LYS E 125 55.51 -29.58 7.80
N GLY E 126 54.31 -29.47 8.34
CA GLY E 126 54.07 -29.65 9.76
C GLY E 126 54.29 -28.43 10.63
N ILE E 127 54.43 -27.24 10.04
CA ILE E 127 54.65 -26.01 10.80
C ILE E 127 53.42 -25.13 10.66
N LEU E 128 52.94 -24.59 11.78
CA LEU E 128 51.75 -23.75 11.79
C LEU E 128 52.19 -22.30 11.59
N PHE E 129 51.86 -21.73 10.43
CA PHE E 129 52.27 -20.38 10.08
C PHE E 129 51.12 -19.41 10.31
N VAL E 130 51.45 -18.25 10.89
CA VAL E 130 50.47 -17.21 11.18
C VAL E 130 50.95 -15.90 10.60
N GLY E 131 50.12 -15.28 9.77
CA GLY E 131 50.42 -13.96 9.25
C GLY E 131 49.56 -12.90 9.91
N SER E 132 50.14 -12.14 10.83
CA SER E 132 49.42 -11.18 11.64
C SER E 132 49.82 -9.76 11.26
N GLY E 133 48.82 -8.91 11.05
CA GLY E 133 49.08 -7.50 10.83
C GLY E 133 49.17 -6.74 12.14
N VAL E 134 50.10 -5.80 12.20
CA VAL E 134 50.34 -5.01 13.40
C VAL E 134 50.23 -3.54 13.02
N SER E 135 49.33 -2.81 13.69
CA SER E 135 49.15 -1.39 13.48
C SER E 135 49.20 -0.67 14.83
N GLY E 136 49.75 0.54 14.81
CA GLY E 136 49.83 1.33 16.02
C GLY E 136 51.10 2.15 16.11
N GLY E 137 52.02 1.95 15.16
CA GLY E 137 53.26 2.69 15.19
C GLY E 137 54.11 2.27 16.38
N GLU E 138 54.83 3.24 16.93
CA GLU E 138 55.71 2.97 18.07
C GLU E 138 54.98 3.06 19.40
N GLU E 139 54.12 4.07 19.58
CA GLU E 139 53.36 4.18 20.82
C GLU E 139 52.43 2.99 21.00
N GLY E 140 51.86 2.48 19.90
CA GLY E 140 51.02 1.32 19.99
C GLY E 140 51.81 0.05 20.28
N ALA E 141 52.93 -0.13 19.60
CA ALA E 141 53.74 -1.32 19.79
C ALA E 141 54.30 -1.43 21.20
N ARG E 142 54.38 -0.31 21.93
CA ARG E 142 54.91 -0.31 23.29
C ARG E 142 53.83 -0.45 24.36
N TYR E 143 52.61 0.03 24.11
CA TYR E 143 51.58 0.05 25.13
C TYR E 143 50.26 -0.59 24.73
N GLY E 144 50.03 -0.87 23.45
CA GLY E 144 48.80 -1.51 23.03
C GLY E 144 48.55 -1.38 21.54
N PRO E 145 48.99 -2.36 20.77
CA PRO E 145 48.77 -2.35 19.32
C PRO E 145 47.49 -3.08 18.94
N SER E 146 47.13 -2.95 17.67
CA SER E 146 46.02 -3.69 17.08
C SER E 146 46.59 -4.86 16.30
N LEU E 147 46.23 -6.07 16.69
CA LEU E 147 46.78 -7.28 16.10
C LEU E 147 45.71 -7.97 15.26
N MET E 148 46.08 -8.35 14.04
CA MET E 148 45.16 -8.94 13.07
C MET E 148 45.72 -10.30 12.63
N PRO E 149 45.63 -11.30 13.50
CA PRO E 149 46.23 -12.60 13.18
C PRO E 149 45.38 -13.42 12.22
N GLY E 150 46.08 -14.18 11.38
CA GLY E 150 45.42 -15.06 10.42
C GLY E 150 46.41 -16.09 9.91
N GLY E 151 45.87 -17.07 9.19
CA GLY E 151 46.69 -18.12 8.62
C GLY E 151 46.25 -19.52 8.99
N ASN E 152 46.80 -20.06 10.06
CA ASN E 152 46.50 -21.42 10.52
C ASN E 152 45.85 -21.33 11.89
N LYS E 153 44.55 -21.65 11.95
CA LYS E 153 43.81 -21.52 13.22
C LYS E 153 44.30 -22.51 14.27
N GLU E 154 44.92 -23.62 13.86
CA GLU E 154 45.49 -24.55 14.82
C GLU E 154 46.52 -23.88 15.72
N ALA E 155 47.08 -22.75 15.28
CA ALA E 155 48.04 -21.98 16.05
C ALA E 155 47.40 -20.93 16.94
N TRP E 156 46.12 -20.60 16.70
CA TRP E 156 45.47 -19.54 17.48
C TRP E 156 45.36 -19.84 18.98
N PRO E 157 44.99 -21.04 19.43
CA PRO E 157 44.85 -21.25 20.88
C PRO E 157 46.15 -21.07 21.66
N HIS E 158 47.31 -21.15 21.02
CA HIS E 158 48.58 -21.00 21.73
C HIS E 158 49.03 -19.56 21.82
N ILE E 159 48.84 -18.76 20.75
CA ILE E 159 49.17 -17.35 20.79
C ILE E 159 47.99 -16.50 21.26
N LYS E 160 46.88 -17.13 21.64
CA LYS E 160 45.69 -16.38 22.03
C LYS E 160 45.95 -15.54 23.27
N THR E 161 46.71 -16.08 24.23
CA THR E 161 46.92 -15.37 25.49
C THR E 161 47.82 -14.16 25.30
N ILE E 162 48.92 -14.31 24.58
CA ILE E 162 49.89 -13.23 24.45
C ILE E 162 49.34 -12.11 23.56
N PHE E 163 48.79 -12.48 22.39
CA PHE E 163 48.32 -11.48 21.45
C PHE E 163 47.20 -10.64 22.05
N GLN E 164 46.16 -11.28 22.57
CA GLN E 164 45.07 -10.54 23.19
C GLN E 164 45.51 -9.87 24.49
N GLY E 165 46.54 -10.40 25.14
CA GLY E 165 47.00 -9.82 26.38
C GLY E 165 47.66 -8.47 26.17
N ILE E 166 48.59 -8.39 25.22
CA ILE E 166 49.29 -7.13 24.96
C ILE E 166 48.52 -6.20 24.04
N ALA E 167 47.44 -6.67 23.43
CA ALA E 167 46.69 -5.84 22.50
C ALA E 167 46.00 -4.69 23.22
N ALA E 168 45.58 -3.70 22.44
CA ALA E 168 44.87 -2.56 22.99
C ALA E 168 43.48 -2.99 23.46
N LYS E 169 42.98 -2.30 24.49
CA LYS E 169 41.67 -2.55 25.03
C LYS E 169 40.70 -1.44 24.61
N VAL E 170 39.41 -1.79 24.60
CA VAL E 170 38.37 -0.81 24.33
C VAL E 170 37.73 -0.43 25.65
N GLY E 171 36.63 0.33 25.59
CA GLY E 171 35.98 0.76 26.82
C GLY E 171 35.49 -0.41 27.66
N THR E 172 34.73 -1.32 27.05
CA THR E 172 34.19 -2.47 27.76
C THR E 172 35.25 -3.52 28.08
N GLY E 173 36.52 -3.28 27.75
CA GLY E 173 37.58 -4.22 28.05
C GLY E 173 37.84 -5.27 27.00
N GLU E 174 37.13 -5.24 25.88
CA GLU E 174 37.35 -6.22 24.83
C GLU E 174 38.70 -5.98 24.17
N PRO E 175 39.43 -7.05 23.82
CA PRO E 175 40.75 -6.86 23.20
C PRO E 175 40.62 -6.52 21.72
N CYS E 176 41.51 -5.65 21.25
CA CYS E 176 41.53 -5.29 19.84
C CYS E 176 42.38 -6.28 19.07
N CYS E 177 42.09 -7.57 19.23
CA CYS E 177 42.87 -8.63 18.61
C CYS E 177 42.05 -9.91 18.64
N ASP E 178 41.73 -10.43 17.46
CA ASP E 178 41.00 -11.69 17.37
C ASP E 178 41.32 -12.33 16.02
N TRP E 179 41.18 -13.65 15.97
CA TRP E 179 41.45 -14.36 14.73
C TRP E 179 40.53 -13.88 13.62
N VAL E 180 41.11 -13.63 12.44
CA VAL E 180 40.38 -13.02 11.34
C VAL E 180 40.01 -14.02 10.26
N GLY E 181 40.81 -15.05 10.01
CA GLY E 181 40.52 -15.94 8.91
C GLY E 181 41.71 -16.81 8.56
N ASP E 182 41.57 -17.53 7.46
CA ASP E 182 42.51 -18.57 7.06
C ASP E 182 43.39 -18.10 5.91
N GLU E 183 44.59 -18.69 5.81
CA GLU E 183 45.50 -18.47 4.68
C GLU E 183 45.88 -17.00 4.53
N GLY E 184 46.32 -16.40 5.64
CA GLY E 184 46.77 -15.02 5.59
C GLY E 184 45.70 -14.00 5.29
N ALA E 185 44.51 -14.17 5.86
CA ALA E 185 43.49 -13.14 5.74
C ALA E 185 43.82 -11.90 6.56
N GLY E 186 44.72 -12.02 7.54
CA GLY E 186 45.06 -10.88 8.36
C GLY E 186 45.85 -9.82 7.62
N HIS E 187 46.85 -10.25 6.84
CA HIS E 187 47.63 -9.30 6.06
C HIS E 187 46.78 -8.60 5.02
N PHE E 188 45.74 -9.26 4.51
CA PHE E 188 44.78 -8.58 3.66
C PHE E 188 44.01 -7.52 4.44
N VAL E 189 43.64 -7.84 5.68
CA VAL E 189 42.95 -6.87 6.53
C VAL E 189 43.89 -5.71 6.87
N LYS E 190 45.16 -6.02 7.15
CA LYS E 190 46.13 -4.95 7.39
C LYS E 190 46.35 -4.11 6.14
N MET E 191 46.28 -4.73 4.96
CA MET E 191 46.43 -3.98 3.71
C MET E 191 45.29 -2.98 3.54
N VAL E 192 44.05 -3.45 3.66
CA VAL E 192 42.90 -2.56 3.56
C VAL E 192 42.94 -1.50 4.66
N HIS E 193 43.48 -1.85 5.83
CA HIS E 193 43.61 -0.87 6.91
C HIS E 193 44.46 0.31 6.49
N ASN E 194 45.64 0.04 5.91
CA ASN E 194 46.49 1.13 5.44
C ASN E 194 45.84 1.88 4.28
N GLY E 195 45.16 1.16 3.40
CA GLY E 195 44.42 1.84 2.34
C GLY E 195 43.37 2.78 2.88
N ILE E 196 42.65 2.37 3.92
CA ILE E 196 41.74 3.27 4.62
C ILE E 196 42.52 4.40 5.26
N GLU E 197 43.72 4.11 5.78
CA GLU E 197 44.55 5.14 6.36
C GLU E 197 44.99 6.16 5.32
N TYR E 198 45.29 5.70 4.11
CA TYR E 198 45.62 6.63 3.02
C TYR E 198 44.45 7.56 2.73
N GLY E 199 43.22 7.06 2.80
CA GLY E 199 42.07 7.88 2.49
C GLY E 199 41.74 8.88 3.58
N ASP E 200 41.77 8.45 4.84
CA ASP E 200 41.47 9.35 5.94
C ASP E 200 42.47 10.50 6.00
N MET E 201 43.74 10.22 5.73
CA MET E 201 44.74 11.28 5.76
C MET E 201 44.57 12.25 4.59
N GLN E 202 44.29 11.73 3.39
CA GLN E 202 44.08 12.58 2.23
C GLN E 202 42.82 13.42 2.38
N LEU E 203 41.79 12.87 3.03
CA LEU E 203 40.57 13.64 3.27
C LEU E 203 40.84 14.82 4.19
N ILE E 204 41.66 14.62 5.22
CA ILE E 204 42.00 15.71 6.13
C ILE E 204 42.76 16.81 5.38
N CYS E 205 43.66 16.41 4.47
CA CYS E 205 44.40 17.41 3.70
C CYS E 205 43.47 18.20 2.79
N GLU E 206 42.48 17.53 2.19
CA GLU E 206 41.52 18.24 1.35
C GLU E 206 40.68 19.21 2.17
N ALA E 207 40.36 18.86 3.42
CA ALA E 207 39.67 19.80 4.29
C ALA E 207 40.61 20.91 4.73
N TYR E 208 41.87 20.57 5.02
CA TYR E 208 42.86 21.59 5.39
C TYR E 208 43.08 22.57 4.25
N HIS E 209 43.09 22.08 3.01
CA HIS E 209 43.29 22.97 1.88
C HIS E 209 42.08 23.87 1.65
N LEU E 210 40.87 23.38 1.91
CA LEU E 210 39.69 24.21 1.79
C LEU E 210 39.67 25.29 2.87
N MET E 211 40.10 24.96 4.09
CA MET E 211 40.17 25.94 5.15
C MET E 211 41.28 26.95 4.94
N LYS E 212 42.28 26.63 4.12
CA LYS E 212 43.42 27.52 3.93
C LYS E 212 43.26 28.45 2.74
N ASP E 213 42.55 28.02 1.69
CA ASP E 213 42.48 28.79 0.45
C ASP E 213 41.08 29.31 0.13
N VAL E 214 40.03 28.71 0.67
CA VAL E 214 38.67 29.17 0.45
C VAL E 214 38.20 30.07 1.60
N LEU E 215 38.38 29.62 2.84
CA LEU E 215 38.01 30.42 4.00
C LEU E 215 39.15 31.31 4.48
N GLY E 216 40.35 31.17 3.90
CA GLY E 216 41.47 32.03 4.26
C GLY E 216 41.88 31.96 5.72
N MET E 217 41.59 30.85 6.39
CA MET E 217 41.90 30.72 7.80
C MET E 217 43.41 30.61 8.02
N ALA E 218 43.83 30.90 9.25
CA ALA E 218 45.22 30.86 9.65
C ALA E 218 45.56 29.51 10.28
N GLN E 219 46.83 29.31 10.60
CA GLN E 219 47.30 28.03 11.11
C GLN E 219 46.65 27.68 12.44
N ASP E 220 46.79 28.56 13.43
CA ASP E 220 46.28 28.25 14.77
C ASP E 220 44.76 28.19 14.79
N GLU E 221 44.08 29.01 13.99
CA GLU E 221 42.62 28.97 13.99
C GLU E 221 42.10 27.74 13.27
N MET E 222 42.86 27.21 12.30
CA MET E 222 42.49 25.93 11.70
C MET E 222 42.70 24.79 12.69
N ALA E 223 43.69 24.91 13.56
CA ALA E 223 43.88 23.90 14.60
C ALA E 223 42.68 23.87 15.55
N GLN E 224 42.11 25.04 15.85
CA GLN E 224 40.91 25.08 16.68
C GLN E 224 39.73 24.42 15.97
N ALA E 225 39.68 24.51 14.64
CA ALA E 225 38.58 23.90 13.91
C ALA E 225 38.64 22.38 13.99
N PHE E 226 39.82 21.80 13.80
CA PHE E 226 39.96 20.35 13.93
C PHE E 226 39.76 19.89 15.37
N GLU E 227 40.19 20.71 16.34
CA GLU E 227 39.99 20.34 17.74
C GLU E 227 38.50 20.31 18.09
N ASP E 228 37.72 21.22 17.49
CA ASP E 228 36.27 21.18 17.71
C ASP E 228 35.63 20.02 16.95
N TRP E 229 36.12 19.73 15.74
CA TRP E 229 35.62 18.58 14.98
C TRP E 229 35.88 17.26 15.71
N ASN E 230 36.90 17.21 16.57
CA ASN E 230 37.23 16.00 17.32
C ASN E 230 36.23 15.69 18.42
N LYS E 231 35.21 16.52 18.61
CA LYS E 231 34.18 16.28 19.61
C LYS E 231 32.84 15.90 19.00
N THR E 232 32.74 15.83 17.67
CA THR E 232 31.50 15.45 17.00
C THR E 232 31.60 14.01 16.50
N GLU E 233 31.03 13.74 15.33
CA GLU E 233 31.13 12.41 14.74
C GLU E 233 32.53 12.09 14.25
N LEU E 234 33.44 13.07 14.19
CA LEU E 234 34.79 12.88 13.68
C LEU E 234 35.81 12.68 14.80
N ASP E 235 35.37 12.21 15.96
CA ASP E 235 36.28 11.95 17.08
C ASP E 235 37.20 10.80 16.72
N SER E 236 38.41 11.13 16.27
CA SER E 236 39.35 10.14 15.79
C SER E 236 40.77 10.52 16.21
N PHE E 237 41.69 9.57 16.04
CA PHE E 237 43.09 9.82 16.37
C PHE E 237 43.75 10.72 15.33
N LEU E 238 43.43 10.52 14.05
CA LEU E 238 44.05 11.32 13.00
C LEU E 238 43.63 12.78 13.09
N ILE E 239 42.38 13.04 13.46
CA ILE E 239 41.93 14.42 13.67
C ILE E 239 42.68 15.05 14.85
N GLU E 240 42.92 14.25 15.90
CA GLU E 240 43.64 14.76 17.06
C GLU E 240 45.06 15.15 16.70
N ILE E 241 45.79 14.26 16.03
CA ILE E 241 47.17 14.55 15.69
C ILE E 241 47.28 15.62 14.61
N THR E 242 46.23 15.79 13.80
CA THR E 242 46.24 16.87 12.82
C THR E 242 46.18 18.23 13.52
N ALA E 243 45.30 18.37 14.51
CA ALA E 243 45.19 19.63 15.24
C ALA E 243 46.47 19.93 16.01
N ASN E 244 47.07 18.91 16.63
CA ASN E 244 48.31 19.13 17.37
C ASN E 244 49.44 19.56 16.45
N ILE E 245 49.49 19.01 15.24
CA ILE E 245 50.52 19.40 14.29
C ILE E 245 50.30 20.83 13.81
N LEU E 246 49.04 21.23 13.64
CA LEU E 246 48.75 22.57 13.14
C LEU E 246 49.20 23.64 14.12
N LYS E 247 49.05 23.40 15.41
CA LYS E 247 49.48 24.35 16.43
C LYS E 247 50.89 24.09 16.92
N PHE E 248 51.59 23.10 16.37
CA PHE E 248 52.97 22.85 16.75
C PHE E 248 53.87 23.98 16.26
N GLN E 249 54.77 24.42 17.13
CA GLN E 249 55.67 25.53 16.82
C GLN E 249 57.11 25.04 16.82
N ASP E 250 57.94 25.72 16.04
CA ASP E 250 59.35 25.38 15.90
C ASP E 250 60.18 26.20 16.89
N THR E 251 61.51 26.03 16.82
CA THR E 251 62.40 26.79 17.69
C THR E 251 62.36 28.28 17.41
N ASP E 252 61.92 28.68 16.22
CA ASP E 252 61.78 30.09 15.84
C ASP E 252 60.46 30.68 16.28
N GLY E 253 59.64 29.93 17.00
CA GLY E 253 58.31 30.36 17.39
C GLY E 253 57.27 30.29 16.29
N LYS E 254 57.69 30.14 15.04
CA LYS E 254 56.77 30.04 13.92
C LYS E 254 56.33 28.59 13.71
N HIS E 255 55.32 28.42 12.87
CA HIS E 255 54.76 27.09 12.63
C HIS E 255 55.70 26.25 11.80
N LEU E 256 55.72 24.94 12.09
CA LEU E 256 56.60 24.00 11.41
C LEU E 256 55.96 23.41 10.16
N LEU E 257 54.63 23.34 10.11
CA LEU E 257 53.95 22.73 8.96
C LEU E 257 54.26 23.44 7.64
N PRO E 258 54.23 24.77 7.54
CA PRO E 258 54.56 25.41 6.25
C PRO E 258 56.00 25.25 5.83
N LYS E 259 56.87 24.70 6.68
CA LYS E 259 58.27 24.49 6.34
C LYS E 259 58.56 23.09 5.81
N ILE E 260 57.58 22.19 5.84
CA ILE E 260 57.78 20.81 5.42
C ILE E 260 57.55 20.71 3.92
N ARG E 261 58.44 19.96 3.26
CA ARG E 261 58.32 19.75 1.81
C ARG E 261 57.08 18.93 1.49
N ASP E 262 56.34 19.36 0.47
CA ASP E 262 55.06 18.75 0.12
C ASP E 262 55.27 17.63 -0.90
N SER E 263 55.84 16.53 -0.41
CA SER E 263 56.05 15.33 -1.22
C SER E 263 55.73 14.12 -0.35
N ALA E 264 54.63 13.44 -0.66
CA ALA E 264 54.19 12.31 0.14
C ALA E 264 54.93 11.05 -0.27
N GLY E 265 55.42 10.31 0.72
CA GLY E 265 56.16 9.09 0.48
C GLY E 265 55.27 7.85 0.58
N GLN E 266 55.83 6.73 0.13
CA GLN E 266 55.12 5.46 0.11
C GLN E 266 56.07 4.33 0.43
N LYS E 267 55.65 3.43 1.32
CA LYS E 267 56.37 2.19 1.58
C LYS E 267 55.79 1.02 0.82
N GLY E 268 54.55 1.11 0.36
CA GLY E 268 53.95 0.06 -0.45
C GLY E 268 52.87 -0.71 0.28
N THR E 269 51.71 -0.09 0.48
CA THR E 269 50.58 -0.79 1.08
C THR E 269 49.27 -0.25 0.50
N GLY E 270 49.12 1.07 0.46
CA GLY E 270 47.98 1.65 -0.23
C GLY E 270 47.99 1.32 -1.71
N LYS E 271 49.18 1.21 -2.30
CA LYS E 271 49.30 0.72 -3.66
C LYS E 271 48.70 -0.68 -3.79
N TRP E 272 48.97 -1.55 -2.82
CA TRP E 272 48.45 -2.91 -2.86
C TRP E 272 46.93 -2.94 -2.71
N THR E 273 46.38 -2.04 -1.89
CA THR E 273 44.94 -2.01 -1.68
C THR E 273 44.20 -1.66 -2.96
N ALA E 274 44.70 -0.66 -3.70
CA ALA E 274 44.04 -0.26 -4.95
C ALA E 274 44.27 -1.28 -6.05
N ILE E 275 45.44 -1.93 -6.07
CA ILE E 275 45.68 -2.97 -7.06
C ILE E 275 44.76 -4.15 -6.82
N SER E 276 44.55 -4.54 -5.56
CA SER E 276 43.68 -5.66 -5.25
C SER E 276 42.23 -5.37 -5.62
N ALA E 277 41.81 -4.10 -5.51
CA ALA E 277 40.45 -3.73 -5.86
C ALA E 277 40.23 -3.84 -7.37
N LEU E 278 41.15 -3.28 -8.16
CA LEU E 278 41.05 -3.36 -9.61
C LEU E 278 41.10 -4.81 -10.07
N GLU E 279 41.92 -5.64 -9.42
CA GLU E 279 42.13 -7.01 -9.87
C GLU E 279 40.89 -7.88 -9.67
N TYR E 280 40.07 -7.56 -8.67
CA TYR E 280 38.88 -8.35 -8.35
C TYR E 280 37.58 -7.58 -8.57
N GLY E 281 37.65 -6.38 -9.15
CA GLY E 281 36.46 -5.68 -9.56
C GLY E 281 35.64 -5.04 -8.46
N VAL E 282 36.29 -4.37 -7.52
CA VAL E 282 35.62 -3.67 -6.43
C VAL E 282 35.89 -2.18 -6.59
N PRO E 283 34.86 -1.33 -6.64
CA PRO E 283 35.08 0.11 -6.89
C PRO E 283 35.55 0.85 -5.64
N VAL E 284 36.76 0.51 -5.19
CA VAL E 284 37.39 1.24 -4.10
C VAL E 284 38.04 2.49 -4.69
N THR E 285 37.21 3.50 -4.97
CA THR E 285 37.66 4.66 -5.73
C THR E 285 38.42 5.66 -4.86
N LEU E 286 37.99 5.82 -3.60
CA LEU E 286 38.59 6.84 -2.75
C LEU E 286 40.03 6.49 -2.40
N ILE E 287 40.28 5.24 -2.01
CA ILE E 287 41.63 4.82 -1.66
C ILE E 287 42.55 4.91 -2.87
N GLY E 288 42.04 4.54 -4.05
CA GLY E 288 42.84 4.68 -5.25
C GLY E 288 43.21 6.11 -5.56
N GLU E 289 42.29 7.05 -5.29
CA GLU E 289 42.60 8.46 -5.48
C GLU E 289 43.59 8.97 -4.43
N ALA E 290 43.55 8.41 -3.22
CA ALA E 290 44.50 8.81 -2.20
C ALA E 290 45.91 8.35 -2.54
N VAL E 291 46.04 7.16 -3.13
CA VAL E 291 47.35 6.68 -3.56
C VAL E 291 47.89 7.54 -4.69
N PHE E 292 47.03 7.84 -5.68
CA PHE E 292 47.45 8.72 -6.77
C PHE E 292 47.74 10.13 -6.28
N ALA E 293 47.07 10.58 -5.22
CA ALA E 293 47.33 11.91 -4.68
C ALA E 293 48.74 12.00 -4.11
N ARG E 294 49.22 10.92 -3.47
CA ARG E 294 50.60 10.92 -2.98
C ARG E 294 51.59 10.90 -4.13
N CYS E 295 51.29 10.15 -5.20
CA CYS E 295 52.19 10.09 -6.34
C CYS E 295 52.24 11.43 -7.06
N LEU E 296 51.11 12.14 -7.13
CA LEU E 296 51.10 13.47 -7.74
C LEU E 296 51.95 14.45 -6.96
N SER E 297 51.99 14.31 -5.63
CA SER E 297 52.81 15.20 -4.82
C SER E 297 54.30 14.93 -4.99
N SER E 298 54.67 13.69 -5.32
CA SER E 298 56.07 13.35 -5.51
C SER E 298 56.68 14.09 -6.70
N LEU E 299 55.86 14.54 -7.64
CA LEU E 299 56.33 15.32 -8.78
C LEU E 299 56.44 16.79 -8.41
N LYS E 300 57.27 17.06 -7.40
CA LYS E 300 57.38 18.42 -6.86
C LYS E 300 57.92 19.39 -7.91
N ASP E 301 59.08 19.07 -8.49
CA ASP E 301 59.70 19.98 -9.44
C ASP E 301 58.83 20.17 -10.67
N GLU E 302 58.30 19.08 -11.23
CA GLU E 302 57.41 19.20 -12.38
C GLU E 302 56.16 20.00 -12.05
N ARG E 303 55.69 19.91 -10.80
CA ARG E 303 54.52 20.68 -10.39
C ARG E 303 54.85 22.16 -10.23
N ILE E 304 56.10 22.48 -9.92
CA ILE E 304 56.51 23.88 -9.85
C ILE E 304 56.50 24.52 -11.24
N GLN E 305 56.99 23.78 -12.25
CA GLN E 305 56.98 24.31 -13.61
C GLN E 305 55.56 24.44 -14.15
N ALA E 306 54.64 23.58 -13.71
CA ALA E 306 53.27 23.66 -14.19
C ALA E 306 52.54 24.88 -13.63
N SER E 307 52.84 25.27 -12.40
CA SER E 307 52.21 26.45 -11.81
C SER E 307 52.57 27.73 -12.56
N LYS E 308 53.69 27.73 -13.28
CA LYS E 308 54.13 28.90 -14.01
C LYS E 308 53.51 29.02 -15.40
N LYS E 309 53.16 27.89 -16.02
CA LYS E 309 52.65 27.88 -17.38
C LYS E 309 51.13 27.87 -17.45
N LEU E 310 50.48 26.98 -16.70
CA LEU E 310 49.03 26.86 -16.72
C LEU E 310 48.44 27.44 -15.45
N LYS E 311 47.41 28.26 -15.60
CA LYS E 311 46.76 28.95 -14.49
C LYS E 311 45.36 28.39 -14.27
N GLY E 312 44.83 28.62 -13.07
CA GLY E 312 43.49 28.21 -12.73
C GLY E 312 42.50 29.35 -12.84
N PRO E 313 41.43 29.29 -12.05
CA PRO E 313 40.46 30.40 -12.05
C PRO E 313 41.03 31.59 -11.30
N GLN E 314 40.88 32.78 -11.89
CA GLN E 314 41.46 33.99 -11.34
C GLN E 314 40.41 34.96 -10.79
N LYS E 315 39.13 34.67 -10.93
CA LYS E 315 38.07 35.59 -10.50
C LYS E 315 37.08 34.85 -9.60
N PHE E 316 37.57 34.42 -8.43
CA PHE E 316 36.72 33.76 -7.44
C PHE E 316 36.96 34.39 -6.07
N GLN E 317 35.86 34.69 -5.38
CA GLN E 317 35.91 35.18 -4.01
C GLN E 317 34.73 34.59 -3.25
N PHE E 318 34.99 34.12 -2.03
CA PHE E 318 33.96 33.46 -1.24
C PHE E 318 32.94 34.48 -0.76
N ASP E 319 31.69 34.31 -1.18
CA ASP E 319 30.60 35.21 -0.78
C ASP E 319 29.58 34.48 0.07
N GLY E 320 30.00 33.97 1.22
CA GLY E 320 29.10 33.29 2.12
C GLY E 320 29.49 33.41 3.57
N ASP E 321 28.93 32.55 4.43
CA ASP E 321 29.29 32.52 5.84
C ASP E 321 30.43 31.54 6.03
N LYS E 322 31.61 32.07 6.39
CA LYS E 322 32.78 31.21 6.56
C LYS E 322 32.58 30.19 7.67
N LYS E 323 31.71 30.48 8.64
CA LYS E 323 31.43 29.51 9.70
C LYS E 323 30.44 28.45 9.23
N SER E 324 29.42 28.84 8.46
CA SER E 324 28.50 27.85 7.93
C SER E 324 29.15 26.98 6.87
N PHE E 325 30.09 27.54 6.10
CA PHE E 325 30.82 26.74 5.13
C PHE E 325 31.86 25.86 5.81
N LEU E 326 32.43 26.31 6.93
CA LEU E 326 33.31 25.46 7.73
C LEU E 326 32.56 24.23 8.22
N GLU E 327 31.28 24.37 8.53
CA GLU E 327 30.47 23.21 8.89
C GLU E 327 30.14 22.35 7.67
N ASP E 328 30.01 22.98 6.50
CA ASP E 328 29.78 22.22 5.29
C ASP E 328 30.98 21.33 4.96
N ILE E 329 32.18 21.81 5.25
CA ILE E 329 33.37 20.98 5.06
C ILE E 329 33.36 19.80 6.01
N ARG E 330 32.89 20.01 7.24
CA ARG E 330 32.81 18.92 8.21
C ARG E 330 31.82 17.86 7.77
N LYS E 331 30.64 18.28 7.31
CA LYS E 331 29.65 17.32 6.84
C LYS E 331 30.13 16.60 5.58
N ALA E 332 30.86 17.31 4.71
CA ALA E 332 31.43 16.67 3.54
C ALA E 332 32.51 15.67 3.91
N LEU E 333 33.37 16.04 4.87
CA LEU E 333 34.40 15.12 5.34
C LEU E 333 33.78 13.89 5.98
N TYR E 334 32.74 14.07 6.78
CA TYR E 334 32.08 12.94 7.42
C TYR E 334 31.38 12.04 6.41
N ALA E 335 30.84 12.63 5.33
CA ALA E 335 30.18 11.83 4.31
C ALA E 335 31.18 11.04 3.48
N SER E 336 32.29 11.68 3.09
CA SER E 336 33.33 10.97 2.35
C SER E 336 33.99 9.91 3.22
N LYS E 337 34.06 10.14 4.53
CA LYS E 337 34.56 9.12 5.44
C LYS E 337 33.70 7.87 5.38
N ILE E 338 32.38 8.04 5.29
CA ILE E 338 31.48 6.89 5.22
C ILE E 338 31.66 6.15 3.91
N ILE E 339 31.76 6.88 2.79
CA ILE E 339 31.93 6.26 1.49
C ILE E 339 33.26 5.50 1.43
N SER E 340 34.29 6.06 2.07
CA SER E 340 35.60 5.40 2.08
C SER E 340 35.53 4.04 2.77
N TYR E 341 34.98 4.01 3.99
CA TYR E 341 34.85 2.74 4.70
C TYR E 341 33.87 1.79 4.03
N ALA E 342 32.84 2.34 3.36
CA ALA E 342 31.91 1.49 2.63
C ALA E 342 32.63 0.72 1.54
N GLN E 343 33.48 1.41 0.77
CA GLN E 343 34.26 0.73 -0.26
C GLN E 343 35.30 -0.20 0.35
N GLY E 344 35.81 0.12 1.53
CA GLY E 344 36.80 -0.73 2.16
C GLY E 344 36.25 -2.09 2.56
N PHE E 345 35.03 -2.11 3.11
CA PHE E 345 34.40 -3.37 3.48
C PHE E 345 33.83 -4.11 2.27
N MET E 346 33.55 -3.41 1.17
CA MET E 346 33.25 -4.09 -0.08
C MET E 346 34.43 -4.93 -0.53
N LEU E 347 35.66 -4.41 -0.33
CA LEU E 347 36.86 -5.18 -0.66
C LEU E 347 37.02 -6.36 0.29
N LEU E 348 36.82 -6.14 1.60
CA LEU E 348 36.96 -7.22 2.56
C LEU E 348 35.96 -8.34 2.28
N ARG E 349 34.70 -7.97 2.01
CA ARG E 349 33.68 -8.98 1.76
C ARG E 349 33.86 -9.63 0.39
N GLN E 350 34.58 -8.99 -0.52
CA GLN E 350 34.88 -9.62 -1.81
C GLN E 350 36.04 -10.60 -1.68
N ALA E 351 37.03 -10.29 -0.86
CA ALA E 351 38.14 -11.21 -0.64
C ALA E 351 37.65 -12.50 -0.01
N ALA E 352 36.74 -12.40 0.97
CA ALA E 352 36.15 -13.60 1.56
C ALA E 352 35.38 -14.41 0.51
N THR E 353 34.87 -13.74 -0.52
CA THR E 353 34.18 -14.44 -1.60
C THR E 353 35.17 -15.11 -2.53
N GLU E 354 36.23 -14.40 -2.92
CA GLU E 354 37.18 -14.93 -3.89
C GLU E 354 38.03 -16.04 -3.30
N PHE E 355 38.47 -15.88 -2.06
CA PHE E 355 39.38 -16.83 -1.44
C PHE E 355 38.70 -17.80 -0.48
N GLY E 356 37.42 -17.59 -0.17
CA GLY E 356 36.71 -18.50 0.70
C GLY E 356 36.98 -18.32 2.17
N TRP E 357 37.31 -17.11 2.59
CA TRP E 357 37.55 -16.82 4.00
C TRP E 357 36.25 -16.47 4.72
N THR E 358 36.28 -16.56 6.04
CA THR E 358 35.14 -16.24 6.89
C THR E 358 35.55 -15.06 7.77
N LEU E 359 35.25 -13.86 7.30
CA LEU E 359 35.65 -12.64 7.98
C LEU E 359 34.49 -12.12 8.84
N ASN E 360 34.81 -11.73 10.07
CA ASN E 360 33.84 -11.11 10.98
C ASN E 360 34.04 -9.60 10.88
N TYR E 361 33.26 -8.97 9.99
CA TYR E 361 33.44 -7.54 9.73
C TYR E 361 33.12 -6.70 10.96
N GLY E 362 32.26 -7.20 11.84
CA GLY E 362 32.04 -6.52 13.11
C GLY E 362 33.25 -6.62 14.03
N GLY E 363 33.89 -7.80 14.05
CA GLY E 363 35.10 -7.96 14.84
C GLY E 363 36.30 -7.27 14.23
N ILE E 364 36.32 -7.12 12.91
CA ILE E 364 37.39 -6.37 12.25
C ILE E 364 37.35 -4.91 12.67
N ALA E 365 36.15 -4.32 12.71
CA ALA E 365 36.03 -2.95 13.19
C ALA E 365 36.41 -2.83 14.66
N LEU E 366 36.26 -3.92 15.43
CA LEU E 366 36.68 -3.91 16.82
C LEU E 366 38.19 -3.85 16.94
N MET E 367 38.91 -4.61 16.09
CA MET E 367 40.37 -4.57 16.11
C MET E 367 40.89 -3.21 15.65
N TRP E 368 40.14 -2.50 14.80
CA TRP E 368 40.52 -1.16 14.39
C TRP E 368 40.03 -0.09 15.36
N ARG E 369 39.10 -0.44 16.25
CA ARG E 369 38.53 0.54 17.17
C ARG E 369 39.57 1.06 18.15
N GLY E 370 40.61 0.26 18.43
CA GLY E 370 41.65 0.67 19.35
C GLY E 370 43.01 0.16 18.96
N GLY E 371 44.03 1.02 19.05
CA GLY E 371 45.39 0.65 18.72
C GLY E 371 45.80 1.12 17.34
N CYS E 372 44.89 1.06 16.37
CA CYS E 372 45.20 1.46 15.01
C CYS E 372 45.44 2.97 14.92
N ILE E 373 45.87 3.41 13.74
CA ILE E 373 45.98 4.83 13.46
C ILE E 373 44.64 5.40 13.03
N ILE E 374 43.77 4.57 12.45
CA ILE E 374 42.47 5.02 11.95
C ILE E 374 41.42 4.89 13.02
N ARG E 375 41.85 4.68 14.27
CA ARG E 375 40.91 4.45 15.36
C ARG E 375 39.98 5.65 15.52
N SER E 376 38.72 5.37 15.85
CA SER E 376 37.68 6.39 15.94
C SER E 376 36.41 5.76 16.48
N VAL E 377 35.63 6.56 17.20
CA VAL E 377 34.29 6.12 17.60
C VAL E 377 33.43 5.83 16.38
N PHE E 378 33.74 6.49 15.25
CA PHE E 378 33.06 6.19 14.00
C PHE E 378 33.23 4.72 13.62
N LEU E 379 34.39 4.13 13.92
CA LEU E 379 34.57 2.70 13.72
C LEU E 379 33.64 1.89 14.62
N GLY E 380 33.38 2.38 15.83
CA GLY E 380 32.43 1.69 16.70
C GLY E 380 31.03 1.68 16.11
N LYS E 381 30.64 2.77 15.45
CA LYS E 381 29.35 2.80 14.78
C LYS E 381 29.29 1.77 13.65
N ILE E 382 30.42 1.50 13.00
CA ILE E 382 30.46 0.47 11.97
C ILE E 382 30.28 -0.90 12.59
N LYS E 383 30.83 -1.11 13.78
CA LYS E 383 30.68 -2.40 14.46
C LYS E 383 29.21 -2.67 14.79
N ASP E 384 28.51 -1.67 15.32
CA ASP E 384 27.09 -1.83 15.62
C ASP E 384 26.30 -2.11 14.35
N ALA E 385 26.68 -1.49 13.23
CA ALA E 385 25.99 -1.74 11.97
C ALA E 385 26.17 -3.17 11.49
N PHE E 386 27.32 -3.78 11.77
CA PHE E 386 27.56 -5.16 11.37
C PHE E 386 27.10 -6.17 12.42
N ASP E 387 26.97 -5.77 13.68
CA ASP E 387 26.41 -6.69 14.68
C ASP E 387 24.90 -6.83 14.50
N ARG E 388 24.20 -5.72 14.27
CA ARG E 388 22.77 -5.78 14.03
C ARG E 388 22.43 -6.48 12.72
N ASN E 389 23.40 -6.60 11.81
CA ASN E 389 23.18 -7.28 10.54
C ASN E 389 24.52 -7.80 10.04
N PRO E 390 24.91 -9.00 10.48
CA PRO E 390 26.18 -9.58 10.03
C PRO E 390 26.27 -9.77 8.52
N GLU E 391 25.14 -9.90 7.84
CA GLU E 391 25.13 -9.96 6.37
C GLU E 391 24.66 -8.63 5.79
N LEU E 392 25.40 -7.57 6.14
CA LEU E 392 25.16 -6.24 5.60
C LEU E 392 25.97 -6.09 4.32
N GLN E 393 25.28 -6.07 3.18
CA GLN E 393 25.97 -6.09 1.90
C GLN E 393 26.75 -4.81 1.66
N ASN E 394 26.34 -3.70 2.29
CA ASN E 394 27.04 -2.43 2.12
C ASN E 394 26.67 -1.52 3.29
N LEU E 395 27.66 -0.74 3.75
CA LEU E 395 27.43 0.17 4.86
C LEU E 395 26.44 1.27 4.52
N LEU E 396 26.27 1.60 3.23
CA LEU E 396 25.29 2.62 2.86
C LEU E 396 23.86 2.15 3.03
N LEU E 397 23.64 0.84 3.18
CA LEU E 397 22.31 0.28 3.36
C LEU E 397 21.88 0.22 4.82
N ASP E 398 22.66 0.77 5.73
CA ASP E 398 22.32 0.82 7.14
C ASP E 398 21.65 2.16 7.46
N ASP E 399 20.61 2.12 8.29
CA ASP E 399 19.87 3.33 8.60
C ASP E 399 20.72 4.37 9.30
N PHE E 400 21.67 3.95 10.13
CA PHE E 400 22.54 4.90 10.82
C PHE E 400 23.37 5.70 9.81
N PHE E 401 24.04 5.00 8.88
CA PHE E 401 24.88 5.69 7.93
C PHE E 401 24.09 6.30 6.78
N LYS E 402 22.92 5.75 6.45
CA LYS E 402 22.06 6.39 5.48
C LYS E 402 21.56 7.74 5.99
N SER E 403 21.08 7.77 7.25
CA SER E 403 20.64 9.04 7.83
C SER E 403 21.81 10.01 7.99
N ALA E 404 23.03 9.49 8.20
CA ALA E 404 24.18 10.37 8.31
C ALA E 404 24.54 10.99 6.97
N VAL E 405 24.42 10.22 5.89
CA VAL E 405 24.73 10.77 4.56
C VAL E 405 23.70 11.81 4.16
N GLU E 406 22.42 11.56 4.46
CA GLU E 406 21.38 12.53 4.15
C GLU E 406 21.59 13.83 4.93
N ASN E 407 21.96 13.70 6.22
CA ASN E 407 22.22 14.88 7.03
C ASN E 407 23.41 15.68 6.55
N CYS E 408 24.25 15.09 5.69
CA CYS E 408 25.46 15.74 5.21
C CYS E 408 25.47 15.96 3.70
N GLN E 409 24.37 15.65 3.01
CA GLN E 409 24.42 15.59 1.55
C GLN E 409 24.50 16.98 0.91
N ASP E 410 23.63 17.90 1.34
CA ASP E 410 23.64 19.24 0.74
C ASP E 410 24.93 19.97 1.06
N SER E 411 25.42 19.85 2.29
CA SER E 411 26.72 20.43 2.64
C SER E 411 27.84 19.75 1.86
N TRP E 412 27.69 18.46 1.57
CA TRP E 412 28.68 17.75 0.76
C TRP E 412 28.79 18.36 -0.63
N ARG E 413 27.66 18.50 -1.32
CA ARG E 413 27.67 19.07 -2.67
C ARG E 413 28.00 20.56 -2.63
N ARG E 414 27.62 21.25 -1.55
CA ARG E 414 27.94 22.67 -1.43
C ARG E 414 29.43 22.90 -1.31
N ALA E 415 30.12 22.03 -0.57
CA ALA E 415 31.57 22.18 -0.43
C ALA E 415 32.29 21.77 -1.71
N VAL E 416 31.81 20.73 -2.39
CA VAL E 416 32.44 20.28 -3.62
C VAL E 416 32.31 21.35 -4.71
N SER E 417 31.10 21.91 -4.86
CA SER E 417 30.90 22.93 -5.89
C SER E 417 31.71 24.18 -5.60
N THR E 418 31.85 24.54 -4.32
CA THR E 418 32.63 25.72 -3.97
C THR E 418 34.11 25.51 -4.26
N GLY E 419 34.64 24.33 -3.91
CA GLY E 419 36.03 24.03 -4.18
C GLY E 419 36.34 23.90 -5.65
N VAL E 420 35.39 23.40 -6.44
CA VAL E 420 35.58 23.30 -7.88
C VAL E 420 35.70 24.69 -8.49
N GLN E 421 34.79 25.60 -8.11
CA GLN E 421 34.84 26.97 -8.63
C GLN E 421 36.11 27.68 -8.17
N ALA E 422 36.63 27.33 -6.99
CA ALA E 422 37.86 27.94 -6.49
C ALA E 422 39.10 27.31 -7.09
N GLY E 423 39.01 26.10 -7.62
CA GLY E 423 40.17 25.42 -8.15
C GLY E 423 40.98 24.68 -7.12
N ILE E 424 40.34 24.13 -6.09
CA ILE E 424 41.00 23.38 -5.03
C ILE E 424 40.92 21.90 -5.37
N PRO E 425 42.05 21.20 -5.49
CA PRO E 425 41.99 19.77 -5.84
C PRO E 425 41.37 18.96 -4.71
N MET E 426 40.25 18.30 -5.02
CA MET E 426 39.55 17.46 -4.05
C MET E 426 39.35 16.07 -4.66
N PRO E 427 40.43 15.30 -4.82
CA PRO E 427 40.28 13.98 -5.46
C PRO E 427 39.40 13.02 -4.68
N CYS E 428 39.46 13.07 -3.35
CA CYS E 428 38.69 12.12 -2.54
C CYS E 428 37.26 12.60 -2.32
N PHE E 429 37.06 13.91 -2.18
CA PHE E 429 35.71 14.44 -2.03
C PHE E 429 34.88 14.15 -3.28
N THR E 430 35.44 14.41 -4.46
CA THR E 430 34.68 14.25 -5.69
C THR E 430 34.44 12.77 -6.00
N THR E 431 35.42 11.91 -5.73
CA THR E 431 35.26 10.50 -6.06
C THR E 431 34.32 9.80 -5.08
N ALA E 432 34.24 10.29 -3.83
CA ALA E 432 33.28 9.72 -2.90
C ALA E 432 31.86 10.19 -3.21
N LEU E 433 31.72 11.42 -3.71
CA LEU E 433 30.41 11.90 -4.12
C LEU E 433 29.95 11.22 -5.41
N SER E 434 30.87 11.07 -6.37
CA SER E 434 30.51 10.40 -7.62
C SER E 434 30.13 8.95 -7.38
N PHE E 435 30.79 8.29 -6.42
CA PHE E 435 30.44 6.92 -6.10
C PHE E 435 29.07 6.83 -5.45
N TYR E 436 28.73 7.80 -4.59
CA TYR E 436 27.43 7.77 -3.93
C TYR E 436 26.30 7.98 -4.92
N ASP E 437 26.44 8.97 -5.81
CA ASP E 437 25.43 9.17 -6.84
C ASP E 437 25.35 8.01 -7.83
N GLY E 438 26.43 7.25 -7.98
CA GLY E 438 26.42 6.09 -8.84
C GLY E 438 25.81 4.87 -8.18
N TYR E 439 26.17 4.64 -6.92
CA TYR E 439 25.63 3.50 -6.19
C TYR E 439 24.16 3.67 -5.85
N ARG E 440 23.66 4.91 -5.81
CA ARG E 440 22.25 5.16 -5.52
C ARG E 440 21.39 5.19 -6.77
N HIS E 441 21.99 5.20 -7.96
CA HIS E 441 21.24 5.22 -9.21
C HIS E 441 20.91 3.80 -9.65
N GLU E 442 19.62 3.54 -9.89
CA GLU E 442 19.23 2.24 -10.41
C GLU E 442 19.67 2.06 -11.85
N MET E 443 19.56 3.11 -12.65
CA MET E 443 19.95 3.09 -14.06
C MET E 443 21.16 3.98 -14.26
N LEU E 444 22.21 3.43 -14.88
CA LEU E 444 23.44 4.14 -15.16
C LEU E 444 23.72 4.12 -16.66
N PRO E 445 24.51 5.08 -17.17
CA PRO E 445 24.79 5.12 -18.61
C PRO E 445 25.75 4.04 -19.07
N ALA E 446 25.95 3.00 -18.26
CA ALA E 446 26.82 1.90 -18.65
C ALA E 446 26.23 1.07 -19.79
N SER E 447 24.92 1.16 -20.02
CA SER E 447 24.32 0.46 -21.15
C SER E 447 24.88 0.96 -22.48
N LEU E 448 25.29 2.22 -22.53
CA LEU E 448 25.92 2.74 -23.74
C LEU E 448 27.26 2.08 -23.99
N ILE E 449 28.00 1.75 -22.94
CA ILE E 449 29.27 1.04 -23.09
C ILE E 449 29.03 -0.33 -23.73
N GLN E 450 28.02 -1.06 -23.24
CA GLN E 450 27.73 -2.37 -23.81
C GLN E 450 27.26 -2.26 -25.25
N ALA E 451 26.48 -1.23 -25.57
CA ALA E 451 26.12 -0.99 -26.96
C ALA E 451 27.36 -0.68 -27.79
N GLN E 452 28.31 0.06 -27.22
CA GLN E 452 29.57 0.32 -27.91
C GLN E 452 30.39 -0.95 -28.08
N ARG E 453 30.60 -1.68 -26.97
CA ARG E 453 31.41 -2.89 -27.04
C ARG E 453 30.82 -3.93 -27.99
N ASP E 454 29.48 -4.00 -28.07
CA ASP E 454 28.86 -4.86 -29.06
C ASP E 454 28.95 -4.28 -30.46
N TYR E 455 29.12 -2.96 -30.59
CA TYR E 455 29.24 -2.34 -31.90
C TYR E 455 30.55 -2.73 -32.57
N PHE E 456 31.68 -2.36 -31.96
CA PHE E 456 32.98 -2.52 -32.61
C PHE E 456 33.59 -3.90 -32.42
N GLY E 457 33.21 -4.63 -31.39
CA GLY E 457 33.88 -5.89 -31.10
C GLY E 457 32.96 -7.08 -30.95
N ALA E 458 31.66 -6.87 -31.10
CA ALA E 458 30.66 -7.92 -30.92
C ALA E 458 30.79 -8.59 -29.55
N HIS E 459 30.99 -7.77 -28.53
CA HIS E 459 31.22 -8.27 -27.17
C HIS E 459 29.95 -8.70 -26.47
N THR E 460 28.81 -8.71 -27.17
CA THR E 460 27.50 -9.18 -26.69
C THR E 460 26.98 -8.39 -25.49
N TYR E 461 25.67 -8.48 -25.25
CA TYR E 461 25.05 -7.74 -24.16
C TYR E 461 23.72 -8.40 -23.81
N GLU E 462 23.16 -8.00 -22.67
CA GLU E 462 21.89 -8.51 -22.20
C GLU E 462 20.81 -7.45 -22.38
N LEU E 463 19.56 -7.87 -22.16
CA LEU E 463 18.42 -6.97 -22.16
C LEU E 463 18.01 -6.68 -20.72
N LEU E 464 17.42 -5.50 -20.51
CA LEU E 464 17.04 -5.08 -19.16
C LEU E 464 15.95 -5.98 -18.59
N ALA E 465 15.02 -6.43 -19.44
CA ALA E 465 13.94 -7.30 -19.01
C ALA E 465 14.22 -8.78 -19.25
N LYS E 466 15.46 -9.11 -19.62
CA LYS E 466 15.85 -10.51 -19.87
C LYS E 466 17.30 -10.70 -19.49
N PRO E 467 17.59 -10.73 -18.18
CA PRO E 467 18.98 -10.92 -17.74
C PRO E 467 19.37 -12.38 -17.77
N GLY E 468 20.53 -12.67 -18.36
CA GLY E 468 21.03 -14.03 -18.41
C GLY E 468 21.51 -14.45 -19.78
N GLN E 469 20.71 -14.15 -20.80
CA GLN E 469 21.05 -14.53 -22.17
C GLN E 469 21.61 -13.31 -22.91
N PHE E 470 22.71 -13.51 -23.62
CA PHE E 470 23.42 -12.44 -24.30
C PHE E 470 23.11 -12.47 -25.80
N ILE E 471 22.89 -11.29 -26.38
CA ILE E 471 22.51 -11.18 -27.78
C ILE E 471 23.53 -10.32 -28.51
N HIS E 472 23.47 -10.40 -29.85
CA HIS E 472 24.32 -9.62 -30.75
C HIS E 472 23.44 -8.94 -31.77
N THR E 473 23.55 -7.62 -31.86
CA THR E 473 22.76 -6.81 -32.79
C THR E 473 23.66 -6.27 -33.90
N ASN E 474 23.16 -6.29 -35.13
CA ASN E 474 23.84 -5.68 -36.26
C ASN E 474 23.55 -4.18 -36.24
N TRP E 475 24.58 -3.37 -35.99
CA TRP E 475 24.42 -1.93 -35.90
C TRP E 475 24.70 -1.27 -37.25
N ALA F 8 64.08 -20.32 -49.52
CA ALA F 8 64.54 -19.02 -50.00
C ALA F 8 63.54 -18.42 -50.99
N GLN F 9 62.28 -18.80 -50.85
CA GLN F 9 61.23 -18.36 -51.75
C GLN F 9 60.13 -17.55 -51.08
N ALA F 10 59.84 -17.81 -49.80
CA ALA F 10 58.79 -17.12 -49.07
C ALA F 10 59.36 -15.96 -48.28
N ASP F 11 58.61 -14.86 -48.20
CA ASP F 11 59.07 -13.67 -47.53
C ASP F 11 59.03 -13.82 -46.01
N ILE F 12 57.91 -14.32 -45.49
CA ILE F 12 57.68 -14.38 -44.05
C ILE F 12 56.82 -15.61 -43.75
N ALA F 13 56.83 -16.03 -42.48
CA ALA F 13 56.02 -17.15 -42.03
C ALA F 13 55.20 -16.74 -40.82
N LEU F 14 54.02 -17.35 -40.70
CA LEU F 14 53.11 -17.09 -39.59
C LEU F 14 52.68 -18.41 -38.99
N ILE F 15 52.91 -18.57 -37.69
CA ILE F 15 52.52 -19.77 -36.96
C ILE F 15 51.27 -19.48 -36.16
N GLY F 16 50.27 -20.34 -36.29
CA GLY F 16 48.99 -20.13 -35.62
C GLY F 16 47.88 -19.80 -36.58
N LEU F 17 47.18 -20.82 -37.08
CA LEU F 17 46.16 -20.64 -38.10
C LEU F 17 44.79 -20.50 -37.45
N ALA F 18 44.59 -19.37 -36.80
CA ALA F 18 43.31 -18.97 -36.25
C ALA F 18 42.73 -17.83 -37.10
N VAL F 19 41.56 -17.34 -36.69
CA VAL F 19 40.92 -16.25 -37.43
C VAL F 19 41.83 -15.04 -37.48
N MET F 20 42.58 -14.79 -36.40
CA MET F 20 43.57 -13.71 -36.40
C MET F 20 44.74 -14.05 -37.33
N GLY F 21 45.27 -15.26 -37.22
CA GLY F 21 46.43 -15.63 -38.01
C GLY F 21 46.10 -15.76 -39.50
N GLN F 22 44.93 -16.32 -39.81
CA GLN F 22 44.55 -16.47 -41.22
C GLN F 22 44.37 -15.11 -41.89
N ASN F 23 43.72 -14.17 -41.20
CA ASN F 23 43.47 -12.86 -41.79
C ASN F 23 44.75 -12.07 -42.00
N LEU F 24 45.73 -12.22 -41.10
CA LEU F 24 47.01 -11.55 -41.30
C LEU F 24 47.79 -12.14 -42.46
N ILE F 25 47.68 -13.46 -42.67
CA ILE F 25 48.34 -14.10 -43.81
C ILE F 25 47.74 -13.60 -45.12
N LEU F 26 46.41 -13.64 -45.23
CA LEU F 26 45.76 -13.15 -46.44
C LEU F 26 45.98 -11.66 -46.65
N ASN F 27 46.12 -10.90 -45.56
CA ASN F 27 46.43 -9.47 -45.70
C ASN F 27 47.79 -9.28 -46.35
N MET F 28 48.78 -10.07 -45.92
CA MET F 28 50.10 -9.98 -46.55
C MET F 28 50.09 -10.54 -47.97
N ASN F 29 49.16 -11.47 -48.25
CA ASN F 29 49.07 -12.01 -49.60
C ASN F 29 48.48 -10.99 -50.56
N ASP F 30 47.45 -10.26 -50.12
CA ASP F 30 46.88 -9.21 -50.96
C ASP F 30 47.86 -8.09 -51.25
N HIS F 31 48.93 -7.98 -50.48
CA HIS F 31 49.97 -6.98 -50.70
C HIS F 31 51.17 -7.52 -51.45
N GLY F 32 51.07 -8.74 -52.00
CA GLY F 32 52.11 -9.29 -52.84
C GLY F 32 53.24 -9.98 -52.11
N PHE F 33 53.02 -10.45 -50.89
CA PHE F 33 54.05 -11.15 -50.13
C PHE F 33 53.72 -12.64 -50.05
N VAL F 34 54.73 -13.47 -50.25
CA VAL F 34 54.57 -14.91 -50.16
C VAL F 34 54.76 -15.30 -48.70
N VAL F 35 53.70 -15.80 -48.08
CA VAL F 35 53.70 -16.17 -46.66
C VAL F 35 53.63 -17.69 -46.55
N CYS F 36 54.41 -18.25 -45.64
CA CYS F 36 54.41 -19.69 -45.37
C CYS F 36 53.59 -19.94 -44.11
N ALA F 37 52.39 -20.49 -44.28
CA ALA F 37 51.53 -20.77 -43.16
C ALA F 37 51.97 -22.03 -42.42
N PHE F 38 51.72 -22.05 -41.12
CA PHE F 38 52.08 -23.20 -40.29
C PHE F 38 51.26 -23.15 -39.00
N ASN F 39 51.12 -24.30 -38.37
CA ASN F 39 50.36 -24.42 -37.14
C ASN F 39 50.85 -25.66 -36.40
N ARG F 40 50.56 -25.72 -35.10
CA ARG F 40 50.98 -26.86 -34.29
C ARG F 40 50.34 -28.14 -34.80
N THR F 41 49.04 -28.11 -35.07
CA THR F 41 48.34 -29.22 -35.70
C THR F 41 48.43 -29.01 -37.20
N VAL F 42 49.41 -29.68 -37.82
CA VAL F 42 49.73 -29.46 -39.23
C VAL F 42 48.55 -29.77 -40.15
N SER F 43 47.59 -30.57 -39.68
CA SER F 43 46.43 -30.90 -40.50
C SER F 43 45.66 -29.65 -40.92
N LYS F 44 45.68 -28.60 -40.11
CA LYS F 44 44.98 -27.37 -40.45
C LYS F 44 45.69 -26.56 -41.53
N VAL F 45 46.95 -26.87 -41.83
CA VAL F 45 47.66 -26.13 -42.87
C VAL F 45 47.06 -26.44 -44.24
N ASP F 46 46.84 -27.73 -44.53
CA ASP F 46 46.25 -28.11 -45.81
C ASP F 46 44.80 -27.68 -45.92
N ASP F 47 44.10 -27.59 -44.79
CA ASP F 47 42.74 -27.05 -44.82
C ASP F 47 42.75 -25.58 -45.22
N PHE F 48 43.64 -24.80 -44.60
CA PHE F 48 43.72 -23.37 -44.91
C PHE F 48 44.24 -23.13 -46.33
N LEU F 49 45.06 -24.05 -46.86
CA LEU F 49 45.58 -23.89 -48.21
C LEU F 49 44.55 -24.21 -49.28
N ALA F 50 43.53 -24.98 -48.96
CA ALA F 50 42.49 -25.33 -49.92
C ALA F 50 41.14 -24.68 -49.59
N ASN F 51 41.12 -23.71 -48.67
CA ASN F 51 39.88 -23.04 -48.29
C ASN F 51 40.09 -21.54 -48.31
N GLU F 52 40.49 -20.97 -47.18
CA GLU F 52 40.60 -19.52 -47.07
C GLU F 52 41.72 -18.97 -47.97
N ALA F 53 42.75 -19.77 -48.24
CA ALA F 53 43.85 -19.37 -49.10
C ALA F 53 43.84 -20.13 -50.43
N LYS F 54 42.66 -20.49 -50.91
CA LYS F 54 42.55 -21.22 -52.18
C LYS F 54 42.81 -20.28 -53.35
N GLY F 55 43.87 -20.54 -54.10
CA GLY F 55 44.25 -19.74 -55.25
C GLY F 55 45.29 -18.68 -54.96
N THR F 56 45.54 -18.36 -53.69
CA THR F 56 46.53 -17.36 -53.35
C THR F 56 47.94 -17.91 -53.54
N LYS F 57 48.93 -17.04 -53.39
CA LYS F 57 50.33 -17.42 -53.47
C LYS F 57 50.87 -17.90 -52.12
N VAL F 58 49.99 -18.15 -51.16
CA VAL F 58 50.42 -18.64 -49.85
C VAL F 58 50.95 -20.06 -49.99
N VAL F 59 52.09 -20.33 -49.37
CA VAL F 59 52.69 -21.65 -49.37
C VAL F 59 52.54 -22.25 -47.97
N GLY F 60 52.77 -23.57 -47.89
CA GLY F 60 52.65 -24.27 -46.64
C GLY F 60 53.82 -25.22 -46.42
N ALA F 61 53.93 -25.71 -45.18
CA ALA F 61 54.99 -26.62 -44.80
C ALA F 61 54.42 -27.69 -43.88
N GLN F 62 54.88 -28.93 -44.07
CA GLN F 62 54.39 -30.04 -43.27
C GLN F 62 55.08 -30.15 -41.91
N SER F 63 56.26 -29.56 -41.76
CA SER F 63 56.97 -29.57 -40.49
C SER F 63 57.48 -28.17 -40.18
N LEU F 64 57.90 -27.99 -38.93
CA LEU F 64 58.46 -26.70 -38.50
C LEU F 64 59.77 -26.42 -39.22
N LYS F 65 60.65 -27.43 -39.31
CA LYS F 65 61.96 -27.22 -39.91
C LYS F 65 61.87 -26.99 -41.40
N GLU F 66 60.85 -27.54 -42.06
CA GLU F 66 60.64 -27.27 -43.47
C GLU F 66 60.21 -25.82 -43.69
N MET F 67 59.40 -25.28 -42.78
CA MET F 67 58.96 -23.89 -42.89
C MET F 67 60.15 -22.94 -42.77
N VAL F 68 61.12 -23.27 -41.93
CA VAL F 68 62.29 -22.43 -41.73
C VAL F 68 63.07 -22.25 -43.03
N SER F 69 63.10 -23.29 -43.87
CA SER F 69 63.90 -23.24 -45.09
C SER F 69 63.31 -22.27 -46.11
N LYS F 70 62.00 -22.31 -46.31
CA LYS F 70 61.36 -21.54 -47.38
C LYS F 70 61.45 -20.04 -47.19
N LEU F 71 61.91 -19.57 -46.04
CA LEU F 71 61.96 -18.13 -45.78
C LEU F 71 63.23 -17.52 -46.34
N LYS F 72 63.09 -16.40 -47.04
CA LYS F 72 64.27 -15.69 -47.53
C LYS F 72 65.04 -15.07 -46.36
N LYS F 73 66.35 -15.00 -46.53
CA LYS F 73 67.18 -14.45 -45.47
C LYS F 73 67.11 -12.92 -45.48
N PRO F 74 67.00 -12.27 -44.30
CA PRO F 74 66.91 -12.94 -43.00
C PRO F 74 65.52 -13.51 -42.72
N ARG F 75 65.47 -14.70 -42.12
CA ARG F 75 64.19 -15.35 -41.89
C ARG F 75 63.35 -14.56 -40.90
N ARG F 76 62.08 -14.39 -41.23
CA ARG F 76 61.12 -13.66 -40.40
C ARG F 76 59.93 -14.56 -40.13
N ILE F 77 59.62 -14.78 -38.85
CA ILE F 77 58.57 -15.69 -38.43
C ILE F 77 57.67 -14.96 -37.44
N ILE F 78 56.36 -15.04 -37.66
CA ILE F 78 55.36 -14.40 -36.80
C ILE F 78 54.68 -15.48 -35.97
N LEU F 79 54.64 -15.27 -34.66
CA LEU F 79 54.00 -16.21 -33.74
C LEU F 79 52.66 -15.65 -33.30
N LEU F 80 51.57 -16.35 -33.64
CA LEU F 80 50.22 -15.99 -33.23
C LEU F 80 49.56 -17.19 -32.56
N VAL F 81 50.13 -17.62 -31.43
CA VAL F 81 49.61 -18.76 -30.68
C VAL F 81 49.07 -18.28 -29.35
N LYS F 82 48.69 -19.23 -28.49
CA LYS F 82 48.14 -18.88 -27.18
C LYS F 82 49.18 -18.11 -26.36
N ALA F 83 48.75 -17.02 -25.76
CA ALA F 83 49.64 -16.22 -24.93
C ALA F 83 50.08 -17.01 -23.70
N GLY F 84 51.36 -16.94 -23.40
CA GLY F 84 51.92 -17.65 -22.27
C GLY F 84 53.06 -18.57 -22.66
N GLN F 85 53.02 -19.81 -22.17
CA GLN F 85 54.10 -20.75 -22.44
C GLN F 85 54.10 -21.25 -23.88
N ALA F 86 52.96 -21.15 -24.58
CA ALA F 86 52.92 -21.61 -25.97
C ALA F 86 53.87 -20.82 -26.86
N VAL F 87 54.14 -19.56 -26.53
CA VAL F 87 55.11 -18.79 -27.29
C VAL F 87 56.52 -19.26 -26.96
N ASP F 88 56.81 -19.49 -25.68
CA ASP F 88 58.15 -19.95 -25.29
C ASP F 88 58.44 -21.33 -25.87
N ASP F 89 57.42 -22.19 -25.95
CA ASP F 89 57.62 -23.53 -26.49
C ASP F 89 58.10 -23.48 -27.94
N PHE F 90 57.46 -22.63 -28.75
CA PHE F 90 57.89 -22.49 -30.14
C PHE F 90 59.26 -21.84 -30.24
N ILE F 91 59.59 -20.93 -29.32
CA ILE F 91 60.91 -20.32 -29.33
C ILE F 91 61.97 -21.37 -29.01
N GLU F 92 61.68 -22.28 -28.09
CA GLU F 92 62.62 -23.36 -27.78
C GLU F 92 62.83 -24.28 -28.98
N LYS F 93 61.81 -24.43 -29.83
CA LYS F 93 61.92 -25.23 -31.04
C LYS F 93 62.52 -24.46 -32.21
N LEU F 94 62.39 -23.13 -32.21
CA LEU F 94 62.81 -22.31 -33.35
C LEU F 94 64.29 -21.94 -33.29
N VAL F 95 64.82 -21.67 -32.08
CA VAL F 95 66.20 -21.21 -31.96
C VAL F 95 67.20 -22.20 -32.55
N PRO F 96 67.13 -23.51 -32.27
CA PRO F 96 68.09 -24.44 -32.88
C PRO F 96 68.01 -24.49 -34.39
N LEU F 97 66.89 -24.08 -34.99
CA LEU F 97 66.72 -24.18 -36.43
C LEU F 97 67.09 -22.90 -37.17
N LEU F 98 67.30 -21.80 -36.47
CA LEU F 98 67.58 -20.51 -37.10
C LEU F 98 69.07 -20.20 -37.05
N ASP F 99 69.47 -19.27 -37.91
CA ASP F 99 70.83 -18.75 -37.95
C ASP F 99 70.87 -17.36 -37.33
N THR F 100 72.08 -16.91 -37.00
CA THR F 100 72.27 -15.59 -36.42
C THR F 100 71.84 -14.50 -37.41
N GLY F 101 70.89 -13.67 -36.99
CA GLY F 101 70.33 -12.62 -37.81
C GLY F 101 68.86 -12.81 -38.14
N ASP F 102 68.32 -14.00 -37.95
CA ASP F 102 66.91 -14.24 -38.22
C ASP F 102 66.05 -13.57 -37.14
N ILE F 103 64.76 -13.44 -37.46
CA ILE F 103 63.84 -12.62 -36.66
C ILE F 103 62.64 -13.46 -36.26
N ILE F 104 62.23 -13.32 -34.99
CA ILE F 104 61.03 -13.94 -34.47
C ILE F 104 60.08 -12.84 -34.03
N ILE F 105 58.85 -12.85 -34.55
CA ILE F 105 57.84 -11.85 -34.25
C ILE F 105 56.76 -12.49 -33.38
N ASP F 106 56.44 -11.84 -32.27
CA ASP F 106 55.36 -12.26 -31.39
C ASP F 106 54.24 -11.22 -31.50
N GLY F 107 53.20 -11.56 -32.25
CA GLY F 107 52.07 -10.68 -32.45
C GLY F 107 50.89 -10.92 -31.52
N GLY F 108 50.98 -11.89 -30.62
CA GLY F 108 49.90 -12.17 -29.71
C GLY F 108 49.83 -11.18 -28.55
N ASN F 109 48.76 -11.29 -27.77
CA ASN F 109 48.55 -10.42 -26.62
C ASN F 109 49.40 -10.88 -25.43
N SER F 110 50.71 -10.87 -25.66
CA SER F 110 51.67 -11.32 -24.65
C SER F 110 51.92 -10.20 -23.64
N GLU F 111 52.24 -10.61 -22.41
CA GLU F 111 52.59 -9.65 -21.38
C GLU F 111 53.98 -9.07 -21.67
N TYR F 112 54.10 -7.75 -21.49
CA TYR F 112 55.33 -7.06 -21.89
C TYR F 112 56.53 -7.55 -21.09
N ARG F 113 56.32 -7.97 -19.84
CA ARG F 113 57.44 -8.48 -19.05
C ARG F 113 58.03 -9.74 -19.67
N ASP F 114 57.17 -10.62 -20.20
CA ASP F 114 57.67 -11.80 -20.90
C ASP F 114 58.40 -11.41 -22.18
N THR F 115 57.88 -10.41 -22.91
CA THR F 115 58.54 -9.97 -24.13
C THR F 115 59.92 -9.39 -23.84
N THR F 116 60.05 -8.69 -22.71
CA THR F 116 61.36 -8.15 -22.34
C THR F 116 62.34 -9.26 -22.00
N ARG F 117 61.89 -10.28 -21.27
CA ARG F 117 62.76 -11.40 -20.93
C ARG F 117 63.17 -12.16 -22.18
N ARG F 118 62.23 -12.43 -23.08
CA ARG F 118 62.56 -13.13 -24.31
C ARG F 118 63.46 -12.29 -25.21
N CYS F 119 63.32 -10.96 -25.15
CA CYS F 119 64.16 -10.10 -26.00
C CYS F 119 65.61 -10.14 -25.56
N ARG F 120 65.87 -10.06 -24.25
CA ARG F 120 67.24 -10.11 -23.75
C ARG F 120 67.83 -11.50 -23.94
N ASP F 121 67.04 -12.54 -23.72
CA ASP F 121 67.54 -13.90 -23.82
C ASP F 121 67.88 -14.26 -25.26
N LEU F 122 66.99 -13.93 -26.20
CA LEU F 122 67.25 -14.28 -27.59
C LEU F 122 68.39 -13.46 -28.18
N LYS F 123 68.62 -12.25 -27.66
CA LYS F 123 69.71 -11.43 -28.17
C LYS F 123 71.07 -12.05 -27.84
N ALA F 124 71.19 -12.70 -26.69
CA ALA F 124 72.44 -13.37 -26.34
C ALA F 124 72.66 -14.63 -27.15
N LYS F 125 71.63 -15.14 -27.82
CA LYS F 125 71.74 -16.31 -28.68
C LYS F 125 71.82 -15.93 -30.15
N GLY F 126 71.92 -14.64 -30.47
CA GLY F 126 72.01 -14.20 -31.84
C GLY F 126 70.70 -14.06 -32.57
N ILE F 127 69.57 -14.11 -31.86
CA ILE F 127 68.25 -14.04 -32.48
C ILE F 127 67.65 -12.67 -32.15
N LEU F 128 67.10 -12.02 -33.18
CA LEU F 128 66.43 -10.73 -33.01
C LEU F 128 64.96 -10.98 -32.72
N PHE F 129 64.53 -10.59 -31.52
CA PHE F 129 63.15 -10.78 -31.11
C PHE F 129 62.38 -9.46 -31.21
N VAL F 130 61.10 -9.57 -31.57
CA VAL F 130 60.23 -8.42 -31.73
C VAL F 130 58.87 -8.74 -31.11
N GLY F 131 58.47 -7.94 -30.13
CA GLY F 131 57.14 -8.06 -29.55
C GLY F 131 56.22 -6.98 -30.04
N SER F 132 55.24 -7.35 -30.86
CA SER F 132 54.37 -6.39 -31.54
C SER F 132 52.94 -6.53 -31.02
N GLY F 133 52.31 -5.38 -30.78
CA GLY F 133 50.90 -5.34 -30.43
C GLY F 133 50.06 -5.17 -31.68
N VAL F 134 48.95 -5.90 -31.73
CA VAL F 134 48.06 -5.92 -32.89
C VAL F 134 46.65 -5.56 -32.43
N SER F 135 46.19 -4.37 -32.81
CA SER F 135 44.85 -3.90 -32.49
C SER F 135 44.04 -3.79 -33.76
N GLY F 136 42.86 -4.40 -33.78
CA GLY F 136 41.99 -4.37 -34.94
C GLY F 136 41.03 -5.54 -35.02
N GLY F 137 41.25 -6.54 -34.18
CA GLY F 137 40.38 -7.70 -34.20
C GLY F 137 40.58 -8.53 -35.45
N GLU F 138 39.47 -9.00 -36.02
CA GLU F 138 39.52 -9.81 -37.23
C GLU F 138 39.51 -8.95 -38.49
N GLU F 139 38.60 -7.97 -38.57
CA GLU F 139 38.53 -7.12 -39.75
C GLU F 139 39.77 -6.25 -39.88
N GLY F 140 40.37 -5.86 -38.76
CA GLY F 140 41.63 -5.12 -38.84
C GLY F 140 42.76 -5.97 -39.39
N ALA F 141 42.94 -7.17 -38.83
CA ALA F 141 43.99 -8.06 -39.30
C ALA F 141 43.82 -8.46 -40.76
N ARG F 142 42.61 -8.36 -41.30
CA ARG F 142 42.36 -8.76 -42.68
C ARG F 142 42.61 -7.64 -43.68
N TYR F 143 42.46 -6.38 -43.27
CA TYR F 143 42.58 -5.26 -44.20
C TYR F 143 43.48 -4.13 -43.74
N GLY F 144 43.79 -4.01 -42.45
CA GLY F 144 44.65 -2.97 -41.97
C GLY F 144 44.67 -2.86 -40.46
N PRO F 145 45.55 -3.60 -39.82
CA PRO F 145 45.63 -3.57 -38.36
C PRO F 145 46.63 -2.54 -37.85
N SER F 146 46.46 -2.19 -36.58
CA SER F 146 47.43 -1.32 -35.90
C SER F 146 48.56 -2.19 -35.35
N LEU F 147 49.77 -1.98 -35.87
CA LEU F 147 50.93 -2.74 -35.46
C LEU F 147 51.85 -1.86 -34.62
N MET F 148 52.20 -2.34 -33.43
CA MET F 148 53.04 -1.61 -32.49
C MET F 148 54.28 -2.44 -32.16
N PRO F 149 55.18 -2.60 -33.12
CA PRO F 149 56.33 -3.48 -32.90
C PRO F 149 57.42 -2.84 -32.06
N GLY F 150 58.16 -3.69 -31.36
CA GLY F 150 59.25 -3.23 -30.52
C GLY F 150 60.09 -4.41 -30.07
N GLY F 151 61.24 -4.08 -29.50
CA GLY F 151 62.15 -5.12 -29.02
C GLY F 151 63.59 -4.89 -29.45
N ASN F 152 64.00 -5.56 -30.51
CA ASN F 152 65.36 -5.43 -31.05
C ASN F 152 65.27 -4.69 -32.37
N LYS F 153 65.73 -3.44 -32.39
CA LYS F 153 65.61 -2.60 -33.58
C LYS F 153 66.47 -3.10 -34.74
N GLU F 154 67.42 -4.00 -34.49
CA GLU F 154 68.16 -4.62 -35.57
C GLU F 154 67.25 -5.35 -36.55
N ALA F 155 66.03 -5.69 -36.12
CA ALA F 155 65.06 -6.38 -36.96
C ALA F 155 64.07 -5.44 -37.64
N TRP F 156 64.09 -4.14 -37.30
CA TRP F 156 63.11 -3.22 -37.88
C TRP F 156 63.30 -3.03 -39.38
N PRO F 157 64.50 -2.77 -39.91
CA PRO F 157 64.63 -2.55 -41.36
C PRO F 157 64.21 -3.75 -42.21
N HIS F 158 64.14 -4.95 -41.63
CA HIS F 158 63.78 -6.13 -42.40
C HIS F 158 62.27 -6.38 -42.39
N ILE F 159 61.60 -6.17 -41.26
CA ILE F 159 60.15 -6.31 -41.20
C ILE F 159 59.44 -5.00 -41.49
N LYS F 160 60.18 -3.93 -41.81
CA LYS F 160 59.56 -2.62 -42.05
C LYS F 160 58.68 -2.63 -43.28
N THR F 161 59.14 -3.29 -44.35
CA THR F 161 58.38 -3.27 -45.60
C THR F 161 57.06 -4.00 -45.46
N ILE F 162 57.05 -5.16 -44.82
CA ILE F 162 55.84 -5.96 -44.72
C ILE F 162 54.88 -5.38 -43.69
N PHE F 163 55.42 -4.95 -42.53
CA PHE F 163 54.56 -4.43 -41.47
C PHE F 163 53.85 -3.15 -41.92
N GLN F 164 54.62 -2.15 -42.36
CA GLN F 164 54.00 -0.90 -42.79
C GLN F 164 53.12 -1.09 -44.02
N GLY F 165 53.40 -2.11 -44.83
CA GLY F 165 52.57 -2.36 -46.00
C GLY F 165 51.17 -2.80 -45.63
N ILE F 166 51.06 -3.77 -44.73
CA ILE F 166 49.74 -4.29 -44.38
C ILE F 166 49.06 -3.47 -43.29
N ALA F 167 49.82 -2.66 -42.55
CA ALA F 167 49.23 -1.89 -41.47
C ALA F 167 48.28 -0.84 -42.01
N ALA F 168 47.37 -0.39 -41.15
CA ALA F 168 46.41 0.63 -41.53
C ALA F 168 47.10 1.97 -41.73
N LYS F 169 46.51 2.79 -42.59
CA LYS F 169 47.01 4.13 -42.87
C LYS F 169 46.07 5.17 -42.25
N VAL F 170 46.63 6.30 -41.86
CA VAL F 170 45.83 7.40 -41.33
C VAL F 170 45.03 8.01 -42.47
N GLY F 171 44.18 8.99 -42.14
CA GLY F 171 43.40 9.66 -43.17
C GLY F 171 44.27 10.33 -44.22
N THR F 172 45.47 10.76 -43.84
CA THR F 172 46.37 11.37 -44.80
C THR F 172 47.02 10.31 -45.70
N GLY F 173 47.40 9.17 -45.12
CA GLY F 173 48.02 8.10 -45.88
C GLY F 173 49.25 7.51 -45.21
N GLU F 174 49.73 8.19 -44.18
CA GLU F 174 50.91 7.71 -43.45
C GLU F 174 50.60 6.39 -42.77
N PRO F 175 51.52 5.42 -42.80
CA PRO F 175 51.24 4.12 -42.17
C PRO F 175 51.27 4.21 -40.66
N CYS F 176 50.31 3.54 -40.03
CA CYS F 176 50.23 3.47 -38.56
C CYS F 176 51.12 2.34 -38.05
N CYS F 177 52.40 2.43 -38.41
CA CYS F 177 53.37 1.41 -38.00
C CYS F 177 54.75 2.04 -38.00
N ASP F 178 55.32 2.22 -36.81
CA ASP F 178 56.67 2.73 -36.66
C ASP F 178 57.29 2.07 -35.45
N TRP F 179 58.62 2.08 -35.38
CA TRP F 179 59.30 1.42 -34.28
C TRP F 179 58.97 2.11 -32.95
N VAL F 180 58.43 1.34 -32.02
CA VAL F 180 58.00 1.89 -30.73
C VAL F 180 59.19 2.05 -29.80
N GLY F 181 59.82 0.95 -29.44
CA GLY F 181 60.93 1.00 -28.51
C GLY F 181 61.66 -0.32 -28.44
N ASP F 182 62.35 -0.52 -27.32
CA ASP F 182 63.18 -1.69 -27.13
C ASP F 182 62.62 -2.58 -26.02
N GLU F 183 62.98 -3.87 -26.10
CA GLU F 183 62.66 -4.86 -25.07
C GLU F 183 61.15 -4.94 -24.83
N GLY F 184 60.40 -5.13 -25.91
CA GLY F 184 58.96 -5.32 -25.79
C GLY F 184 58.22 -4.12 -25.25
N ALA F 185 58.63 -2.92 -25.65
CA ALA F 185 57.89 -1.72 -25.27
C ALA F 185 56.58 -1.60 -26.03
N GLY F 186 56.44 -2.28 -27.15
CA GLY F 186 55.20 -2.20 -27.91
C GLY F 186 54.03 -2.86 -27.20
N HIS F 187 54.29 -4.00 -26.53
CA HIS F 187 53.24 -4.64 -25.74
C HIS F 187 52.82 -3.76 -24.57
N PHE F 188 53.75 -3.02 -23.98
CA PHE F 188 53.39 -2.06 -22.95
C PHE F 188 52.53 -0.94 -23.52
N VAL F 189 52.82 -0.52 -24.76
CA VAL F 189 52.05 0.55 -25.39
C VAL F 189 50.63 0.08 -25.68
N LYS F 190 50.47 -1.17 -26.13
CA LYS F 190 49.13 -1.70 -26.34
C LYS F 190 48.38 -1.86 -25.03
N MET F 191 49.10 -2.08 -23.92
CA MET F 191 48.45 -2.18 -22.62
C MET F 191 47.89 -0.83 -22.19
N VAL F 192 48.67 0.24 -22.35
CA VAL F 192 48.15 1.58 -22.09
C VAL F 192 47.05 1.93 -23.09
N HIS F 193 47.18 1.46 -24.34
CA HIS F 193 46.16 1.72 -25.34
C HIS F 193 44.81 1.15 -24.92
N ASN F 194 44.81 -0.02 -24.28
CA ASN F 194 43.57 -0.64 -23.84
C ASN F 194 42.96 0.08 -22.64
N GLY F 195 43.79 0.68 -21.80
CA GLY F 195 43.28 1.45 -20.68
C GLY F 195 42.74 2.81 -21.09
N ILE F 196 43.42 3.44 -22.06
CA ILE F 196 42.94 4.71 -22.59
C ILE F 196 41.58 4.54 -23.24
N GLU F 197 41.32 3.37 -23.84
CA GLU F 197 40.01 3.10 -24.40
C GLU F 197 38.92 3.18 -23.33
N TYR F 198 39.21 2.67 -22.13
CA TYR F 198 38.24 2.75 -21.04
C TYR F 198 37.91 4.21 -20.69
N GLY F 199 38.93 5.07 -20.66
CA GLY F 199 38.70 6.46 -20.31
C GLY F 199 37.81 7.17 -21.33
N ASP F 200 38.13 7.01 -22.62
CA ASP F 200 37.36 7.69 -23.65
C ASP F 200 35.90 7.22 -23.66
N MET F 201 35.68 5.91 -23.49
CA MET F 201 34.31 5.40 -23.47
C MET F 201 33.56 5.89 -22.23
N GLN F 202 34.22 5.90 -21.07
CA GLN F 202 33.58 6.38 -19.86
C GLN F 202 33.35 7.89 -19.91
N LEU F 203 34.25 8.63 -20.56
CA LEU F 203 34.05 10.06 -20.72
C LEU F 203 32.80 10.37 -21.53
N ILE F 204 32.57 9.60 -22.60
CA ILE F 204 31.39 9.82 -23.43
C ILE F 204 30.11 9.50 -22.65
N CYS F 205 30.17 8.48 -21.78
CA CYS F 205 29.00 8.12 -20.98
C CYS F 205 28.61 9.23 -20.02
N GLU F 206 29.59 9.89 -19.42
CA GLU F 206 29.28 11.00 -18.51
C GLU F 206 28.65 12.18 -19.27
N ALA F 207 29.13 12.43 -20.49
CA ALA F 207 28.52 13.47 -21.31
C ALA F 207 27.11 13.06 -21.74
N TYR F 208 26.92 11.78 -22.07
CA TYR F 208 25.59 11.30 -22.44
C TYR F 208 24.62 11.36 -21.27
N HIS F 209 25.11 11.09 -20.05
CA HIS F 209 24.24 11.13 -18.89
C HIS F 209 23.85 12.56 -18.55
N LEU F 210 24.75 13.53 -18.77
CA LEU F 210 24.42 14.93 -18.50
C LEU F 210 23.35 15.43 -19.45
N MET F 211 23.46 15.08 -20.74
CA MET F 211 22.45 15.50 -21.71
C MET F 211 21.11 14.82 -21.48
N LYS F 212 21.09 13.67 -20.81
CA LYS F 212 19.85 12.93 -20.61
C LYS F 212 19.08 13.37 -19.37
N ASP F 213 19.77 13.75 -18.30
CA ASP F 213 19.11 14.07 -17.04
C ASP F 213 19.22 15.54 -16.63
N VAL F 214 20.22 16.26 -17.10
CA VAL F 214 20.36 17.67 -16.75
C VAL F 214 19.71 18.57 -17.81
N LEU F 215 19.95 18.28 -19.08
CA LEU F 215 19.39 19.07 -20.17
C LEU F 215 18.08 18.51 -20.71
N GLY F 216 17.68 17.32 -20.26
CA GLY F 216 16.42 16.74 -20.69
C GLY F 216 16.31 16.50 -22.18
N MET F 217 17.44 16.25 -22.84
CA MET F 217 17.44 16.05 -24.28
C MET F 217 16.87 14.69 -24.63
N ALA F 218 16.45 14.56 -25.89
CA ALA F 218 15.91 13.31 -26.42
C ALA F 218 17.00 12.50 -27.11
N GLN F 219 16.67 11.25 -27.42
CA GLN F 219 17.63 10.34 -28.03
C GLN F 219 18.16 10.88 -29.35
N ASP F 220 17.27 11.15 -30.30
CA ASP F 220 17.70 11.66 -31.60
C ASP F 220 18.31 13.05 -31.49
N GLU F 221 17.86 13.86 -30.52
CA GLU F 221 18.50 15.14 -30.28
C GLU F 221 19.87 14.96 -29.65
N MET F 222 20.02 13.97 -28.79
CA MET F 222 21.33 13.67 -28.21
C MET F 222 22.31 13.23 -29.29
N ALA F 223 21.86 12.40 -30.23
CA ALA F 223 22.72 11.98 -31.33
C ALA F 223 23.12 13.14 -32.21
N GLN F 224 22.27 14.17 -32.32
CA GLN F 224 22.66 15.37 -33.04
C GLN F 224 23.80 16.10 -32.34
N ALA F 225 23.80 16.07 -31.01
CA ALA F 225 24.87 16.72 -30.25
C ALA F 225 26.21 16.02 -30.50
N PHE F 226 26.23 14.69 -30.43
CA PHE F 226 27.46 13.95 -30.69
C PHE F 226 27.91 14.12 -32.13
N GLU F 227 26.97 14.01 -33.09
CA GLU F 227 27.32 14.13 -34.50
C GLU F 227 27.88 15.52 -34.80
N ASP F 228 27.34 16.55 -34.15
CA ASP F 228 27.89 17.89 -34.32
C ASP F 228 29.20 18.05 -33.57
N TRP F 229 29.35 17.40 -32.41
CA TRP F 229 30.62 17.41 -31.71
C TRP F 229 31.72 16.76 -32.53
N ASN F 230 31.35 15.78 -33.38
CA ASN F 230 32.31 15.09 -34.23
C ASN F 230 32.92 16.01 -35.29
N LYS F 231 32.40 17.22 -35.45
CA LYS F 231 32.91 18.17 -36.42
C LYS F 231 34.00 19.07 -35.85
N THR F 232 34.22 19.06 -34.54
CA THR F 232 35.08 20.00 -33.85
C THR F 232 36.39 19.31 -33.45
N GLU F 233 36.98 19.76 -32.34
CA GLU F 233 38.30 19.27 -31.92
C GLU F 233 38.27 17.81 -31.48
N LEU F 234 37.09 17.27 -31.16
CA LEU F 234 36.99 15.87 -30.77
C LEU F 234 37.25 14.97 -31.97
N ASP F 235 36.22 14.77 -32.80
CA ASP F 235 36.33 13.97 -34.02
C ASP F 235 36.92 12.60 -33.73
N SER F 236 36.11 11.71 -33.16
CA SER F 236 36.58 10.40 -32.74
C SER F 236 35.69 9.31 -33.33
N PHE F 237 36.26 8.12 -33.48
CA PHE F 237 35.48 6.98 -33.94
C PHE F 237 34.41 6.59 -32.93
N LEU F 238 34.71 6.74 -31.64
CA LEU F 238 33.73 6.43 -30.61
C LEU F 238 32.54 7.38 -30.67
N ILE F 239 32.80 8.65 -31.01
CA ILE F 239 31.70 9.61 -31.14
C ILE F 239 30.80 9.22 -32.31
N GLU F 240 31.38 8.68 -33.38
CA GLU F 240 30.60 8.23 -34.53
C GLU F 240 29.67 7.09 -34.13
N ILE F 241 30.23 6.03 -33.53
CA ILE F 241 29.41 4.86 -33.22
C ILE F 241 28.43 5.17 -32.09
N THR F 242 28.77 6.12 -31.20
CA THR F 242 27.84 6.49 -30.14
C THR F 242 26.61 7.19 -30.70
N ALA F 243 26.81 8.12 -31.63
CA ALA F 243 25.67 8.82 -32.23
C ALA F 243 24.80 7.85 -33.02
N ASN F 244 25.40 6.91 -33.74
CA ASN F 244 24.63 5.92 -34.48
C ASN F 244 23.89 4.98 -33.56
N ILE F 245 24.44 4.69 -32.38
CA ILE F 245 23.75 3.87 -31.40
C ILE F 245 22.50 4.60 -30.89
N LEU F 246 22.61 5.90 -30.65
CA LEU F 246 21.46 6.68 -30.20
C LEU F 246 20.40 6.74 -31.30
N LYS F 247 20.81 6.90 -32.55
CA LYS F 247 19.86 6.93 -33.66
C LYS F 247 19.29 5.56 -33.97
N PHE F 248 19.92 4.49 -33.49
CA PHE F 248 19.49 3.14 -33.84
C PHE F 248 18.13 2.83 -33.23
N GLN F 249 17.22 2.30 -34.06
CA GLN F 249 15.90 1.89 -33.63
C GLN F 249 15.78 0.37 -33.73
N ASP F 250 14.91 -0.19 -32.89
CA ASP F 250 14.74 -1.63 -32.81
C ASP F 250 13.71 -2.08 -33.84
N THR F 251 13.31 -3.35 -33.78
CA THR F 251 12.39 -3.90 -34.77
C THR F 251 11.00 -3.28 -34.67
N ASP F 252 10.58 -2.87 -33.47
CA ASP F 252 9.24 -2.36 -33.26
C ASP F 252 9.22 -0.84 -33.08
N GLY F 253 10.17 -0.14 -33.70
CA GLY F 253 10.25 1.31 -33.66
C GLY F 253 10.90 1.90 -32.43
N LYS F 254 10.83 1.21 -31.29
CA LYS F 254 11.47 1.70 -30.08
C LYS F 254 12.99 1.74 -30.24
N HIS F 255 13.64 2.55 -29.40
CA HIS F 255 15.09 2.60 -29.39
C HIS F 255 15.66 1.41 -28.65
N LEU F 256 16.86 0.97 -29.07
CA LEU F 256 17.42 -0.25 -28.52
C LEU F 256 18.22 0.03 -27.26
N LEU F 257 18.94 1.15 -27.21
CA LEU F 257 19.79 1.45 -26.07
C LEU F 257 19.03 1.47 -24.74
N PRO F 258 17.84 2.07 -24.61
CA PRO F 258 17.14 2.01 -23.33
C PRO F 258 16.78 0.60 -22.89
N LYS F 259 16.84 -0.38 -23.79
CA LYS F 259 16.54 -1.77 -23.46
C LYS F 259 17.76 -2.55 -23.02
N ILE F 260 18.96 -1.98 -23.14
CA ILE F 260 20.19 -2.69 -22.81
C ILE F 260 20.45 -2.59 -21.31
N ARG F 261 20.85 -3.72 -20.72
CA ARG F 261 21.15 -3.74 -19.30
C ARG F 261 22.42 -2.95 -19.02
N ASP F 262 22.39 -2.16 -17.95
CA ASP F 262 23.48 -1.24 -17.62
C ASP F 262 24.50 -1.92 -16.70
N SER F 263 25.11 -2.98 -17.23
CA SER F 263 26.16 -3.71 -16.53
C SER F 263 27.30 -3.94 -17.51
N ALA F 264 28.41 -3.23 -17.31
CA ALA F 264 29.54 -3.28 -18.22
C ALA F 264 30.47 -4.44 -17.86
N GLY F 265 30.76 -5.28 -18.84
CA GLY F 265 31.70 -6.36 -18.63
C GLY F 265 33.14 -5.90 -18.80
N GLN F 266 34.06 -6.65 -18.19
CA GLN F 266 35.48 -6.35 -18.22
C GLN F 266 36.23 -7.61 -18.67
N LYS F 267 36.43 -7.75 -19.98
CA LYS F 267 37.05 -8.95 -20.53
C LYS F 267 38.56 -8.99 -20.32
N GLY F 268 39.18 -7.88 -19.99
CA GLY F 268 40.56 -7.87 -19.52
C GLY F 268 41.34 -6.69 -20.06
N THR F 269 42.55 -6.52 -19.50
CA THR F 269 43.57 -5.54 -19.89
C THR F 269 43.16 -4.10 -19.61
N GLY F 270 41.88 -3.86 -19.35
CA GLY F 270 41.46 -2.53 -18.95
C GLY F 270 41.94 -2.17 -17.55
N LYS F 271 41.87 -3.12 -16.62
CA LYS F 271 42.32 -2.86 -15.27
C LYS F 271 43.84 -2.86 -15.16
N TRP F 272 44.52 -3.66 -15.99
CA TRP F 272 45.97 -3.78 -15.90
C TRP F 272 46.67 -2.47 -16.21
N THR F 273 46.04 -1.57 -16.96
CA THR F 273 46.64 -0.26 -17.20
C THR F 273 46.65 0.57 -15.93
N ALA F 274 45.53 0.59 -15.19
CA ALA F 274 45.50 1.30 -13.92
C ALA F 274 46.34 0.60 -12.86
N ILE F 275 46.43 -0.74 -12.92
CA ILE F 275 47.31 -1.46 -12.01
C ILE F 275 48.77 -1.11 -12.30
N SER F 276 49.13 -1.03 -13.58
CA SER F 276 50.49 -0.63 -13.94
C SER F 276 50.77 0.80 -13.46
N ALA F 277 49.76 1.67 -13.50
CA ALA F 277 49.94 3.03 -13.00
C ALA F 277 50.29 3.03 -11.52
N LEU F 278 49.61 2.19 -10.73
CA LEU F 278 49.92 2.10 -9.31
C LEU F 278 51.30 1.51 -9.07
N GLU F 279 51.69 0.53 -9.87
CA GLU F 279 53.00 -0.11 -9.69
C GLU F 279 54.14 0.89 -9.83
N TYR F 280 54.08 1.74 -10.85
CA TYR F 280 55.12 2.72 -11.11
C TYR F 280 54.85 4.06 -10.42
N GLY F 281 53.75 4.19 -9.70
CA GLY F 281 53.45 5.43 -9.00
C GLY F 281 53.14 6.59 -9.92
N VAL F 282 52.39 6.35 -10.98
CA VAL F 282 52.01 7.38 -11.96
C VAL F 282 50.53 7.71 -11.74
N PRO F 283 50.18 8.97 -11.52
CA PRO F 283 48.77 9.32 -11.23
C PRO F 283 47.88 9.29 -12.47
N VAL F 284 47.69 8.08 -13.02
CA VAL F 284 46.74 7.88 -14.10
C VAL F 284 45.37 7.69 -13.47
N THR F 285 44.79 8.80 -12.98
CA THR F 285 43.58 8.73 -12.17
C THR F 285 42.33 8.50 -13.01
N LEU F 286 42.29 9.04 -14.23
CA LEU F 286 41.06 9.00 -15.01
C LEU F 286 40.70 7.58 -15.44
N ILE F 287 41.64 6.88 -16.08
CA ILE F 287 41.35 5.53 -16.53
C ILE F 287 41.14 4.60 -15.35
N GLY F 288 41.73 4.91 -14.19
CA GLY F 288 41.42 4.17 -12.99
C GLY F 288 39.98 4.34 -12.55
N GLU F 289 39.44 5.55 -12.71
CA GLU F 289 38.03 5.78 -12.43
C GLU F 289 37.14 5.14 -13.49
N ALA F 290 37.64 5.00 -14.73
CA ALA F 290 36.86 4.34 -15.76
C ALA F 290 36.70 2.85 -15.47
N VAL F 291 37.74 2.22 -14.93
CA VAL F 291 37.65 0.81 -14.57
C VAL F 291 36.72 0.64 -13.37
N PHE F 292 36.90 1.47 -12.35
CA PHE F 292 36.01 1.43 -11.18
C PHE F 292 34.57 1.69 -11.57
N ALA F 293 34.34 2.48 -12.62
CA ALA F 293 32.98 2.75 -13.07
C ALA F 293 32.32 1.50 -13.64
N ARG F 294 33.08 0.70 -14.38
CA ARG F 294 32.55 -0.56 -14.89
C ARG F 294 32.25 -1.53 -13.76
N CYS F 295 33.12 -1.58 -12.74
CA CYS F 295 32.88 -2.45 -11.60
C CYS F 295 31.63 -2.03 -10.84
N LEU F 296 31.39 -0.72 -10.74
CA LEU F 296 30.20 -0.23 -10.05
C LEU F 296 28.94 -0.58 -10.84
N SER F 297 29.02 -0.54 -12.17
CA SER F 297 27.86 -0.87 -12.99
C SER F 297 27.52 -2.36 -12.91
N SER F 298 28.53 -3.20 -12.68
CA SER F 298 28.28 -4.64 -12.53
C SER F 298 27.41 -4.95 -11.32
N LEU F 299 27.34 -4.03 -10.35
CA LEU F 299 26.52 -4.23 -9.17
C LEU F 299 25.10 -3.74 -9.44
N LYS F 300 24.47 -4.28 -10.49
CA LYS F 300 23.15 -3.82 -10.88
C LYS F 300 22.13 -4.12 -9.80
N ASP F 301 22.12 -5.36 -9.29
CA ASP F 301 21.15 -5.72 -8.26
C ASP F 301 21.34 -4.89 -7.00
N GLU F 302 22.59 -4.62 -6.61
CA GLU F 302 22.84 -3.80 -5.44
C GLU F 302 22.42 -2.35 -5.67
N ARG F 303 22.58 -1.86 -6.90
CA ARG F 303 22.14 -0.49 -7.21
C ARG F 303 20.63 -0.39 -7.30
N ILE F 304 19.96 -1.46 -7.74
CA ILE F 304 18.49 -1.46 -7.75
C ILE F 304 17.94 -1.38 -6.33
N GLN F 305 18.51 -2.17 -5.42
CA GLN F 305 18.03 -2.17 -4.04
C GLN F 305 18.47 -0.91 -3.30
N ALA F 306 19.58 -0.31 -3.69
CA ALA F 306 20.04 0.92 -3.04
C ALA F 306 19.25 2.14 -3.50
N SER F 307 18.79 2.14 -4.76
CA SER F 307 18.00 3.25 -5.26
C SER F 307 16.69 3.40 -4.50
N LYS F 308 16.20 2.34 -3.86
CA LYS F 308 14.99 2.40 -3.06
C LYS F 308 15.27 2.87 -1.64
N LYS F 309 16.52 2.77 -1.18
CA LYS F 309 16.89 3.18 0.17
C LYS F 309 17.77 4.43 0.21
N LEU F 310 18.63 4.63 -0.78
CA LEU F 310 19.51 5.78 -0.84
C LEU F 310 18.87 6.87 -1.70
N LYS F 311 18.90 8.10 -1.21
CA LYS F 311 18.33 9.24 -1.90
C LYS F 311 19.42 10.18 -2.38
N GLY F 312 19.05 11.02 -3.35
CA GLY F 312 19.93 12.06 -3.83
C GLY F 312 19.35 13.43 -3.62
N PRO F 313 19.84 14.43 -4.36
CA PRO F 313 19.25 15.76 -4.29
C PRO F 313 17.94 15.82 -5.07
N GLN F 314 16.87 16.23 -4.39
CA GLN F 314 15.56 16.27 -5.00
C GLN F 314 15.28 17.58 -5.72
N LYS F 315 15.96 18.66 -5.36
CA LYS F 315 15.63 20.00 -5.82
C LYS F 315 16.70 20.50 -6.80
N PHE F 316 16.54 20.10 -8.06
CA PHE F 316 17.37 20.68 -9.13
C PHE F 316 16.66 20.45 -10.46
N GLN F 317 16.27 21.53 -11.11
CA GLN F 317 15.74 21.49 -12.47
C GLN F 317 16.38 22.61 -13.27
N PHE F 318 16.85 22.29 -14.47
CA PHE F 318 17.66 23.23 -15.24
C PHE F 318 16.83 24.43 -15.67
N ASP F 319 17.30 25.63 -15.32
CA ASP F 319 16.63 26.88 -15.66
C ASP F 319 17.50 27.76 -16.56
N GLY F 320 18.61 27.23 -17.08
CA GLY F 320 19.54 28.00 -17.87
C GLY F 320 19.33 27.83 -19.36
N ASP F 321 20.42 27.95 -20.11
CA ASP F 321 20.41 27.84 -21.56
C ASP F 321 20.94 26.46 -21.96
N LYS F 322 20.10 25.66 -22.61
CA LYS F 322 20.52 24.33 -23.03
C LYS F 322 21.68 24.41 -24.02
N LYS F 323 21.69 25.42 -24.88
CA LYS F 323 22.74 25.53 -25.88
C LYS F 323 24.09 25.85 -25.24
N SER F 324 24.11 26.79 -24.30
CA SER F 324 25.37 27.18 -23.67
C SER F 324 25.90 26.09 -22.75
N PHE F 325 25.02 25.33 -22.10
CA PHE F 325 25.46 24.24 -21.25
C PHE F 325 25.86 23.01 -22.07
N LEU F 326 25.18 22.78 -23.20
CA LEU F 326 25.60 21.71 -24.10
C LEU F 326 27.03 21.93 -24.57
N GLU F 327 27.38 23.18 -24.89
CA GLU F 327 28.75 23.50 -25.25
C GLU F 327 29.69 23.33 -24.07
N ASP F 328 29.21 23.57 -22.85
CA ASP F 328 30.04 23.34 -21.68
C ASP F 328 30.32 21.86 -21.47
N ILE F 329 29.34 21.01 -21.78
CA ILE F 329 29.56 19.57 -21.72
C ILE F 329 30.62 19.16 -22.75
N ARG F 330 30.60 19.80 -23.92
CA ARG F 330 31.60 19.51 -24.94
C ARG F 330 32.98 19.96 -24.49
N LYS F 331 33.07 21.14 -23.87
CA LYS F 331 34.35 21.62 -23.36
C LYS F 331 34.88 20.70 -22.25
N ALA F 332 34.00 20.28 -21.35
CA ALA F 332 34.42 19.39 -20.26
C ALA F 332 34.88 18.05 -20.79
N LEU F 333 34.19 17.52 -21.82
CA LEU F 333 34.62 16.27 -22.44
C LEU F 333 35.96 16.45 -23.13
N TYR F 334 36.19 17.61 -23.75
CA TYR F 334 37.44 17.85 -24.46
C TYR F 334 38.60 18.04 -23.49
N ALA F 335 38.38 18.78 -22.41
CA ALA F 335 39.44 19.01 -21.44
C ALA F 335 39.79 17.72 -20.68
N SER F 336 38.78 16.95 -20.30
CA SER F 336 39.03 15.67 -19.66
C SER F 336 39.72 14.69 -20.60
N LYS F 337 39.45 14.81 -21.90
CA LYS F 337 40.16 14.00 -22.89
C LYS F 337 41.65 14.31 -22.89
N ILE F 338 42.03 15.57 -22.62
CA ILE F 338 43.43 15.94 -22.62
C ILE F 338 44.13 15.41 -21.37
N ILE F 339 43.47 15.55 -20.20
CA ILE F 339 44.06 15.07 -18.95
C ILE F 339 44.25 13.57 -18.99
N SER F 340 43.31 12.84 -19.59
CA SER F 340 43.41 11.39 -19.67
C SER F 340 44.64 10.98 -20.47
N TYR F 341 44.83 11.56 -21.65
CA TYR F 341 45.99 11.22 -22.46
C TYR F 341 47.28 11.78 -21.86
N ALA F 342 47.20 12.92 -21.15
CA ALA F 342 48.37 13.42 -20.45
C ALA F 342 48.84 12.43 -19.40
N GLN F 343 47.90 11.87 -18.62
CA GLN F 343 48.27 10.82 -17.67
C GLN F 343 48.78 9.57 -18.37
N GLY F 344 48.25 9.27 -19.56
CA GLY F 344 48.66 8.06 -20.25
C GLY F 344 50.12 8.09 -20.67
N PHE F 345 50.58 9.22 -21.18
CA PHE F 345 51.98 9.35 -21.58
C PHE F 345 52.92 9.51 -20.39
N MET F 346 52.41 9.98 -19.25
CA MET F 346 53.21 9.97 -18.02
C MET F 346 53.58 8.54 -17.64
N LEU F 347 52.65 7.60 -17.82
CA LEU F 347 52.96 6.20 -17.55
C LEU F 347 53.97 5.65 -18.54
N LEU F 348 53.83 6.00 -19.83
CA LEU F 348 54.79 5.56 -20.83
C LEU F 348 56.17 6.13 -20.55
N ARG F 349 56.24 7.40 -20.16
CA ARG F 349 57.52 8.02 -19.85
C ARG F 349 58.18 7.39 -18.63
N GLN F 350 57.37 7.05 -17.62
CA GLN F 350 57.94 6.49 -16.39
C GLN F 350 58.43 5.06 -16.63
N ALA F 351 57.66 4.25 -17.36
CA ALA F 351 58.13 2.91 -17.69
C ALA F 351 59.36 2.95 -18.59
N ALA F 352 59.44 3.95 -19.48
CA ALA F 352 60.65 4.11 -20.28
C ALA F 352 61.84 4.48 -19.43
N THR F 353 61.60 5.12 -18.27
CA THR F 353 62.70 5.49 -17.39
C THR F 353 63.16 4.33 -16.52
N GLU F 354 62.21 3.53 -16.01
CA GLU F 354 62.58 2.43 -15.13
C GLU F 354 63.37 1.35 -15.87
N PHE F 355 63.07 1.13 -17.14
CA PHE F 355 63.76 0.12 -17.93
C PHE F 355 64.87 0.70 -18.80
N GLY F 356 64.91 2.01 -18.99
CA GLY F 356 65.92 2.61 -19.85
C GLY F 356 65.59 2.55 -21.32
N TRP F 357 64.30 2.52 -21.67
CA TRP F 357 63.89 2.46 -23.05
C TRP F 357 63.86 3.86 -23.67
N THR F 358 63.88 3.89 -25.00
CA THR F 358 63.78 5.13 -25.77
C THR F 358 62.53 5.03 -26.62
N LEU F 359 61.42 5.58 -26.12
CA LEU F 359 60.14 5.47 -26.78
C LEU F 359 59.94 6.60 -27.79
N ASN F 360 59.32 6.26 -28.92
CA ASN F 360 58.96 7.24 -29.93
C ASN F 360 57.49 7.61 -29.72
N TYR F 361 57.28 8.51 -28.75
CA TYR F 361 55.92 8.84 -28.33
C TYR F 361 55.09 9.39 -29.48
N GLY F 362 55.72 10.19 -30.36
CA GLY F 362 55.00 10.75 -31.49
C GLY F 362 54.41 9.67 -32.38
N GLY F 363 55.24 8.72 -32.79
CA GLY F 363 54.74 7.58 -33.57
C GLY F 363 53.79 6.70 -32.81
N ILE F 364 53.88 6.68 -31.46
CA ILE F 364 52.94 5.89 -30.66
C ILE F 364 51.53 6.44 -30.81
N ALA F 365 51.36 7.76 -30.66
CA ALA F 365 50.08 8.37 -30.94
C ALA F 365 49.68 8.26 -32.40
N LEU F 366 50.67 8.13 -33.30
CA LEU F 366 50.37 8.00 -34.72
C LEU F 366 49.74 6.64 -35.02
N MET F 367 50.33 5.56 -34.50
CA MET F 367 49.84 4.22 -34.77
C MET F 367 48.52 3.92 -34.09
N TRP F 368 48.07 4.76 -33.16
CA TRP F 368 46.76 4.58 -32.55
C TRP F 368 45.63 5.16 -33.40
N ARG F 369 45.94 6.07 -34.32
CA ARG F 369 44.93 6.75 -35.12
C ARG F 369 44.49 5.94 -36.35
N GLY F 370 44.85 4.65 -36.42
CA GLY F 370 44.45 3.85 -37.55
C GLY F 370 44.31 2.38 -37.22
N GLY F 371 43.07 1.89 -37.18
CA GLY F 371 42.78 0.52 -36.82
C GLY F 371 42.34 0.34 -35.38
N CYS F 372 42.77 1.21 -34.48
CA CYS F 372 42.36 1.15 -33.09
C CYS F 372 40.96 1.74 -32.92
N ILE F 373 40.40 1.55 -31.73
CA ILE F 373 39.10 2.12 -31.42
C ILE F 373 39.23 3.58 -31.02
N ILE F 374 40.38 3.97 -30.44
CA ILE F 374 40.58 5.33 -29.94
C ILE F 374 41.08 6.23 -31.05
N ARG F 375 40.95 5.80 -32.31
CA ARG F 375 41.40 6.62 -33.42
C ARG F 375 40.63 7.94 -33.45
N SER F 376 41.35 9.04 -33.62
CA SER F 376 40.76 10.37 -33.58
C SER F 376 41.80 11.38 -34.03
N VAL F 377 41.32 12.51 -34.55
CA VAL F 377 42.22 13.58 -34.96
C VAL F 377 42.98 14.13 -33.76
N PHE F 378 42.40 14.04 -32.56
CA PHE F 378 43.07 14.49 -31.34
C PHE F 378 44.43 13.83 -31.17
N LEU F 379 44.56 12.56 -31.59
CA LEU F 379 45.85 11.89 -31.50
C LEU F 379 46.88 12.52 -32.42
N GLY F 380 46.44 13.10 -33.53
CA GLY F 380 47.37 13.80 -34.40
C GLY F 380 47.99 15.02 -33.73
N LYS F 381 47.21 15.72 -32.92
CA LYS F 381 47.74 16.85 -32.15
C LYS F 381 48.75 16.40 -31.10
N ILE F 382 48.68 15.13 -30.68
CA ILE F 382 49.67 14.61 -29.74
C ILE F 382 50.99 14.34 -30.46
N LYS F 383 50.92 13.79 -31.68
CA LYS F 383 52.15 13.54 -32.43
C LYS F 383 52.87 14.83 -32.77
N ASP F 384 52.13 15.83 -33.24
CA ASP F 384 52.73 17.12 -33.53
C ASP F 384 53.31 17.77 -32.27
N ALA F 385 52.73 17.47 -31.11
CA ALA F 385 53.30 17.94 -29.86
C ALA F 385 54.65 17.32 -29.58
N PHE F 386 54.84 16.06 -29.97
CA PHE F 386 56.13 15.39 -29.79
C PHE F 386 57.07 15.62 -30.96
N ASP F 387 56.55 15.82 -32.17
CA ASP F 387 57.40 16.26 -33.27
C ASP F 387 57.95 17.65 -33.00
N ARG F 388 57.13 18.51 -32.38
CA ARG F 388 57.57 19.86 -32.03
C ARG F 388 58.72 19.82 -31.02
N ASN F 389 58.60 18.95 -30.02
CA ASN F 389 59.61 18.82 -28.97
C ASN F 389 59.66 17.36 -28.55
N PRO F 390 60.57 16.56 -29.10
CA PRO F 390 60.64 15.14 -28.73
C PRO F 390 60.95 14.91 -27.26
N GLU F 391 61.46 15.90 -26.55
CA GLU F 391 61.74 15.78 -25.11
C GLU F 391 60.67 16.43 -24.26
N LEU F 392 59.41 16.29 -24.66
CA LEU F 392 58.30 16.89 -23.91
C LEU F 392 58.06 16.09 -22.63
N GLN F 393 58.14 16.78 -21.49
CA GLN F 393 57.99 16.12 -20.20
C GLN F 393 56.55 15.78 -19.86
N ASN F 394 55.59 16.51 -20.42
CA ASN F 394 54.18 16.29 -20.11
C ASN F 394 53.33 16.97 -21.19
N LEU F 395 52.21 16.33 -21.54
CA LEU F 395 51.34 16.90 -22.56
C LEU F 395 50.72 18.22 -22.11
N LEU F 396 50.51 18.39 -20.80
CA LEU F 396 49.95 19.64 -20.30
C LEU F 396 50.91 20.81 -20.46
N LEU F 397 52.21 20.54 -20.60
CA LEU F 397 53.21 21.59 -20.77
C LEU F 397 53.37 22.02 -22.22
N ASP F 398 52.58 21.47 -23.13
CA ASP F 398 52.60 21.89 -24.53
C ASP F 398 51.63 23.04 -24.72
N ASP F 399 52.03 24.03 -25.54
CA ASP F 399 51.26 25.25 -25.67
C ASP F 399 49.88 24.99 -26.26
N PHE F 400 49.78 24.05 -27.20
CA PHE F 400 48.49 23.77 -27.82
C PHE F 400 47.49 23.25 -26.79
N PHE F 401 47.90 22.27 -25.99
CA PHE F 401 46.99 21.71 -24.99
C PHE F 401 46.82 22.66 -23.80
N LYS F 402 47.87 23.36 -23.42
CA LYS F 402 47.75 24.35 -22.33
C LYS F 402 46.74 25.43 -22.69
N SER F 403 46.80 25.93 -23.93
CA SER F 403 45.83 26.92 -24.37
C SER F 403 44.45 26.30 -24.57
N ALA F 404 44.39 25.00 -24.90
CA ALA F 404 43.10 24.34 -25.07
C ALA F 404 42.42 24.10 -23.74
N VAL F 405 43.19 23.71 -22.71
CA VAL F 405 42.61 23.49 -21.39
C VAL F 405 42.17 24.81 -20.78
N GLU F 406 42.99 25.87 -20.92
CA GLU F 406 42.59 27.19 -20.43
C GLU F 406 41.34 27.68 -21.13
N ASN F 407 41.16 27.34 -22.41
CA ASN F 407 39.95 27.70 -23.13
C ASN F 407 38.73 26.93 -22.64
N CYS F 408 38.93 25.78 -21.97
CA CYS F 408 37.83 24.94 -21.54
C CYS F 408 37.60 24.94 -20.04
N GLN F 409 38.49 25.56 -19.25
CA GLN F 409 38.43 25.40 -17.80
C GLN F 409 37.13 25.96 -17.22
N ASP F 410 36.71 27.14 -17.69
CA ASP F 410 35.51 27.75 -17.13
C ASP F 410 34.27 26.92 -17.42
N SER F 411 34.12 26.46 -18.65
CA SER F 411 33.02 25.55 -18.98
C SER F 411 33.20 24.19 -18.31
N TRP F 412 34.45 23.80 -18.06
CA TRP F 412 34.72 22.54 -17.37
C TRP F 412 34.18 22.58 -15.94
N ARG F 413 34.53 23.64 -15.20
CA ARG F 413 34.08 23.75 -13.81
C ARG F 413 32.59 24.01 -13.71
N ARG F 414 32.01 24.67 -14.73
CA ARG F 414 30.57 24.94 -14.70
C ARG F 414 29.77 23.66 -14.89
N ALA F 415 30.25 22.76 -15.74
CA ALA F 415 29.54 21.51 -15.97
C ALA F 415 29.67 20.57 -14.78
N VAL F 416 30.83 20.57 -14.12
CA VAL F 416 31.03 19.69 -12.96
C VAL F 416 30.16 20.13 -11.80
N SER F 417 30.17 21.43 -11.48
CA SER F 417 29.36 21.92 -10.37
C SER F 417 27.87 21.74 -10.65
N THR F 418 27.46 21.87 -11.91
CA THR F 418 26.06 21.66 -12.25
C THR F 418 25.63 20.21 -11.99
N GLY F 419 26.46 19.26 -12.44
CA GLY F 419 26.15 17.86 -12.20
C GLY F 419 26.26 17.46 -10.75
N VAL F 420 27.13 18.13 -9.98
CA VAL F 420 27.27 17.84 -8.57
C VAL F 420 25.97 18.15 -7.83
N GLN F 421 25.41 19.34 -8.06
CA GLN F 421 24.13 19.69 -7.46
C GLN F 421 22.96 18.95 -8.11
N ALA F 422 23.15 18.41 -9.32
CA ALA F 422 22.11 17.63 -9.98
C ALA F 422 22.07 16.19 -9.50
N GLY F 423 23.15 15.69 -8.91
CA GLY F 423 23.22 14.32 -8.51
C GLY F 423 23.63 13.34 -9.59
N ILE F 424 24.22 13.83 -10.68
CA ILE F 424 24.63 12.99 -11.80
C ILE F 424 26.07 12.55 -11.56
N PRO F 425 26.36 11.25 -11.50
CA PRO F 425 27.73 10.81 -11.24
C PRO F 425 28.64 11.12 -12.42
N MET F 426 29.74 11.83 -12.15
CA MET F 426 30.74 12.16 -13.15
C MET F 426 32.12 11.81 -12.60
N PRO F 427 32.43 10.52 -12.43
CA PRO F 427 33.71 10.15 -11.81
C PRO F 427 34.93 10.59 -12.59
N CYS F 428 34.86 10.59 -13.92
CA CYS F 428 36.02 11.00 -14.72
C CYS F 428 36.09 12.50 -14.95
N PHE F 429 34.94 13.17 -15.06
CA PHE F 429 34.96 14.64 -15.13
C PHE F 429 35.55 15.24 -13.87
N THR F 430 35.23 14.65 -12.71
CA THR F 430 35.69 15.20 -11.44
C THR F 430 37.14 14.88 -11.16
N THR F 431 37.59 13.67 -11.51
CA THR F 431 38.96 13.28 -11.22
C THR F 431 39.96 13.95 -12.18
N ALA F 432 39.53 14.25 -13.40
CA ALA F 432 40.40 14.97 -14.33
C ALA F 432 40.52 16.43 -13.92
N LEU F 433 39.43 17.01 -13.42
CA LEU F 433 39.49 18.39 -12.93
C LEU F 433 40.26 18.47 -11.62
N SER F 434 40.08 17.49 -10.73
CA SER F 434 40.84 17.46 -9.49
C SER F 434 42.32 17.24 -9.73
N PHE F 435 42.66 16.48 -10.78
CA PHE F 435 44.08 16.28 -11.10
C PHE F 435 44.69 17.55 -11.68
N TYR F 436 43.93 18.28 -12.50
CA TYR F 436 44.46 19.50 -13.09
C TYR F 436 44.74 20.56 -12.02
N ASP F 437 43.86 20.68 -11.03
CA ASP F 437 44.11 21.62 -9.93
C ASP F 437 45.29 21.18 -9.08
N GLY F 438 45.46 19.87 -8.89
CA GLY F 438 46.59 19.39 -8.11
C GLY F 438 47.90 19.48 -8.87
N TYR F 439 47.86 19.22 -10.18
CA TYR F 439 49.07 19.29 -10.99
C TYR F 439 49.54 20.71 -11.22
N ARG F 440 48.67 21.70 -11.06
CA ARG F 440 49.02 23.10 -11.26
C ARG F 440 49.39 23.83 -9.98
N HIS F 441 49.24 23.19 -8.82
CA HIS F 441 49.57 23.82 -7.55
C HIS F 441 51.01 23.52 -7.17
N GLU F 442 51.79 24.56 -6.92
CA GLU F 442 53.16 24.36 -6.44
C GLU F 442 53.16 23.77 -5.03
N MET F 443 52.24 24.22 -4.18
CA MET F 443 52.14 23.76 -2.81
C MET F 443 50.84 23.00 -2.63
N LEU F 444 50.94 21.71 -2.34
CA LEU F 444 49.81 20.85 -2.05
C LEU F 444 49.79 20.48 -0.58
N PRO F 445 48.62 20.12 -0.03
CA PRO F 445 48.56 19.78 1.40
C PRO F 445 49.21 18.44 1.74
N ALA F 446 49.99 17.89 0.81
CA ALA F 446 50.69 16.64 1.06
C ALA F 446 51.78 16.79 2.12
N SER F 447 52.22 18.02 2.39
CA SER F 447 53.15 18.24 3.50
C SER F 447 52.52 17.84 4.82
N LEU F 448 51.19 17.96 4.93
CA LEU F 448 50.49 17.50 6.13
C LEU F 448 50.56 15.97 6.25
N ILE F 449 50.61 15.27 5.12
CA ILE F 449 50.77 13.81 5.16
C ILE F 449 52.09 13.44 5.84
N GLN F 450 53.18 14.07 5.40
CA GLN F 450 54.49 13.77 5.98
C GLN F 450 54.53 14.12 7.46
N ALA F 451 53.90 15.23 7.84
CA ALA F 451 53.84 15.59 9.25
C ALA F 451 53.03 14.56 10.04
N GLN F 452 51.93 14.06 9.45
CA GLN F 452 51.15 13.03 10.11
C GLN F 452 51.95 11.74 10.25
N ARG F 453 52.57 11.28 9.17
CA ARG F 453 53.37 10.06 9.22
C ARG F 453 54.49 10.18 10.24
N ASP F 454 55.12 11.36 10.33
CA ASP F 454 56.18 11.56 11.31
C ASP F 454 55.63 11.62 12.73
N TYR F 455 54.40 12.09 12.89
CA TYR F 455 53.80 12.18 14.22
C TYR F 455 53.70 10.81 14.90
N PHE F 456 53.02 9.85 14.26
CA PHE F 456 52.77 8.54 14.87
C PHE F 456 53.79 7.48 14.50
N GLY F 457 54.46 7.63 13.36
CA GLY F 457 55.34 6.61 12.81
C GLY F 457 56.81 6.93 12.63
N ALA F 458 57.17 8.19 12.88
CA ALA F 458 58.54 8.67 12.80
C ALA F 458 59.19 8.27 11.48
N HIS F 459 58.46 8.54 10.39
CA HIS F 459 58.93 8.28 9.04
C HIS F 459 59.86 9.35 8.53
N THR F 460 60.09 10.42 9.29
CA THR F 460 60.94 11.55 8.90
C THR F 460 60.32 12.33 7.74
N TYR F 461 60.88 13.50 7.44
CA TYR F 461 60.38 14.43 6.43
C TYR F 461 61.50 15.41 6.12
N GLU F 462 61.36 16.14 5.02
CA GLU F 462 62.36 17.11 4.57
C GLU F 462 61.73 18.49 4.56
N LEU F 463 62.58 19.51 4.57
CA LEU F 463 62.13 20.89 4.54
C LEU F 463 62.15 21.40 3.10
N LEU F 464 61.21 22.29 2.79
CA LEU F 464 61.06 22.76 1.42
C LEU F 464 62.32 23.46 0.92
N ALA F 465 63.00 24.17 1.80
CA ALA F 465 64.23 24.89 1.44
C ALA F 465 65.48 24.07 1.71
N LYS F 466 65.35 22.75 1.81
CA LYS F 466 66.50 21.88 2.06
C LYS F 466 66.21 20.47 1.59
N PRO F 467 66.08 20.24 0.28
CA PRO F 467 65.73 18.90 -0.21
C PRO F 467 66.89 17.93 -0.06
N GLY F 468 66.59 16.73 0.43
CA GLY F 468 67.59 15.69 0.60
C GLY F 468 67.88 15.31 2.03
N GLN F 469 67.43 16.08 3.02
CA GLN F 469 67.70 15.81 4.43
C GLN F 469 66.39 15.47 5.12
N PHE F 470 66.29 14.24 5.64
CA PHE F 470 65.10 13.77 6.35
C PHE F 470 65.33 13.89 7.85
N ILE F 471 64.39 14.55 8.53
CA ILE F 471 64.52 14.84 9.95
C ILE F 471 63.32 14.27 10.70
N HIS F 472 63.52 14.03 11.99
CA HIS F 472 62.46 13.61 12.90
C HIS F 472 62.30 14.66 14.00
N THR F 473 61.05 15.00 14.31
CA THR F 473 60.75 16.16 15.15
C THR F 473 60.38 15.81 16.58
N ASN F 474 59.68 14.69 16.79
CA ASN F 474 59.08 14.36 18.09
C ASN F 474 58.08 15.44 18.48
N TRP F 475 56.80 15.20 18.18
CA TRP F 475 55.76 16.21 18.33
C TRP F 475 55.12 16.22 19.71
N THR F 476 55.60 15.41 20.64
CA THR F 476 55.03 15.37 21.98
C THR F 476 55.96 16.00 23.00
N ALA G 8 -58.09 -50.54 -8.09
CA ALA G 8 -56.66 -50.62 -8.38
C ALA G 8 -56.34 -51.80 -9.28
N GLN G 9 -57.21 -52.04 -10.26
CA GLN G 9 -56.99 -53.10 -11.24
C GLN G 9 -56.57 -52.59 -12.60
N ALA G 10 -56.77 -51.30 -12.89
CA ALA G 10 -56.29 -50.69 -14.12
C ALA G 10 -54.88 -50.17 -13.90
N ASP G 11 -54.03 -50.35 -14.91
CA ASP G 11 -52.61 -50.02 -14.77
C ASP G 11 -52.34 -48.54 -15.04
N ILE G 12 -53.00 -47.97 -16.06
CA ILE G 12 -52.78 -46.59 -16.45
C ILE G 12 -54.04 -46.08 -17.13
N ALA G 13 -54.18 -44.75 -17.18
CA ALA G 13 -55.31 -44.11 -17.82
C ALA G 13 -54.82 -43.21 -18.95
N LEU G 14 -55.69 -43.01 -19.95
CA LEU G 14 -55.38 -42.18 -21.10
C LEU G 14 -56.65 -41.47 -21.53
N ILE G 15 -56.63 -40.14 -21.51
CA ILE G 15 -57.82 -39.35 -21.79
C ILE G 15 -57.71 -38.72 -23.17
N GLY G 16 -57.33 -39.52 -24.16
CA GLY G 16 -57.25 -39.05 -25.53
C GLY G 16 -57.69 -40.09 -26.53
N LEU G 17 -58.89 -39.95 -27.08
CA LEU G 17 -59.41 -40.95 -28.01
C LEU G 17 -59.68 -40.32 -29.37
N ALA G 18 -58.64 -39.79 -30.00
CA ALA G 18 -58.74 -39.19 -31.33
C ALA G 18 -57.68 -39.81 -32.24
N VAL G 19 -57.79 -41.13 -32.43
CA VAL G 19 -56.90 -41.93 -33.27
C VAL G 19 -55.51 -42.02 -32.66
N MET G 20 -54.98 -40.89 -32.18
CA MET G 20 -53.65 -40.88 -31.58
C MET G 20 -53.60 -41.77 -30.35
N GLY G 21 -54.35 -41.41 -29.30
CA GLY G 21 -54.43 -42.27 -28.13
C GLY G 21 -55.15 -43.57 -28.39
N GLN G 22 -55.95 -43.65 -29.45
CA GLN G 22 -56.60 -44.91 -29.81
C GLN G 22 -55.55 -45.96 -30.18
N ASN G 23 -54.58 -45.59 -31.01
CA ASN G 23 -53.51 -46.52 -31.37
C ASN G 23 -52.58 -46.76 -30.18
N LEU G 24 -52.33 -45.73 -29.38
CA LEU G 24 -51.45 -45.89 -28.22
C LEU G 24 -52.06 -46.79 -27.17
N ILE G 25 -53.40 -46.79 -27.07
CA ILE G 25 -54.08 -47.67 -26.10
C ILE G 25 -54.10 -49.10 -26.60
N LEU G 26 -54.41 -49.31 -27.88
CA LEU G 26 -54.49 -50.66 -28.42
C LEU G 26 -53.17 -51.40 -28.26
N ASN G 27 -52.06 -50.77 -28.65
CA ASN G 27 -50.75 -51.40 -28.63
C ASN G 27 -49.98 -51.08 -27.35
N MET G 28 -50.67 -50.59 -26.32
CA MET G 28 -50.10 -50.61 -24.98
C MET G 28 -50.06 -52.01 -24.39
N ASN G 29 -50.58 -53.00 -25.11
CA ASN G 29 -50.50 -54.40 -24.72
C ASN G 29 -49.17 -55.05 -25.12
N ASP G 30 -48.09 -54.26 -25.21
CA ASP G 30 -46.78 -54.84 -25.42
C ASP G 30 -46.34 -55.65 -24.21
N HIS G 31 -46.47 -55.09 -23.01
CA HIS G 31 -46.44 -55.91 -21.81
C HIS G 31 -47.78 -56.62 -21.59
N GLY G 32 -48.86 -56.03 -22.08
CA GLY G 32 -50.19 -56.56 -21.86
C GLY G 32 -50.97 -55.90 -20.76
N PHE G 33 -50.46 -54.80 -20.20
CA PHE G 33 -51.14 -54.15 -19.09
C PHE G 33 -52.44 -53.50 -19.56
N VAL G 34 -53.43 -53.50 -18.68
CA VAL G 34 -54.76 -53.00 -18.98
C VAL G 34 -54.78 -51.49 -18.73
N VAL G 35 -55.33 -50.74 -19.67
CA VAL G 35 -55.44 -49.30 -19.55
C VAL G 35 -56.91 -48.92 -19.49
N CYS G 36 -57.19 -47.77 -18.88
CA CYS G 36 -58.55 -47.25 -18.74
C CYS G 36 -58.72 -46.10 -19.71
N ALA G 37 -59.52 -46.31 -20.74
CA ALA G 37 -59.76 -45.29 -21.76
C ALA G 37 -60.87 -44.35 -21.33
N PHE G 38 -60.68 -43.06 -21.61
CA PHE G 38 -61.68 -42.05 -21.31
C PHE G 38 -61.55 -40.91 -22.30
N ASN G 39 -62.64 -40.17 -22.48
CA ASN G 39 -62.65 -39.04 -23.39
C ASN G 39 -63.70 -38.04 -22.90
N ARG G 40 -63.55 -36.80 -23.35
CA ARG G 40 -64.51 -35.77 -22.96
C ARG G 40 -65.92 -36.10 -23.43
N THR G 41 -66.05 -36.67 -24.63
CA THR G 41 -67.32 -37.15 -25.14
C THR G 41 -67.46 -38.62 -24.77
N VAL G 42 -68.42 -38.93 -23.90
CA VAL G 42 -68.63 -40.31 -23.47
C VAL G 42 -69.09 -41.20 -24.61
N SER G 43 -69.59 -40.62 -25.70
CA SER G 43 -69.97 -41.42 -26.86
C SER G 43 -68.77 -42.16 -27.44
N LYS G 44 -67.62 -41.48 -27.56
CA LYS G 44 -66.46 -42.09 -28.20
C LYS G 44 -65.93 -43.26 -27.38
N VAL G 45 -65.91 -43.13 -26.05
CA VAL G 45 -65.38 -44.22 -25.22
C VAL G 45 -66.24 -45.47 -25.37
N ASP G 46 -67.56 -45.30 -25.44
CA ASP G 46 -68.41 -46.45 -25.75
C ASP G 46 -68.34 -46.81 -27.23
N ASP G 47 -68.12 -45.82 -28.09
CA ASP G 47 -67.82 -46.11 -29.49
C ASP G 47 -66.48 -46.82 -29.63
N PHE G 48 -65.51 -46.46 -28.79
CA PHE G 48 -64.20 -47.10 -28.83
C PHE G 48 -64.23 -48.48 -28.18
N LEU G 49 -65.02 -48.66 -27.13
CA LEU G 49 -65.12 -49.96 -26.45
C LEU G 49 -65.83 -51.02 -27.29
N ALA G 50 -66.35 -50.67 -28.46
CA ALA G 50 -67.07 -51.64 -29.28
C ALA G 50 -66.60 -51.67 -30.73
N ASN G 51 -66.29 -50.51 -31.31
CA ASN G 51 -65.96 -50.44 -32.73
C ASN G 51 -64.48 -50.62 -33.00
N GLU G 52 -63.62 -49.89 -32.27
CA GLU G 52 -62.20 -49.88 -32.60
C GLU G 52 -61.48 -51.09 -32.03
N ALA G 53 -61.76 -51.46 -30.77
CA ALA G 53 -61.07 -52.59 -30.15
C ALA G 53 -61.92 -53.11 -29.00
N LYS G 54 -62.73 -54.14 -29.28
CA LYS G 54 -63.34 -54.96 -28.25
C LYS G 54 -62.28 -55.96 -27.77
N GLY G 55 -61.29 -55.40 -27.08
CA GLY G 55 -60.04 -56.10 -26.84
C GLY G 55 -60.05 -57.02 -25.63
N THR G 56 -58.86 -57.50 -25.29
CA THR G 56 -58.71 -58.53 -24.27
C THR G 56 -58.45 -57.98 -22.87
N LYS G 57 -58.00 -56.72 -22.77
CA LYS G 57 -57.69 -56.17 -21.45
C LYS G 57 -58.38 -54.85 -21.17
N VAL G 58 -58.56 -53.99 -22.17
CA VAL G 58 -59.01 -52.62 -21.93
C VAL G 58 -60.35 -52.61 -21.21
N VAL G 59 -60.43 -51.80 -20.14
CA VAL G 59 -61.68 -51.56 -19.42
C VAL G 59 -61.89 -50.06 -19.38
N GLY G 60 -62.84 -49.56 -20.17
CA GLY G 60 -63.12 -48.15 -20.21
C GLY G 60 -64.09 -47.70 -19.14
N ALA G 61 -64.09 -46.39 -18.88
CA ALA G 61 -64.96 -45.79 -17.89
C ALA G 61 -65.73 -44.63 -18.52
N GLN G 62 -66.97 -44.45 -18.09
CA GLN G 62 -67.84 -43.42 -18.63
C GLN G 62 -67.87 -42.15 -17.77
N SER G 63 -67.04 -42.09 -16.73
CA SER G 63 -66.98 -40.93 -15.86
C SER G 63 -65.53 -40.63 -15.51
N LEU G 64 -65.24 -39.33 -15.35
CA LEU G 64 -63.88 -38.94 -14.95
C LEU G 64 -63.56 -39.42 -13.54
N LYS G 65 -64.57 -39.45 -12.65
CA LYS G 65 -64.36 -40.01 -11.32
C LYS G 65 -64.21 -41.53 -11.36
N GLU G 66 -64.94 -42.19 -12.28
CA GLU G 66 -64.82 -43.64 -12.41
C GLU G 66 -63.44 -44.03 -12.94
N MET G 67 -62.82 -43.18 -13.75
CA MET G 67 -61.49 -43.48 -14.26
C MET G 67 -60.44 -43.46 -13.15
N VAL G 68 -60.50 -42.43 -12.28
CA VAL G 68 -59.55 -42.32 -11.18
C VAL G 68 -59.73 -43.46 -10.18
N SER G 69 -60.94 -44.01 -10.08
CA SER G 69 -61.21 -45.09 -9.15
C SER G 69 -60.56 -46.41 -9.55
N LYS G 70 -60.03 -46.52 -10.77
CA LYS G 70 -59.48 -47.77 -11.28
C LYS G 70 -57.96 -47.82 -11.21
N LEU G 71 -57.28 -46.68 -11.00
CA LEU G 71 -55.84 -46.61 -11.13
C LEU G 71 -55.14 -46.94 -9.82
N LYS G 72 -54.01 -47.62 -9.93
CA LYS G 72 -53.18 -47.92 -8.76
C LYS G 72 -52.45 -46.67 -8.30
N LYS G 73 -52.14 -46.62 -7.01
CA LYS G 73 -51.50 -45.40 -6.52
C LYS G 73 -50.00 -45.57 -6.45
N PRO G 74 -49.20 -44.57 -6.88
CA PRO G 74 -49.65 -43.29 -7.44
C PRO G 74 -50.26 -43.43 -8.82
N ARG G 75 -51.34 -42.68 -9.08
CA ARG G 75 -52.15 -42.89 -10.27
C ARG G 75 -51.51 -42.22 -11.48
N ARG G 76 -51.40 -42.98 -12.57
CA ARG G 76 -50.79 -42.52 -13.81
C ARG G 76 -51.88 -42.19 -14.82
N ILE G 77 -51.87 -40.96 -15.32
CA ILE G 77 -52.85 -40.48 -16.29
C ILE G 77 -52.11 -39.83 -17.45
N ILE G 78 -52.51 -40.17 -18.67
CA ILE G 78 -51.89 -39.66 -19.88
C ILE G 78 -52.90 -38.81 -20.62
N LEU G 79 -52.48 -37.61 -21.02
CA LEU G 79 -53.30 -36.69 -21.81
C LEU G 79 -52.81 -36.69 -23.25
N LEU G 80 -53.72 -36.85 -24.20
CA LEU G 80 -53.37 -36.85 -25.62
C LEU G 80 -54.46 -36.16 -26.43
N VAL G 81 -54.78 -34.92 -26.04
CA VAL G 81 -55.81 -34.15 -26.72
C VAL G 81 -55.14 -33.16 -27.66
N LYS G 82 -53.95 -32.69 -27.27
CA LYS G 82 -53.19 -31.69 -28.01
C LYS G 82 -53.92 -30.35 -28.01
N ALA G 83 -53.24 -29.31 -28.51
CA ALA G 83 -53.64 -27.91 -28.37
C ALA G 83 -53.58 -27.48 -26.91
N GLY G 84 -53.29 -26.20 -26.68
CA GLY G 84 -52.95 -25.72 -25.34
C GLY G 84 -54.07 -25.69 -24.32
N GLN G 85 -55.15 -24.97 -24.63
CA GLN G 85 -56.17 -24.70 -23.62
C GLN G 85 -56.90 -25.97 -23.19
N ALA G 86 -57.01 -26.96 -24.08
CA ALA G 86 -57.71 -28.19 -23.73
C ALA G 86 -56.97 -28.95 -22.63
N VAL G 87 -55.64 -28.90 -22.65
CA VAL G 87 -54.86 -29.61 -21.64
C VAL G 87 -55.01 -28.95 -20.28
N ASP G 88 -54.94 -27.61 -20.24
CA ASP G 88 -55.11 -26.91 -18.97
C ASP G 88 -56.49 -27.11 -18.38
N ASP G 89 -57.52 -27.21 -19.22
CA ASP G 89 -58.87 -27.45 -18.72
C ASP G 89 -58.94 -28.80 -18.03
N PHE G 90 -58.40 -29.84 -18.65
CA PHE G 90 -58.41 -31.17 -18.04
C PHE G 90 -57.60 -31.20 -16.75
N ILE G 91 -56.49 -30.45 -16.71
CA ILE G 91 -55.64 -30.46 -15.52
C ILE G 91 -56.37 -29.84 -14.33
N GLU G 92 -56.91 -28.64 -14.52
CA GLU G 92 -57.65 -27.99 -13.44
C GLU G 92 -58.89 -28.79 -13.05
N LYS G 93 -59.47 -29.51 -14.00
CA LYS G 93 -60.64 -30.34 -13.74
C LYS G 93 -60.27 -31.68 -13.10
N LEU G 94 -59.02 -32.12 -13.28
CA LEU G 94 -58.56 -33.40 -12.73
C LEU G 94 -57.74 -33.25 -11.46
N VAL G 95 -57.25 -32.05 -11.17
CA VAL G 95 -56.42 -31.85 -9.97
C VAL G 95 -57.17 -32.15 -8.69
N PRO G 96 -58.46 -31.82 -8.52
CA PRO G 96 -59.15 -32.15 -7.26
C PRO G 96 -59.36 -33.64 -7.05
N LEU G 97 -59.21 -34.48 -8.08
CA LEU G 97 -59.54 -35.89 -7.98
C LEU G 97 -58.38 -36.75 -7.50
N LEU G 98 -57.15 -36.25 -7.56
CA LEU G 98 -55.98 -37.04 -7.21
C LEU G 98 -55.27 -36.42 -6.00
N ASP G 99 -54.54 -37.27 -5.29
CA ASP G 99 -53.83 -36.87 -4.09
C ASP G 99 -52.45 -36.31 -4.44
N THR G 100 -51.81 -35.70 -3.45
CA THR G 100 -50.47 -35.16 -3.65
C THR G 100 -49.49 -36.28 -3.92
N GLY G 101 -48.88 -36.27 -5.10
CA GLY G 101 -47.96 -37.31 -5.52
C GLY G 101 -48.38 -38.08 -6.76
N ASP G 102 -49.56 -37.83 -7.32
CA ASP G 102 -49.95 -38.48 -8.55
C ASP G 102 -49.37 -37.75 -9.75
N ILE G 103 -49.44 -38.39 -10.92
CA ILE G 103 -48.72 -37.94 -12.10
C ILE G 103 -49.68 -37.81 -13.27
N ILE G 104 -49.57 -36.69 -13.99
CA ILE G 104 -50.31 -36.44 -15.23
C ILE G 104 -49.29 -36.30 -16.35
N ILE G 105 -49.49 -37.04 -17.43
CA ILE G 105 -48.55 -37.07 -18.55
C ILE G 105 -49.23 -36.42 -19.75
N ASP G 106 -48.54 -35.47 -20.37
CA ASP G 106 -49.01 -34.81 -21.59
C ASP G 106 -48.16 -35.32 -22.75
N GLY G 107 -48.76 -36.16 -23.59
CA GLY G 107 -48.09 -36.67 -24.77
C GLY G 107 -48.33 -35.87 -26.03
N GLY G 108 -49.01 -34.72 -25.92
CA GLY G 108 -49.31 -33.92 -27.08
C GLY G 108 -48.14 -33.08 -27.55
N ASN G 109 -48.36 -32.40 -28.67
CA ASN G 109 -47.34 -31.51 -29.25
C ASN G 109 -47.54 -30.09 -28.75
N SER G 110 -47.36 -29.93 -27.44
CA SER G 110 -47.51 -28.64 -26.80
C SER G 110 -46.20 -27.86 -26.85
N GLU G 111 -46.33 -26.53 -26.93
CA GLU G 111 -45.16 -25.67 -26.85
C GLU G 111 -44.48 -25.84 -25.50
N TYR G 112 -43.15 -25.88 -25.51
CA TYR G 112 -42.41 -26.16 -24.29
C TYR G 112 -42.68 -25.12 -23.21
N ARG G 113 -42.99 -23.88 -23.61
CA ARG G 113 -43.25 -22.84 -22.63
C ARG G 113 -44.48 -23.14 -21.79
N ASP G 114 -45.47 -23.84 -22.36
CA ASP G 114 -46.63 -24.23 -21.58
C ASP G 114 -46.30 -25.39 -20.65
N THR G 115 -45.49 -26.34 -21.12
CA THR G 115 -45.13 -27.48 -20.28
C THR G 115 -44.27 -27.06 -19.09
N THR G 116 -43.42 -26.05 -19.27
CA THR G 116 -42.69 -25.51 -18.13
C THR G 116 -43.65 -24.85 -17.14
N ARG G 117 -44.55 -24.00 -17.64
CA ARG G 117 -45.49 -23.31 -16.77
C ARG G 117 -46.38 -24.30 -16.02
N ARG G 118 -46.87 -25.32 -16.71
CA ARG G 118 -47.70 -26.33 -16.06
C ARG G 118 -46.92 -27.05 -14.96
N CYS G 119 -45.69 -27.47 -15.27
CA CYS G 119 -44.88 -28.20 -14.29
C CYS G 119 -44.61 -27.35 -13.05
N ARG G 120 -44.35 -26.06 -13.24
CA ARG G 120 -44.13 -25.18 -12.10
C ARG G 120 -45.42 -24.98 -11.31
N ASP G 121 -46.53 -24.70 -12.00
CA ASP G 121 -47.77 -24.28 -11.37
C ASP G 121 -48.56 -25.44 -10.78
N LEU G 122 -48.03 -26.67 -10.79
CA LEU G 122 -48.70 -27.78 -10.12
C LEU G 122 -47.79 -28.62 -9.25
N LYS G 123 -46.47 -28.49 -9.36
CA LYS G 123 -45.59 -29.18 -8.42
C LYS G 123 -45.82 -28.69 -7.00
N ALA G 124 -46.04 -27.38 -6.84
CA ALA G 124 -46.41 -26.85 -5.54
C ALA G 124 -47.76 -27.36 -5.07
N LYS G 125 -48.63 -27.78 -6.00
CA LYS G 125 -49.91 -28.40 -5.67
C LYS G 125 -49.77 -29.89 -5.36
N GLY G 126 -48.56 -30.40 -5.20
CA GLY G 126 -48.34 -31.80 -4.87
C GLY G 126 -48.44 -32.75 -6.04
N ILE G 127 -48.57 -32.26 -7.27
CA ILE G 127 -48.74 -33.09 -8.44
C ILE G 127 -47.44 -33.09 -9.23
N LEU G 128 -47.21 -34.17 -9.98
CA LEU G 128 -45.99 -34.39 -10.74
C LEU G 128 -46.33 -34.42 -12.22
N PHE G 129 -45.99 -33.36 -12.95
CA PHE G 129 -46.32 -33.25 -14.36
C PHE G 129 -45.17 -33.74 -15.22
N VAL G 130 -45.51 -34.37 -16.35
CA VAL G 130 -44.51 -34.88 -17.29
C VAL G 130 -44.98 -34.56 -18.70
N GLY G 131 -44.19 -33.76 -19.42
CA GLY G 131 -44.45 -33.50 -20.82
C GLY G 131 -43.59 -34.36 -21.71
N SER G 132 -44.18 -35.36 -22.35
CA SER G 132 -43.47 -36.31 -23.17
C SER G 132 -43.78 -36.10 -24.64
N GLY G 133 -42.76 -36.21 -25.49
CA GLY G 133 -42.93 -36.13 -26.93
C GLY G 133 -43.06 -37.51 -27.53
N VAL G 134 -43.98 -37.64 -28.48
CA VAL G 134 -44.23 -38.90 -29.17
C VAL G 134 -44.12 -38.67 -30.66
N SER G 135 -43.50 -39.62 -31.36
CA SER G 135 -43.32 -39.53 -32.80
C SER G 135 -43.54 -40.89 -33.44
N GLY G 136 -44.15 -40.90 -34.61
CA GLY G 136 -44.42 -42.14 -35.32
C GLY G 136 -45.76 -42.14 -36.02
N GLY G 137 -46.66 -41.25 -35.61
CA GLY G 137 -47.99 -41.20 -36.19
C GLY G 137 -48.81 -42.44 -35.91
N GLU G 138 -49.11 -43.19 -36.96
CA GLU G 138 -49.86 -44.45 -36.84
C GLU G 138 -48.94 -45.66 -36.85
N GLU G 139 -48.00 -45.72 -37.79
CA GLU G 139 -47.07 -46.85 -37.86
C GLU G 139 -46.20 -46.91 -36.62
N GLY G 140 -45.81 -45.76 -36.08
CA GLY G 140 -44.97 -45.74 -34.90
C GLY G 140 -45.73 -46.04 -33.63
N ALA G 141 -46.88 -45.39 -33.44
CA ALA G 141 -47.65 -45.54 -32.21
C ALA G 141 -48.45 -46.84 -32.20
N ARG G 142 -47.89 -47.90 -32.77
CA ARG G 142 -48.56 -49.19 -32.78
C ARG G 142 -47.66 -50.37 -32.43
N TYR G 143 -46.38 -50.15 -32.14
CA TYR G 143 -45.51 -51.25 -31.71
C TYR G 143 -44.19 -50.77 -31.14
N GLY G 144 -44.07 -49.49 -30.85
CA GLY G 144 -42.89 -48.96 -30.20
C GLY G 144 -42.49 -47.60 -30.70
N PRO G 145 -43.31 -46.58 -30.44
CA PRO G 145 -42.93 -45.22 -30.84
C PRO G 145 -41.96 -44.60 -29.86
N SER G 146 -41.05 -43.80 -30.40
CA SER G 146 -40.05 -43.14 -29.57
C SER G 146 -40.73 -42.10 -28.68
N LEU G 147 -40.36 -42.11 -27.40
CA LEU G 147 -40.93 -41.21 -26.42
C LEU G 147 -39.85 -40.29 -25.86
N MET G 148 -40.27 -39.09 -25.45
CA MET G 148 -39.35 -38.06 -24.95
C MET G 148 -39.89 -37.49 -23.64
N PRO G 149 -39.84 -38.27 -22.56
CA PRO G 149 -40.46 -37.84 -21.30
C PRO G 149 -39.58 -36.86 -20.54
N GLY G 150 -40.17 -35.75 -20.11
CA GLY G 150 -39.45 -34.76 -19.33
C GLY G 150 -40.42 -33.90 -18.54
N GLY G 151 -39.91 -33.34 -17.44
CA GLY G 151 -40.71 -32.48 -16.61
C GLY G 151 -40.47 -32.66 -15.12
N ASN G 152 -40.60 -33.89 -14.64
CA ASN G 152 -40.42 -34.18 -13.22
C ASN G 152 -40.01 -35.63 -13.07
N LYS G 153 -38.82 -35.86 -12.51
CA LYS G 153 -38.28 -37.21 -12.39
C LYS G 153 -39.20 -38.11 -11.57
N GLU G 154 -39.96 -37.54 -10.64
CA GLU G 154 -40.75 -38.36 -9.71
C GLU G 154 -41.67 -39.33 -10.43
N ALA G 155 -42.09 -39.00 -11.65
CA ALA G 155 -42.88 -39.91 -12.46
C ALA G 155 -42.05 -40.90 -13.27
N TRP G 156 -40.74 -40.67 -13.38
CA TRP G 156 -39.92 -41.53 -14.23
C TRP G 156 -39.85 -42.97 -13.73
N PRO G 157 -39.65 -43.26 -12.43
CA PRO G 157 -39.67 -44.67 -12.00
C PRO G 157 -41.03 -45.33 -12.14
N HIS G 158 -42.11 -44.56 -12.21
CA HIS G 158 -43.45 -45.14 -12.35
C HIS G 158 -43.83 -45.38 -13.80
N ILE G 159 -43.38 -44.52 -14.71
CA ILE G 159 -43.71 -44.67 -16.13
C ILE G 159 -42.61 -45.38 -16.91
N LYS G 160 -41.45 -45.63 -16.30
CA LYS G 160 -40.37 -46.31 -17.00
C LYS G 160 -40.76 -47.73 -17.39
N THR G 161 -41.35 -48.47 -16.46
CA THR G 161 -41.76 -49.84 -16.74
C THR G 161 -42.87 -49.90 -17.80
N ILE G 162 -43.59 -48.82 -18.01
CA ILE G 162 -44.69 -48.77 -18.97
C ILE G 162 -44.25 -48.15 -20.29
N PHE G 163 -43.58 -47.00 -20.24
CA PHE G 163 -43.17 -46.33 -21.47
C PHE G 163 -42.16 -47.16 -22.25
N GLN G 164 -41.05 -47.54 -21.60
CA GLN G 164 -40.02 -48.32 -22.28
C GLN G 164 -40.54 -49.68 -22.72
N GLY G 165 -41.55 -50.21 -22.02
CA GLY G 165 -42.11 -51.49 -22.42
C GLY G 165 -42.82 -51.44 -23.76
N ILE G 166 -43.65 -50.41 -23.96
CA ILE G 166 -44.38 -50.24 -25.22
C ILE G 166 -43.61 -49.44 -26.24
N ALA G 167 -42.44 -48.93 -25.89
CA ALA G 167 -41.59 -48.15 -26.80
C ALA G 167 -40.28 -48.91 -26.97
N ALA G 168 -40.32 -49.97 -27.77
CA ALA G 168 -39.14 -50.80 -28.02
C ALA G 168 -38.57 -50.50 -29.40
N LYS G 169 -38.16 -51.55 -30.11
CA LYS G 169 -37.52 -51.45 -31.43
C LYS G 169 -36.16 -50.77 -31.35
N VAL G 170 -35.42 -50.99 -30.27
CA VAL G 170 -34.10 -50.38 -30.14
C VAL G 170 -33.09 -51.11 -31.03
N GLY G 171 -33.08 -52.44 -30.98
CA GLY G 171 -32.11 -53.27 -31.67
C GLY G 171 -30.76 -53.42 -30.99
N THR G 172 -30.25 -52.34 -30.40
CA THR G 172 -28.97 -52.37 -29.71
C THR G 172 -29.09 -52.73 -28.25
N GLY G 173 -30.31 -52.77 -27.71
CA GLY G 173 -30.51 -53.21 -26.34
C GLY G 173 -30.94 -52.13 -25.37
N GLU G 174 -30.39 -50.93 -25.51
CA GLU G 174 -30.64 -49.85 -24.58
C GLU G 174 -32.10 -49.38 -24.69
N PRO G 175 -32.57 -48.56 -23.75
CA PRO G 175 -33.94 -48.02 -23.86
C PRO G 175 -34.00 -46.88 -24.87
N CYS G 176 -34.88 -47.02 -25.86
CA CYS G 176 -35.18 -45.94 -26.80
C CYS G 176 -36.15 -44.91 -26.23
N CYS G 177 -36.22 -44.83 -24.90
CA CYS G 177 -37.11 -43.90 -24.22
C CYS G 177 -36.50 -43.63 -22.85
N ASP G 178 -35.76 -42.53 -22.74
CA ASP G 178 -35.06 -42.19 -21.52
C ASP G 178 -35.42 -40.77 -21.11
N TRP G 179 -35.05 -40.41 -19.88
CA TRP G 179 -35.31 -39.06 -19.39
C TRP G 179 -34.42 -38.06 -20.12
N VAL G 180 -35.03 -36.96 -20.57
CA VAL G 180 -34.31 -35.91 -21.29
C VAL G 180 -33.95 -34.75 -20.36
N GLY G 181 -34.80 -34.44 -19.40
CA GLY G 181 -34.53 -33.32 -18.53
C GLY G 181 -35.75 -32.95 -17.72
N ASP G 182 -35.66 -31.81 -17.04
CA ASP G 182 -36.70 -31.33 -16.14
C ASP G 182 -37.41 -30.12 -16.72
N GLU G 183 -38.59 -29.86 -16.17
CA GLU G 183 -39.38 -28.66 -16.50
C GLU G 183 -39.62 -28.55 -18.00
N GLY G 184 -40.37 -29.52 -18.52
CA GLY G 184 -40.76 -29.50 -19.92
C GLY G 184 -39.61 -29.47 -20.89
N ALA G 185 -38.48 -30.07 -20.55
CA ALA G 185 -37.35 -30.11 -21.48
C ALA G 185 -37.56 -31.11 -22.60
N GLY G 186 -38.48 -32.07 -22.42
CA GLY G 186 -38.72 -33.05 -23.46
C GLY G 186 -39.41 -32.45 -24.68
N HIS G 187 -40.40 -31.58 -24.46
CA HIS G 187 -41.09 -30.96 -25.57
C HIS G 187 -40.19 -30.01 -26.36
N PHE G 188 -39.21 -29.40 -25.70
CA PHE G 188 -38.21 -28.64 -26.43
C PHE G 188 -37.35 -29.55 -27.28
N VAL G 189 -36.99 -30.73 -26.76
CA VAL G 189 -36.29 -31.72 -27.56
C VAL G 189 -37.17 -32.19 -28.71
N LYS G 190 -38.48 -32.35 -28.45
CA LYS G 190 -39.41 -32.69 -29.51
C LYS G 190 -39.47 -31.59 -30.57
N MET G 191 -39.35 -30.33 -30.14
CA MET G 191 -39.37 -29.22 -31.09
C MET G 191 -38.13 -29.25 -31.97
N VAL G 192 -36.95 -29.45 -31.37
CA VAL G 192 -35.73 -29.57 -32.16
C VAL G 192 -35.75 -30.83 -33.00
N HIS G 193 -36.44 -31.87 -32.54
CA HIS G 193 -36.57 -33.09 -33.32
C HIS G 193 -37.30 -32.82 -34.64
N ASN G 194 -38.33 -31.97 -34.61
CA ASN G 194 -39.03 -31.64 -35.84
C ASN G 194 -38.20 -30.72 -36.73
N GLY G 195 -37.39 -29.85 -36.14
CA GLY G 195 -36.51 -28.99 -36.93
C GLY G 195 -35.44 -29.79 -37.66
N ILE G 196 -34.85 -30.77 -36.97
CA ILE G 196 -33.91 -31.67 -37.63
C ILE G 196 -34.61 -32.43 -38.75
N GLU G 197 -35.88 -32.78 -38.54
CA GLU G 197 -36.64 -33.48 -39.58
C GLU G 197 -36.75 -32.64 -40.85
N TYR G 198 -36.89 -31.32 -40.69
CA TYR G 198 -36.88 -30.44 -41.86
C TYR G 198 -35.54 -30.46 -42.57
N GLY G 199 -34.44 -30.51 -41.80
CA GLY G 199 -33.13 -30.44 -42.40
C GLY G 199 -32.77 -31.66 -43.23
N ASP G 200 -33.01 -32.85 -42.66
CA ASP G 200 -32.68 -34.08 -43.38
C ASP G 200 -33.48 -34.20 -44.66
N MET G 201 -34.74 -33.76 -44.64
CA MET G 201 -35.59 -33.87 -45.83
C MET G 201 -35.10 -32.94 -46.93
N GLN G 202 -34.91 -31.65 -46.61
CA GLN G 202 -34.46 -30.70 -47.63
C GLN G 202 -33.09 -31.07 -48.16
N LEU G 203 -32.23 -31.67 -47.32
CA LEU G 203 -30.92 -32.13 -47.80
C LEU G 203 -31.07 -33.23 -48.83
N ILE G 204 -32.04 -34.13 -48.63
CA ILE G 204 -32.28 -35.19 -49.61
C ILE G 204 -32.84 -34.62 -50.91
N CYS G 205 -33.68 -33.59 -50.80
CA CYS G 205 -34.23 -32.97 -52.00
C CYS G 205 -33.14 -32.31 -52.83
N GLU G 206 -32.18 -31.66 -52.17
CA GLU G 206 -31.11 -30.99 -52.91
C GLU G 206 -30.19 -32.00 -53.58
N ALA G 207 -29.92 -33.13 -52.93
CA ALA G 207 -29.18 -34.21 -53.58
C ALA G 207 -29.99 -34.79 -54.73
N TYR G 208 -31.30 -34.99 -54.52
CA TYR G 208 -32.16 -35.45 -55.60
C TYR G 208 -32.25 -34.42 -56.72
N HIS G 209 -32.19 -33.14 -56.39
CA HIS G 209 -32.26 -32.10 -57.42
C HIS G 209 -31.00 -32.10 -58.28
N LEU G 210 -29.84 -32.29 -57.66
CA LEU G 210 -28.60 -32.34 -58.42
C LEU G 210 -28.55 -33.56 -59.33
N MET G 211 -29.10 -34.69 -58.86
CA MET G 211 -29.09 -35.91 -59.67
C MET G 211 -30.02 -35.80 -60.87
N LYS G 212 -31.04 -34.96 -60.79
CA LYS G 212 -32.05 -34.89 -61.84
C LYS G 212 -31.69 -33.90 -62.94
N ASP G 213 -31.10 -32.75 -62.59
CA ASP G 213 -30.87 -31.68 -63.55
C ASP G 213 -29.40 -31.48 -63.91
N VAL G 214 -28.48 -32.04 -63.14
CA VAL G 214 -27.05 -31.94 -63.45
C VAL G 214 -26.53 -33.20 -64.11
N LEU G 215 -26.90 -34.37 -63.59
CA LEU G 215 -26.47 -35.65 -64.14
C LEU G 215 -27.46 -36.24 -65.13
N GLY G 216 -28.63 -35.61 -65.31
CA GLY G 216 -29.62 -36.11 -66.24
C GLY G 216 -30.12 -37.50 -65.93
N MET G 217 -30.04 -37.93 -64.68
CA MET G 217 -30.42 -39.28 -64.30
C MET G 217 -31.94 -39.44 -64.35
N ALA G 218 -32.38 -40.69 -64.50
CA ALA G 218 -33.80 -41.01 -64.51
C ALA G 218 -34.28 -41.33 -63.10
N GLN G 219 -35.59 -41.45 -62.95
CA GLN G 219 -36.18 -41.70 -61.63
C GLN G 219 -35.73 -43.04 -61.07
N ASP G 220 -35.74 -44.08 -61.91
CA ASP G 220 -35.28 -45.40 -61.47
C ASP G 220 -33.79 -45.38 -61.16
N GLU G 221 -33.01 -44.64 -61.95
CA GLU G 221 -31.58 -44.54 -61.70
C GLU G 221 -31.29 -43.77 -60.42
N MET G 222 -31.97 -42.63 -60.23
CA MET G 222 -31.83 -41.89 -58.98
C MET G 222 -32.32 -42.70 -57.79
N ALA G 223 -33.30 -43.59 -58.02
CA ALA G 223 -33.76 -44.47 -56.95
C ALA G 223 -32.66 -45.45 -56.53
N GLN G 224 -32.00 -46.06 -57.51
CA GLN G 224 -30.92 -46.99 -57.20
C GLN G 224 -29.76 -46.28 -56.52
N ALA G 225 -29.56 -44.99 -56.82
CA ALA G 225 -28.51 -44.23 -56.15
C ALA G 225 -28.77 -44.16 -54.65
N PHE G 226 -30.01 -43.83 -54.25
CA PHE G 226 -30.34 -43.80 -52.83
C PHE G 226 -30.29 -45.20 -52.23
N GLU G 227 -30.78 -46.21 -52.95
CA GLU G 227 -30.71 -47.58 -52.45
C GLU G 227 -29.27 -48.01 -52.23
N ASP G 228 -28.39 -47.68 -53.17
CA ASP G 228 -26.96 -47.96 -52.97
C ASP G 228 -26.37 -47.05 -51.90
N TRP G 229 -26.85 -45.80 -51.81
CA TRP G 229 -26.42 -44.92 -50.72
C TRP G 229 -26.92 -45.42 -49.37
N ASN G 230 -27.96 -46.23 -49.34
CA ASN G 230 -28.46 -46.78 -48.09
C ASN G 230 -27.58 -47.91 -47.56
N LYS G 231 -26.55 -48.32 -48.30
CA LYS G 231 -25.64 -49.37 -47.88
C LYS G 231 -24.33 -48.84 -47.34
N THR G 232 -24.24 -47.54 -47.07
CA THR G 232 -23.03 -46.96 -46.50
C THR G 232 -23.38 -46.14 -45.26
N GLU G 233 -22.61 -45.08 -44.99
CA GLU G 233 -22.85 -44.28 -43.78
C GLU G 233 -24.21 -43.59 -43.79
N LEU G 234 -24.80 -43.37 -44.97
CA LEU G 234 -26.08 -42.69 -45.09
C LEU G 234 -27.27 -43.61 -44.86
N ASP G 235 -27.08 -44.75 -44.19
CA ASP G 235 -28.18 -45.67 -43.90
C ASP G 235 -29.21 -44.98 -43.02
N SER G 236 -30.37 -44.67 -43.58
CA SER G 236 -31.39 -43.94 -42.85
C SER G 236 -32.77 -44.40 -43.29
N PHE G 237 -33.77 -44.12 -42.46
CA PHE G 237 -35.15 -44.40 -42.82
C PHE G 237 -35.61 -43.49 -43.95
N LEU G 238 -35.15 -42.23 -43.95
CA LEU G 238 -35.51 -41.32 -45.03
C LEU G 238 -34.91 -41.76 -46.35
N ILE G 239 -33.68 -42.27 -46.32
CA ILE G 239 -33.05 -42.76 -47.55
C ILE G 239 -33.81 -43.98 -48.09
N GLU G 240 -34.32 -44.82 -47.19
CA GLU G 240 -35.09 -45.98 -47.63
C GLU G 240 -36.40 -45.56 -48.26
N ILE G 241 -37.13 -44.64 -47.63
CA ILE G 241 -38.46 -44.29 -48.10
C ILE G 241 -38.38 -43.43 -49.35
N THR G 242 -37.34 -42.60 -49.49
CA THR G 242 -37.22 -41.78 -50.69
C THR G 242 -36.90 -42.63 -51.91
N ALA G 243 -36.12 -43.71 -51.74
CA ALA G 243 -35.81 -44.58 -52.86
C ALA G 243 -37.05 -45.30 -53.35
N ASN G 244 -37.89 -45.78 -52.44
CA ASN G 244 -39.14 -46.40 -52.83
C ASN G 244 -40.08 -45.41 -53.52
N ILE G 245 -40.03 -44.14 -53.10
CA ILE G 245 -40.87 -43.12 -53.73
C ILE G 245 -40.43 -42.88 -55.17
N LEU G 246 -39.12 -42.85 -55.41
CA LEU G 246 -38.63 -42.68 -56.78
C LEU G 246 -39.04 -43.85 -57.67
N LYS G 247 -39.07 -45.06 -57.12
CA LYS G 247 -39.47 -46.23 -57.90
C LYS G 247 -40.98 -46.30 -58.08
N PHE G 248 -41.74 -45.93 -57.03
CA PHE G 248 -43.18 -46.11 -56.99
C PHE G 248 -43.87 -45.42 -58.17
N GLN G 249 -44.45 -46.23 -59.06
CA GLN G 249 -45.31 -45.73 -60.12
C GLN G 249 -46.69 -46.33 -59.95
N ASP G 250 -47.71 -45.62 -60.46
CA ASP G 250 -49.09 -46.05 -60.33
C ASP G 250 -49.51 -46.85 -61.57
N THR G 251 -50.79 -47.23 -61.60
CA THR G 251 -51.33 -48.00 -62.72
C THR G 251 -51.39 -47.18 -64.01
N ASP G 252 -51.23 -45.86 -63.93
CA ASP G 252 -51.22 -45.03 -65.13
C ASP G 252 -50.06 -45.40 -66.05
N GLY G 253 -48.94 -45.85 -65.48
CA GLY G 253 -47.78 -46.20 -66.27
C GLY G 253 -46.54 -45.44 -65.85
N LYS G 254 -46.65 -44.12 -65.83
CA LYS G 254 -45.54 -43.27 -65.40
C LYS G 254 -45.44 -43.25 -63.88
N HIS G 255 -44.38 -42.62 -63.38
CA HIS G 255 -44.10 -42.59 -61.96
C HIS G 255 -44.98 -41.55 -61.25
N LEU G 256 -45.22 -41.78 -59.96
CA LEU G 256 -46.17 -40.96 -59.23
C LEU G 256 -45.57 -39.60 -58.88
N LEU G 257 -44.33 -39.59 -58.38
CA LEU G 257 -43.73 -38.36 -57.89
C LEU G 257 -43.75 -37.21 -58.90
N PRO G 258 -43.43 -37.39 -60.18
CA PRO G 258 -43.54 -36.27 -61.13
C PRO G 258 -44.94 -35.72 -61.27
N LYS G 259 -45.97 -36.41 -60.77
CA LYS G 259 -47.33 -35.91 -60.81
C LYS G 259 -47.74 -35.19 -59.54
N ILE G 260 -46.99 -35.35 -58.45
CA ILE G 260 -47.34 -34.73 -57.17
C ILE G 260 -46.93 -33.27 -57.19
N ARG G 261 -47.77 -32.42 -56.59
CA ARG G 261 -47.51 -30.99 -56.58
C ARG G 261 -46.39 -30.65 -55.60
N ASP G 262 -45.59 -29.65 -55.97
CA ASP G 262 -44.40 -29.30 -55.20
C ASP G 262 -44.70 -28.10 -54.31
N SER G 263 -45.53 -28.35 -53.30
CA SER G 263 -45.88 -27.33 -52.30
C SER G 263 -45.89 -28.00 -50.94
N ALA G 264 -44.98 -27.57 -50.06
CA ALA G 264 -44.84 -28.18 -48.75
C ALA G 264 -45.73 -27.49 -47.70
N GLY G 265 -45.50 -26.20 -47.48
CA GLY G 265 -46.31 -25.46 -46.53
C GLY G 265 -45.51 -24.48 -45.68
N GLN G 266 -46.09 -23.31 -45.43
CA GLN G 266 -45.47 -22.28 -44.61
C GLN G 266 -46.10 -22.19 -43.22
N LYS G 267 -46.54 -23.33 -42.67
CA LYS G 267 -47.20 -23.35 -41.37
C LYS G 267 -46.98 -24.72 -40.75
N GLY G 268 -45.97 -24.83 -39.89
CA GLY G 268 -45.66 -26.09 -39.23
C GLY G 268 -44.77 -25.86 -38.04
N THR G 269 -44.46 -26.96 -37.34
CA THR G 269 -43.61 -26.89 -36.16
C THR G 269 -42.14 -26.61 -36.49
N GLY G 270 -41.77 -26.60 -37.77
CA GLY G 270 -40.40 -26.28 -38.13
C GLY G 270 -40.03 -24.84 -37.84
N LYS G 271 -41.02 -23.94 -37.82
CA LYS G 271 -40.74 -22.54 -37.55
C LYS G 271 -40.23 -22.35 -36.12
N TRP G 272 -40.83 -23.06 -35.16
CA TRP G 272 -40.49 -22.82 -33.76
C TRP G 272 -39.04 -23.19 -33.46
N THR G 273 -38.48 -24.15 -34.18
CA THR G 273 -37.09 -24.51 -33.95
C THR G 273 -36.15 -23.44 -34.49
N ALA G 274 -36.52 -22.80 -35.61
CA ALA G 274 -35.72 -21.71 -36.13
C ALA G 274 -35.99 -20.40 -35.40
N ILE G 275 -37.22 -20.21 -34.90
CA ILE G 275 -37.53 -19.04 -34.09
C ILE G 275 -36.77 -19.09 -32.77
N SER G 276 -36.76 -20.27 -32.13
CA SER G 276 -36.02 -20.41 -30.87
C SER G 276 -34.52 -20.21 -31.07
N ALA G 277 -34.01 -20.58 -32.25
CA ALA G 277 -32.60 -20.33 -32.55
C ALA G 277 -32.32 -18.84 -32.63
N LEU G 278 -33.22 -18.07 -33.25
CA LEU G 278 -33.06 -16.63 -33.32
C LEU G 278 -33.26 -15.97 -31.97
N GLU G 279 -34.14 -16.52 -31.13
CA GLU G 279 -34.39 -15.94 -29.82
C GLU G 279 -33.15 -16.03 -28.93
N TYR G 280 -32.48 -17.18 -28.93
CA TYR G 280 -31.35 -17.43 -28.04
C TYR G 280 -30.00 -17.25 -28.73
N GLY G 281 -29.99 -16.89 -30.01
CA GLY G 281 -28.76 -16.59 -30.72
C GLY G 281 -27.89 -17.79 -31.00
N VAL G 282 -28.46 -18.83 -31.61
CA VAL G 282 -27.73 -20.03 -32.01
C VAL G 282 -27.68 -20.06 -33.53
N PRO G 283 -26.51 -20.24 -34.14
CA PRO G 283 -26.44 -20.23 -35.60
C PRO G 283 -26.99 -21.50 -36.24
N VAL G 284 -28.23 -21.85 -35.93
CA VAL G 284 -28.87 -23.00 -36.56
C VAL G 284 -29.35 -22.57 -37.94
N THR G 285 -28.40 -22.44 -38.87
CA THR G 285 -28.70 -21.90 -40.18
C THR G 285 -29.33 -22.94 -41.11
N LEU G 286 -29.05 -24.22 -40.88
CA LEU G 286 -29.52 -25.25 -41.79
C LEU G 286 -31.04 -25.34 -41.78
N ILE G 287 -31.64 -25.58 -40.61
CA ILE G 287 -33.08 -25.73 -40.54
C ILE G 287 -33.77 -24.42 -40.89
N GLY G 288 -33.11 -23.28 -40.67
CA GLY G 288 -33.70 -22.01 -41.07
C GLY G 288 -33.88 -21.93 -42.57
N GLU G 289 -32.96 -22.51 -43.33
CA GLU G 289 -33.11 -22.59 -44.78
C GLU G 289 -34.20 -23.58 -45.16
N ALA G 290 -34.29 -24.69 -44.43
CA ALA G 290 -35.29 -25.71 -44.73
C ALA G 290 -36.71 -25.18 -44.49
N VAL G 291 -36.92 -24.44 -43.40
CA VAL G 291 -38.22 -23.85 -43.16
C VAL G 291 -38.53 -22.80 -44.22
N PHE G 292 -37.56 -21.96 -44.54
CA PHE G 292 -37.73 -20.99 -45.62
C PHE G 292 -37.85 -21.65 -46.97
N ALA G 293 -37.31 -22.87 -47.14
CA ALA G 293 -37.45 -23.59 -48.40
C ALA G 293 -38.90 -24.04 -48.61
N ARG G 294 -39.53 -24.56 -47.55
CA ARG G 294 -40.94 -24.93 -47.66
C ARG G 294 -41.83 -23.71 -47.88
N CYS G 295 -41.47 -22.58 -47.28
CA CYS G 295 -42.23 -21.36 -47.51
C CYS G 295 -42.11 -20.91 -48.96
N LEU G 296 -40.92 -21.06 -49.56
CA LEU G 296 -40.74 -20.69 -50.95
C LEU G 296 -41.53 -21.62 -51.88
N SER G 297 -41.65 -22.90 -51.51
CA SER G 297 -42.40 -23.83 -52.33
C SER G 297 -43.89 -23.55 -52.29
N SER G 298 -44.38 -22.98 -51.19
CA SER G 298 -45.80 -22.62 -51.11
C SER G 298 -46.19 -21.53 -52.09
N LEU G 299 -45.22 -20.74 -52.56
CA LEU G 299 -45.47 -19.74 -53.59
C LEU G 299 -45.47 -20.39 -54.99
N LYS G 300 -46.30 -21.42 -55.18
CA LYS G 300 -46.29 -22.18 -56.41
C LYS G 300 -46.63 -21.31 -57.61
N ASP G 301 -47.79 -20.64 -57.56
CA ASP G 301 -48.19 -19.79 -58.68
C ASP G 301 -47.23 -18.61 -58.85
N GLU G 302 -46.73 -18.07 -57.74
CA GLU G 302 -45.78 -16.96 -57.84
C GLU G 302 -44.46 -17.41 -58.45
N ARG G 303 -44.10 -18.69 -58.27
CA ARG G 303 -42.90 -19.21 -58.92
C ARG G 303 -43.14 -19.57 -60.37
N ILE G 304 -44.38 -19.88 -60.74
CA ILE G 304 -44.71 -20.14 -62.14
C ILE G 304 -44.56 -18.88 -62.97
N GLN G 305 -45.02 -17.74 -62.43
CA GLN G 305 -44.86 -16.47 -63.13
C GLN G 305 -43.40 -16.05 -63.21
N ALA G 306 -42.58 -16.46 -62.23
CA ALA G 306 -41.16 -16.11 -62.25
C ALA G 306 -40.39 -16.93 -63.27
N SER G 307 -40.75 -18.20 -63.44
CA SER G 307 -40.09 -19.03 -64.44
C SER G 307 -40.28 -18.50 -65.85
N LYS G 308 -41.31 -17.67 -66.06
CA LYS G 308 -41.58 -17.04 -67.34
C LYS G 308 -40.81 -15.74 -67.54
N LYS G 309 -40.71 -14.92 -66.49
CA LYS G 309 -40.03 -13.64 -66.58
C LYS G 309 -38.55 -13.73 -66.27
N LEU G 310 -38.14 -14.63 -65.38
CA LEU G 310 -36.77 -14.71 -64.90
C LEU G 310 -36.04 -15.86 -65.59
N LYS G 311 -34.77 -15.61 -65.93
CA LYS G 311 -33.94 -16.59 -66.63
C LYS G 311 -32.82 -17.08 -65.71
N GLY G 312 -32.26 -18.23 -66.06
CA GLY G 312 -31.16 -18.81 -65.33
C GLY G 312 -29.87 -18.76 -66.12
N PRO G 313 -28.94 -19.65 -65.79
CA PRO G 313 -27.66 -19.67 -66.52
C PRO G 313 -27.82 -20.26 -67.92
N GLN G 314 -27.13 -19.65 -68.88
CA GLN G 314 -27.20 -20.09 -70.28
C GLN G 314 -26.11 -21.09 -70.60
N LYS G 315 -24.87 -20.62 -70.70
CA LYS G 315 -23.75 -21.47 -71.09
C LYS G 315 -23.36 -22.44 -69.98
N PHE G 316 -23.94 -23.65 -70.02
CA PHE G 316 -23.55 -24.69 -69.05
C PHE G 316 -23.84 -26.05 -69.65
N GLN G 317 -22.81 -26.87 -69.81
CA GLN G 317 -22.96 -28.28 -70.07
C GLN G 317 -22.07 -29.05 -69.11
N PHE G 318 -22.59 -30.13 -68.54
CA PHE G 318 -21.85 -30.89 -67.54
C PHE G 318 -20.88 -31.85 -68.23
N ASP G 319 -19.60 -31.62 -68.01
CA ASP G 319 -18.54 -32.51 -68.49
C ASP G 319 -17.86 -33.16 -67.29
N GLY G 320 -17.76 -34.48 -67.33
CA GLY G 320 -17.14 -35.25 -66.27
C GLY G 320 -17.87 -36.55 -66.06
N ASP G 321 -17.20 -37.47 -65.35
CA ASP G 321 -17.79 -38.78 -65.09
C ASP G 321 -18.87 -38.67 -64.01
N LYS G 322 -20.05 -39.23 -64.31
CA LYS G 322 -21.13 -39.20 -63.33
C LYS G 322 -20.79 -40.01 -62.09
N LYS G 323 -19.98 -41.07 -62.24
CA LYS G 323 -19.66 -41.93 -61.10
C LYS G 323 -18.93 -41.17 -60.01
N SER G 324 -18.03 -40.25 -60.40
CA SER G 324 -17.30 -39.49 -59.40
C SER G 324 -18.10 -38.31 -58.87
N PHE G 325 -18.96 -37.71 -59.70
CA PHE G 325 -19.77 -36.59 -59.24
C PHE G 325 -20.98 -37.07 -58.43
N LEU G 326 -21.57 -38.20 -58.83
CA LEU G 326 -22.62 -38.81 -58.01
C LEU G 326 -22.07 -39.18 -56.64
N GLU G 327 -20.78 -39.52 -56.56
CA GLU G 327 -20.14 -39.69 -55.25
C GLU G 327 -19.96 -38.35 -54.56
N ASP G 328 -19.62 -37.30 -55.31
CA ASP G 328 -19.43 -35.99 -54.71
C ASP G 328 -20.72 -35.47 -54.09
N ILE G 329 -21.86 -35.72 -54.74
CA ILE G 329 -23.15 -35.33 -54.18
C ILE G 329 -23.39 -36.07 -52.87
N ARG G 330 -22.95 -37.33 -52.78
CA ARG G 330 -23.14 -38.10 -51.55
C ARG G 330 -22.26 -37.57 -50.43
N LYS G 331 -21.01 -37.22 -50.73
CA LYS G 331 -20.12 -36.68 -49.71
C LYS G 331 -20.62 -35.33 -49.21
N ALA G 332 -21.27 -34.55 -50.08
CA ALA G 332 -21.83 -33.27 -49.65
C ALA G 332 -23.05 -33.49 -48.75
N LEU G 333 -23.89 -34.46 -49.08
CA LEU G 333 -25.04 -34.77 -48.24
C LEU G 333 -24.61 -35.29 -46.87
N TYR G 334 -23.58 -36.14 -46.83
CA TYR G 334 -23.12 -36.68 -45.56
C TYR G 334 -22.50 -35.59 -44.69
N ALA G 335 -21.69 -34.71 -45.29
CA ALA G 335 -21.07 -33.65 -44.51
C ALA G 335 -22.08 -32.59 -44.09
N SER G 336 -23.01 -32.23 -44.98
CA SER G 336 -24.00 -31.23 -44.63
C SER G 336 -24.92 -31.71 -43.53
N LYS G 337 -25.24 -33.01 -43.51
CA LYS G 337 -26.05 -33.56 -42.43
C LYS G 337 -25.31 -33.51 -41.10
N ILE G 338 -23.97 -33.59 -41.13
CA ILE G 338 -23.19 -33.48 -39.91
C ILE G 338 -23.24 -32.05 -39.37
N ILE G 339 -23.08 -31.06 -40.25
CA ILE G 339 -23.16 -29.66 -39.82
C ILE G 339 -24.55 -29.34 -39.32
N SER G 340 -25.58 -29.93 -39.94
CA SER G 340 -26.95 -29.70 -39.49
C SER G 340 -27.16 -30.19 -38.06
N TYR G 341 -26.80 -31.45 -37.79
CA TYR G 341 -26.94 -31.99 -36.44
C TYR G 341 -26.03 -31.27 -35.45
N ALA G 342 -24.87 -30.78 -35.93
CA ALA G 342 -24.03 -29.96 -35.06
C ALA G 342 -24.77 -28.71 -34.61
N GLN G 343 -25.47 -28.05 -35.53
CA GLN G 343 -26.28 -26.88 -35.15
C GLN G 343 -27.47 -27.27 -34.29
N GLY G 344 -27.99 -28.49 -34.46
CA GLY G 344 -29.13 -28.91 -33.69
C GLY G 344 -28.80 -29.05 -32.21
N PHE G 345 -27.69 -29.72 -31.90
CA PHE G 345 -27.28 -29.87 -30.51
C PHE G 345 -26.73 -28.57 -29.92
N MET G 346 -26.26 -27.65 -30.77
CA MET G 346 -25.89 -26.33 -30.27
C MET G 346 -27.09 -25.58 -29.72
N LEU G 347 -28.25 -25.75 -30.36
CA LEU G 347 -29.47 -25.12 -29.86
C LEU G 347 -29.95 -25.78 -28.58
N LEU G 348 -29.76 -27.10 -28.46
CA LEU G 348 -30.16 -27.80 -27.24
C LEU G 348 -29.35 -27.33 -26.04
N ARG G 349 -28.04 -27.15 -26.24
CA ARG G 349 -27.18 -26.72 -25.12
C ARG G 349 -27.46 -25.27 -24.75
N GLN G 350 -27.61 -24.39 -25.74
CA GLN G 350 -27.86 -22.98 -25.45
C GLN G 350 -29.17 -22.79 -24.70
N ALA G 351 -30.17 -23.62 -24.99
CA ALA G 351 -31.42 -23.54 -24.26
C ALA G 351 -31.25 -23.95 -22.80
N ALA G 352 -30.47 -24.99 -22.55
CA ALA G 352 -30.18 -25.39 -21.17
C ALA G 352 -29.42 -24.29 -20.43
N THR G 353 -28.58 -23.54 -21.14
CA THR G 353 -27.88 -22.41 -20.51
C THR G 353 -28.84 -21.26 -20.24
N GLU G 354 -29.72 -20.96 -21.19
CA GLU G 354 -30.69 -19.88 -21.00
C GLU G 354 -31.63 -20.19 -19.85
N PHE G 355 -32.09 -21.44 -19.75
CA PHE G 355 -32.94 -21.86 -18.64
C PHE G 355 -32.09 -22.44 -17.52
N GLY G 356 -32.33 -23.70 -17.18
CA GLY G 356 -31.56 -24.36 -16.14
C GLY G 356 -31.61 -25.87 -16.28
N TRP G 357 -32.17 -26.35 -17.39
CA TRP G 357 -32.32 -27.78 -17.60
C TRP G 357 -30.96 -28.46 -17.71
N THR G 358 -30.93 -29.74 -17.33
CA THR G 358 -29.76 -30.58 -17.51
C THR G 358 -30.12 -31.69 -18.48
N LEU G 359 -29.53 -31.65 -19.67
CA LEU G 359 -29.80 -32.64 -20.70
C LEU G 359 -28.65 -33.64 -20.79
N ASN G 360 -28.97 -34.81 -21.34
CA ASN G 360 -27.99 -35.87 -21.52
C ASN G 360 -27.40 -35.91 -22.93
N TYR G 361 -28.11 -35.36 -23.92
CA TYR G 361 -27.65 -35.27 -25.29
C TYR G 361 -27.53 -36.64 -25.96
N GLY G 362 -26.81 -37.56 -25.32
CA GLY G 362 -26.65 -38.89 -25.89
C GLY G 362 -27.94 -39.69 -25.91
N GLY G 363 -28.71 -39.62 -24.83
CA GLY G 363 -30.02 -40.24 -24.83
C GLY G 363 -30.93 -39.62 -25.86
N ILE G 364 -30.85 -38.29 -26.03
CA ILE G 364 -31.64 -37.59 -27.03
C ILE G 364 -31.45 -38.22 -28.41
N ALA G 365 -30.22 -38.58 -28.74
CA ALA G 365 -29.94 -39.21 -30.02
C ALA G 365 -30.64 -40.55 -30.13
N LEU G 366 -30.50 -41.40 -29.12
CA LEU G 366 -31.13 -42.71 -29.15
C LEU G 366 -32.64 -42.61 -29.21
N MET G 367 -33.20 -41.56 -28.59
CA MET G 367 -34.64 -41.34 -28.64
C MET G 367 -35.11 -40.77 -29.97
N TRP G 368 -34.19 -40.24 -30.78
CA TRP G 368 -34.53 -39.78 -32.13
C TRP G 368 -34.44 -40.90 -33.17
N ARG G 369 -33.91 -42.07 -32.80
CA ARG G 369 -33.81 -43.19 -33.70
C ARG G 369 -34.66 -44.38 -33.31
N GLY G 370 -34.90 -44.58 -32.02
CA GLY G 370 -35.67 -45.73 -31.56
C GLY G 370 -37.14 -45.68 -31.89
N GLY G 371 -37.48 -45.23 -33.11
CA GLY G 371 -38.86 -45.24 -33.54
C GLY G 371 -39.33 -44.00 -34.27
N CYS G 372 -38.52 -42.95 -34.27
CA CYS G 372 -38.91 -41.69 -34.89
C CYS G 372 -38.87 -41.81 -36.40
N ILE G 373 -38.99 -40.67 -37.09
CA ILE G 373 -38.92 -40.64 -38.54
C ILE G 373 -37.49 -40.37 -39.04
N ILE G 374 -36.71 -39.61 -38.27
CA ILE G 374 -35.35 -39.27 -38.66
C ILE G 374 -34.38 -40.37 -38.24
N ARG G 375 -34.92 -41.54 -37.91
CA ARG G 375 -34.08 -42.64 -37.46
C ARG G 375 -33.12 -43.07 -38.56
N SER G 376 -31.91 -43.45 -38.14
CA SER G 376 -30.83 -43.74 -39.07
C SER G 376 -29.71 -44.42 -38.31
N VAL G 377 -28.87 -45.16 -39.05
CA VAL G 377 -27.63 -45.68 -38.47
C VAL G 377 -26.73 -44.53 -38.04
N PHE G 378 -26.97 -43.33 -38.55
CA PHE G 378 -26.27 -42.13 -38.07
C PHE G 378 -26.44 -41.92 -36.57
N LEU G 379 -27.42 -42.59 -35.95
CA LEU G 379 -27.60 -42.57 -34.51
C LEU G 379 -26.33 -42.96 -33.79
N GLY G 380 -25.94 -44.23 -33.92
CA GLY G 380 -24.78 -44.71 -33.18
C GLY G 380 -23.56 -43.85 -33.39
N LYS G 381 -23.34 -43.39 -34.63
CA LYS G 381 -22.21 -42.53 -34.90
C LYS G 381 -22.31 -41.23 -34.11
N ILE G 382 -23.51 -40.69 -33.99
CA ILE G 382 -23.74 -39.54 -33.11
C ILE G 382 -23.79 -39.98 -31.66
N LYS G 383 -24.42 -41.13 -31.39
CA LYS G 383 -24.58 -41.61 -30.02
C LYS G 383 -23.23 -41.95 -29.40
N ASP G 384 -22.36 -42.65 -30.14
CA ASP G 384 -21.06 -43.03 -29.62
C ASP G 384 -20.21 -41.81 -29.29
N ALA G 385 -20.46 -40.69 -29.98
CA ALA G 385 -19.75 -39.45 -29.64
C ALA G 385 -20.07 -39.00 -28.22
N PHE G 386 -21.27 -39.33 -27.72
CA PHE G 386 -21.61 -39.02 -26.34
C PHE G 386 -21.00 -40.03 -25.38
N ASP G 387 -21.08 -41.33 -25.71
CA ASP G 387 -20.60 -42.36 -24.79
C ASP G 387 -19.09 -42.23 -24.55
N ARG G 388 -18.34 -41.76 -25.56
CA ARG G 388 -16.92 -41.53 -25.35
C ARG G 388 -16.65 -40.22 -24.63
N ASN G 389 -17.51 -39.21 -24.80
CA ASN G 389 -17.34 -37.94 -24.11
C ASN G 389 -18.69 -37.24 -24.00
N PRO G 390 -19.39 -37.40 -22.86
CA PRO G 390 -20.70 -36.75 -22.71
C PRO G 390 -20.64 -35.23 -22.70
N GLU G 391 -19.46 -34.65 -22.46
CA GLU G 391 -19.31 -33.20 -22.37
C GLU G 391 -18.48 -32.73 -23.57
N LEU G 392 -19.14 -32.07 -24.52
CA LEU G 392 -18.46 -31.54 -25.71
C LEU G 392 -19.31 -30.43 -26.28
N GLN G 393 -18.72 -29.25 -26.46
CA GLN G 393 -19.48 -28.06 -26.82
C GLN G 393 -19.88 -28.01 -28.29
N ASN G 394 -19.50 -29.00 -29.09
CA ASN G 394 -19.89 -29.02 -30.50
C ASN G 394 -19.60 -30.40 -31.08
N LEU G 395 -20.46 -30.83 -32.01
CA LEU G 395 -20.28 -32.12 -32.66
C LEU G 395 -19.11 -32.14 -33.62
N LEU G 396 -18.67 -30.98 -34.12
CA LEU G 396 -17.58 -30.89 -35.08
C LEU G 396 -16.21 -31.06 -34.44
N LEU G 397 -16.14 -31.45 -33.17
CA LEU G 397 -14.87 -31.65 -32.48
C LEU G 397 -14.65 -33.10 -32.07
N ASP G 398 -15.52 -34.02 -32.50
CA ASP G 398 -15.33 -35.44 -32.26
C ASP G 398 -14.43 -36.02 -33.35
N ASP G 399 -13.50 -36.89 -32.94
CA ASP G 399 -12.54 -37.45 -33.89
C ASP G 399 -13.24 -38.19 -35.03
N PHE G 400 -14.40 -38.77 -34.78
CA PHE G 400 -15.14 -39.44 -35.84
C PHE G 400 -15.65 -38.42 -36.87
N PHE G 401 -16.45 -37.46 -36.41
CA PHE G 401 -17.08 -36.53 -37.35
C PHE G 401 -16.06 -35.60 -37.98
N LYS G 402 -15.09 -35.12 -37.20
CA LYS G 402 -14.07 -34.23 -37.75
C LYS G 402 -13.28 -34.93 -38.85
N SER G 403 -12.97 -36.21 -38.67
CA SER G 403 -12.27 -36.96 -39.71
C SER G 403 -13.22 -37.40 -40.83
N ALA G 404 -14.48 -37.70 -40.50
CA ALA G 404 -15.44 -38.06 -41.54
C ALA G 404 -15.78 -36.87 -42.42
N VAL G 405 -15.91 -35.68 -41.82
CA VAL G 405 -16.10 -34.47 -42.60
C VAL G 405 -14.88 -34.20 -43.46
N GLU G 406 -13.69 -34.45 -42.92
CA GLU G 406 -12.46 -34.21 -43.67
C GLU G 406 -12.39 -35.08 -44.92
N ASN G 407 -12.84 -36.33 -44.81
CA ASN G 407 -12.85 -37.22 -45.97
C ASN G 407 -13.91 -36.82 -46.99
N CYS G 408 -14.88 -35.98 -46.60
CA CYS G 408 -15.91 -35.48 -47.50
C CYS G 408 -15.70 -34.03 -47.90
N GLN G 409 -14.57 -33.42 -47.52
CA GLN G 409 -14.42 -31.97 -47.70
C GLN G 409 -14.22 -31.60 -49.16
N ASP G 410 -13.39 -32.35 -49.88
CA ASP G 410 -13.11 -32.02 -51.27
C ASP G 410 -14.36 -32.14 -52.14
N SER G 411 -15.06 -33.27 -52.05
CA SER G 411 -16.23 -33.49 -52.87
C SER G 411 -17.38 -32.55 -52.48
N TRP G 412 -17.39 -32.08 -51.23
CA TRP G 412 -18.44 -31.17 -50.80
C TRP G 412 -18.40 -29.87 -51.60
N ARG G 413 -17.21 -29.31 -51.80
CA ARG G 413 -17.08 -28.05 -52.52
C ARG G 413 -17.25 -28.21 -54.02
N ARG G 414 -16.90 -29.38 -54.57
CA ARG G 414 -17.10 -29.60 -55.99
C ARG G 414 -18.58 -29.65 -56.34
N ALA G 415 -19.38 -30.35 -55.53
CA ALA G 415 -20.81 -30.45 -55.80
C ALA G 415 -21.51 -29.11 -55.66
N VAL G 416 -21.07 -28.29 -54.71
CA VAL G 416 -21.69 -26.98 -54.50
C VAL G 416 -21.37 -26.05 -55.66
N SER G 417 -20.12 -26.07 -56.14
CA SER G 417 -19.74 -25.18 -57.24
C SER G 417 -20.47 -25.54 -58.53
N THR G 418 -20.56 -26.83 -58.85
CA THR G 418 -21.21 -27.26 -60.08
C THR G 418 -22.71 -26.93 -60.05
N GLY G 419 -23.37 -27.18 -58.93
CA GLY G 419 -24.77 -26.82 -58.81
C GLY G 419 -25.00 -25.33 -58.90
N VAL G 420 -24.05 -24.53 -58.41
CA VAL G 420 -24.14 -23.08 -58.55
C VAL G 420 -24.01 -22.68 -60.02
N GLN G 421 -23.03 -23.26 -60.73
CA GLN G 421 -22.88 -22.98 -62.14
C GLN G 421 -24.08 -23.49 -62.94
N ALA G 422 -24.73 -24.55 -62.46
CA ALA G 422 -25.91 -25.07 -63.13
C ALA G 422 -27.18 -24.31 -62.76
N GLY G 423 -27.15 -23.55 -61.66
CA GLY G 423 -28.34 -22.84 -61.21
C GLY G 423 -29.30 -23.68 -60.41
N ILE G 424 -28.80 -24.71 -59.74
CA ILE G 424 -29.63 -25.60 -58.93
C ILE G 424 -29.72 -25.04 -57.51
N PRO G 425 -30.91 -24.82 -56.96
CA PRO G 425 -31.02 -24.25 -55.62
C PRO G 425 -30.55 -25.26 -54.56
N MET G 426 -29.52 -24.89 -53.83
CA MET G 426 -28.98 -25.70 -52.73
C MET G 426 -28.86 -24.83 -51.48
N PRO G 427 -29.99 -24.41 -50.90
CA PRO G 427 -29.90 -23.56 -49.70
C PRO G 427 -29.22 -24.24 -48.53
N CYS G 428 -29.50 -25.54 -48.33
CA CYS G 428 -28.92 -26.25 -47.20
C CYS G 428 -27.46 -26.63 -47.46
N PHE G 429 -27.14 -27.04 -48.69
CA PHE G 429 -25.74 -27.35 -49.02
C PHE G 429 -24.86 -26.11 -48.87
N THR G 430 -25.35 -24.96 -49.32
CA THR G 430 -24.54 -23.76 -49.30
C THR G 430 -24.38 -23.21 -47.88
N THR G 431 -25.46 -23.22 -47.09
CA THR G 431 -25.39 -22.71 -45.74
C THR G 431 -24.66 -23.66 -44.79
N ALA G 432 -24.63 -24.97 -45.10
CA ALA G 432 -23.84 -25.89 -44.29
C ALA G 432 -22.36 -25.74 -44.55
N LEU G 433 -21.97 -25.40 -45.78
CA LEU G 433 -20.58 -25.15 -46.09
C LEU G 433 -20.13 -23.78 -45.60
N SER G 434 -21.01 -22.78 -45.71
CA SER G 434 -20.68 -21.45 -45.21
C SER G 434 -20.53 -21.45 -43.69
N PHE G 435 -21.33 -22.25 -43.00
CA PHE G 435 -21.21 -22.34 -41.55
C PHE G 435 -19.94 -23.08 -41.15
N TYR G 436 -19.55 -24.09 -41.92
CA TYR G 436 -18.32 -24.82 -41.62
C TYR G 436 -17.10 -23.93 -41.83
N ASP G 437 -17.05 -23.18 -42.93
CA ASP G 437 -15.94 -22.26 -43.16
C ASP G 437 -15.92 -21.12 -42.17
N GLY G 438 -17.06 -20.78 -41.56
CA GLY G 438 -17.11 -19.76 -40.54
C GLY G 438 -16.66 -20.28 -39.19
N TYR G 439 -17.04 -21.51 -38.86
CA TYR G 439 -16.69 -22.14 -37.59
C TYR G 439 -15.22 -22.54 -37.49
N ARG G 440 -14.40 -22.24 -38.50
CA ARG G 440 -12.99 -22.60 -38.47
C ARG G 440 -12.05 -21.42 -38.63
N HIS G 441 -12.55 -20.23 -38.94
CA HIS G 441 -11.70 -19.06 -39.12
C HIS G 441 -11.50 -18.33 -37.80
N GLU G 442 -10.23 -18.13 -37.43
CA GLU G 442 -9.93 -17.34 -36.24
C GLU G 442 -10.26 -15.86 -36.45
N MET G 443 -10.14 -15.38 -37.68
CA MET G 443 -10.43 -13.99 -38.01
C MET G 443 -11.53 -13.94 -39.06
N LEU G 444 -12.66 -13.37 -38.69
CA LEU G 444 -13.80 -13.18 -39.57
C LEU G 444 -13.99 -11.70 -39.88
N PRO G 445 -14.74 -11.36 -40.93
CA PRO G 445 -14.97 -9.94 -41.23
C PRO G 445 -15.92 -9.26 -40.25
N ALA G 446 -16.15 -9.89 -39.09
CA ALA G 446 -16.98 -9.26 -38.07
C ALA G 446 -16.31 -8.05 -37.45
N SER G 447 -14.98 -7.96 -37.51
CA SER G 447 -14.29 -6.75 -37.08
C SER G 447 -14.71 -5.55 -37.93
N LEU G 448 -15.03 -5.79 -39.21
CA LEU G 448 -15.61 -4.74 -40.05
C LEU G 448 -16.94 -4.27 -39.47
N ILE G 449 -17.77 -5.21 -39.00
CA ILE G 449 -19.08 -4.85 -38.46
C ILE G 449 -18.93 -4.08 -37.16
N GLN G 450 -18.00 -4.51 -36.29
CA GLN G 450 -17.82 -3.80 -35.02
C GLN G 450 -17.18 -2.43 -35.23
N ALA G 451 -16.30 -2.31 -36.22
CA ALA G 451 -15.76 -0.99 -36.54
C ALA G 451 -16.84 -0.08 -37.12
N GLN G 452 -17.74 -0.64 -37.94
CA GLN G 452 -18.84 0.15 -38.47
C GLN G 452 -19.76 0.63 -37.36
N ARG G 453 -20.05 -0.24 -36.39
CA ARG G 453 -20.92 0.16 -35.29
C ARG G 453 -20.21 1.13 -34.34
N ASP G 454 -18.91 0.95 -34.13
CA ASP G 454 -18.17 1.86 -33.27
C ASP G 454 -17.96 3.21 -33.95
N TYR G 455 -17.59 3.19 -35.24
CA TYR G 455 -17.54 4.40 -36.03
C TYR G 455 -18.91 5.09 -36.07
N PHE G 456 -19.99 4.35 -35.85
CA PHE G 456 -21.34 4.89 -35.87
C PHE G 456 -21.64 5.67 -34.61
N GLY G 457 -22.60 5.18 -33.80
CA GLY G 457 -22.96 5.84 -32.56
C GLY G 457 -21.85 5.82 -31.54
N ALA G 458 -21.54 4.63 -31.02
CA ALA G 458 -20.46 4.45 -30.07
C ALA G 458 -20.02 3.00 -30.06
N HIS G 459 -20.95 2.10 -29.73
CA HIS G 459 -20.82 0.64 -29.84
C HIS G 459 -19.39 0.16 -29.66
N THR G 460 -18.92 0.11 -28.42
CA THR G 460 -17.52 -0.12 -28.14
C THR G 460 -17.05 -1.45 -28.71
N TYR G 461 -15.94 -1.43 -29.43
CA TYR G 461 -15.32 -2.64 -29.95
C TYR G 461 -14.27 -3.15 -28.99
N GLU G 462 -14.02 -4.46 -29.07
CA GLU G 462 -13.00 -5.10 -28.26
C GLU G 462 -11.75 -5.31 -29.10
N LEU G 463 -10.78 -6.06 -28.57
CA LEU G 463 -9.58 -6.41 -29.30
C LEU G 463 -9.28 -7.89 -29.06
N LEU G 464 -8.41 -8.44 -29.92
CA LEU G 464 -8.08 -9.86 -29.83
C LEU G 464 -7.44 -10.21 -28.49
N ALA G 465 -6.64 -9.29 -27.93
CA ALA G 465 -5.88 -9.56 -26.72
C ALA G 465 -6.51 -8.92 -25.48
N LYS G 466 -7.78 -8.55 -25.56
CA LYS G 466 -8.48 -7.94 -24.41
C LYS G 466 -9.97 -8.12 -24.59
N PRO G 467 -10.49 -9.32 -24.31
CA PRO G 467 -11.93 -9.56 -24.44
C PRO G 467 -12.75 -8.92 -23.32
N GLY G 468 -12.22 -7.84 -22.73
CA GLY G 468 -12.94 -7.16 -21.66
C GLY G 468 -12.73 -5.66 -21.66
N GLN G 469 -11.83 -5.18 -22.51
CA GLN G 469 -11.53 -3.76 -22.62
C GLN G 469 -12.33 -3.18 -23.78
N PHE G 470 -13.22 -2.24 -23.48
CA PHE G 470 -14.11 -1.64 -24.47
C PHE G 470 -13.61 -0.24 -24.82
N ILE G 471 -13.45 0.01 -26.12
CA ILE G 471 -12.83 1.23 -26.62
C ILE G 471 -13.76 1.91 -27.63
N HIS G 472 -13.65 3.23 -27.71
CA HIS G 472 -14.37 4.02 -28.70
C HIS G 472 -13.35 4.82 -29.53
N THR G 473 -13.58 4.88 -30.83
CA THR G 473 -12.71 5.63 -31.74
C THR G 473 -13.48 6.71 -32.48
N ALA H 8 -52.21 27.97 -25.71
CA ALA H 8 -52.57 28.26 -27.09
C ALA H 8 -51.38 28.86 -27.85
N GLN H 9 -50.16 28.62 -27.33
CA GLN H 9 -48.96 29.16 -27.93
C GLN H 9 -48.06 28.11 -28.58
N ALA H 10 -48.19 26.84 -28.20
CA ALA H 10 -47.33 25.79 -28.70
C ALA H 10 -48.01 25.06 -29.86
N ASP H 11 -47.22 24.77 -30.90
CA ASP H 11 -47.72 24.04 -32.06
C ASP H 11 -47.66 22.52 -31.85
N ILE H 12 -46.61 22.04 -31.21
CA ILE H 12 -46.41 20.61 -30.99
C ILE H 12 -45.85 20.41 -29.58
N ALA H 13 -46.10 19.23 -29.02
CA ALA H 13 -45.57 18.85 -27.72
C ALA H 13 -44.79 17.55 -27.84
N LEU H 14 -43.73 17.44 -27.05
CA LEU H 14 -42.86 16.27 -27.06
C LEU H 14 -42.62 15.83 -25.62
N ILE H 15 -43.07 14.62 -25.29
CA ILE H 15 -42.84 14.02 -23.98
C ILE H 15 -41.63 13.10 -24.07
N GLY H 16 -40.75 13.21 -23.08
CA GLY H 16 -39.54 12.40 -23.06
C GLY H 16 -38.30 13.20 -23.37
N LEU H 17 -37.61 13.65 -22.33
CA LEU H 17 -36.43 14.51 -22.48
C LEU H 17 -35.17 13.66 -22.39
N ALA H 18 -34.76 13.13 -23.54
CA ALA H 18 -33.48 12.45 -23.71
C ALA H 18 -32.71 13.16 -24.82
N VAL H 19 -31.48 12.71 -25.06
CA VAL H 19 -30.63 13.38 -26.04
C VAL H 19 -31.25 13.32 -27.43
N MET H 20 -31.98 12.25 -27.74
CA MET H 20 -32.65 12.18 -29.03
C MET H 20 -33.98 12.93 -29.00
N GLY H 21 -34.71 12.83 -27.89
CA GLY H 21 -35.97 13.56 -27.79
C GLY H 21 -35.79 15.06 -27.69
N GLN H 22 -34.73 15.50 -26.99
CA GLN H 22 -34.48 16.93 -26.86
C GLN H 22 -33.96 17.52 -28.16
N ASN H 23 -33.19 16.76 -28.93
CA ASN H 23 -32.67 17.28 -30.20
C ASN H 23 -33.78 17.48 -31.21
N LEU H 24 -34.79 16.60 -31.20
CA LEU H 24 -35.93 16.80 -32.10
C LEU H 24 -36.71 18.05 -31.74
N ILE H 25 -36.70 18.45 -30.46
CA ILE H 25 -37.28 19.74 -30.08
C ILE H 25 -36.43 20.87 -30.65
N LEU H 26 -35.10 20.74 -30.55
CA LEU H 26 -34.21 21.73 -31.15
C LEU H 26 -34.30 21.75 -32.67
N ASN H 27 -34.85 20.70 -33.28
CA ASN H 27 -35.10 20.73 -34.72
C ASN H 27 -36.26 21.65 -35.04
N MET H 28 -37.37 21.51 -34.31
CA MET H 28 -38.60 22.21 -34.66
C MET H 28 -38.57 23.68 -34.29
N ASN H 29 -37.80 24.08 -33.27
CA ASN H 29 -37.67 25.50 -32.97
C ASN H 29 -36.83 26.21 -34.02
N ASP H 30 -35.74 25.59 -34.45
CA ASP H 30 -34.93 26.14 -35.53
C ASP H 30 -35.68 26.15 -36.85
N HIS H 31 -36.69 25.30 -37.00
CA HIS H 31 -37.52 25.25 -38.20
C HIS H 31 -38.86 25.96 -38.00
N GLY H 32 -38.97 26.79 -36.96
CA GLY H 32 -40.13 27.65 -36.79
C GLY H 32 -41.34 26.99 -36.17
N PHE H 33 -41.18 26.43 -34.97
CA PHE H 33 -42.30 25.82 -34.25
C PHE H 33 -42.09 26.01 -32.76
N VAL H 34 -43.16 26.34 -32.06
CA VAL H 34 -43.14 26.48 -30.61
C VAL H 34 -43.45 25.12 -30.00
N VAL H 35 -42.45 24.52 -29.36
CA VAL H 35 -42.54 23.17 -28.82
C VAL H 35 -42.63 23.25 -27.30
N CYS H 36 -43.46 22.38 -26.72
CA CYS H 36 -43.64 22.29 -25.27
C CYS H 36 -42.94 21.03 -24.79
N ALA H 37 -41.77 21.19 -24.19
CA ALA H 37 -41.03 20.05 -23.66
C ALA H 37 -41.65 19.56 -22.36
N PHE H 38 -41.55 18.26 -22.13
CA PHE H 38 -42.11 17.66 -20.93
C PHE H 38 -41.42 16.33 -20.64
N ASN H 39 -41.30 16.03 -19.36
CA ASN H 39 -40.72 14.77 -18.89
C ASN H 39 -41.42 14.38 -17.60
N ARG H 40 -41.46 13.08 -17.31
CA ARG H 40 -42.15 12.63 -16.11
C ARG H 40 -41.47 13.18 -14.86
N THR H 41 -40.15 13.10 -14.79
CA THR H 41 -39.38 13.83 -13.78
C THR H 41 -39.28 15.27 -14.26
N VAL H 42 -40.06 16.16 -13.64
CA VAL H 42 -40.20 17.52 -14.14
C VAL H 42 -38.95 18.35 -13.95
N SER H 43 -37.95 17.84 -13.23
CA SER H 43 -36.71 18.59 -13.04
C SER H 43 -35.97 18.80 -14.35
N LYS H 44 -36.22 17.98 -15.37
CA LYS H 44 -35.52 18.07 -16.63
C LYS H 44 -36.11 19.10 -17.58
N VAL H 45 -37.28 19.66 -17.27
CA VAL H 45 -37.93 20.60 -18.18
C VAL H 45 -37.15 21.90 -18.25
N ASP H 46 -37.04 22.60 -17.11
CA ASP H 46 -36.33 23.88 -17.09
C ASP H 46 -34.83 23.67 -17.22
N ASP H 47 -34.30 22.56 -16.70
CA ASP H 47 -32.89 22.26 -16.86
C ASP H 47 -32.52 22.13 -18.34
N PHE H 48 -33.44 21.56 -19.13
CA PHE H 48 -33.24 21.51 -20.58
C PHE H 48 -33.52 22.85 -21.24
N LEU H 49 -34.40 23.66 -20.64
CA LEU H 49 -34.74 24.97 -21.19
C LEU H 49 -33.76 26.06 -20.79
N ALA H 50 -32.82 25.78 -19.88
CA ALA H 50 -31.85 26.76 -19.42
C ALA H 50 -30.42 26.35 -19.72
N ASN H 51 -30.22 25.36 -20.60
CA ASN H 51 -28.88 24.89 -20.94
C ASN H 51 -28.64 24.96 -22.45
N GLU H 52 -28.76 23.81 -23.12
CA GLU H 52 -28.58 23.78 -24.57
C GLU H 52 -29.75 24.40 -25.31
N ALA H 53 -30.82 24.77 -24.62
CA ALA H 53 -32.00 25.39 -25.23
C ALA H 53 -32.41 26.62 -24.44
N LYS H 54 -31.44 27.41 -23.98
CA LYS H 54 -31.72 28.66 -23.29
C LYS H 54 -31.74 29.80 -24.32
N GLY H 55 -32.90 30.44 -24.46
CA GLY H 55 -33.06 31.53 -25.39
C GLY H 55 -33.58 31.17 -26.76
N THR H 56 -34.42 30.14 -26.88
CA THR H 56 -35.04 29.76 -28.15
C THR H 56 -36.56 29.89 -28.02
N LYS H 57 -37.26 29.46 -29.06
CA LYS H 57 -38.72 29.55 -29.10
C LYS H 57 -39.40 28.42 -28.32
N VAL H 58 -38.65 27.67 -27.51
CA VAL H 58 -39.21 26.55 -26.77
C VAL H 58 -39.86 27.05 -25.49
N VAL H 59 -40.96 26.39 -25.11
CA VAL H 59 -41.62 26.67 -23.83
C VAL H 59 -41.46 25.45 -22.94
N GLY H 60 -42.28 25.35 -21.90
CA GLY H 60 -42.21 24.22 -20.99
C GLY H 60 -43.46 24.11 -20.16
N ALA H 61 -43.64 22.93 -19.57
CA ALA H 61 -44.79 22.65 -18.72
C ALA H 61 -44.34 21.80 -17.54
N GLN H 62 -45.04 21.97 -16.42
CA GLN H 62 -44.72 21.27 -15.19
C GLN H 62 -45.71 20.14 -14.88
N SER H 63 -46.63 19.86 -15.78
CA SER H 63 -47.59 18.77 -15.60
C SER H 63 -48.16 18.41 -16.96
N LEU H 64 -48.88 17.28 -16.99
CA LEU H 64 -49.50 16.85 -18.24
C LEU H 64 -50.63 17.78 -18.65
N LYS H 65 -51.47 18.19 -17.68
CA LYS H 65 -52.57 19.09 -18.00
C LYS H 65 -52.06 20.44 -18.48
N GLU H 66 -50.99 20.94 -17.86
CA GLU H 66 -50.41 22.21 -18.31
C GLU H 66 -49.85 22.09 -19.71
N MET H 67 -49.33 20.92 -20.07
CA MET H 67 -48.73 20.74 -21.39
C MET H 67 -49.79 20.77 -22.48
N VAL H 68 -50.89 20.04 -22.30
CA VAL H 68 -51.95 19.99 -23.30
C VAL H 68 -52.66 21.35 -23.40
N SER H 69 -52.70 22.11 -22.30
CA SER H 69 -53.41 23.38 -22.29
C SER H 69 -52.78 24.42 -23.21
N LYS H 70 -51.51 24.26 -23.57
CA LYS H 70 -50.80 25.23 -24.39
C LYS H 70 -50.69 24.81 -25.84
N LEU H 71 -51.40 23.75 -26.24
CA LEU H 71 -51.35 23.24 -27.61
C LEU H 71 -52.57 23.72 -28.37
N LYS H 72 -52.35 24.38 -29.51
CA LYS H 72 -53.45 24.78 -30.36
C LYS H 72 -54.10 23.57 -31.00
N LYS H 73 -55.43 23.59 -31.10
CA LYS H 73 -56.15 22.45 -31.63
C LYS H 73 -55.94 22.35 -33.14
N PRO H 74 -55.79 21.13 -33.69
CA PRO H 74 -55.84 19.85 -32.97
C PRO H 74 -54.58 19.58 -32.14
N ARG H 75 -54.77 19.06 -30.94
CA ARG H 75 -53.65 18.82 -30.04
C ARG H 75 -52.74 17.73 -30.60
N ARG H 76 -51.42 17.96 -30.47
CA ARG H 76 -50.41 17.07 -31.02
C ARG H 76 -49.35 16.83 -29.96
N ILE H 77 -49.21 15.57 -29.54
CA ILE H 77 -48.24 15.18 -28.52
C ILE H 77 -47.34 14.10 -29.12
N ILE H 78 -46.03 14.30 -29.01
CA ILE H 78 -45.05 13.35 -29.50
C ILE H 78 -44.47 12.61 -28.30
N LEU H 79 -44.55 11.28 -28.33
CA LEU H 79 -44.04 10.43 -27.25
C LEU H 79 -42.71 9.84 -27.68
N LEU H 80 -41.67 10.13 -26.91
CA LEU H 80 -40.34 9.56 -27.12
C LEU H 80 -39.79 8.99 -25.81
N VAL H 81 -40.62 8.21 -25.12
CA VAL H 81 -40.21 7.52 -23.91
C VAL H 81 -39.74 6.12 -24.28
N LYS H 82 -39.32 5.34 -23.29
CA LYS H 82 -38.87 3.98 -23.56
C LYS H 82 -40.04 3.14 -24.09
N ALA H 83 -39.76 2.34 -25.12
CA ALA H 83 -40.78 1.50 -25.71
C ALA H 83 -41.28 0.49 -24.69
N GLY H 84 -42.59 0.23 -24.74
CA GLY H 84 -43.20 -0.73 -23.85
C GLY H 84 -44.31 -0.13 -23.01
N GLN H 85 -44.28 -0.40 -21.70
CA GLN H 85 -45.32 0.09 -20.80
C GLN H 85 -45.32 1.61 -20.70
N ALA H 86 -44.13 2.22 -20.78
CA ALA H 86 -44.03 3.68 -20.60
C ALA H 86 -44.88 4.44 -21.61
N VAL H 87 -45.05 3.91 -22.81
CA VAL H 87 -45.90 4.55 -23.79
C VAL H 87 -47.37 4.40 -23.40
N ASP H 88 -47.75 3.22 -22.90
CA ASP H 88 -49.14 2.99 -22.50
C ASP H 88 -49.52 3.82 -21.27
N ASP H 89 -48.55 4.14 -20.42
CA ASP H 89 -48.84 4.92 -19.22
C ASP H 89 -49.32 6.32 -19.58
N PHE H 90 -48.55 7.02 -20.42
CA PHE H 90 -48.93 8.37 -20.81
C PHE H 90 -50.22 8.39 -21.62
N ILE H 91 -50.49 7.33 -22.38
CA ILE H 91 -51.75 7.24 -23.12
C ILE H 91 -52.92 7.21 -22.15
N GLU H 92 -52.86 6.33 -21.14
CA GLU H 92 -53.93 6.23 -20.17
C GLU H 92 -54.09 7.53 -19.39
N LYS H 93 -53.01 8.28 -19.19
CA LYS H 93 -53.10 9.57 -18.51
C LYS H 93 -53.62 10.68 -19.41
N LEU H 94 -53.38 10.58 -20.71
CA LEU H 94 -53.72 11.68 -21.61
C LEU H 94 -55.17 11.60 -22.09
N VAL H 95 -55.76 10.40 -22.14
CA VAL H 95 -57.12 10.26 -22.66
C VAL H 95 -58.11 11.14 -21.93
N PRO H 96 -58.16 11.19 -20.59
CA PRO H 96 -59.07 12.13 -19.93
C PRO H 96 -58.71 13.60 -20.14
N LEU H 97 -57.46 13.89 -20.52
CA LEU H 97 -57.02 15.26 -20.69
C LEU H 97 -57.14 15.76 -22.13
N LEU H 98 -57.46 14.88 -23.08
CA LEU H 98 -57.55 15.23 -24.48
C LEU H 98 -59.01 15.27 -24.93
N ASP H 99 -59.24 16.02 -26.00
CA ASP H 99 -60.55 16.13 -26.63
C ASP H 99 -60.61 15.23 -27.86
N THR H 100 -61.84 14.91 -28.27
CA THR H 100 -62.04 14.06 -29.43
C THR H 100 -61.53 14.76 -30.69
N GLY H 101 -60.54 14.16 -31.33
CA GLY H 101 -59.88 14.75 -32.48
C GLY H 101 -58.42 15.07 -32.28
N ASP H 102 -57.85 14.80 -31.10
CA ASP H 102 -56.46 15.10 -30.84
C ASP H 102 -55.56 14.02 -31.44
N ILE H 103 -54.24 14.22 -31.32
CA ILE H 103 -53.26 13.34 -31.96
C ILE H 103 -52.21 12.96 -30.93
N ILE H 104 -52.00 11.65 -30.78
CA ILE H 104 -50.91 11.10 -29.97
C ILE H 104 -49.95 10.40 -30.91
N ILE H 105 -48.67 10.78 -30.84
CA ILE H 105 -47.65 10.28 -31.75
C ILE H 105 -46.62 9.51 -30.93
N ASP H 106 -46.44 8.24 -31.26
CA ASP H 106 -45.45 7.38 -30.61
C ASP H 106 -44.25 7.28 -31.54
N GLY H 107 -43.18 8.00 -31.21
CA GLY H 107 -41.95 7.96 -31.97
C GLY H 107 -40.93 6.96 -31.49
N GLY H 108 -41.23 6.24 -30.42
CA GLY H 108 -40.28 5.27 -29.89
C GLY H 108 -40.15 4.03 -30.78
N ASN H 109 -39.20 3.18 -30.41
CA ASN H 109 -38.98 1.91 -31.10
C ASN H 109 -39.96 0.85 -30.60
N SER H 110 -41.24 1.15 -30.77
CA SER H 110 -42.29 0.30 -30.23
C SER H 110 -42.55 -0.90 -31.13
N GLU H 111 -43.03 -1.98 -30.51
CA GLU H 111 -43.43 -3.15 -31.27
C GLU H 111 -44.72 -2.86 -32.02
N TYR H 112 -44.77 -3.32 -33.28
CA TYR H 112 -45.89 -2.95 -34.14
C TYR H 112 -47.21 -3.53 -33.66
N ARG H 113 -47.18 -4.69 -32.99
CA ARG H 113 -48.42 -5.28 -32.50
C ARG H 113 -49.02 -4.44 -31.38
N ASP H 114 -48.18 -3.84 -30.53
CA ASP H 114 -48.68 -2.92 -29.51
C ASP H 114 -49.22 -1.65 -30.15
N THR H 115 -48.54 -1.15 -31.18
CA THR H 115 -49.02 0.05 -31.86
C THR H 115 -50.36 -0.20 -32.54
N THR H 116 -50.54 -1.40 -33.11
CA THR H 116 -51.82 -1.76 -33.69
C THR H 116 -52.91 -1.79 -32.62
N ARG H 117 -52.60 -2.35 -31.45
CA ARG H 117 -53.57 -2.40 -30.36
C ARG H 117 -53.93 -0.99 -29.89
N ARG H 118 -52.94 -0.13 -29.72
CA ARG H 118 -53.21 1.24 -29.28
C ARG H 118 -53.89 2.06 -30.37
N CYS H 119 -53.63 1.75 -31.64
CA CYS H 119 -54.23 2.51 -32.74
C CYS H 119 -55.76 2.36 -32.73
N ARG H 120 -56.24 1.12 -32.73
CA ARG H 120 -57.68 0.89 -32.73
C ARG H 120 -58.31 1.15 -31.37
N ASP H 121 -57.54 1.04 -30.28
CA ASP H 121 -58.09 1.31 -28.96
C ASP H 121 -58.38 2.79 -28.77
N LEU H 122 -57.54 3.65 -29.34
CA LEU H 122 -57.73 5.09 -29.25
C LEU H 122 -58.58 5.65 -30.38
N LYS H 123 -58.53 5.02 -31.56
CA LYS H 123 -59.35 5.46 -32.68
C LYS H 123 -60.84 5.43 -32.32
N ALA H 124 -61.26 4.43 -31.54
CA ALA H 124 -62.65 4.35 -31.12
C ALA H 124 -62.99 5.42 -30.10
N LYS H 125 -61.99 5.91 -29.35
CA LYS H 125 -62.19 6.91 -28.32
C LYS H 125 -61.99 8.34 -28.84
N GLY H 126 -62.21 8.56 -30.13
CA GLY H 126 -62.08 9.89 -30.70
C GLY H 126 -60.67 10.43 -30.76
N ILE H 127 -59.67 9.62 -30.42
CA ILE H 127 -58.28 10.04 -30.39
C ILE H 127 -57.57 9.46 -31.60
N LEU H 128 -56.81 10.29 -32.31
CA LEU H 128 -56.08 9.86 -33.49
C LEU H 128 -54.67 9.45 -33.06
N PHE H 129 -54.41 8.15 -33.03
CA PHE H 129 -53.12 7.62 -32.62
C PHE H 129 -52.24 7.36 -33.83
N VAL H 130 -50.99 7.81 -33.76
CA VAL H 130 -50.02 7.66 -34.83
C VAL H 130 -48.79 6.95 -34.28
N GLY H 131 -48.50 5.77 -34.82
CA GLY H 131 -47.28 5.07 -34.47
C GLY H 131 -46.21 5.26 -35.53
N SER H 132 -45.29 6.19 -35.27
CA SER H 132 -44.29 6.59 -36.26
C SER H 132 -42.90 6.12 -35.84
N GLY H 133 -42.19 5.50 -36.77
CA GLY H 133 -40.79 5.17 -36.55
C GLY H 133 -39.90 6.30 -37.03
N VAL H 134 -38.88 6.62 -36.22
CA VAL H 134 -37.93 7.68 -36.54
C VAL H 134 -36.53 7.13 -36.32
N SER H 135 -35.69 7.21 -37.34
CA SER H 135 -34.31 6.75 -37.28
C SER H 135 -33.40 7.80 -37.91
N GLY H 136 -32.26 8.02 -37.27
CA GLY H 136 -31.30 8.99 -37.76
C GLY H 136 -30.09 9.09 -36.86
N GLY H 137 -30.08 8.30 -35.79
CA GLY H 137 -28.99 8.35 -34.83
C GLY H 137 -29.16 9.49 -33.85
N GLU H 138 -28.04 9.87 -33.24
CA GLU H 138 -28.04 10.97 -32.27
C GLU H 138 -27.80 12.31 -32.94
N GLU H 139 -26.85 12.39 -33.87
CA GLU H 139 -26.60 13.64 -34.57
C GLU H 139 -27.69 13.93 -35.60
N GLY H 140 -28.26 12.88 -36.20
CA GLY H 140 -29.35 13.09 -37.13
C GLY H 140 -30.62 13.58 -36.46
N ALA H 141 -30.79 13.26 -35.17
CA ALA H 141 -31.93 13.77 -34.43
C ALA H 141 -31.85 15.27 -34.26
N ARG H 142 -30.64 15.84 -34.23
CA ARG H 142 -30.50 17.28 -34.10
C ARG H 142 -30.64 17.99 -35.44
N TYR H 143 -30.18 17.38 -36.53
CA TYR H 143 -30.19 18.01 -37.85
C TYR H 143 -31.28 17.44 -38.73
N GLY H 144 -31.12 16.20 -39.22
CA GLY H 144 -32.09 15.63 -40.12
C GLY H 144 -32.26 14.13 -39.97
N PRO H 145 -33.39 13.71 -39.40
CA PRO H 145 -33.69 12.28 -39.35
C PRO H 145 -34.71 11.86 -40.40
N SER H 146 -35.08 10.59 -40.41
CA SER H 146 -36.19 10.11 -41.22
C SER H 146 -37.34 9.69 -40.33
N LEU H 147 -38.55 9.91 -40.80
CA LEU H 147 -39.76 9.60 -40.05
C LEU H 147 -40.62 8.63 -40.84
N MET H 148 -41.14 7.60 -40.17
CA MET H 148 -41.94 6.55 -40.78
C MET H 148 -43.32 6.57 -40.12
N PRO H 149 -44.17 7.53 -40.50
CA PRO H 149 -45.45 7.69 -39.80
C PRO H 149 -46.50 6.71 -40.27
N GLY H 150 -47.29 6.22 -39.31
CA GLY H 150 -48.37 5.31 -39.62
C GLY H 150 -49.30 5.17 -38.43
N GLY H 151 -50.48 4.62 -38.70
CA GLY H 151 -51.44 4.39 -37.65
C GLY H 151 -52.86 4.80 -38.01
N ASN H 152 -53.18 6.08 -37.79
CA ASN H 152 -54.50 6.63 -38.11
C ASN H 152 -54.33 7.74 -39.13
N LYS H 153 -54.92 7.56 -40.31
CA LYS H 153 -54.73 8.52 -41.39
C LYS H 153 -55.39 9.86 -41.10
N GLU H 154 -56.35 9.91 -40.18
CA GLU H 154 -57.02 11.17 -39.88
C GLU H 154 -56.07 12.19 -39.28
N ALA H 155 -54.99 11.73 -38.64
CA ALA H 155 -54.00 12.61 -38.03
C ALA H 155 -52.86 12.96 -38.98
N TRP H 156 -52.86 12.43 -40.19
CA TRP H 156 -51.76 12.73 -41.12
C TRP H 156 -51.80 14.18 -41.62
N PRO H 157 -52.92 14.73 -42.09
CA PRO H 157 -52.88 16.11 -42.60
C PRO H 157 -52.46 17.16 -41.58
N HIS H 158 -52.60 16.87 -40.29
CA HIS H 158 -52.25 17.85 -39.26
C HIS H 158 -50.78 17.84 -38.92
N ILE H 159 -50.18 16.65 -38.76
CA ILE H 159 -48.76 16.54 -38.42
C ILE H 159 -47.89 16.43 -39.66
N LYS H 160 -48.47 16.47 -40.87
CA LYS H 160 -47.67 16.36 -42.08
C LYS H 160 -46.75 17.55 -42.26
N THR H 161 -47.23 18.76 -41.94
CA THR H 161 -46.43 19.96 -42.14
C THR H 161 -45.18 19.96 -41.28
N ILE H 162 -45.30 19.50 -40.02
CA ILE H 162 -44.18 19.55 -39.10
C ILE H 162 -43.20 18.41 -39.38
N PHE H 163 -43.73 17.19 -39.55
CA PHE H 163 -42.87 16.02 -39.70
C PHE H 163 -41.94 16.15 -40.90
N GLN H 164 -42.48 16.58 -42.04
CA GLN H 164 -41.68 16.63 -43.26
C GLN H 164 -40.64 17.74 -43.22
N GLY H 165 -40.90 18.81 -42.46
CA GLY H 165 -39.97 19.94 -42.45
C GLY H 165 -38.65 19.64 -41.78
N ILE H 166 -38.65 18.77 -40.77
CA ILE H 166 -37.43 18.48 -40.03
C ILE H 166 -36.59 17.43 -40.75
N ALA H 167 -37.24 16.52 -41.48
CA ALA H 167 -36.56 15.36 -42.03
C ALA H 167 -35.39 15.75 -42.93
N ALA H 168 -34.32 14.95 -42.89
CA ALA H 168 -33.19 15.16 -43.76
C ALA H 168 -33.58 14.91 -45.21
N LYS H 169 -32.67 15.27 -46.12
CA LYS H 169 -32.94 15.08 -47.54
C LYS H 169 -31.77 14.41 -48.24
N VAL H 170 -32.03 14.00 -49.47
CA VAL H 170 -31.05 13.28 -50.28
C VAL H 170 -30.53 14.14 -51.43
N GLY H 171 -31.25 15.19 -51.83
CA GLY H 171 -30.80 16.03 -52.92
C GLY H 171 -31.91 16.47 -53.86
N THR H 172 -33.05 15.80 -53.83
CA THR H 172 -34.16 16.10 -54.72
C THR H 172 -35.23 16.98 -54.09
N GLY H 173 -35.24 17.12 -52.76
CA GLY H 173 -36.20 17.95 -52.06
C GLY H 173 -37.42 17.23 -51.54
N GLU H 174 -37.79 16.10 -52.14
CA GLU H 174 -39.01 15.38 -51.76
C GLU H 174 -38.90 14.81 -50.37
N PRO H 175 -39.71 15.25 -49.40
CA PRO H 175 -39.46 14.90 -47.99
C PRO H 175 -39.43 13.39 -47.75
N CYS H 176 -38.49 12.98 -46.91
CA CYS H 176 -38.31 11.57 -46.53
C CYS H 176 -39.26 11.18 -45.39
N CYS H 177 -40.52 11.59 -45.52
CA CYS H 177 -41.52 11.31 -44.47
C CYS H 177 -42.90 11.32 -45.15
N ASP H 178 -43.33 10.15 -45.59
CA ASP H 178 -44.63 9.98 -46.21
C ASP H 178 -45.45 8.97 -45.41
N TRP H 179 -46.77 9.03 -45.58
CA TRP H 179 -47.65 8.14 -44.86
C TRP H 179 -47.41 6.69 -45.25
N VAL H 180 -47.22 5.83 -44.26
CA VAL H 180 -46.92 4.42 -44.49
C VAL H 180 -48.20 3.61 -44.57
N GLY H 181 -48.88 3.46 -43.45
CA GLY H 181 -50.08 2.66 -43.42
C GLY H 181 -50.87 2.88 -42.14
N ASP H 182 -51.76 1.94 -41.87
CA ASP H 182 -52.66 2.03 -40.73
C ASP H 182 -52.31 0.98 -39.68
N GLU H 183 -52.64 1.30 -38.43
CA GLU H 183 -52.48 0.38 -37.30
C GLU H 183 -51.01 -0.02 -37.10
N GLY H 184 -50.16 0.99 -36.98
CA GLY H 184 -48.76 0.75 -36.67
C GLY H 184 -47.96 0.08 -37.77
N ALA H 185 -48.24 0.41 -39.03
CA ALA H 185 -47.41 -0.10 -40.11
C ALA H 185 -46.04 0.55 -40.15
N GLY H 186 -45.90 1.75 -39.56
CA GLY H 186 -44.61 2.41 -39.56
C GLY H 186 -43.59 1.72 -38.68
N HIS H 187 -44.02 1.26 -37.50
CA HIS H 187 -43.12 0.51 -36.63
C HIS H 187 -42.73 -0.83 -37.24
N PHE H 188 -43.64 -1.45 -37.99
CA PHE H 188 -43.28 -2.65 -38.73
C PHE H 188 -42.22 -2.34 -39.79
N VAL H 189 -42.34 -1.18 -40.42
CA VAL H 189 -41.32 -0.74 -41.36
C VAL H 189 -40.01 -0.47 -40.65
N LYS H 190 -40.09 0.06 -39.41
CA LYS H 190 -38.87 0.30 -38.63
C LYS H 190 -38.17 -1.01 -38.31
N MET H 191 -38.93 -2.06 -38.02
CA MET H 191 -38.32 -3.37 -37.74
C MET H 191 -37.69 -3.96 -38.98
N VAL H 192 -38.41 -3.93 -40.11
CA VAL H 192 -37.86 -4.45 -41.36
C VAL H 192 -36.63 -3.64 -41.77
N HIS H 193 -36.64 -2.33 -41.51
CA HIS H 193 -35.47 -1.50 -41.79
C HIS H 193 -34.25 -2.00 -41.03
N ASN H 194 -34.42 -2.36 -39.76
CA ASN H 194 -33.31 -2.89 -38.98
C ASN H 194 -32.83 -4.25 -39.50
N GLY H 195 -33.68 -5.00 -40.19
CA GLY H 195 -33.28 -6.26 -40.76
C GLY H 195 -32.45 -6.09 -42.02
N ILE H 196 -32.87 -5.17 -42.89
CA ILE H 196 -32.10 -4.88 -44.10
C ILE H 196 -30.70 -4.40 -43.75
N GLU H 197 -30.59 -3.59 -42.69
CA GLU H 197 -29.28 -3.11 -42.26
C GLU H 197 -28.34 -4.27 -41.94
N TYR H 198 -28.86 -5.33 -41.32
CA TYR H 198 -28.04 -6.52 -41.07
C TYR H 198 -27.58 -7.14 -42.38
N GLY H 199 -28.44 -7.13 -43.39
CA GLY H 199 -28.07 -7.73 -44.67
C GLY H 199 -26.99 -6.94 -45.39
N ASP H 200 -27.19 -5.62 -45.50
CA ASP H 200 -26.22 -4.79 -46.22
C ASP H 200 -24.85 -4.85 -45.57
N MET H 201 -24.79 -4.81 -44.24
CA MET H 201 -23.50 -4.82 -43.55
C MET H 201 -22.80 -6.17 -43.72
N GLN H 202 -23.54 -7.28 -43.55
CA GLN H 202 -22.94 -8.59 -43.70
C GLN H 202 -22.51 -8.84 -45.14
N LEU H 203 -23.31 -8.38 -46.11
CA LEU H 203 -22.93 -8.50 -47.51
C LEU H 203 -21.62 -7.78 -47.79
N ILE H 204 -21.45 -6.58 -47.23
CA ILE H 204 -20.20 -5.86 -47.40
C ILE H 204 -19.06 -6.58 -46.70
N CYS H 205 -19.34 -7.22 -45.56
CA CYS H 205 -18.30 -7.96 -44.85
C CYS H 205 -17.81 -9.14 -45.67
N GLU H 206 -18.72 -9.84 -46.35
CA GLU H 206 -18.33 -10.99 -47.15
C GLU H 206 -17.52 -10.56 -48.38
N ALA H 207 -17.86 -9.41 -48.96
CA ALA H 207 -17.08 -8.90 -50.09
C ALA H 207 -15.67 -8.52 -49.64
N TYR H 208 -15.56 -7.86 -48.48
CA TYR H 208 -14.24 -7.56 -47.93
C TYR H 208 -13.47 -8.82 -47.61
N HIS H 209 -14.16 -9.87 -47.18
CA HIS H 209 -13.49 -11.13 -46.83
C HIS H 209 -12.93 -11.81 -48.07
N LEU H 210 -13.59 -11.66 -49.23
CA LEU H 210 -13.08 -12.25 -50.45
C LEU H 210 -11.79 -11.57 -50.91
N MET H 211 -11.72 -10.24 -50.77
CA MET H 211 -10.51 -9.52 -51.15
C MET H 211 -9.32 -9.90 -50.27
N LYS H 212 -9.58 -10.20 -48.99
CA LYS H 212 -8.47 -10.43 -48.05
C LYS H 212 -7.88 -11.82 -48.21
N ASP H 213 -8.70 -12.83 -48.49
CA ASP H 213 -8.27 -14.22 -48.42
C ASP H 213 -8.26 -14.94 -49.76
N VAL H 214 -8.89 -14.39 -50.79
CA VAL H 214 -8.84 -14.96 -52.13
C VAL H 214 -7.89 -14.18 -53.03
N LEU H 215 -8.06 -12.86 -53.10
CA LEU H 215 -7.19 -12.02 -53.91
C LEU H 215 -5.85 -11.73 -53.23
N GLY H 216 -5.75 -11.96 -51.93
CA GLY H 216 -4.54 -11.62 -51.21
C GLY H 216 -4.25 -10.13 -51.18
N MET H 217 -5.27 -9.30 -51.23
CA MET H 217 -5.09 -7.86 -51.26
C MET H 217 -4.61 -7.34 -49.90
N ALA H 218 -4.27 -6.06 -49.87
CA ALA H 218 -3.85 -5.37 -48.66
C ALA H 218 -4.96 -4.44 -48.19
N GLN H 219 -4.79 -3.93 -46.97
CA GLN H 219 -5.84 -3.12 -46.34
C GLN H 219 -6.09 -1.83 -47.11
N ASP H 220 -5.02 -1.17 -47.57
CA ASP H 220 -5.20 0.08 -48.31
C ASP H 220 -5.77 -0.17 -49.70
N GLU H 221 -5.51 -1.36 -50.26
CA GLU H 221 -6.03 -1.68 -51.59
C GLU H 221 -7.53 -1.89 -51.55
N MET H 222 -8.04 -2.52 -50.47
CA MET H 222 -9.47 -2.77 -50.36
C MET H 222 -10.24 -1.46 -50.16
N ALA H 223 -9.75 -0.60 -49.27
CA ALA H 223 -10.40 0.69 -49.04
C ALA H 223 -10.39 1.53 -50.30
N GLN H 224 -9.31 1.44 -51.09
CA GLN H 224 -9.29 2.14 -52.38
C GLN H 224 -10.33 1.56 -53.33
N ALA H 225 -10.53 0.25 -53.29
CA ALA H 225 -11.51 -0.39 -54.16
C ALA H 225 -12.94 0.01 -53.79
N PHE H 226 -13.20 0.26 -52.50
CA PHE H 226 -14.54 0.67 -52.09
C PHE H 226 -14.87 2.08 -52.55
N GLU H 227 -13.85 2.94 -52.70
CA GLU H 227 -14.10 4.29 -53.21
C GLU H 227 -14.59 4.24 -54.65
N ASP H 228 -14.10 3.29 -55.44
CA ASP H 228 -14.48 3.19 -56.85
C ASP H 228 -15.93 2.76 -57.00
N TRP H 229 -16.28 1.59 -56.46
CA TRP H 229 -17.66 1.10 -56.58
C TRP H 229 -18.66 1.99 -55.85
N ASN H 230 -18.20 2.90 -54.99
CA ASN H 230 -19.09 3.92 -54.44
C ASN H 230 -19.63 4.80 -55.55
N LYS H 231 -18.76 5.27 -56.45
CA LYS H 231 -19.21 6.15 -57.53
C LYS H 231 -19.83 5.39 -58.68
N THR H 232 -19.48 4.12 -58.87
CA THR H 232 -20.04 3.34 -59.97
C THR H 232 -21.33 2.65 -59.55
N GLU H 233 -22.20 2.41 -60.53
CA GLU H 233 -23.53 1.87 -60.29
C GLU H 233 -24.25 2.61 -59.19
N LEU H 234 -24.82 1.88 -58.22
CA LEU H 234 -25.66 2.47 -57.19
C LEU H 234 -25.25 1.97 -55.82
N ASP H 235 -24.56 2.82 -55.06
CA ASP H 235 -24.05 2.52 -53.72
C ASP H 235 -23.87 3.84 -52.97
N SER H 236 -24.13 3.83 -51.66
CA SER H 236 -23.98 5.03 -50.85
C SER H 236 -23.81 4.66 -49.38
N PHE H 237 -23.55 5.69 -48.57
CA PHE H 237 -23.32 5.64 -47.13
C PHE H 237 -22.53 4.44 -46.63
N LEU H 238 -23.20 3.29 -46.48
CA LEU H 238 -22.57 2.16 -45.81
C LEU H 238 -21.29 1.74 -46.50
N ILE H 239 -21.16 2.02 -47.80
CA ILE H 239 -19.88 1.82 -48.47
C ILE H 239 -19.04 3.10 -48.42
N GLU H 240 -19.68 4.27 -48.33
CA GLU H 240 -18.93 5.51 -48.10
C GLU H 240 -18.14 5.40 -46.79
N ILE H 241 -18.80 4.94 -45.74
CA ILE H 241 -18.15 4.79 -44.44
C ILE H 241 -17.18 3.61 -44.47
N THR H 242 -17.58 2.49 -45.09
CA THR H 242 -16.76 1.28 -45.07
C THR H 242 -15.36 1.56 -45.62
N ALA H 243 -15.26 2.41 -46.64
CA ALA H 243 -13.94 2.74 -47.18
C ALA H 243 -13.07 3.44 -46.14
N ASN H 244 -13.68 4.28 -45.31
CA ASN H 244 -12.91 5.06 -44.34
C ASN H 244 -12.40 4.18 -43.20
N ILE H 245 -13.19 3.18 -42.78
CA ILE H 245 -12.77 2.36 -41.66
C ILE H 245 -11.57 1.51 -42.03
N LEU H 246 -11.43 1.14 -43.30
CA LEU H 246 -10.32 0.28 -43.70
C LEU H 246 -9.02 1.05 -43.85
N LYS H 247 -9.09 2.29 -44.34
CA LYS H 247 -7.91 3.11 -44.59
C LYS H 247 -7.74 4.07 -43.42
N PHE H 248 -6.95 3.64 -42.44
CA PHE H 248 -6.61 4.48 -41.29
C PHE H 248 -5.49 3.79 -40.52
N GLN H 249 -4.86 4.55 -39.62
CA GLN H 249 -3.75 4.04 -38.82
C GLN H 249 -4.09 4.14 -37.33
N ASP H 250 -3.07 4.09 -36.47
CA ASP H 250 -3.28 4.16 -35.04
C ASP H 250 -2.16 5.00 -34.44
N THR H 251 -1.94 4.83 -33.13
CA THR H 251 -0.91 5.60 -32.43
C THR H 251 0.48 5.04 -32.71
N ASP H 252 0.61 3.73 -32.86
CA ASP H 252 1.89 3.08 -33.08
C ASP H 252 2.19 2.85 -34.56
N GLY H 253 1.40 3.42 -35.45
CA GLY H 253 1.61 3.24 -36.88
C GLY H 253 1.06 1.96 -37.45
N LYS H 254 0.51 1.08 -36.63
CA LYS H 254 -0.10 -0.16 -37.11
C LYS H 254 -1.59 0.06 -37.37
N HIS H 255 -2.15 -0.79 -38.21
CA HIS H 255 -3.55 -0.66 -38.58
C HIS H 255 -4.44 -1.13 -37.43
N LEU H 256 -5.55 -0.42 -37.23
CA LEU H 256 -6.44 -0.70 -36.11
C LEU H 256 -7.31 -1.93 -36.36
N LEU H 257 -7.56 -2.27 -37.64
CA LEU H 257 -8.52 -3.33 -37.94
C LEU H 257 -8.06 -4.72 -37.50
N PRO H 258 -6.84 -5.18 -37.83
CA PRO H 258 -6.47 -6.56 -37.48
C PRO H 258 -6.50 -6.86 -35.99
N LYS H 259 -6.64 -5.85 -35.13
CA LYS H 259 -6.68 -6.07 -33.70
C LYS H 259 -8.08 -6.14 -33.12
N ILE H 260 -9.08 -5.57 -33.80
CA ILE H 260 -10.43 -5.52 -33.26
C ILE H 260 -11.00 -6.92 -33.15
N ARG H 261 -11.63 -7.21 -32.01
CA ARG H 261 -12.23 -8.51 -31.78
C ARG H 261 -13.52 -8.67 -32.60
N ASP H 262 -13.76 -9.91 -33.04
CA ASP H 262 -14.91 -10.24 -33.89
C ASP H 262 -15.97 -10.89 -33.00
N SER H 263 -16.98 -10.10 -32.61
CA SER H 263 -18.02 -10.60 -31.73
C SER H 263 -19.32 -9.85 -32.01
N ALA H 264 -20.40 -10.35 -31.42
CA ALA H 264 -21.71 -9.73 -31.58
C ALA H 264 -22.59 -10.01 -30.36
N GLY H 265 -23.44 -11.02 -30.45
CA GLY H 265 -24.26 -11.44 -29.32
C GLY H 265 -25.75 -11.32 -29.63
N GLN H 266 -26.51 -10.93 -28.61
CA GLN H 266 -27.96 -10.83 -28.71
C GLN H 266 -28.44 -9.44 -29.14
N LYS H 267 -27.54 -8.44 -29.16
CA LYS H 267 -27.94 -7.06 -29.40
C LYS H 267 -28.52 -6.90 -30.81
N GLY H 268 -29.14 -5.74 -31.03
CA GLY H 268 -29.70 -5.39 -32.31
C GLY H 268 -31.11 -5.91 -32.50
N THR H 269 -31.80 -5.32 -33.49
CA THR H 269 -33.18 -5.67 -33.82
C THR H 269 -33.28 -6.55 -35.06
N GLY H 270 -32.14 -6.99 -35.62
CA GLY H 270 -32.16 -7.87 -36.77
C GLY H 270 -32.79 -9.22 -36.50
N LYS H 271 -32.79 -9.68 -35.25
CA LYS H 271 -33.37 -10.98 -34.94
C LYS H 271 -34.87 -10.99 -35.18
N TRP H 272 -35.57 -9.94 -34.74
CA TRP H 272 -37.02 -9.92 -34.83
C TRP H 272 -37.52 -9.78 -36.26
N THR H 273 -36.70 -9.29 -37.18
CA THR H 273 -37.12 -9.20 -38.57
C THR H 273 -37.18 -10.58 -39.22
N ALA H 274 -36.23 -11.45 -38.87
CA ALA H 274 -36.28 -12.82 -39.36
C ALA H 274 -37.33 -13.65 -38.63
N ILE H 275 -37.54 -13.38 -37.34
CA ILE H 275 -38.60 -14.08 -36.61
C ILE H 275 -39.96 -13.74 -37.21
N SER H 276 -40.16 -12.47 -37.60
CA SER H 276 -41.40 -12.07 -38.24
C SER H 276 -41.61 -12.81 -39.56
N ALA H 277 -40.52 -13.08 -40.29
CA ALA H 277 -40.63 -13.83 -41.53
C ALA H 277 -41.06 -15.27 -41.27
N LEU H 278 -40.49 -15.90 -40.24
CA LEU H 278 -40.90 -17.26 -39.89
C LEU H 278 -42.33 -17.30 -39.36
N GLU H 279 -42.76 -16.25 -38.67
CA GLU H 279 -44.13 -16.24 -38.13
C GLU H 279 -45.16 -16.13 -39.26
N TYR H 280 -44.90 -15.30 -40.26
CA TYR H 280 -45.81 -15.09 -41.36
C TYR H 280 -45.51 -15.98 -42.56
N GLY H 281 -44.46 -16.78 -42.50
CA GLY H 281 -44.16 -17.71 -43.58
C GLY H 281 -43.56 -17.07 -44.80
N VAL H 282 -42.75 -16.03 -44.63
CA VAL H 282 -42.11 -15.33 -45.75
C VAL H 282 -40.66 -15.80 -45.82
N PRO H 283 -40.17 -16.23 -46.98
CA PRO H 283 -38.77 -16.72 -47.10
C PRO H 283 -37.76 -15.59 -47.20
N VAL H 284 -37.54 -14.90 -46.08
CA VAL H 284 -36.50 -13.87 -46.01
C VAL H 284 -35.22 -14.53 -45.50
N THR H 285 -34.48 -15.19 -46.39
CA THR H 285 -33.36 -16.02 -46.00
C THR H 285 -32.09 -15.22 -45.72
N LEU H 286 -31.87 -14.13 -46.44
CA LEU H 286 -30.60 -13.42 -46.35
C LEU H 286 -30.42 -12.74 -45.00
N ILE H 287 -31.42 -11.97 -44.55
CA ILE H 287 -31.26 -11.22 -43.31
C ILE H 287 -31.18 -12.17 -42.12
N GLY H 288 -31.86 -13.32 -42.19
CA GLY H 288 -31.70 -14.33 -41.15
C GLY H 288 -30.33 -14.99 -41.20
N GLU H 289 -29.76 -15.10 -42.41
CA GLU H 289 -28.41 -15.64 -42.54
C GLU H 289 -27.37 -14.65 -42.03
N ALA H 290 -27.68 -13.35 -42.08
CA ALA H 290 -26.78 -12.35 -41.52
C ALA H 290 -26.87 -12.28 -40.00
N VAL H 291 -28.08 -12.42 -39.46
CA VAL H 291 -28.25 -12.46 -38.00
C VAL H 291 -27.54 -13.68 -37.43
N PHE H 292 -27.72 -14.84 -38.06
CA PHE H 292 -26.99 -16.03 -37.65
C PHE H 292 -25.49 -15.84 -37.78
N ALA H 293 -25.05 -15.07 -38.77
CA ALA H 293 -23.62 -14.84 -38.96
C ALA H 293 -23.03 -14.06 -37.79
N ARG H 294 -23.78 -13.07 -37.28
CA ARG H 294 -23.32 -12.37 -36.09
C ARG H 294 -23.29 -13.30 -34.88
N CYS H 295 -24.31 -14.15 -34.74
CA CYS H 295 -24.32 -15.11 -33.64
C CYS H 295 -23.17 -16.09 -33.74
N LEU H 296 -22.72 -16.40 -34.97
CA LEU H 296 -21.54 -17.23 -35.13
C LEU H 296 -20.26 -16.48 -34.80
N SER H 297 -20.22 -15.19 -35.09
CA SER H 297 -19.02 -14.41 -34.79
C SER H 297 -18.82 -14.26 -33.28
N SER H 298 -19.91 -14.19 -32.51
CA SER H 298 -19.79 -14.08 -31.06
C SER H 298 -19.12 -15.30 -30.44
N LEU H 299 -19.06 -16.42 -31.16
CA LEU H 299 -18.38 -17.62 -30.69
C LEU H 299 -16.89 -17.58 -31.02
N LYS H 300 -16.23 -16.48 -30.65
CA LYS H 300 -14.82 -16.29 -30.96
C LYS H 300 -13.97 -17.36 -30.27
N ASP H 301 -14.23 -17.62 -28.99
CA ASP H 301 -13.46 -18.63 -28.28
C ASP H 301 -13.80 -20.04 -28.76
N GLU H 302 -15.03 -20.26 -29.23
CA GLU H 302 -15.37 -21.56 -29.79
C GLU H 302 -14.65 -21.81 -31.12
N ARG H 303 -14.34 -20.74 -31.86
CA ARG H 303 -13.67 -20.90 -33.15
C ARG H 303 -12.16 -21.02 -33.01
N ILE H 304 -11.59 -20.47 -31.94
CA ILE H 304 -10.16 -20.66 -31.67
C ILE H 304 -9.87 -22.14 -31.43
N GLN H 305 -10.70 -22.78 -30.60
CA GLN H 305 -10.53 -24.20 -30.33
C GLN H 305 -10.77 -25.06 -31.58
N ALA H 306 -11.50 -24.55 -32.56
CA ALA H 306 -11.78 -25.34 -33.75
C ALA H 306 -10.69 -25.21 -34.78
N SER H 307 -9.93 -24.11 -34.76
CA SER H 307 -8.91 -23.88 -35.77
C SER H 307 -7.75 -24.86 -35.66
N LYS H 308 -7.55 -25.47 -34.49
CA LYS H 308 -6.48 -26.44 -34.32
C LYS H 308 -6.87 -27.84 -34.78
N LYS H 309 -8.16 -28.10 -34.97
CA LYS H 309 -8.65 -29.40 -35.39
C LYS H 309 -9.34 -29.40 -36.75
N LEU H 310 -10.00 -28.31 -37.13
CA LEU H 310 -10.73 -28.26 -38.40
C LEU H 310 -9.84 -27.69 -39.49
N LYS H 311 -9.82 -28.35 -40.63
CA LYS H 311 -9.04 -27.93 -41.78
C LYS H 311 -9.95 -27.47 -42.91
N GLY H 312 -9.36 -26.77 -43.88
CA GLY H 312 -10.08 -26.31 -45.05
C GLY H 312 -9.32 -26.60 -46.32
N PRO H 313 -9.63 -25.85 -47.39
CA PRO H 313 -8.91 -26.05 -48.64
C PRO H 313 -7.46 -25.61 -48.53
N GLN H 314 -6.58 -26.36 -49.16
CA GLN H 314 -5.15 -26.06 -49.13
C GLN H 314 -4.52 -25.99 -50.53
N LYS H 315 -4.99 -26.82 -51.46
CA LYS H 315 -4.44 -26.82 -52.81
C LYS H 315 -4.93 -25.64 -53.64
N PHE H 316 -5.86 -24.84 -53.10
CA PHE H 316 -6.44 -23.74 -53.85
C PHE H 316 -5.39 -22.67 -54.13
N GLN H 317 -5.20 -22.36 -55.41
CA GLN H 317 -4.36 -21.24 -55.83
C GLN H 317 -5.12 -20.43 -56.86
N PHE H 318 -5.29 -19.14 -56.59
CA PHE H 318 -6.04 -18.26 -57.48
C PHE H 318 -5.21 -17.95 -58.72
N ASP H 319 -5.71 -18.35 -59.89
CA ASP H 319 -5.01 -18.16 -61.15
C ASP H 319 -5.96 -17.52 -62.17
N GLY H 320 -6.51 -16.36 -61.80
CA GLY H 320 -7.45 -15.65 -62.65
C GLY H 320 -7.16 -14.17 -62.68
N ASP H 321 -7.97 -13.47 -63.48
CA ASP H 321 -7.84 -12.02 -63.60
C ASP H 321 -8.36 -11.35 -62.32
N LYS H 322 -7.48 -10.61 -61.65
CA LYS H 322 -7.86 -9.96 -60.39
C LYS H 322 -8.96 -8.93 -60.61
N LYS H 323 -8.77 -8.05 -61.60
CA LYS H 323 -9.73 -6.98 -61.82
C LYS H 323 -11.05 -7.50 -62.37
N SER H 324 -11.02 -8.62 -63.10
CA SER H 324 -12.28 -9.21 -63.55
C SER H 324 -13.03 -9.86 -62.40
N PHE H 325 -12.31 -10.57 -61.52
CA PHE H 325 -12.95 -11.17 -60.35
C PHE H 325 -13.46 -10.09 -59.41
N LEU H 326 -12.64 -9.05 -59.16
CA LEU H 326 -13.06 -7.98 -58.26
C LEU H 326 -14.30 -7.28 -58.77
N GLU H 327 -14.53 -7.31 -60.09
CA GLU H 327 -15.79 -6.79 -60.63
C GLU H 327 -16.93 -7.77 -60.42
N ASP H 328 -16.66 -9.08 -60.44
CA ASP H 328 -17.71 -10.05 -60.18
C ASP H 328 -18.07 -10.11 -58.71
N ILE H 329 -17.11 -9.82 -57.82
CA ILE H 329 -17.37 -9.83 -56.38
C ILE H 329 -18.42 -8.79 -56.03
N ARG H 330 -18.50 -7.71 -56.80
CA ARG H 330 -19.44 -6.62 -56.52
C ARG H 330 -20.73 -6.71 -57.30
N LYS H 331 -20.69 -7.20 -58.55
CA LYS H 331 -21.93 -7.50 -59.25
C LYS H 331 -22.71 -8.59 -58.51
N ALA H 332 -22.01 -9.52 -57.88
CA ALA H 332 -22.66 -10.46 -56.96
C ALA H 332 -23.17 -9.74 -55.73
N LEU H 333 -22.36 -8.82 -55.18
CA LEU H 333 -22.79 -8.03 -54.04
C LEU H 333 -24.03 -7.20 -54.38
N TYR H 334 -24.10 -6.68 -55.59
CA TYR H 334 -25.24 -5.85 -56.00
C TYR H 334 -26.48 -6.72 -56.21
N ALA H 335 -26.32 -7.89 -56.83
CA ALA H 335 -27.46 -8.76 -57.04
C ALA H 335 -27.95 -9.36 -55.73
N SER H 336 -27.03 -9.65 -54.80
CA SER H 336 -27.43 -10.12 -53.48
C SER H 336 -28.20 -9.03 -52.74
N LYS H 337 -27.80 -7.77 -52.91
CA LYS H 337 -28.56 -6.66 -52.34
C LYS H 337 -29.96 -6.60 -52.91
N ILE H 338 -30.14 -6.99 -54.17
CA ILE H 338 -31.47 -6.98 -54.77
C ILE H 338 -32.34 -8.07 -54.16
N ILE H 339 -31.76 -9.24 -53.89
CA ILE H 339 -32.54 -10.36 -53.37
C ILE H 339 -33.05 -10.07 -51.96
N SER H 340 -32.19 -9.48 -51.12
CA SER H 340 -32.60 -9.21 -49.74
C SER H 340 -33.72 -8.18 -49.70
N TYR H 341 -33.62 -7.11 -50.48
CA TYR H 341 -34.69 -6.12 -50.54
C TYR H 341 -35.95 -6.70 -51.15
N ALA H 342 -35.81 -7.62 -52.12
CA ALA H 342 -36.98 -8.30 -52.66
C ALA H 342 -37.69 -9.10 -51.58
N GLN H 343 -36.92 -9.84 -50.77
CA GLN H 343 -37.53 -10.59 -49.67
C GLN H 343 -38.13 -9.67 -48.63
N GLY H 344 -37.49 -8.53 -48.37
CA GLY H 344 -38.02 -7.60 -47.39
C GLY H 344 -39.37 -7.06 -47.76
N PHE H 345 -39.55 -6.67 -49.02
CA PHE H 345 -40.86 -6.18 -49.48
C PHE H 345 -41.87 -7.32 -49.58
N MET H 346 -41.42 -8.56 -49.75
CA MET H 346 -42.34 -9.69 -49.65
C MET H 346 -42.87 -9.83 -48.23
N LEU H 347 -42.03 -9.55 -47.23
CA LEU H 347 -42.49 -9.55 -45.85
C LEU H 347 -43.47 -8.42 -45.59
N LEU H 348 -43.20 -7.23 -46.15
CA LEU H 348 -44.15 -6.13 -46.06
C LEU H 348 -45.44 -6.46 -46.81
N ARG H 349 -45.32 -7.13 -47.95
CA ARG H 349 -46.50 -7.54 -48.71
C ARG H 349 -47.38 -8.49 -47.91
N GLN H 350 -46.78 -9.45 -47.23
CA GLN H 350 -47.56 -10.42 -46.46
C GLN H 350 -48.17 -9.79 -45.23
N ALA H 351 -47.47 -8.83 -44.61
CA ALA H 351 -48.05 -8.14 -43.47
C ALA H 351 -49.28 -7.34 -43.86
N ALA H 352 -49.22 -6.66 -45.01
CA ALA H 352 -50.39 -5.94 -45.50
C ALA H 352 -51.54 -6.88 -45.86
N THR H 353 -51.22 -8.11 -46.27
CA THR H 353 -52.27 -9.08 -46.59
C THR H 353 -52.88 -9.69 -45.33
N GLU H 354 -52.03 -9.99 -44.34
CA GLU H 354 -52.52 -10.58 -43.09
C GLU H 354 -53.42 -9.61 -42.34
N PHE H 355 -53.00 -8.35 -42.21
CA PHE H 355 -53.73 -7.37 -41.43
C PHE H 355 -54.73 -6.56 -42.25
N GLY H 356 -54.57 -6.52 -43.57
CA GLY H 356 -55.45 -5.72 -44.42
C GLY H 356 -54.99 -4.31 -44.65
N TRP H 357 -53.68 -4.03 -44.55
CA TRP H 357 -53.16 -2.69 -44.70
C TRP H 357 -53.01 -2.34 -46.18
N THR H 358 -52.81 -1.05 -46.43
CA THR H 358 -52.54 -0.52 -47.78
C THR H 358 -51.28 0.32 -47.67
N LEU H 359 -50.13 -0.31 -47.87
CA LEU H 359 -48.85 0.36 -47.78
C LEU H 359 -48.41 0.86 -49.14
N ASN H 360 -47.86 2.07 -49.17
CA ASN H 360 -47.17 2.57 -50.36
C ASN H 360 -45.73 2.11 -50.26
N TYR H 361 -45.33 1.21 -51.15
CA TYR H 361 -44.01 0.59 -51.05
C TYR H 361 -42.91 1.47 -51.62
N GLY H 362 -43.24 2.36 -52.56
CA GLY H 362 -42.23 3.26 -53.10
C GLY H 362 -41.78 4.31 -52.09
N GLY H 363 -42.71 4.83 -51.29
CA GLY H 363 -42.36 5.82 -50.29
C GLY H 363 -41.49 5.26 -49.19
N ILE H 364 -41.64 3.98 -48.87
CA ILE H 364 -40.80 3.35 -47.85
C ILE H 364 -39.35 3.35 -48.29
N ALA H 365 -39.10 3.06 -49.56
CA ALA H 365 -37.73 3.17 -50.08
C ALA H 365 -37.23 4.60 -50.03
N LEU H 366 -38.12 5.57 -50.23
CA LEU H 366 -37.75 6.97 -50.07
C LEU H 366 -37.40 7.28 -48.62
N MET H 367 -38.29 6.91 -47.70
CA MET H 367 -38.07 7.21 -46.28
C MET H 367 -36.82 6.54 -45.73
N TRP H 368 -36.50 5.34 -46.21
CA TRP H 368 -35.27 4.68 -45.81
C TRP H 368 -34.04 5.39 -46.37
N ARG H 369 -34.21 6.18 -47.43
CA ARG H 369 -33.12 6.97 -47.99
C ARG H 369 -33.26 8.39 -47.46
N GLY H 370 -32.55 8.67 -46.36
CA GLY H 370 -32.61 9.98 -45.74
C GLY H 370 -32.29 9.96 -44.26
N GLY H 371 -31.03 10.15 -43.91
CA GLY H 371 -30.61 10.09 -42.52
C GLY H 371 -30.59 8.72 -41.90
N CYS H 372 -31.01 7.68 -42.62
CA CYS H 372 -31.05 6.33 -42.07
C CYS H 372 -29.66 5.69 -42.14
N ILE H 373 -29.60 4.39 -41.87
CA ILE H 373 -28.34 3.65 -41.89
C ILE H 373 -28.11 2.96 -43.23
N ILE H 374 -29.17 2.55 -43.90
CA ILE H 374 -29.08 1.82 -45.16
C ILE H 374 -29.14 2.75 -46.37
N ARG H 375 -29.01 4.06 -46.17
CA ARG H 375 -29.18 5.00 -47.27
C ARG H 375 -28.24 4.69 -48.43
N SER H 376 -28.81 4.49 -49.62
CA SER H 376 -28.04 4.12 -50.79
C SER H 376 -28.69 4.72 -52.02
N VAL H 377 -27.88 5.04 -53.02
CA VAL H 377 -28.42 5.36 -54.34
C VAL H 377 -29.22 4.18 -54.87
N PHE H 378 -28.91 2.97 -54.39
CA PHE H 378 -29.71 1.79 -54.69
C PHE H 378 -31.12 1.91 -54.14
N LEU H 379 -31.29 2.58 -52.99
CA LEU H 379 -32.62 2.76 -52.44
C LEU H 379 -33.51 3.58 -53.35
N GLY H 380 -32.94 4.55 -54.07
CA GLY H 380 -33.74 5.36 -54.97
C GLY H 380 -34.29 4.57 -56.14
N LYS H 381 -33.51 3.63 -56.66
CA LYS H 381 -33.95 2.84 -57.80
C LYS H 381 -34.94 1.75 -57.42
N ILE H 382 -35.26 1.59 -56.13
CA ILE H 382 -36.39 0.78 -55.73
C ILE H 382 -37.67 1.60 -55.74
N LYS H 383 -37.58 2.90 -55.42
CA LYS H 383 -38.75 3.76 -55.44
C LYS H 383 -39.28 3.93 -56.87
N ASP H 384 -38.41 4.27 -57.81
CA ASP H 384 -38.85 4.44 -59.19
C ASP H 384 -39.20 3.11 -59.84
N ALA H 385 -38.73 1.99 -59.29
CA ALA H 385 -39.18 0.69 -59.77
C ALA H 385 -40.61 0.42 -59.33
N PHE H 386 -40.94 0.72 -58.07
CA PHE H 386 -42.33 0.67 -57.62
C PHE H 386 -43.17 1.79 -58.21
N ASP H 387 -42.55 2.81 -58.81
CA ASP H 387 -43.30 3.91 -59.39
C ASP H 387 -44.18 3.44 -60.53
N ARG H 388 -43.66 2.56 -61.39
CA ARG H 388 -44.42 2.10 -62.56
C ARG H 388 -45.69 1.39 -62.13
N ASN H 389 -45.56 0.33 -61.32
CA ASN H 389 -46.70 -0.49 -60.92
C ASN H 389 -46.81 -0.51 -59.40
N PRO H 390 -47.70 0.28 -58.80
CA PRO H 390 -47.93 0.17 -57.35
C PRO H 390 -48.46 -1.20 -56.94
N GLU H 391 -49.09 -1.93 -57.85
CA GLU H 391 -49.53 -3.29 -57.58
C GLU H 391 -48.48 -4.30 -58.05
N LEU H 392 -47.27 -4.13 -57.50
CA LEU H 392 -46.13 -4.96 -57.84
C LEU H 392 -46.10 -6.17 -56.91
N GLN H 393 -46.24 -7.36 -57.48
CA GLN H 393 -46.24 -8.58 -56.68
C GLN H 393 -44.85 -8.95 -56.18
N ASN H 394 -43.81 -8.60 -56.92
CA ASN H 394 -42.45 -8.93 -56.52
C ASN H 394 -41.47 -8.04 -57.26
N LEU H 395 -40.37 -7.70 -56.58
CA LEU H 395 -39.35 -6.87 -57.21
C LEU H 395 -38.65 -7.61 -58.34
N LEU H 396 -38.62 -8.94 -58.29
CA LEU H 396 -38.03 -9.73 -59.36
C LEU H 396 -38.93 -9.81 -60.59
N LEU H 397 -40.23 -9.54 -60.44
CA LEU H 397 -41.13 -9.46 -61.57
C LEU H 397 -41.18 -8.07 -62.20
N ASP H 398 -40.57 -7.08 -61.56
CA ASP H 398 -40.43 -5.75 -62.13
C ASP H 398 -39.19 -5.70 -63.02
N ASP H 399 -39.26 -4.90 -64.08
CA ASP H 399 -38.17 -4.77 -65.02
C ASP H 399 -36.99 -4.09 -64.35
N PHE H 400 -35.94 -3.80 -65.13
CA PHE H 400 -34.67 -3.27 -64.64
C PHE H 400 -34.00 -4.26 -63.70
N PHE H 401 -34.63 -4.57 -62.56
CA PHE H 401 -34.09 -5.59 -61.67
C PHE H 401 -34.01 -6.95 -62.36
N LYS H 402 -35.05 -7.30 -63.12
CA LYS H 402 -35.04 -8.54 -63.88
C LYS H 402 -33.87 -8.57 -64.87
N SER H 403 -33.60 -7.43 -65.51
CA SER H 403 -32.47 -7.35 -66.43
C SER H 403 -31.14 -7.17 -65.72
N ALA H 404 -31.16 -6.55 -64.53
CA ALA H 404 -29.91 -6.35 -63.80
C ALA H 404 -29.39 -7.65 -63.20
N VAL H 405 -30.29 -8.52 -62.73
CA VAL H 405 -29.84 -9.79 -62.16
C VAL H 405 -29.34 -10.71 -63.26
N GLU H 406 -30.00 -10.69 -64.43
CA GLU H 406 -29.48 -11.42 -65.58
C GLU H 406 -28.14 -10.85 -66.02
N ASN H 407 -27.98 -9.53 -65.92
CA ASN H 407 -26.69 -8.88 -66.17
C ASN H 407 -25.63 -9.31 -65.17
N CYS H 408 -26.02 -9.72 -63.96
CA CYS H 408 -25.07 -10.03 -62.90
C CYS H 408 -24.97 -11.53 -62.59
N GLN H 409 -25.69 -12.39 -63.32
CA GLN H 409 -25.71 -13.82 -63.00
C GLN H 409 -24.32 -14.43 -63.14
N ASP H 410 -23.72 -14.31 -64.32
CA ASP H 410 -22.43 -14.95 -64.57
C ASP H 410 -21.36 -14.44 -63.60
N SER H 411 -21.39 -13.15 -63.29
CA SER H 411 -20.48 -12.60 -62.30
C SER H 411 -20.80 -13.12 -60.90
N TRP H 412 -22.10 -13.30 -60.60
CA TRP H 412 -22.51 -13.77 -59.30
C TRP H 412 -22.01 -15.19 -59.05
N ARG H 413 -22.33 -16.11 -59.95
CA ARG H 413 -21.97 -17.52 -59.75
C ARG H 413 -20.47 -17.73 -59.83
N ARG H 414 -19.75 -16.86 -60.55
CA ARG H 414 -18.30 -16.97 -60.61
C ARG H 414 -17.67 -16.63 -59.27
N ALA H 415 -18.20 -15.60 -58.59
CA ALA H 415 -17.68 -15.23 -57.29
C ALA H 415 -18.09 -16.24 -56.22
N VAL H 416 -19.32 -16.76 -56.31
CA VAL H 416 -19.78 -17.75 -55.35
C VAL H 416 -18.99 -19.05 -55.50
N SER H 417 -18.73 -19.46 -56.73
CA SER H 417 -18.00 -20.71 -56.95
C SER H 417 -16.54 -20.58 -56.57
N THR H 418 -15.93 -19.41 -56.83
CA THR H 418 -14.52 -19.24 -56.54
C THR H 418 -14.25 -19.25 -55.05
N GLY H 419 -15.04 -18.51 -54.27
CA GLY H 419 -14.85 -18.49 -52.83
C GLY H 419 -15.19 -19.79 -52.16
N VAL H 420 -16.13 -20.55 -52.73
CA VAL H 420 -16.43 -21.88 -52.19
C VAL H 420 -15.20 -22.79 -52.31
N GLN H 421 -14.55 -22.76 -53.47
CA GLN H 421 -13.32 -23.53 -53.65
C GLN H 421 -12.20 -22.96 -52.79
N ALA H 422 -12.26 -21.67 -52.45
CA ALA H 422 -11.26 -21.05 -51.59
C ALA H 422 -11.52 -21.28 -50.11
N GLY H 423 -12.69 -21.78 -49.75
CA GLY H 423 -13.02 -21.97 -48.34
C GLY H 423 -13.33 -20.67 -47.61
N ILE H 424 -13.99 -19.74 -48.27
CA ILE H 424 -14.30 -18.42 -47.72
C ILE H 424 -15.79 -18.38 -47.40
N PRO H 425 -16.18 -18.26 -46.14
CA PRO H 425 -17.61 -18.27 -45.78
C PRO H 425 -18.30 -16.99 -46.23
N MET H 426 -19.26 -17.14 -47.13
CA MET H 426 -20.12 -16.03 -47.58
C MET H 426 -21.56 -16.54 -47.59
N PRO H 427 -22.16 -16.71 -46.41
CA PRO H 427 -23.50 -17.30 -46.35
C PRO H 427 -24.58 -16.44 -46.98
N CYS H 428 -24.39 -15.12 -47.04
CA CYS H 428 -25.39 -14.25 -47.65
C CYS H 428 -25.31 -14.26 -49.17
N PHE H 429 -24.09 -14.31 -49.72
CA PHE H 429 -23.95 -14.47 -51.16
C PHE H 429 -24.57 -15.78 -51.63
N THR H 430 -24.33 -16.86 -50.87
CA THR H 430 -24.81 -18.17 -51.29
C THR H 430 -26.32 -18.33 -51.08
N THR H 431 -26.87 -17.72 -50.03
CA THR H 431 -28.29 -17.87 -49.77
C THR H 431 -29.14 -17.02 -50.71
N ALA H 432 -28.59 -15.91 -51.21
CA ALA H 432 -29.33 -15.10 -52.18
C ALA H 432 -29.31 -15.72 -53.56
N LEU H 433 -28.20 -16.39 -53.92
CA LEU H 433 -28.14 -17.08 -55.20
C LEU H 433 -29.02 -18.33 -55.18
N SER H 434 -29.09 -19.02 -54.04
CA SER H 434 -29.96 -20.18 -53.93
C SER H 434 -31.44 -19.77 -53.90
N PHE H 435 -31.74 -18.59 -53.35
CA PHE H 435 -33.13 -18.14 -53.35
C PHE H 435 -33.59 -17.75 -54.75
N TYR H 436 -32.72 -17.09 -55.52
CA TYR H 436 -33.07 -16.71 -56.88
C TYR H 436 -33.31 -17.94 -57.75
N ASP H 437 -32.43 -18.94 -57.63
CA ASP H 437 -32.58 -20.16 -58.42
C ASP H 437 -33.85 -20.93 -58.02
N GLY H 438 -34.25 -20.83 -56.76
CA GLY H 438 -35.46 -21.51 -56.31
C GLY H 438 -36.72 -20.74 -56.65
N TYR H 439 -36.65 -19.41 -56.57
CA TYR H 439 -37.83 -18.60 -56.87
C TYR H 439 -38.16 -18.60 -58.36
N ARG H 440 -37.16 -18.83 -59.21
CA ARG H 440 -37.35 -18.84 -60.65
C ARG H 440 -37.68 -20.21 -61.20
N HIS H 441 -37.60 -21.26 -60.39
CA HIS H 441 -37.89 -22.61 -60.86
C HIS H 441 -39.39 -22.88 -60.81
N GLU H 442 -39.95 -23.29 -61.95
CA GLU H 442 -41.35 -23.69 -61.99
C GLU H 442 -41.58 -24.96 -61.19
N MET H 443 -40.61 -25.88 -61.22
CA MET H 443 -40.69 -27.15 -60.52
C MET H 443 -39.55 -27.25 -59.52
N LEU H 444 -39.89 -27.53 -58.27
CA LEU H 444 -38.94 -27.71 -57.19
C LEU H 444 -39.06 -29.12 -56.61
N PRO H 445 -38.01 -29.63 -55.95
CA PRO H 445 -38.10 -30.97 -55.37
C PRO H 445 -39.00 -31.04 -54.14
N ALA H 446 -39.75 -29.97 -53.88
CA ALA H 446 -40.66 -29.95 -52.73
C ALA H 446 -41.75 -31.00 -52.85
N SER H 447 -42.01 -31.51 -54.06
CA SER H 447 -42.97 -32.60 -54.22
C SER H 447 -42.47 -33.86 -53.51
N LEU H 448 -41.15 -34.06 -53.44
CA LEU H 448 -40.60 -35.16 -52.67
C LEU H 448 -40.91 -35.03 -51.19
N ILE H 449 -40.97 -33.79 -50.69
CA ILE H 449 -41.34 -33.56 -49.29
C ILE H 449 -42.75 -34.07 -49.03
N GLN H 450 -43.69 -33.72 -49.91
CA GLN H 450 -45.06 -34.19 -49.76
C GLN H 450 -45.14 -35.71 -49.87
N ALA H 451 -44.42 -36.29 -50.83
CA ALA H 451 -44.40 -37.74 -50.96
C ALA H 451 -43.76 -38.39 -49.73
N GLN H 452 -42.73 -37.75 -49.17
CA GLN H 452 -42.09 -38.28 -47.98
C GLN H 452 -43.05 -38.26 -46.79
N ARG H 453 -43.61 -37.08 -46.48
CA ARG H 453 -44.51 -36.96 -45.34
C ARG H 453 -45.65 -37.97 -45.44
N ASP H 454 -46.33 -38.00 -46.59
CA ASP H 454 -47.43 -38.95 -46.78
C ASP H 454 -46.99 -40.39 -46.58
N TYR H 455 -45.72 -40.70 -46.87
CA TYR H 455 -45.23 -42.07 -46.77
C TYR H 455 -45.16 -42.51 -45.30
N PHE H 456 -44.25 -41.92 -44.52
CA PHE H 456 -44.06 -42.37 -43.15
C PHE H 456 -45.21 -41.95 -42.25
N GLY H 457 -45.92 -40.88 -42.59
CA GLY H 457 -47.05 -40.43 -41.80
C GLY H 457 -48.23 -40.10 -42.68
N ALA H 458 -49.30 -40.91 -42.58
CA ALA H 458 -50.45 -40.82 -43.47
C ALA H 458 -50.99 -39.40 -43.63
N HIS H 459 -50.19 -38.52 -44.22
CA HIS H 459 -50.61 -37.16 -44.52
C HIS H 459 -51.23 -37.14 -45.92
N THR H 460 -51.28 -35.97 -46.56
CA THR H 460 -51.92 -35.85 -47.86
C THR H 460 -51.09 -34.95 -48.76
N TYR H 461 -51.12 -35.25 -50.06
CA TYR H 461 -50.45 -34.46 -51.07
C TYR H 461 -51.45 -34.06 -52.15
N GLU H 462 -51.04 -33.12 -52.99
CA GLU H 462 -51.84 -32.65 -54.10
C GLU H 462 -51.24 -33.14 -55.42
N LEU H 463 -51.93 -32.83 -56.52
CA LEU H 463 -51.45 -33.09 -57.86
C LEU H 463 -51.19 -31.77 -58.57
N LEU H 464 -50.28 -31.80 -59.55
CA LEU H 464 -49.89 -30.57 -60.24
C LEU H 464 -51.07 -29.92 -60.94
N ALA H 465 -52.03 -30.71 -61.43
CA ALA H 465 -53.18 -30.20 -62.15
C ALA H 465 -54.44 -30.16 -61.30
N LYS H 466 -54.35 -30.47 -60.01
CA LYS H 466 -55.51 -30.48 -59.11
C LYS H 466 -55.14 -29.84 -57.79
N PRO H 467 -55.03 -28.51 -57.76
CA PRO H 467 -54.76 -27.82 -56.48
C PRO H 467 -56.01 -27.81 -55.61
N GLY H 468 -55.89 -28.37 -54.41
CA GLY H 468 -57.00 -28.45 -53.47
C GLY H 468 -57.49 -29.86 -53.19
N GLN H 469 -57.11 -30.86 -53.98
CA GLN H 469 -57.55 -32.23 -53.77
C GLN H 469 -56.42 -33.02 -53.13
N PHE H 470 -56.62 -33.45 -51.89
CA PHE H 470 -55.59 -34.10 -51.10
C PHE H 470 -55.78 -35.62 -51.15
N ILE H 471 -54.71 -36.33 -51.49
CA ILE H 471 -54.76 -37.75 -51.80
C ILE H 471 -53.74 -38.50 -50.96
N HIS H 472 -54.04 -39.77 -50.67
CA HIS H 472 -53.14 -40.67 -49.96
C HIS H 472 -52.80 -41.85 -50.86
N THR H 473 -51.53 -42.28 -50.81
CA THR H 473 -51.08 -43.42 -51.59
C THR H 473 -50.46 -44.49 -50.70
#